data_1H7W
#
_entry.id   1H7W
#
_cell.length_a   81.950
_cell.length_b   159.290
_cell.length_c   163.570
_cell.angle_alpha   90.00
_cell.angle_beta   96.04
_cell.angle_gamma   90.00
#
_symmetry.space_group_name_H-M   'P 1 21 1'
#
loop_
_entity.id
_entity.type
_entity.pdbx_description
1 polymer 'DIHYDROPYRIMIDINE DEHYDROGENASE'
2 non-polymer 'IRON/SULFUR CLUSTER'
3 non-polymer 'FLAVIN MONONUCLEOTIDE'
4 non-polymer 'FLAVIN-ADENINE DINUCLEOTIDE'
5 water water
#
_entity_poly.entity_id   1
_entity_poly.type   'polypeptide(L)'
_entity_poly.pdbx_seq_one_letter_code
;MAPVLSKDVADIESILALNPRTQSHAALHSTLAKKLDKKHWKRNPDKNCFHCEKLENNFDDIKHTTLGERGALREAMRCL
KCADAPCQKSCPTHLDIKSFITSISNKNYYGAAKMIFSDNPLGLTCGMVCPTSDLCVGGCNLYATEEGSINIGGLQQFAS
EVFKAMNIPQIRNPCLPSQEKMPEAYSAKIALLGAGPASISCASFLARLGYSDITIFEKQEYVGGLSTSEIPQFRLPYDV
VNFEIELMKDLGVKIICGKSLSENEITLNTLKEEGYKAAFIGIGLPEPKTDDIFQGLTQDQGFYTSKDFLPLVAKSSKAG
MCACHSPLPSIRGAVIVLGAGDTAFDCATSALRCGARRVFLVFRKGFVNIRAVPEEVELAKEEKCEFLPFLSPRKVIVKG
GRIVAVQFVRTEQDETGKWNEDEDQIVHLKADVVISAFGSVLRDPKVKEALSPIKFNRWDLPEVDPETMQTSEPWVFAGG
DIVGMANTTVESVNDGKQASWYIHKYIQAQYGASVSAKPELPLFYTPVDLVDISVEMAGLKFINPFGLASAAPTTSSSMI
RRAFEAGWGFALTKTFSLDKDIVTNVSPRIVRGTTSGPMYGPGQSSFLNIELISEKTAAYWCQSVTELKADFPDNIVIAS
IMCSYNKNDWMELSRKAEASGADALELNLSCPHGMGERGMGLACGQDPELVRNICRWVRQAVQIPFFAKLTPNVTDIVSI
ARAAKEGGADGVTATNTVSGLMGLKADGTPWPAVGAGKRTTYGGVSGTAIRPIALRAVTTIARALPGFPILATGGIDSAE
SGLQFLHSGASVLQVCSAVQNQDFTVIQDYCTGLKALLYLKSIEELQGWDGQSPGTESHQKGKPVPRIAELMGKKLPNFG
PYLEQRKKIIAEEKMRLKEQNAAFPPLERKPFIPKKPIPAIKDVIGKALQYLGTFGELSNIEQVVAVIDEEMCINCGKCY
MTCNDSGYQAIQFDPETHLPTVTDTCTGCTLCLSVCPIIDCIRMVSRTTPYEPKRGLPLAVNPVC
;
_entity_poly.pdbx_strand_id   A,B,C,D
#
# COMPACT_ATOMS: atom_id res chain seq x y z
N ALA A 2 39.56 20.64 -37.36
CA ALA A 2 38.22 20.62 -36.69
C ALA A 2 37.84 22.02 -36.20
N PRO A 3 36.57 22.44 -36.35
CA PRO A 3 36.12 23.78 -35.91
C PRO A 3 36.51 24.13 -34.48
N VAL A 4 36.33 25.40 -34.12
CA VAL A 4 36.62 25.84 -32.76
C VAL A 4 35.39 25.43 -31.94
N LEU A 5 35.52 24.33 -31.21
CA LEU A 5 34.42 23.80 -30.42
C LEU A 5 33.83 24.72 -29.36
N SER A 6 34.67 25.55 -28.75
CA SER A 6 34.23 26.45 -27.69
C SER A 6 33.68 27.79 -28.20
N LYS A 7 33.30 27.84 -29.48
CA LYS A 7 32.77 29.07 -30.03
C LYS A 7 31.42 28.81 -30.69
N ASP A 8 30.50 29.76 -30.57
CA ASP A 8 29.17 29.65 -31.16
C ASP A 8 29.25 29.88 -32.66
N VAL A 9 28.60 29.02 -33.44
CA VAL A 9 28.58 29.18 -34.88
C VAL A 9 27.64 30.34 -35.19
N ALA A 10 27.67 30.82 -36.43
CA ALA A 10 26.82 31.94 -36.86
C ALA A 10 25.36 31.83 -36.41
N ASP A 11 24.76 30.65 -36.63
CA ASP A 11 23.37 30.39 -36.26
C ASP A 11 23.08 30.69 -34.80
N ILE A 12 23.98 30.21 -33.94
CA ILE A 12 23.83 30.41 -32.50
C ILE A 12 24.10 31.85 -32.09
N GLU A 13 25.06 32.48 -32.74
CA GLU A 13 25.35 33.87 -32.42
C GLU A 13 24.08 34.67 -32.70
N SER A 14 23.42 34.32 -33.80
CA SER A 14 22.19 35.00 -34.19
C SER A 14 21.09 34.79 -33.16
N ILE A 15 20.92 33.55 -32.70
CA ILE A 15 19.88 33.26 -31.73
C ILE A 15 20.16 34.00 -30.41
N LEU A 16 21.43 34.22 -30.11
CA LEU A 16 21.83 34.90 -28.87
C LEU A 16 21.83 36.41 -28.98
N ALA A 17 21.38 36.93 -30.12
CA ALA A 17 21.36 38.37 -30.36
C ALA A 17 20.83 39.25 -29.22
N LEU A 18 19.71 38.86 -28.62
CA LEU A 18 19.13 39.67 -27.55
C LEU A 18 19.49 39.20 -26.14
N ASN A 19 20.44 38.28 -26.04
CA ASN A 19 20.87 37.78 -24.74
C ASN A 19 21.61 38.89 -23.99
N PRO A 20 21.35 39.03 -22.69
CA PRO A 20 22.00 40.06 -21.87
C PRO A 20 23.52 40.01 -21.90
N ARG A 21 24.12 41.18 -22.05
CA ARG A 21 25.56 41.33 -22.07
C ARG A 21 25.84 42.71 -21.46
N THR A 22 26.71 42.76 -20.47
CA THR A 22 27.04 44.04 -19.84
C THR A 22 27.77 44.96 -20.81
N GLN A 23 27.33 46.21 -20.88
CA GLN A 23 27.97 47.18 -21.78
C GLN A 23 29.17 47.82 -21.11
N SER A 24 30.20 48.11 -21.91
CA SER A 24 31.41 48.73 -21.39
C SER A 24 31.39 50.25 -21.51
N HIS A 25 30.32 50.79 -22.09
CA HIS A 25 30.19 52.24 -22.25
C HIS A 25 28.75 52.65 -22.07
N ALA A 26 28.52 53.95 -22.00
CA ALA A 26 27.16 54.48 -21.86
C ALA A 26 26.55 54.42 -23.25
N ALA A 27 25.24 54.27 -23.34
CA ALA A 27 24.56 54.16 -24.63
C ALA A 27 24.22 55.52 -25.23
N LEU A 28 24.19 55.59 -26.56
CA LEU A 28 23.86 56.83 -27.24
C LEU A 28 22.58 56.61 -28.06
N HIS A 29 21.54 57.34 -27.70
CA HIS A 29 20.24 57.27 -28.39
C HIS A 29 19.66 58.66 -28.25
N SER A 30 19.40 59.32 -29.37
CA SER A 30 18.86 60.67 -29.34
C SER A 30 17.47 60.71 -28.73
N THR A 31 17.08 61.87 -28.21
CA THR A 31 15.77 62.05 -27.61
C THR A 31 14.68 61.79 -28.64
N LEU A 32 14.92 62.22 -29.87
CA LEU A 32 13.95 62.02 -30.94
C LEU A 32 13.75 60.53 -31.22
N ALA A 33 14.85 59.80 -31.29
CA ALA A 33 14.81 58.35 -31.56
C ALA A 33 14.04 57.65 -30.45
N LYS A 34 14.29 58.09 -29.22
CA LYS A 34 13.61 57.51 -28.06
C LYS A 34 12.11 57.76 -28.06
N LYS A 35 11.70 58.97 -28.42
CA LYS A 35 10.28 59.31 -28.49
C LYS A 35 9.56 58.36 -29.43
N LEU A 36 10.21 58.06 -30.55
CA LEU A 36 9.64 57.19 -31.56
C LEU A 36 9.54 55.75 -31.07
N ASP A 37 10.65 55.23 -30.55
CA ASP A 37 10.71 53.85 -30.07
C ASP A 37 9.77 53.53 -28.92
N LYS A 38 9.51 54.53 -28.07
CA LYS A 38 8.64 54.36 -26.91
C LYS A 38 7.27 53.75 -27.21
N LYS A 39 6.64 54.18 -28.29
CA LYS A 39 5.31 53.68 -28.66
C LYS A 39 5.25 52.18 -28.95
N HIS A 40 6.36 51.63 -29.42
CA HIS A 40 6.38 50.22 -29.76
C HIS A 40 6.20 49.30 -28.57
N TRP A 41 6.67 49.72 -27.41
CA TRP A 41 6.60 48.88 -26.21
C TRP A 41 5.52 49.23 -25.19
N LYS A 42 4.77 50.29 -25.48
CA LYS A 42 3.71 50.78 -24.59
C LYS A 42 2.72 49.74 -24.09
N ARG A 43 2.64 49.61 -22.77
CA ARG A 43 1.75 48.64 -22.12
C ARG A 43 0.50 49.29 -21.54
N ASN A 44 0.71 50.37 -20.80
CA ASN A 44 -0.38 51.08 -20.13
C ASN A 44 -1.06 52.14 -21.00
N PRO A 45 -2.12 52.75 -20.49
CA PRO A 45 -2.82 53.78 -21.27
C PRO A 45 -1.90 54.94 -21.63
N ASP A 46 -2.08 55.47 -22.83
CA ASP A 46 -1.29 56.59 -23.33
C ASP A 46 -1.97 57.90 -22.88
N LYS A 47 -1.28 58.67 -22.05
CA LYS A 47 -1.80 59.94 -21.53
C LYS A 47 -2.20 60.92 -22.64
N ASN A 48 -1.55 60.81 -23.79
CA ASN A 48 -1.83 61.72 -24.89
C ASN A 48 -2.92 61.25 -25.84
N CYS A 49 -3.42 60.04 -25.63
CA CYS A 49 -4.48 59.49 -26.48
C CYS A 49 -5.82 59.76 -25.81
N PHE A 50 -6.64 60.59 -26.43
CA PHE A 50 -7.93 60.97 -25.87
C PHE A 50 -9.11 60.21 -26.46
N HIS A 51 -8.84 59.27 -27.36
CA HIS A 51 -9.91 58.50 -27.97
C HIS A 51 -10.02 57.12 -27.32
N CYS A 52 -11.23 56.77 -26.90
CA CYS A 52 -11.48 55.51 -26.23
C CYS A 52 -11.60 54.30 -27.18
N GLU A 53 -11.30 53.13 -26.63
CA GLU A 53 -11.38 51.88 -27.37
C GLU A 53 -12.84 51.53 -27.61
N LYS A 54 -13.16 51.04 -28.81
CA LYS A 54 -14.54 50.67 -29.15
C LYS A 54 -15.06 49.68 -28.10
N LEU A 55 -16.20 49.99 -27.50
CA LEU A 55 -16.78 49.09 -26.50
C LEU A 55 -18.21 48.67 -26.80
N GLU A 56 -18.69 48.95 -28.01
CA GLU A 56 -20.06 48.59 -28.35
C GLU A 56 -20.25 47.07 -28.21
N ASN A 57 -21.29 46.70 -27.47
CA ASN A 57 -21.64 45.30 -27.21
C ASN A 57 -20.51 44.49 -26.59
N ASN A 58 -19.60 45.17 -25.90
CA ASN A 58 -18.48 44.48 -25.25
C ASN A 58 -18.74 44.40 -23.76
N PHE A 59 -19.13 43.23 -23.28
CA PHE A 59 -19.40 43.07 -21.86
C PHE A 59 -18.35 42.25 -21.13
N ASP A 60 -17.13 42.25 -21.65
CA ASP A 60 -16.04 41.52 -21.02
C ASP A 60 -15.74 42.19 -19.67
N ASP A 61 -15.26 41.38 -18.72
CA ASP A 61 -14.91 41.85 -17.37
C ASP A 61 -13.92 43.00 -17.37
N ILE A 62 -14.30 44.13 -16.76
CA ILE A 62 -13.39 45.28 -16.70
C ILE A 62 -12.84 45.56 -15.30
N LYS A 63 -13.18 44.72 -14.34
CA LYS A 63 -12.71 44.91 -12.97
C LYS A 63 -11.18 44.82 -12.88
N HIS A 64 -10.57 45.74 -12.18
CA HIS A 64 -9.11 45.75 -12.02
C HIS A 64 -8.70 44.79 -10.91
N THR A 65 -9.68 44.35 -10.12
CA THR A 65 -9.41 43.47 -8.99
C THR A 65 -9.46 41.98 -9.26
N THR A 66 -9.96 41.58 -10.43
CA THR A 66 -10.03 40.17 -10.78
C THR A 66 -8.65 39.52 -10.72
N LEU A 67 -8.59 38.33 -10.13
CA LEU A 67 -7.33 37.59 -10.00
C LEU A 67 -7.43 36.17 -10.55
N GLY A 68 -6.32 35.68 -11.10
CA GLY A 68 -6.24 34.33 -11.59
C GLY A 68 -5.50 33.59 -10.48
N GLU A 69 -5.30 32.29 -10.59
CA GLU A 69 -4.61 31.58 -9.51
C GLU A 69 -3.20 32.08 -9.21
N ARG A 70 -2.40 32.30 -10.24
CA ARG A 70 -1.04 32.81 -10.06
C ARG A 70 -1.06 34.08 -9.22
N GLY A 71 -1.88 35.04 -9.66
CA GLY A 71 -1.98 36.30 -8.96
C GLY A 71 -2.57 36.21 -7.57
N ALA A 72 -3.54 35.32 -7.40
CA ALA A 72 -4.19 35.14 -6.09
C ALA A 72 -3.23 34.56 -5.08
N LEU A 73 -2.44 33.57 -5.48
CA LEU A 73 -1.47 32.95 -4.56
C LEU A 73 -0.44 33.97 -4.12
N ARG A 74 -0.02 34.82 -5.06
CA ARG A 74 0.96 35.83 -4.74
C ARG A 74 0.43 36.84 -3.73
N GLU A 75 -0.80 37.30 -3.95
CA GLU A 75 -1.40 38.28 -3.06
C GLU A 75 -1.75 37.66 -1.71
N ALA A 76 -2.23 36.42 -1.70
CA ALA A 76 -2.58 35.76 -0.45
C ALA A 76 -1.33 35.55 0.42
N MET A 77 -0.20 35.27 -0.21
CA MET A 77 1.03 35.05 0.54
C MET A 77 1.53 36.37 1.14
N ARG A 78 1.19 37.47 0.47
CA ARG A 78 1.61 38.80 0.90
C ARG A 78 0.87 39.27 2.15
N CYS A 79 -0.37 38.86 2.29
CA CYS A 79 -1.18 39.22 3.44
C CYS A 79 -0.50 38.82 4.76
N LEU A 80 -0.49 39.74 5.72
CA LEU A 80 0.14 39.50 7.01
C LEU A 80 -0.66 38.55 7.90
N LYS A 81 -1.92 38.30 7.54
CA LYS A 81 -2.79 37.41 8.28
C LYS A 81 -2.80 37.85 9.75
N CYS A 82 -3.15 39.13 9.91
CA CYS A 82 -3.18 39.84 11.20
C CYS A 82 -4.13 39.36 12.29
N ALA A 83 -3.72 39.62 13.53
CA ALA A 83 -4.54 39.27 14.68
C ALA A 83 -5.57 40.37 14.84
N ASP A 84 -6.77 40.00 15.28
CA ASP A 84 -7.86 40.96 15.50
C ASP A 84 -7.87 41.92 14.33
N ALA A 85 -7.72 41.36 13.12
CA ALA A 85 -7.63 42.12 11.89
C ALA A 85 -8.61 43.28 11.67
N PRO A 86 -8.08 44.46 11.33
CA PRO A 86 -8.88 45.66 11.09
C PRO A 86 -9.73 45.56 9.82
N CYS A 87 -9.30 44.74 8.87
CA CYS A 87 -10.05 44.56 7.63
C CYS A 87 -11.37 43.88 7.97
N GLN A 88 -11.34 42.87 8.84
CA GLN A 88 -12.55 42.17 9.25
C GLN A 88 -13.46 43.13 10.01
N LYS A 89 -12.86 43.92 10.89
CA LYS A 89 -13.62 44.90 11.66
C LYS A 89 -14.32 45.87 10.73
N SER A 90 -13.68 46.13 9.58
CA SER A 90 -14.20 47.05 8.58
C SER A 90 -15.12 46.43 7.53
N CYS A 91 -15.38 45.13 7.65
CA CYS A 91 -16.27 44.41 6.72
C CYS A 91 -17.63 44.33 7.37
N PRO A 92 -18.69 44.82 6.69
CA PRO A 92 -20.04 44.76 7.26
C PRO A 92 -20.54 43.38 7.66
N THR A 93 -20.06 42.33 7.01
CA THR A 93 -20.50 40.98 7.39
C THR A 93 -19.49 40.24 8.28
N HIS A 94 -18.48 40.97 8.75
CA HIS A 94 -17.46 40.44 9.65
C HIS A 94 -16.74 39.18 9.15
N LEU A 95 -16.48 39.12 7.84
CA LEU A 95 -15.79 37.96 7.28
C LEU A 95 -14.44 37.77 7.95
N ASP A 96 -14.07 36.52 8.20
CA ASP A 96 -12.78 36.22 8.80
C ASP A 96 -11.78 36.21 7.64
N ILE A 97 -11.37 37.41 7.25
CA ILE A 97 -10.43 37.62 6.16
C ILE A 97 -9.10 36.92 6.40
N LYS A 98 -8.59 37.05 7.62
CA LYS A 98 -7.33 36.42 7.97
C LYS A 98 -7.36 34.92 7.62
N SER A 99 -8.42 34.24 8.06
CA SER A 99 -8.55 32.81 7.80
C SER A 99 -8.77 32.44 6.35
N PHE A 100 -9.63 33.18 5.64
CA PHE A 100 -9.89 32.81 4.26
C PHE A 100 -8.69 33.09 3.35
N ILE A 101 -7.92 34.13 3.66
CA ILE A 101 -6.75 34.42 2.83
C ILE A 101 -5.65 33.41 3.17
N THR A 102 -5.57 33.01 4.44
CA THR A 102 -4.55 32.02 4.84
C THR A 102 -4.83 30.75 4.04
N SER A 103 -6.11 30.39 3.95
CA SER A 103 -6.50 29.19 3.21
C SER A 103 -6.10 29.29 1.74
N ILE A 104 -6.31 30.46 1.14
CA ILE A 104 -5.94 30.63 -0.27
C ILE A 104 -4.43 30.46 -0.41
N SER A 105 -3.67 31.04 0.53
CA SER A 105 -2.22 30.95 0.47
C SER A 105 -1.77 29.48 0.56
N ASN A 106 -2.56 28.65 1.22
CA ASN A 106 -2.25 27.24 1.35
C ASN A 106 -2.90 26.38 0.26
N LYS A 107 -3.44 27.05 -0.74
CA LYS A 107 -4.12 26.41 -1.88
C LYS A 107 -5.40 25.67 -1.50
N ASN A 108 -5.95 26.02 -0.35
CA ASN A 108 -7.20 25.41 0.11
C ASN A 108 -8.34 26.35 -0.24
N TYR A 109 -8.72 26.33 -1.52
CA TYR A 109 -9.78 27.20 -2.01
C TYR A 109 -11.13 26.85 -1.41
N TYR A 110 -11.37 25.57 -1.15
CA TYR A 110 -12.64 25.16 -0.55
C TYR A 110 -12.77 25.77 0.84
N GLY A 111 -11.73 25.62 1.66
CA GLY A 111 -11.75 26.17 3.00
C GLY A 111 -11.98 27.66 2.99
N ALA A 112 -11.36 28.34 2.03
CA ALA A 112 -11.51 29.79 1.91
C ALA A 112 -12.96 30.13 1.58
N ALA A 113 -13.52 29.45 0.59
CA ALA A 113 -14.90 29.69 0.19
C ALA A 113 -15.89 29.40 1.33
N LYS A 114 -15.65 28.31 2.06
CA LYS A 114 -16.53 27.94 3.17
C LYS A 114 -16.54 29.04 4.22
N MET A 115 -15.37 29.62 4.48
CA MET A 115 -15.24 30.70 5.46
C MET A 115 -15.99 31.93 4.96
N ILE A 116 -15.81 32.24 3.69
CA ILE A 116 -16.48 33.39 3.09
C ILE A 116 -17.99 33.26 3.15
N PHE A 117 -18.52 32.15 2.64
CA PHE A 117 -19.96 31.94 2.64
C PHE A 117 -20.59 31.75 4.01
N SER A 118 -19.80 31.33 4.99
CA SER A 118 -20.33 31.16 6.34
C SER A 118 -20.85 32.50 6.84
N ASP A 119 -20.13 33.58 6.56
CA ASP A 119 -20.58 34.89 7.02
C ASP A 119 -21.26 35.75 5.96
N ASN A 120 -21.16 35.36 4.69
CA ASN A 120 -21.77 36.12 3.61
C ASN A 120 -22.26 35.19 2.50
N PRO A 121 -23.58 34.87 2.49
CA PRO A 121 -24.14 33.98 1.47
C PRO A 121 -24.03 34.49 0.03
N LEU A 122 -23.66 35.76 -0.14
CA LEU A 122 -23.47 36.31 -1.49
C LEU A 122 -21.98 36.65 -1.61
N GLY A 123 -21.14 35.77 -1.08
CA GLY A 123 -19.70 35.98 -1.09
C GLY A 123 -19.06 36.27 -2.43
N LEU A 124 -19.50 35.61 -3.50
CA LEU A 124 -18.90 35.85 -4.80
C LEU A 124 -19.32 37.23 -5.33
N THR A 125 -20.61 37.54 -5.21
CA THR A 125 -21.10 38.84 -5.69
C THR A 125 -20.34 39.97 -4.99
N CYS A 126 -20.24 39.89 -3.67
CA CYS A 126 -19.53 40.92 -2.92
C CYS A 126 -18.05 41.03 -3.27
N GLY A 127 -17.39 39.90 -3.46
CA GLY A 127 -15.99 39.95 -3.83
C GLY A 127 -15.83 40.78 -5.09
N MET A 128 -16.79 40.64 -6.01
CA MET A 128 -16.76 41.39 -7.26
C MET A 128 -17.22 42.84 -7.21
N VAL A 129 -18.19 43.15 -6.36
CA VAL A 129 -18.70 44.53 -6.33
C VAL A 129 -18.50 45.38 -5.08
N CYS A 130 -18.03 44.80 -3.98
CA CYS A 130 -17.84 45.60 -2.77
C CYS A 130 -16.92 46.79 -2.99
N PRO A 131 -17.30 47.96 -2.47
CA PRO A 131 -16.45 49.15 -2.62
C PRO A 131 -15.43 49.04 -1.50
N THR A 132 -14.53 48.07 -1.64
CA THR A 132 -13.54 47.78 -0.60
C THR A 132 -12.72 48.91 -0.03
N SER A 133 -12.34 49.89 -0.84
CA SER A 133 -11.54 50.95 -0.25
C SER A 133 -12.30 51.72 0.82
N ASP A 134 -13.63 51.61 0.82
CA ASP A 134 -14.43 52.30 1.82
C ASP A 134 -14.90 51.30 2.87
N LEU A 135 -14.44 50.06 2.73
CA LEU A 135 -14.78 48.98 3.65
C LEU A 135 -13.54 48.22 4.16
N CYS A 136 -13.50 46.90 3.97
CA CYS A 136 -12.39 46.08 4.44
C CYS A 136 -10.98 46.59 4.11
N VAL A 137 -10.72 46.83 2.84
CA VAL A 137 -9.41 47.31 2.39
C VAL A 137 -9.02 48.64 3.02
N GLY A 138 -10.01 49.48 3.30
CA GLY A 138 -9.75 50.78 3.90
C GLY A 138 -9.11 50.68 5.28
N GLY A 139 -9.20 49.50 5.89
CA GLY A 139 -8.63 49.32 7.21
C GLY A 139 -7.42 48.41 7.22
N CYS A 140 -6.99 47.97 6.04
CA CYS A 140 -5.85 47.05 5.92
C CYS A 140 -4.51 47.61 6.44
N ASN A 141 -3.86 46.85 7.33
CA ASN A 141 -2.57 47.28 7.89
C ASN A 141 -1.47 47.46 6.86
N LEU A 142 -1.52 46.71 5.76
CA LEU A 142 -0.50 46.85 4.73
C LEU A 142 -0.57 48.17 3.96
N TYR A 143 -1.57 48.99 4.27
CA TYR A 143 -1.64 50.30 3.63
C TYR A 143 -0.42 51.06 4.14
N ALA A 144 0.12 50.61 5.27
CA ALA A 144 1.28 51.23 5.90
C ALA A 144 2.60 50.81 5.26
N THR A 145 2.53 50.15 4.11
CA THR A 145 3.73 49.75 3.39
C THR A 145 3.65 50.34 1.99
N GLU A 146 4.80 50.52 1.35
CA GLU A 146 4.83 51.10 0.02
C GLU A 146 4.04 50.30 -1.01
N GLU A 147 4.10 48.98 -0.91
CA GLU A 147 3.39 48.12 -1.85
C GLU A 147 1.87 48.24 -1.69
N GLY A 148 1.42 48.70 -0.51
CA GLY A 148 0.00 48.89 -0.31
C GLY A 148 -0.86 47.76 0.23
N SER A 149 -2.14 48.10 0.43
CA SER A 149 -3.13 47.19 0.97
C SER A 149 -3.42 45.98 0.09
N ILE A 150 -3.95 44.93 0.72
CA ILE A 150 -4.28 43.68 0.04
C ILE A 150 -5.56 43.80 -0.80
N ASN A 151 -5.58 43.11 -1.93
CA ASN A 151 -6.74 43.08 -2.81
C ASN A 151 -7.66 42.00 -2.25
N ILE A 152 -8.35 42.37 -1.16
CA ILE A 152 -9.24 41.44 -0.49
C ILE A 152 -10.40 40.99 -1.36
N GLY A 153 -11.02 41.94 -2.05
CA GLY A 153 -12.14 41.62 -2.92
C GLY A 153 -11.79 40.60 -3.99
N GLY A 154 -10.65 40.80 -4.63
CA GLY A 154 -10.21 39.88 -5.67
C GLY A 154 -9.91 38.48 -5.14
N LEU A 155 -9.35 38.41 -3.94
CA LEU A 155 -9.05 37.13 -3.33
C LEU A 155 -10.36 36.40 -3.01
N GLN A 156 -11.32 37.14 -2.47
CA GLN A 156 -12.62 36.57 -2.13
C GLN A 156 -13.27 36.06 -3.41
N GLN A 157 -13.18 36.86 -4.47
CA GLN A 157 -13.75 36.49 -5.77
C GLN A 157 -13.09 35.20 -6.28
N PHE A 158 -11.77 35.15 -6.24
CA PHE A 158 -11.06 33.97 -6.73
C PHE A 158 -11.46 32.67 -6.02
N ALA A 159 -11.40 32.66 -4.70
CA ALA A 159 -11.74 31.47 -3.92
C ALA A 159 -13.19 31.04 -4.18
N SER A 160 -14.08 32.01 -4.24
CA SER A 160 -15.49 31.74 -4.48
C SER A 160 -15.73 31.21 -5.88
N GLU A 161 -14.95 31.69 -6.86
CA GLU A 161 -15.09 31.22 -8.25
C GLU A 161 -14.63 29.77 -8.38
N VAL A 162 -13.57 29.42 -7.67
CA VAL A 162 -13.08 28.05 -7.74
C VAL A 162 -14.14 27.13 -7.13
N PHE A 163 -14.70 27.54 -6.00
CA PHE A 163 -15.74 26.75 -5.34
C PHE A 163 -16.93 26.58 -6.28
N LYS A 164 -17.29 27.66 -6.97
CA LYS A 164 -18.40 27.62 -7.91
C LYS A 164 -18.12 26.56 -8.99
N ALA A 165 -16.88 26.53 -9.47
CA ALA A 165 -16.48 25.58 -10.50
C ALA A 165 -16.52 24.14 -10.00
N MET A 166 -16.37 23.96 -8.69
CA MET A 166 -16.40 22.62 -8.10
C MET A 166 -17.79 21.99 -8.17
N ASN A 167 -18.80 22.84 -8.32
CA ASN A 167 -20.19 22.38 -8.40
C ASN A 167 -20.58 21.50 -7.21
N ILE A 168 -20.32 22.02 -6.03
CA ILE A 168 -20.64 21.33 -4.78
C ILE A 168 -21.85 22.06 -4.20
N PRO A 169 -22.87 21.30 -3.76
CA PRO A 169 -24.07 21.93 -3.18
C PRO A 169 -23.95 22.27 -1.71
N GLN A 170 -24.79 23.18 -1.24
CA GLN A 170 -24.78 23.52 0.18
C GLN A 170 -25.69 22.45 0.81
N ILE A 171 -25.41 22.08 2.04
CA ILE A 171 -26.25 21.09 2.70
C ILE A 171 -26.76 21.61 4.02
N ARG A 172 -27.79 20.94 4.53
CA ARG A 172 -28.37 21.33 5.80
C ARG A 172 -27.33 21.18 6.89
N ASN A 173 -27.35 22.06 7.89
CA ASN A 173 -26.38 21.97 8.97
C ASN A 173 -26.35 20.55 9.52
N PRO A 174 -25.21 19.86 9.39
CA PRO A 174 -25.01 18.49 9.86
C PRO A 174 -25.49 18.21 11.30
N CYS A 175 -24.91 18.90 12.27
CA CYS A 175 -25.26 18.70 13.68
C CYS A 175 -26.67 19.20 14.05
N LEU A 176 -27.59 19.20 13.11
CA LEU A 176 -28.96 19.63 13.36
C LEU A 176 -29.82 18.35 13.42
N PRO A 177 -30.85 18.33 14.28
CA PRO A 177 -31.69 17.12 14.35
C PRO A 177 -32.31 16.87 12.95
N SER A 178 -32.75 15.64 12.69
CA SER A 178 -33.35 15.31 11.39
C SER A 178 -34.63 16.16 11.15
N GLN A 179 -35.00 16.43 9.89
CA GLN A 179 -36.17 17.20 9.55
C GLN A 179 -37.34 16.84 10.42
N GLU A 180 -37.53 15.55 10.52
CA GLU A 180 -38.59 14.99 11.31
C GLU A 180 -38.64 15.26 12.83
N LYS A 181 -37.47 15.38 13.41
CA LYS A 181 -37.34 15.61 14.85
C LYS A 181 -37.28 17.07 15.24
N MET A 182 -37.45 17.96 14.27
CA MET A 182 -37.43 19.39 14.57
C MET A 182 -38.72 19.86 15.26
N PRO A 183 -38.57 20.75 16.25
CA PRO A 183 -39.74 21.27 16.97
C PRO A 183 -40.69 21.89 15.95
N GLU A 184 -41.98 21.88 16.28
CA GLU A 184 -43.00 22.44 15.41
C GLU A 184 -42.75 23.90 15.02
N ALA A 185 -42.11 24.65 15.91
CA ALA A 185 -41.83 26.06 15.65
C ALA A 185 -41.07 26.30 14.35
N TYR A 186 -40.26 25.32 13.95
CA TYR A 186 -39.47 25.47 12.74
C TYR A 186 -40.25 25.29 11.44
N SER A 187 -41.52 24.92 11.55
CA SER A 187 -42.37 24.77 10.37
C SER A 187 -43.20 26.03 10.18
N ALA A 188 -42.95 27.02 11.03
CA ALA A 188 -43.69 28.28 10.94
C ALA A 188 -43.55 28.88 9.55
N LYS A 189 -44.67 29.29 8.96
CA LYS A 189 -44.65 29.87 7.62
C LYS A 189 -43.98 31.23 7.66
N ILE A 190 -42.90 31.38 6.91
CA ILE A 190 -42.15 32.62 6.86
C ILE A 190 -42.20 33.21 5.45
N ALA A 191 -42.43 34.51 5.37
CA ALA A 191 -42.51 35.19 4.09
C ALA A 191 -41.49 36.32 3.98
N LEU A 192 -40.87 36.44 2.81
CA LEU A 192 -39.92 37.50 2.56
C LEU A 192 -40.38 38.18 1.27
N LEU A 193 -40.30 39.50 1.25
CA LEU A 193 -40.73 40.26 0.06
C LEU A 193 -39.50 40.82 -0.66
N GLY A 194 -39.37 40.47 -1.94
CA GLY A 194 -38.26 40.94 -2.74
C GLY A 194 -37.14 39.91 -2.74
N ALA A 195 -36.68 39.51 -3.92
CA ALA A 195 -35.62 38.52 -4.04
C ALA A 195 -34.25 39.16 -4.31
N GLY A 196 -33.89 40.13 -3.47
CA GLY A 196 -32.60 40.78 -3.64
C GLY A 196 -31.63 40.28 -2.57
N PRO A 197 -30.44 40.88 -2.47
CA PRO A 197 -29.42 40.48 -1.49
C PRO A 197 -29.94 40.36 -0.05
N ALA A 198 -30.74 41.34 0.38
CA ALA A 198 -31.25 41.34 1.75
C ALA A 198 -32.09 40.10 2.06
N SER A 199 -33.09 39.82 1.23
CA SER A 199 -33.95 38.67 1.46
C SER A 199 -33.22 37.34 1.24
N ILE A 200 -32.35 37.28 0.24
CA ILE A 200 -31.61 36.07 -0.03
C ILE A 200 -30.77 35.71 1.20
N SER A 201 -30.14 36.70 1.79
CA SER A 201 -29.31 36.50 2.99
C SER A 201 -30.18 36.07 4.16
N CYS A 202 -31.25 36.83 4.40
CA CYS A 202 -32.14 36.52 5.50
C CYS A 202 -32.70 35.10 5.37
N ALA A 203 -33.21 34.76 4.19
CA ALA A 203 -33.77 33.44 3.96
C ALA A 203 -32.72 32.34 4.17
N SER A 204 -31.51 32.58 3.68
CA SER A 204 -30.42 31.62 3.83
C SER A 204 -30.11 31.30 5.29
N PHE A 205 -29.96 32.33 6.11
CA PHE A 205 -29.66 32.09 7.52
C PHE A 205 -30.81 31.44 8.27
N LEU A 206 -32.04 31.80 7.93
CA LEU A 206 -33.20 31.19 8.58
C LEU A 206 -33.21 29.71 8.22
N ALA A 207 -32.88 29.40 6.96
CA ALA A 207 -32.86 28.00 6.52
C ALA A 207 -31.77 27.25 7.27
N ARG A 208 -30.62 27.87 7.48
CA ARG A 208 -29.52 27.22 8.20
C ARG A 208 -29.95 26.86 9.62
N LEU A 209 -30.76 27.73 10.21
CA LEU A 209 -31.27 27.52 11.56
C LEU A 209 -32.26 26.36 11.64
N GLY A 210 -32.77 25.91 10.49
CA GLY A 210 -33.70 24.79 10.50
C GLY A 210 -35.12 25.05 10.03
N TYR A 211 -35.46 26.30 9.75
CA TYR A 211 -36.81 26.62 9.29
C TYR A 211 -37.06 25.97 7.93
N SER A 212 -38.17 25.24 7.83
CA SER A 212 -38.51 24.49 6.63
C SER A 212 -39.59 25.04 5.70
N ASP A 213 -40.18 26.19 6.02
CA ASP A 213 -41.22 26.75 5.17
C ASP A 213 -40.94 28.23 4.97
N ILE A 214 -39.99 28.51 4.08
CA ILE A 214 -39.57 29.87 3.77
C ILE A 214 -39.87 30.19 2.32
N THR A 215 -40.61 31.27 2.08
CA THR A 215 -40.96 31.66 0.71
C THR A 215 -40.63 33.12 0.45
N ILE A 216 -39.94 33.37 -0.64
CA ILE A 216 -39.61 34.73 -1.04
C ILE A 216 -40.54 35.09 -2.20
N PHE A 217 -41.30 36.17 -2.04
CA PHE A 217 -42.22 36.60 -3.09
C PHE A 217 -41.54 37.75 -3.83
N GLU A 218 -41.30 37.53 -5.12
CA GLU A 218 -40.64 38.50 -5.98
C GLU A 218 -41.59 39.08 -7.01
N LYS A 219 -41.58 40.41 -7.13
CA LYS A 219 -42.45 41.09 -8.08
C LYS A 219 -42.13 40.76 -9.55
N GLN A 220 -40.85 40.79 -9.90
CA GLN A 220 -40.42 40.53 -11.27
C GLN A 220 -40.34 39.05 -11.62
N GLU A 221 -40.02 38.77 -12.88
CA GLU A 221 -39.88 37.39 -13.33
C GLU A 221 -38.46 36.88 -13.13
N TYR A 222 -37.55 37.79 -12.81
CA TYR A 222 -36.15 37.43 -12.57
C TYR A 222 -35.84 37.62 -11.09
N VAL A 223 -34.78 36.98 -10.61
CA VAL A 223 -34.40 37.06 -9.21
C VAL A 223 -33.01 37.68 -9.08
N GLY A 224 -32.67 38.13 -7.88
CA GLY A 224 -31.35 38.72 -7.65
C GLY A 224 -31.35 40.20 -7.34
N GLY A 225 -32.48 40.87 -7.55
CA GLY A 225 -32.56 42.30 -7.27
C GLY A 225 -31.67 43.11 -8.19
N LEU A 226 -31.09 44.18 -7.67
CA LEU A 226 -30.22 45.06 -8.45
C LEU A 226 -29.00 44.34 -9.03
N SER A 227 -28.55 43.30 -8.33
CA SER A 227 -27.40 42.51 -8.78
C SER A 227 -27.69 41.97 -10.17
N THR A 228 -28.98 41.74 -10.44
CA THR A 228 -29.43 41.22 -11.72
C THR A 228 -29.94 42.31 -12.66
N SER A 229 -30.85 43.14 -12.18
CA SER A 229 -31.45 44.18 -13.01
C SER A 229 -30.62 45.40 -13.38
N GLU A 230 -29.63 45.77 -12.59
CA GLU A 230 -28.88 46.98 -12.92
C GLU A 230 -27.36 46.93 -12.94
N ILE A 231 -26.73 46.24 -11.99
CA ILE A 231 -25.27 46.17 -12.00
C ILE A 231 -24.86 45.53 -13.33
N PRO A 232 -23.99 46.19 -14.09
CA PRO A 232 -23.54 45.69 -15.39
C PRO A 232 -22.85 44.32 -15.42
N GLN A 233 -23.13 43.59 -16.49
CA GLN A 233 -22.55 42.27 -16.72
C GLN A 233 -21.02 42.35 -16.72
N PHE A 234 -20.48 43.49 -17.14
CA PHE A 234 -19.02 43.63 -17.19
C PHE A 234 -18.37 43.89 -15.83
N ARG A 235 -19.19 43.89 -14.79
CA ARG A 235 -18.70 44.04 -13.42
C ARG A 235 -19.16 42.83 -12.61
N LEU A 236 -20.41 42.41 -12.85
CA LEU A 236 -20.99 41.25 -12.14
C LEU A 236 -21.72 40.31 -13.11
N PRO A 237 -21.05 39.22 -13.52
CA PRO A 237 -21.67 38.26 -14.44
C PRO A 237 -22.93 37.66 -13.82
N TYR A 238 -23.99 37.56 -14.62
CA TYR A 238 -25.24 37.01 -14.11
C TYR A 238 -25.11 35.60 -13.55
N ASP A 239 -24.20 34.79 -14.12
CA ASP A 239 -24.07 33.43 -13.60
C ASP A 239 -23.65 33.39 -12.14
N VAL A 240 -23.04 34.47 -11.66
CA VAL A 240 -22.64 34.55 -10.25
C VAL A 240 -23.90 34.62 -9.38
N VAL A 241 -24.84 35.48 -9.79
CA VAL A 241 -26.09 35.64 -9.05
C VAL A 241 -26.84 34.32 -9.00
N ASN A 242 -26.93 33.64 -10.15
CA ASN A 242 -27.63 32.36 -10.23
C ASN A 242 -26.99 31.33 -9.32
N PHE A 243 -25.65 31.33 -9.26
CA PHE A 243 -24.90 30.40 -8.42
C PHE A 243 -25.29 30.56 -6.95
N GLU A 244 -25.35 31.79 -6.47
CA GLU A 244 -25.69 32.04 -5.07
C GLU A 244 -27.16 31.75 -4.78
N ILE A 245 -28.03 31.97 -5.76
CA ILE A 245 -29.45 31.68 -5.57
C ILE A 245 -29.64 30.16 -5.46
N GLU A 246 -28.94 29.40 -6.30
CA GLU A 246 -29.08 27.95 -6.25
C GLU A 246 -28.56 27.39 -4.93
N LEU A 247 -27.51 28.00 -4.39
CA LEU A 247 -26.98 27.54 -3.10
C LEU A 247 -28.05 27.70 -2.04
N MET A 248 -28.75 28.83 -2.08
CA MET A 248 -29.81 29.08 -1.12
C MET A 248 -30.95 28.07 -1.30
N LYS A 249 -31.29 27.79 -2.55
CA LYS A 249 -32.36 26.84 -2.84
C LYS A 249 -32.02 25.44 -2.37
N ASP A 250 -30.73 25.15 -2.21
CA ASP A 250 -30.32 23.83 -1.73
C ASP A 250 -30.84 23.63 -0.31
N LEU A 251 -31.08 24.74 0.39
CA LEU A 251 -31.59 24.68 1.76
C LEU A 251 -33.12 24.63 1.84
N GLY A 252 -33.77 24.56 0.69
CA GLY A 252 -35.22 24.47 0.68
C GLY A 252 -36.00 25.76 0.52
N VAL A 253 -35.31 26.89 0.44
CA VAL A 253 -35.98 28.16 0.29
C VAL A 253 -36.73 28.20 -1.04
N LYS A 254 -37.99 28.63 -0.99
CA LYS A 254 -38.83 28.71 -2.18
C LYS A 254 -38.93 30.15 -2.69
N ILE A 255 -38.94 30.33 -4.00
CA ILE A 255 -39.07 31.66 -4.58
C ILE A 255 -40.24 31.66 -5.55
N ILE A 256 -41.16 32.60 -5.36
CA ILE A 256 -42.32 32.72 -6.24
C ILE A 256 -42.30 34.09 -6.90
N CYS A 257 -42.13 34.09 -8.22
CA CYS A 257 -42.08 35.33 -8.99
C CYS A 257 -43.45 35.76 -9.46
N GLY A 258 -43.56 37.04 -9.81
CA GLY A 258 -44.82 37.57 -10.28
C GLY A 258 -45.76 37.87 -9.13
N LYS A 259 -45.21 38.01 -7.93
CA LYS A 259 -45.99 38.32 -6.74
C LYS A 259 -45.48 39.61 -6.11
N SER A 260 -46.36 40.59 -5.98
CA SER A 260 -45.96 41.89 -5.42
C SER A 260 -46.60 42.27 -4.11
N LEU A 261 -45.83 42.95 -3.28
CA LEU A 261 -46.30 43.49 -2.02
C LEU A 261 -46.98 44.76 -2.47
N SER A 262 -48.30 44.76 -2.47
CA SER A 262 -49.05 45.93 -2.88
C SER A 262 -50.52 45.76 -2.54
N GLU A 263 -51.21 46.89 -2.39
CA GLU A 263 -52.62 46.81 -2.06
C GLU A 263 -53.31 46.01 -3.17
N ASN A 264 -54.23 45.15 -2.77
CA ASN A 264 -54.96 44.32 -3.72
C ASN A 264 -54.16 43.08 -4.10
N GLU A 265 -52.87 43.06 -3.77
CA GLU A 265 -52.08 41.87 -4.05
C GLU A 265 -51.64 41.34 -2.68
N ILE A 266 -50.34 41.23 -2.45
CA ILE A 266 -49.88 40.75 -1.16
C ILE A 266 -49.71 41.92 -0.20
N THR A 267 -50.25 41.79 1.00
CA THR A 267 -50.12 42.83 2.02
C THR A 267 -49.81 42.14 3.33
N LEU A 268 -49.34 42.90 4.31
CA LEU A 268 -49.04 42.30 5.61
C LEU A 268 -50.30 41.66 6.18
N ASN A 269 -51.46 42.28 5.89
CA ASN A 269 -52.71 41.73 6.39
C ASN A 269 -53.10 40.41 5.73
N THR A 270 -52.89 40.29 4.42
CA THR A 270 -53.24 39.04 3.75
C THR A 270 -52.29 37.93 4.22
N LEU A 271 -51.02 38.28 4.44
CA LEU A 271 -50.05 37.31 4.91
C LEU A 271 -50.42 36.80 6.30
N LYS A 272 -50.77 37.72 7.20
CA LYS A 272 -51.14 37.34 8.57
C LYS A 272 -52.38 36.47 8.51
N GLU A 273 -53.29 36.85 7.64
CA GLU A 273 -54.54 36.15 7.47
C GLU A 273 -54.33 34.74 6.93
N GLU A 274 -53.30 34.59 6.09
CA GLU A 274 -52.98 33.30 5.49
C GLU A 274 -52.14 32.40 6.40
N GLY A 275 -51.86 32.88 7.61
CA GLY A 275 -51.10 32.07 8.54
C GLY A 275 -49.60 32.29 8.62
N TYR A 276 -49.07 33.28 7.93
CA TYR A 276 -47.63 33.52 8.01
C TYR A 276 -47.31 34.05 9.41
N LYS A 277 -46.22 33.56 9.99
CA LYS A 277 -45.82 33.94 11.34
C LYS A 277 -44.81 35.07 11.42
N ALA A 278 -44.08 35.29 10.33
CA ALA A 278 -43.09 36.35 10.30
C ALA A 278 -42.87 36.79 8.86
N ALA A 279 -42.51 38.06 8.69
CA ALA A 279 -42.27 38.61 7.36
C ALA A 279 -41.05 39.50 7.36
N PHE A 280 -40.26 39.42 6.29
CA PHE A 280 -39.08 40.25 6.13
C PHE A 280 -39.30 41.09 4.87
N ILE A 281 -39.19 42.41 5.01
CA ILE A 281 -39.37 43.28 3.87
C ILE A 281 -38.02 43.67 3.26
N GLY A 282 -37.77 43.17 2.06
CA GLY A 282 -36.53 43.48 1.38
C GLY A 282 -36.76 43.88 -0.07
N ILE A 283 -37.72 44.76 -0.29
CA ILE A 283 -38.07 45.20 -1.64
C ILE A 283 -37.21 46.35 -2.19
N GLY A 284 -36.25 46.81 -1.40
CA GLY A 284 -35.39 47.91 -1.85
C GLY A 284 -36.13 49.21 -2.12
N LEU A 285 -35.55 50.01 -3.02
CA LEU A 285 -36.12 51.31 -3.41
C LEU A 285 -36.44 51.14 -4.90
N PRO A 286 -37.66 50.68 -5.20
CA PRO A 286 -38.18 50.43 -6.56
C PRO A 286 -38.36 51.55 -7.56
N GLU A 287 -38.42 52.80 -7.11
CA GLU A 287 -38.63 53.90 -8.03
C GLU A 287 -37.45 54.86 -8.19
N PRO A 288 -37.35 55.51 -9.36
CA PRO A 288 -36.27 56.46 -9.63
C PRO A 288 -36.52 57.82 -9.00
N LYS A 289 -35.45 58.48 -8.57
CA LYS A 289 -35.59 59.81 -8.01
C LYS A 289 -35.74 60.68 -9.25
N THR A 290 -36.83 61.44 -9.32
CA THR A 290 -37.09 62.28 -10.49
C THR A 290 -36.91 63.78 -10.29
N ASP A 291 -36.87 64.48 -11.42
CA ASP A 291 -36.72 65.94 -11.42
C ASP A 291 -37.83 66.50 -12.29
N ASP A 292 -38.53 67.52 -11.80
CA ASP A 292 -39.63 68.17 -12.51
C ASP A 292 -39.31 68.54 -13.95
N ILE A 293 -38.09 68.99 -14.19
CA ILE A 293 -37.69 69.42 -15.53
C ILE A 293 -37.74 68.34 -16.62
N PHE A 294 -37.73 67.07 -16.21
CA PHE A 294 -37.77 65.97 -17.17
C PHE A 294 -39.17 65.40 -17.40
N GLN A 295 -40.17 65.98 -16.73
CA GLN A 295 -41.54 65.52 -16.86
C GLN A 295 -42.00 65.45 -18.31
N GLY A 296 -42.62 64.33 -18.68
CA GLY A 296 -43.13 64.17 -20.03
C GLY A 296 -42.16 63.65 -21.08
N LEU A 297 -40.85 63.75 -20.83
CA LEU A 297 -39.87 63.26 -21.79
C LEU A 297 -39.96 61.74 -21.92
N THR A 298 -39.82 61.26 -23.14
CA THR A 298 -39.91 59.83 -23.42
C THR A 298 -38.60 59.21 -23.91
N GLN A 299 -38.56 57.89 -23.92
CA GLN A 299 -37.37 57.19 -24.39
C GLN A 299 -37.16 57.46 -25.88
N ASP A 300 -38.27 57.59 -26.62
CA ASP A 300 -38.17 57.86 -28.05
C ASP A 300 -37.49 59.20 -28.29
N GLN A 301 -37.67 60.14 -27.37
CA GLN A 301 -37.04 61.45 -27.49
C GLN A 301 -35.59 61.38 -27.02
N GLY A 302 -35.25 60.32 -26.31
CA GLY A 302 -33.89 60.16 -25.83
C GLY A 302 -33.69 60.27 -24.34
N PHE A 303 -34.79 60.29 -23.57
CA PHE A 303 -34.67 60.40 -22.12
C PHE A 303 -34.95 59.09 -21.40
N TYR A 304 -34.08 58.77 -20.43
CA TYR A 304 -34.22 57.57 -19.61
C TYR A 304 -33.87 57.88 -18.16
N THR A 305 -34.45 57.11 -17.24
CA THR A 305 -34.08 57.25 -15.83
C THR A 305 -33.20 56.01 -15.73
N SER A 306 -32.34 55.94 -14.72
CA SER A 306 -31.49 54.77 -14.59
C SER A 306 -32.34 53.51 -14.47
N LYS A 307 -33.50 53.64 -13.85
CA LYS A 307 -34.42 52.52 -13.67
C LYS A 307 -34.99 51.98 -14.97
N ASP A 308 -34.96 52.78 -16.02
CA ASP A 308 -35.45 52.37 -17.34
C ASP A 308 -34.29 51.78 -18.12
N PHE A 309 -33.21 52.54 -18.19
CA PHE A 309 -32.03 52.18 -18.95
C PHE A 309 -31.22 50.95 -18.53
N LEU A 310 -30.77 50.90 -17.29
CA LEU A 310 -29.95 49.76 -16.86
C LEU A 310 -30.60 48.40 -17.05
N PRO A 311 -31.88 48.27 -16.65
CA PRO A 311 -32.54 46.96 -16.82
C PRO A 311 -32.63 46.57 -18.31
N LEU A 312 -32.75 47.57 -19.19
CA LEU A 312 -32.82 47.27 -20.61
C LEU A 312 -31.50 46.68 -21.08
N VAL A 313 -30.40 47.25 -20.62
CA VAL A 313 -29.08 46.76 -21.00
C VAL A 313 -28.84 45.38 -20.40
N ALA A 314 -29.24 45.23 -19.14
CA ALA A 314 -29.07 43.96 -18.44
C ALA A 314 -29.82 42.82 -19.12
N LYS A 315 -31.09 43.05 -19.47
CA LYS A 315 -31.88 42.01 -20.11
C LYS A 315 -31.27 41.57 -21.43
N SER A 316 -30.59 42.48 -22.10
CA SER A 316 -29.97 42.19 -23.38
C SER A 316 -28.61 41.51 -23.27
N SER A 317 -27.86 41.84 -22.23
CA SER A 317 -26.52 41.29 -22.05
C SER A 317 -26.38 40.12 -21.07
N LYS A 318 -27.44 39.84 -20.32
CA LYS A 318 -27.37 38.75 -19.34
C LYS A 318 -28.18 37.53 -19.74
N ALA A 319 -27.50 36.55 -20.31
CA ALA A 319 -28.17 35.33 -20.73
C ALA A 319 -28.69 34.61 -19.50
N GLY A 320 -29.96 34.20 -19.52
CA GLY A 320 -30.50 33.50 -18.36
C GLY A 320 -31.34 34.38 -17.46
N MET A 321 -31.20 35.70 -17.59
CA MET A 321 -31.99 36.62 -16.79
C MET A 321 -33.47 36.47 -17.12
N CYS A 322 -33.77 36.57 -18.40
CA CYS A 322 -35.14 36.42 -18.90
C CYS A 322 -35.16 35.32 -19.95
N ALA A 323 -36.30 35.12 -20.59
CA ALA A 323 -36.43 34.11 -21.63
C ALA A 323 -36.51 34.73 -23.02
N CYS A 324 -36.82 36.01 -23.08
CA CYS A 324 -36.94 36.71 -24.37
C CYS A 324 -35.58 37.22 -24.83
N HIS A 325 -35.19 36.93 -26.08
CA HIS A 325 -33.93 37.47 -26.58
C HIS A 325 -34.31 38.92 -26.92
N SER A 326 -33.52 39.89 -26.46
CA SER A 326 -33.85 41.28 -26.73
C SER A 326 -32.65 42.09 -27.19
N PRO A 327 -32.89 43.04 -28.12
CA PRO A 327 -31.86 43.91 -28.68
C PRO A 327 -31.35 44.91 -27.64
N LEU A 328 -30.13 45.38 -27.82
CA LEU A 328 -29.53 46.34 -26.92
C LEU A 328 -30.08 47.73 -27.27
N PRO A 329 -30.29 48.60 -26.26
CA PRO A 329 -30.80 49.94 -26.55
C PRO A 329 -29.91 50.68 -27.55
N SER A 330 -30.52 51.31 -28.54
CA SER A 330 -29.76 52.03 -29.55
C SER A 330 -29.44 53.43 -29.06
N ILE A 331 -28.26 53.58 -28.44
CA ILE A 331 -27.81 54.85 -27.93
C ILE A 331 -26.78 55.43 -28.89
N ARG A 332 -27.16 56.48 -29.61
CA ARG A 332 -26.26 57.11 -30.59
C ARG A 332 -26.02 58.58 -30.28
N GLY A 333 -24.80 59.06 -30.54
CA GLY A 333 -24.49 60.45 -30.30
C GLY A 333 -23.90 60.75 -28.94
N ALA A 334 -24.10 61.97 -28.46
CA ALA A 334 -23.59 62.37 -27.16
C ALA A 334 -24.61 62.03 -26.08
N VAL A 335 -24.12 61.47 -24.98
CA VAL A 335 -24.99 61.09 -23.87
C VAL A 335 -24.66 61.91 -22.62
N ILE A 336 -25.69 62.40 -21.96
CA ILE A 336 -25.51 63.15 -20.73
C ILE A 336 -26.06 62.30 -19.59
N VAL A 337 -25.22 61.99 -18.61
CA VAL A 337 -25.64 61.21 -17.45
C VAL A 337 -25.59 62.14 -16.24
N LEU A 338 -26.72 62.27 -15.54
CA LEU A 338 -26.79 63.13 -14.36
C LEU A 338 -26.72 62.33 -13.08
N GLY A 339 -25.70 62.59 -12.27
CA GLY A 339 -25.54 61.87 -11.01
C GLY A 339 -24.08 61.69 -10.67
N ALA A 340 -23.79 61.37 -9.41
CA ALA A 340 -22.41 61.19 -8.99
C ALA A 340 -22.19 59.93 -8.15
N GLY A 341 -23.14 59.01 -8.19
CA GLY A 341 -23.03 57.77 -7.44
C GLY A 341 -22.77 56.60 -8.37
N ASP A 342 -22.79 55.38 -7.83
CA ASP A 342 -22.57 54.18 -8.63
C ASP A 342 -23.53 54.10 -9.81
N THR A 343 -24.77 54.50 -9.59
CA THR A 343 -25.77 54.45 -10.65
C THR A 343 -25.32 55.25 -11.86
N ALA A 344 -24.84 56.47 -11.64
CA ALA A 344 -24.43 57.31 -12.75
C ALA A 344 -23.24 56.72 -13.49
N PHE A 345 -22.24 56.22 -12.76
CA PHE A 345 -21.08 55.66 -13.42
C PHE A 345 -21.39 54.40 -14.21
N ASP A 346 -22.32 53.59 -13.73
CA ASP A 346 -22.68 52.38 -14.47
C ASP A 346 -23.51 52.75 -15.70
N CYS A 347 -24.26 53.83 -15.63
CA CYS A 347 -25.05 54.26 -16.78
C CYS A 347 -24.09 54.77 -17.86
N ALA A 348 -23.05 55.47 -17.43
CA ALA A 348 -22.06 56.02 -18.35
C ALA A 348 -21.31 54.91 -19.08
N THR A 349 -20.78 53.95 -18.33
CA THR A 349 -20.06 52.85 -18.96
C THR A 349 -21.00 51.99 -19.80
N SER A 350 -22.22 51.79 -19.33
CA SER A 350 -23.18 50.99 -20.09
C SER A 350 -23.58 51.67 -21.39
N ALA A 351 -23.68 53.00 -21.37
CA ALA A 351 -24.04 53.76 -22.57
C ALA A 351 -23.04 53.48 -23.70
N LEU A 352 -21.77 53.34 -23.35
CA LEU A 352 -20.74 53.06 -24.34
C LEU A 352 -21.00 51.70 -25.01
N ARG A 353 -21.47 50.73 -24.23
CA ARG A 353 -21.76 49.41 -24.81
C ARG A 353 -22.93 49.48 -25.78
N CYS A 354 -23.77 50.50 -25.60
CA CYS A 354 -24.93 50.65 -26.48
C CYS A 354 -24.62 51.47 -27.73
N GLY A 355 -23.36 51.86 -27.90
CA GLY A 355 -22.98 52.61 -29.08
C GLY A 355 -22.77 54.10 -28.95
N ALA A 356 -22.82 54.62 -27.73
CA ALA A 356 -22.63 56.05 -27.50
C ALA A 356 -21.30 56.55 -28.08
N ARG A 357 -21.34 57.70 -28.73
CA ARG A 357 -20.15 58.28 -29.31
C ARG A 357 -19.35 59.00 -28.23
N ARG A 358 -20.07 59.65 -27.33
CA ARG A 358 -19.45 60.40 -26.26
C ARG A 358 -20.36 60.41 -25.02
N VAL A 359 -19.75 60.39 -23.83
CA VAL A 359 -20.53 60.39 -22.59
C VAL A 359 -20.03 61.47 -21.63
N PHE A 360 -20.97 62.27 -21.13
CA PHE A 360 -20.66 63.31 -20.17
C PHE A 360 -21.32 62.99 -18.85
N LEU A 361 -20.54 63.03 -17.77
CA LEU A 361 -21.08 62.80 -16.44
C LEU A 361 -21.17 64.19 -15.84
N VAL A 362 -22.39 64.64 -15.58
CA VAL A 362 -22.59 65.98 -15.02
C VAL A 362 -22.97 65.91 -13.54
N PHE A 363 -22.20 66.61 -12.72
CA PHE A 363 -22.42 66.65 -11.28
C PHE A 363 -22.90 68.02 -10.85
N ARG A 364 -23.75 68.04 -9.84
CA ARG A 364 -24.28 69.29 -9.29
C ARG A 364 -23.20 69.92 -8.43
N LYS A 365 -22.34 69.08 -7.86
CA LYS A 365 -21.26 69.57 -7.00
C LYS A 365 -19.90 69.40 -7.68
N GLY A 366 -18.84 69.41 -6.88
CA GLY A 366 -17.51 69.29 -7.43
C GLY A 366 -16.96 67.89 -7.53
N PHE A 367 -15.78 67.79 -8.13
CA PHE A 367 -15.15 66.51 -8.29
C PHE A 367 -14.91 65.83 -6.95
N VAL A 368 -14.53 66.65 -5.97
CA VAL A 368 -14.27 66.14 -4.62
C VAL A 368 -15.52 65.59 -3.95
N ASN A 369 -16.70 65.98 -4.45
CA ASN A 369 -17.96 65.53 -3.87
C ASN A 369 -18.53 64.26 -4.50
N ILE A 370 -17.81 63.64 -5.42
CA ILE A 370 -18.30 62.42 -6.05
C ILE A 370 -18.61 61.38 -4.97
N ARG A 371 -19.77 60.73 -5.10
CA ARG A 371 -20.21 59.73 -4.12
C ARG A 371 -19.60 58.34 -4.30
N ALA A 372 -19.44 57.91 -5.55
CA ALA A 372 -18.88 56.61 -5.84
C ALA A 372 -17.41 56.54 -5.41
N VAL A 373 -16.96 55.36 -5.01
CA VAL A 373 -15.58 55.16 -4.59
C VAL A 373 -14.64 55.31 -5.78
N PRO A 374 -13.38 55.68 -5.53
CA PRO A 374 -12.42 55.84 -6.61
C PRO A 374 -12.27 54.72 -7.65
N GLU A 375 -12.38 53.43 -7.30
CA GLU A 375 -12.30 52.42 -8.37
C GLU A 375 -13.50 52.43 -9.25
N GLU A 376 -14.65 52.88 -8.73
CA GLU A 376 -15.82 52.90 -9.61
C GLU A 376 -15.61 54.06 -10.58
N VAL A 377 -15.20 55.21 -10.05
CA VAL A 377 -14.94 56.39 -10.88
C VAL A 377 -13.87 56.07 -11.93
N GLU A 378 -12.88 55.29 -11.52
CA GLU A 378 -11.77 54.90 -12.39
C GLU A 378 -12.24 54.23 -13.68
N LEU A 379 -13.26 53.37 -13.58
CA LEU A 379 -13.78 52.67 -14.75
C LEU A 379 -14.31 53.62 -15.82
N ALA A 380 -15.06 54.63 -15.40
CA ALA A 380 -15.62 55.59 -16.34
C ALA A 380 -14.50 56.47 -16.90
N LYS A 381 -13.56 56.85 -16.03
CA LYS A 381 -12.44 57.69 -16.41
C LYS A 381 -11.54 57.03 -17.46
N GLU A 382 -11.22 55.75 -17.27
CA GLU A 382 -10.37 55.06 -18.22
C GLU A 382 -11.04 54.88 -19.57
N GLU A 383 -12.37 54.89 -19.59
CA GLU A 383 -13.10 54.74 -20.84
C GLU A 383 -13.40 56.10 -21.47
N LYS A 384 -12.68 57.12 -20.99
CA LYS A 384 -12.78 58.49 -21.51
C LYS A 384 -14.09 59.24 -21.34
N CYS A 385 -14.84 58.98 -20.28
CA CYS A 385 -16.07 59.72 -20.06
C CYS A 385 -15.63 61.10 -19.57
N GLU A 386 -16.35 62.15 -19.98
CA GLU A 386 -15.98 63.49 -19.56
C GLU A 386 -16.77 63.89 -18.32
N PHE A 387 -16.10 64.50 -17.36
CA PHE A 387 -16.74 64.93 -16.12
C PHE A 387 -16.95 66.44 -16.11
N LEU A 388 -18.20 66.86 -15.91
CA LEU A 388 -18.54 68.27 -15.87
C LEU A 388 -19.14 68.60 -14.50
N PRO A 389 -18.35 69.23 -13.62
CA PRO A 389 -18.78 69.61 -12.27
C PRO A 389 -19.54 70.93 -12.19
N PHE A 390 -20.17 71.16 -11.04
CA PHE A 390 -20.91 72.38 -10.74
C PHE A 390 -21.96 72.81 -11.75
N LEU A 391 -22.85 71.90 -12.10
CA LEU A 391 -23.90 72.19 -13.06
C LEU A 391 -25.23 71.61 -12.59
N SER A 392 -26.28 72.40 -12.72
CA SER A 392 -27.63 71.95 -12.34
C SER A 392 -28.53 72.10 -13.56
N PRO A 393 -29.25 71.01 -13.93
CA PRO A 393 -30.15 71.00 -15.09
C PRO A 393 -31.29 71.99 -14.95
N ARG A 394 -31.60 72.70 -16.04
CA ARG A 394 -32.69 73.65 -16.01
C ARG A 394 -33.69 73.42 -17.13
N LYS A 395 -33.20 73.04 -18.30
CA LYS A 395 -34.07 72.80 -19.44
C LYS A 395 -33.55 71.75 -20.40
N VAL A 396 -34.49 71.08 -21.06
CA VAL A 396 -34.14 70.08 -22.07
C VAL A 396 -34.72 70.55 -23.40
N ILE A 397 -33.88 70.64 -24.42
CA ILE A 397 -34.29 71.09 -25.76
C ILE A 397 -34.61 69.94 -26.71
N VAL A 398 -35.83 69.90 -27.22
CA VAL A 398 -36.26 68.85 -28.14
C VAL A 398 -36.59 69.37 -29.54
N LYS A 399 -35.95 68.79 -30.56
CA LYS A 399 -36.19 69.17 -31.94
C LYS A 399 -36.37 67.95 -32.81
N GLY A 400 -37.37 67.97 -33.68
CA GLY A 400 -37.61 66.83 -34.55
C GLY A 400 -37.89 65.56 -33.77
N GLY A 401 -38.60 65.70 -32.66
CA GLY A 401 -38.94 64.54 -31.85
C GLY A 401 -37.79 63.92 -31.06
N ARG A 402 -36.66 64.62 -30.98
CA ARG A 402 -35.52 64.11 -30.24
C ARG A 402 -34.76 65.19 -29.48
N ILE A 403 -34.19 64.80 -28.34
CA ILE A 403 -33.42 65.72 -27.53
C ILE A 403 -32.20 66.13 -28.32
N VAL A 404 -31.83 67.41 -28.25
CA VAL A 404 -30.66 67.90 -28.95
C VAL A 404 -29.73 68.68 -28.00
N ALA A 405 -30.24 69.03 -26.82
CA ALA A 405 -29.42 69.76 -25.85
C ALA A 405 -30.09 69.91 -24.48
N VAL A 406 -29.27 70.17 -23.47
CA VAL A 406 -29.73 70.38 -22.10
C VAL A 406 -29.07 71.66 -21.61
N GLN A 407 -29.86 72.57 -21.05
CA GLN A 407 -29.34 73.82 -20.55
C GLN A 407 -29.19 73.74 -19.03
N PHE A 408 -28.01 74.11 -18.53
CA PHE A 408 -27.74 74.06 -17.10
C PHE A 408 -27.40 75.45 -16.58
N VAL A 409 -27.32 75.55 -15.25
CA VAL A 409 -26.93 76.78 -14.59
C VAL A 409 -25.80 76.37 -13.66
N ARG A 410 -24.91 77.30 -13.41
CA ARG A 410 -23.78 77.04 -12.57
C ARG A 410 -24.14 76.95 -11.08
N THR A 411 -23.37 76.15 -10.34
CA THR A 411 -23.61 76.00 -8.91
C THR A 411 -22.32 76.29 -8.16
N GLU A 412 -22.45 76.61 -6.88
CA GLU A 412 -21.28 76.89 -6.08
C GLU A 412 -21.62 76.89 -4.61
N GLN A 413 -20.63 76.53 -3.79
CA GLN A 413 -20.80 76.47 -2.36
C GLN A 413 -20.29 77.79 -1.80
N ASP A 414 -20.98 78.30 -0.79
CA ASP A 414 -20.62 79.57 -0.16
C ASP A 414 -20.03 79.37 1.24
N GLU A 415 -20.27 80.36 2.09
CA GLU A 415 -19.78 80.36 3.47
C GLU A 415 -20.39 79.25 4.32
N THR A 416 -21.69 78.99 4.10
CA THR A 416 -22.38 77.97 4.87
C THR A 416 -22.62 76.64 4.16
N GLY A 417 -21.72 76.28 3.26
CA GLY A 417 -21.86 75.02 2.53
C GLY A 417 -23.14 74.94 1.73
N LYS A 418 -24.02 75.90 1.97
CA LYS A 418 -25.30 75.96 1.28
C LYS A 418 -25.06 76.19 -0.20
N TRP A 419 -25.23 75.14 -0.97
CA TRP A 419 -25.04 75.22 -2.41
C TRP A 419 -26.04 76.17 -3.05
N ASN A 420 -25.53 77.09 -3.87
CA ASN A 420 -26.38 78.04 -4.56
C ASN A 420 -26.28 77.88 -6.08
N GLU A 421 -27.29 78.37 -6.79
CA GLU A 421 -27.32 78.28 -8.25
C GLU A 421 -27.23 79.67 -8.88
N ASP A 422 -26.23 79.86 -9.74
CA ASP A 422 -26.03 81.15 -10.39
C ASP A 422 -26.81 81.23 -11.71
N GLU A 423 -27.93 81.96 -11.66
CA GLU A 423 -28.82 82.12 -12.82
C GLU A 423 -28.20 82.75 -14.08
N ASP A 424 -27.32 83.73 -13.89
CA ASP A 424 -26.69 84.44 -15.01
C ASP A 424 -25.56 83.65 -15.66
N GLN A 425 -25.19 82.53 -15.07
CA GLN A 425 -24.12 81.72 -15.61
C GLN A 425 -24.69 80.38 -16.06
N ILE A 426 -24.94 80.27 -17.36
CA ILE A 426 -25.54 79.06 -17.93
C ILE A 426 -24.65 78.29 -18.91
N VAL A 427 -25.05 77.06 -19.22
CA VAL A 427 -24.33 76.20 -20.17
C VAL A 427 -25.34 75.51 -21.08
N HIS A 428 -25.09 75.55 -22.38
CA HIS A 428 -25.96 74.91 -23.38
C HIS A 428 -25.17 73.69 -23.87
N LEU A 429 -25.40 72.55 -23.24
CA LEU A 429 -24.69 71.33 -23.63
C LEU A 429 -25.46 70.47 -24.63
N LYS A 430 -24.84 70.30 -25.79
CA LYS A 430 -25.40 69.52 -26.88
C LYS A 430 -25.44 68.05 -26.49
N ALA A 431 -26.58 67.39 -26.70
CA ALA A 431 -26.74 65.97 -26.36
C ALA A 431 -27.90 65.33 -27.09
N ASP A 432 -27.80 64.03 -27.33
CA ASP A 432 -28.84 63.29 -28.03
C ASP A 432 -29.60 62.38 -27.08
N VAL A 433 -28.96 62.02 -25.96
CA VAL A 433 -29.56 61.15 -24.98
C VAL A 433 -29.27 61.67 -23.59
N VAL A 434 -30.27 61.60 -22.71
CA VAL A 434 -30.13 62.05 -21.33
C VAL A 434 -30.58 60.93 -20.41
N ILE A 435 -29.74 60.63 -19.42
CA ILE A 435 -30.06 59.58 -18.46
C ILE A 435 -29.95 60.14 -17.05
N SER A 436 -31.06 60.19 -16.33
CA SER A 436 -31.03 60.71 -14.97
C SER A 436 -30.66 59.56 -14.05
N ALA A 437 -29.63 59.76 -13.25
CA ALA A 437 -29.16 58.74 -12.32
C ALA A 437 -28.96 59.37 -10.95
N PHE A 438 -29.99 60.03 -10.46
CA PHE A 438 -29.95 60.70 -9.17
C PHE A 438 -30.10 59.74 -8.00
N GLY A 439 -30.65 58.56 -8.26
CA GLY A 439 -30.83 57.60 -7.19
C GLY A 439 -32.22 56.97 -7.24
N SER A 440 -32.61 56.34 -6.14
CA SER A 440 -33.91 55.67 -6.06
C SER A 440 -34.65 56.00 -4.78
N VAL A 441 -35.95 55.72 -4.77
CA VAL A 441 -36.80 55.99 -3.63
C VAL A 441 -37.99 55.04 -3.58
N LEU A 442 -38.76 55.13 -2.50
CA LEU A 442 -39.98 54.34 -2.35
C LEU A 442 -41.13 55.34 -2.39
N ARG A 443 -41.94 55.28 -3.44
CA ARG A 443 -43.05 56.21 -3.59
C ARG A 443 -44.41 55.67 -3.98
N ASP A 444 -44.50 54.37 -4.24
CA ASP A 444 -45.77 53.79 -4.63
C ASP A 444 -46.75 53.79 -3.45
N PRO A 445 -47.82 54.58 -3.53
CA PRO A 445 -48.78 54.62 -2.42
C PRO A 445 -49.37 53.23 -2.12
N LYS A 446 -49.56 52.44 -3.16
CA LYS A 446 -50.13 51.10 -3.00
C LYS A 446 -49.17 50.15 -2.29
N VAL A 447 -47.88 50.37 -2.46
CA VAL A 447 -46.89 49.53 -1.80
C VAL A 447 -46.81 49.92 -0.33
N LYS A 448 -46.79 51.23 -0.06
CA LYS A 448 -46.72 51.69 1.32
C LYS A 448 -47.97 51.27 2.08
N GLU A 449 -49.11 51.29 1.40
CA GLU A 449 -50.37 50.90 2.01
C GLU A 449 -50.33 49.42 2.40
N ALA A 450 -49.67 48.61 1.57
CA ALA A 450 -49.57 47.18 1.83
C ALA A 450 -48.76 46.88 3.08
N LEU A 451 -48.03 47.87 3.56
CA LEU A 451 -47.20 47.72 4.75
C LEU A 451 -47.91 48.17 6.02
N SER A 452 -49.20 48.53 5.90
CA SER A 452 -49.95 48.96 7.07
C SER A 452 -49.96 47.82 8.10
N PRO A 453 -49.87 48.15 9.40
CA PRO A 453 -49.76 49.51 9.94
C PRO A 453 -48.40 49.86 10.51
N ILE A 454 -47.32 49.34 9.93
CA ILE A 454 -45.99 49.65 10.47
C ILE A 454 -45.66 51.13 10.36
N LYS A 455 -44.89 51.62 11.32
CA LYS A 455 -44.49 53.02 11.35
C LYS A 455 -43.45 53.38 10.30
N PHE A 456 -43.60 54.56 9.71
CA PHE A 456 -42.66 55.07 8.72
C PHE A 456 -41.99 56.28 9.35
N ASN A 457 -40.68 56.42 9.15
CA ASN A 457 -39.96 57.54 9.72
C ASN A 457 -40.08 58.80 8.89
N ARG A 458 -39.31 59.80 9.28
CA ARG A 458 -39.29 61.11 8.63
C ARG A 458 -38.86 61.04 7.16
N TRP A 459 -38.10 60.00 6.82
CA TRP A 459 -37.63 59.82 5.45
C TRP A 459 -38.68 59.06 4.65
N ASP A 460 -39.81 58.80 5.29
CA ASP A 460 -40.92 58.08 4.67
C ASP A 460 -40.50 56.67 4.27
N LEU A 461 -39.72 56.04 5.15
CA LEU A 461 -39.27 54.66 4.95
C LEU A 461 -39.64 53.85 6.19
N PRO A 462 -39.78 52.53 6.04
CA PRO A 462 -40.14 51.70 7.19
C PRO A 462 -39.14 51.89 8.32
N GLU A 463 -39.62 52.20 9.51
CA GLU A 463 -38.76 52.40 10.66
C GLU A 463 -38.43 51.06 11.31
N VAL A 464 -37.15 50.84 11.58
CA VAL A 464 -36.72 49.59 12.21
C VAL A 464 -35.73 49.84 13.32
N ASP A 465 -35.68 48.91 14.28
CA ASP A 465 -34.71 49.01 15.36
C ASP A 465 -33.40 48.62 14.67
N PRO A 466 -32.38 49.48 14.75
CA PRO A 466 -31.09 49.18 14.11
C PRO A 466 -30.35 47.92 14.56
N GLU A 467 -30.71 47.39 15.72
CA GLU A 467 -30.06 46.18 16.21
C GLU A 467 -30.82 44.90 15.84
N THR A 468 -32.14 44.96 15.91
CA THR A 468 -32.98 43.78 15.63
C THR A 468 -33.59 43.75 14.23
N MET A 469 -33.61 44.89 13.56
CA MET A 469 -34.21 45.03 12.22
C MET A 469 -35.74 44.87 12.29
N GLN A 470 -36.29 44.93 13.49
CA GLN A 470 -37.72 44.78 13.72
C GLN A 470 -38.47 46.10 13.51
N THR A 471 -39.62 46.02 12.83
CA THR A 471 -40.45 47.21 12.59
C THR A 471 -41.33 47.41 13.82
N SER A 472 -42.28 48.34 13.73
CA SER A 472 -43.19 48.60 14.85
C SER A 472 -44.11 47.40 15.11
N GLU A 473 -44.22 46.51 14.13
CA GLU A 473 -45.02 45.31 14.29
C GLU A 473 -44.00 44.22 14.58
N PRO A 474 -44.10 43.57 15.75
CA PRO A 474 -43.17 42.51 16.16
C PRO A 474 -42.90 41.36 15.19
N TRP A 475 -43.88 40.99 14.37
CA TRP A 475 -43.68 39.89 13.45
C TRP A 475 -43.14 40.35 12.09
N VAL A 476 -42.90 41.66 11.96
CA VAL A 476 -42.41 42.18 10.69
C VAL A 476 -41.03 42.82 10.82
N PHE A 477 -40.12 42.41 9.95
CA PHE A 477 -38.75 42.92 9.94
C PHE A 477 -38.43 43.49 8.58
N ALA A 478 -37.35 44.26 8.48
CA ALA A 478 -36.97 44.86 7.20
C ALA A 478 -35.47 45.09 7.12
N GLY A 479 -34.93 45.04 5.92
CA GLY A 479 -33.50 45.25 5.75
C GLY A 479 -33.14 45.58 4.31
N GLY A 480 -31.91 46.05 4.10
CA GLY A 480 -31.49 46.40 2.76
C GLY A 480 -31.77 47.85 2.43
N ASP A 481 -31.77 48.18 1.14
CA ASP A 481 -32.01 49.55 0.68
C ASP A 481 -33.26 50.19 1.25
N ILE A 482 -34.30 49.39 1.46
CA ILE A 482 -35.56 49.94 1.96
C ILE A 482 -35.47 50.64 3.31
N VAL A 483 -34.53 50.23 4.16
CA VAL A 483 -34.39 50.88 5.46
C VAL A 483 -33.69 52.22 5.32
N GLY A 484 -33.04 52.41 4.17
CA GLY A 484 -32.36 53.66 3.89
C GLY A 484 -31.12 54.02 4.69
N MET A 485 -30.45 53.02 5.27
CA MET A 485 -29.25 53.28 6.06
C MET A 485 -27.98 53.11 5.25
N ALA A 486 -27.96 52.10 4.40
CA ALA A 486 -26.78 51.83 3.58
C ALA A 486 -27.16 51.58 2.12
N ASN A 487 -26.15 51.57 1.26
CA ASN A 487 -26.36 51.35 -0.16
C ASN A 487 -25.31 50.45 -0.78
N THR A 488 -25.06 49.30 -0.15
CA THR A 488 -24.09 48.36 -0.68
C THR A 488 -24.67 46.96 -0.57
N THR A 489 -24.19 46.07 -1.43
CA THR A 489 -24.67 44.70 -1.40
C THR A 489 -24.34 44.05 -0.07
N VAL A 490 -23.10 44.21 0.39
CA VAL A 490 -22.69 43.59 1.65
C VAL A 490 -23.49 44.09 2.87
N GLU A 491 -23.83 45.37 2.90
CA GLU A 491 -24.59 45.87 4.03
C GLU A 491 -26.04 45.36 3.96
N SER A 492 -26.55 45.17 2.74
CA SER A 492 -27.90 44.64 2.59
C SER A 492 -27.90 43.18 3.04
N VAL A 493 -26.82 42.47 2.70
CA VAL A 493 -26.67 41.08 3.10
C VAL A 493 -26.62 41.03 4.62
N ASN A 494 -25.90 41.98 5.20
CA ASN A 494 -25.78 41.99 6.66
C ASN A 494 -27.10 42.28 7.35
N ASP A 495 -27.91 43.13 6.74
CA ASP A 495 -29.22 43.47 7.32
C ASP A 495 -30.06 42.19 7.40
N GLY A 496 -30.02 41.38 6.34
CA GLY A 496 -30.79 40.15 6.34
C GLY A 496 -30.26 39.18 7.38
N LYS A 497 -28.94 39.14 7.50
CA LYS A 497 -28.26 38.28 8.47
C LYS A 497 -28.68 38.66 9.88
N GLN A 498 -28.57 39.96 10.18
CA GLN A 498 -28.94 40.50 11.48
C GLN A 498 -30.40 40.16 11.79
N ALA A 499 -31.28 40.42 10.82
CA ALA A 499 -32.70 40.16 10.98
C ALA A 499 -33.03 38.70 11.25
N SER A 500 -32.33 37.78 10.58
CA SER A 500 -32.60 36.36 10.74
C SER A 500 -32.53 35.90 12.20
N TRP A 501 -31.56 36.40 12.95
CA TRP A 501 -31.45 35.98 14.35
C TRP A 501 -32.64 36.43 15.18
N TYR A 502 -33.08 37.67 14.99
CA TYR A 502 -34.20 38.17 15.77
C TYR A 502 -35.55 37.65 15.27
N ILE A 503 -35.62 37.24 14.02
CA ILE A 503 -36.86 36.67 13.48
C ILE A 503 -36.96 35.30 14.17
N HIS A 504 -35.82 34.62 14.28
CA HIS A 504 -35.73 33.31 14.91
C HIS A 504 -36.16 33.44 16.37
N LYS A 505 -35.62 34.44 17.05
CA LYS A 505 -35.95 34.68 18.44
C LYS A 505 -37.44 34.92 18.62
N TYR A 506 -38.01 35.73 17.73
CA TYR A 506 -39.44 36.05 17.76
C TYR A 506 -40.33 34.82 17.55
N ILE A 507 -40.05 34.07 16.48
CA ILE A 507 -40.84 32.88 16.17
C ILE A 507 -40.78 31.86 17.31
N GLN A 508 -39.58 31.58 17.80
CA GLN A 508 -39.42 30.62 18.88
C GLN A 508 -40.25 31.04 20.10
N ALA A 509 -40.21 32.33 20.42
CA ALA A 509 -40.97 32.86 21.55
C ALA A 509 -42.47 32.68 21.33
N GLN A 510 -42.92 32.84 20.08
CA GLN A 510 -44.33 32.67 19.75
C GLN A 510 -44.77 31.24 20.02
N TYR A 511 -43.83 30.29 19.90
CA TYR A 511 -44.12 28.90 20.15
C TYR A 511 -43.73 28.49 21.57
N GLY A 512 -43.49 29.50 22.41
CA GLY A 512 -43.13 29.25 23.80
C GLY A 512 -41.77 28.64 24.05
N ALA A 513 -40.81 28.95 23.18
CA ALA A 513 -39.46 28.44 23.33
C ALA A 513 -38.48 29.61 23.44
N SER A 514 -37.42 29.40 24.21
CA SER A 514 -36.41 30.44 24.39
C SER A 514 -35.23 30.16 23.49
N VAL A 515 -34.39 31.17 23.30
CA VAL A 515 -33.20 31.03 22.47
C VAL A 515 -31.99 31.49 23.27
N SER A 516 -30.80 31.06 22.85
CA SER A 516 -29.58 31.43 23.53
C SER A 516 -29.45 32.95 23.62
N ALA A 517 -28.94 33.43 24.75
CA ALA A 517 -28.75 34.86 24.93
C ALA A 517 -27.73 35.33 23.90
N LYS A 518 -26.75 34.47 23.66
CA LYS A 518 -25.68 34.78 22.71
C LYS A 518 -26.06 34.31 21.29
N PRO A 519 -26.08 35.24 20.32
CA PRO A 519 -26.42 34.90 18.93
C PRO A 519 -25.64 33.70 18.41
N GLU A 520 -26.32 32.76 17.76
CA GLU A 520 -25.67 31.58 17.23
C GLU A 520 -26.06 31.22 15.80
N LEU A 521 -25.75 32.10 14.84
CA LEU A 521 -26.08 31.80 13.45
C LEU A 521 -25.13 30.72 12.98
N PRO A 522 -25.64 29.69 12.29
CA PRO A 522 -24.83 28.59 11.79
C PRO A 522 -23.85 28.97 10.68
N LEU A 523 -22.81 28.16 10.53
CA LEU A 523 -21.82 28.36 9.47
C LEU A 523 -22.39 27.77 8.17
N PHE A 524 -21.59 27.80 7.12
CA PHE A 524 -21.97 27.28 5.80
C PHE A 524 -21.38 25.87 5.69
N TYR A 525 -22.21 24.91 5.26
CA TYR A 525 -21.75 23.53 5.12
C TYR A 525 -22.04 22.91 3.75
N THR A 526 -21.21 21.94 3.37
CA THR A 526 -21.37 21.20 2.13
C THR A 526 -20.99 19.75 2.45
N PRO A 527 -21.18 18.82 1.49
CA PRO A 527 -20.85 17.41 1.70
C PRO A 527 -19.37 17.17 2.04
N VAL A 528 -18.51 18.10 1.63
CA VAL A 528 -17.08 17.97 1.91
C VAL A 528 -16.84 17.89 3.41
N ASP A 529 -17.64 18.62 4.17
CA ASP A 529 -17.50 18.66 5.62
C ASP A 529 -17.78 17.32 6.30
N LEU A 530 -18.42 16.40 5.57
CA LEU A 530 -18.74 15.08 6.12
C LEU A 530 -17.63 14.06 5.88
N VAL A 531 -16.60 14.45 5.13
CA VAL A 531 -15.49 13.55 4.84
C VAL A 531 -14.70 13.18 6.09
N ASP A 532 -14.48 11.88 6.27
CA ASP A 532 -13.76 11.36 7.43
C ASP A 532 -12.25 11.45 7.19
N ILE A 533 -11.54 12.16 8.05
CA ILE A 533 -10.09 12.27 7.90
C ILE A 533 -9.34 11.66 9.07
N SER A 534 -9.97 10.68 9.73
CA SER A 534 -9.35 10.01 10.85
C SER A 534 -8.37 8.98 10.30
N VAL A 535 -7.43 8.55 11.13
CA VAL A 535 -6.45 7.55 10.72
C VAL A 535 -5.96 6.77 11.94
N GLU A 536 -5.67 5.49 11.75
CA GLU A 536 -5.18 4.64 12.83
C GLU A 536 -3.72 4.34 12.53
N MET A 537 -2.89 4.41 13.56
CA MET A 537 -1.47 4.14 13.41
C MET A 537 -0.92 3.57 14.70
N ALA A 538 -0.20 2.47 14.58
CA ALA A 538 0.42 1.79 15.72
C ALA A 538 -0.59 1.54 16.84
N GLY A 539 -1.81 1.20 16.46
CA GLY A 539 -2.85 0.93 17.44
C GLY A 539 -3.49 2.15 18.07
N LEU A 540 -3.12 3.33 17.59
CA LEU A 540 -3.66 4.58 18.12
C LEU A 540 -4.64 5.18 17.11
N LYS A 541 -5.72 5.78 17.59
CA LYS A 541 -6.67 6.39 16.67
C LYS A 541 -6.56 7.90 16.73
N PHE A 542 -6.30 8.52 15.59
CA PHE A 542 -6.18 9.97 15.49
C PHE A 542 -7.44 10.51 14.83
N ILE A 543 -8.05 11.54 15.43
CA ILE A 543 -9.27 12.12 14.86
C ILE A 543 -8.95 12.81 13.53
N ASN A 544 -7.72 13.30 13.40
CA ASN A 544 -7.24 13.90 12.16
C ASN A 544 -5.73 13.66 12.17
N PRO A 545 -5.07 13.67 11.00
CA PRO A 545 -3.62 13.42 10.95
C PRO A 545 -2.66 14.54 11.32
N PHE A 546 -3.18 15.69 11.74
CA PHE A 546 -2.32 16.81 12.07
C PHE A 546 -2.00 16.95 13.54
N GLY A 547 -0.72 17.15 13.85
CA GLY A 547 -0.31 17.32 15.22
C GLY A 547 0.85 18.28 15.39
N LEU A 548 1.04 18.76 16.62
CA LEU A 548 2.13 19.68 16.91
C LEU A 548 3.39 18.88 17.22
N ALA A 549 4.49 19.21 16.55
CA ALA A 549 5.75 18.53 16.79
C ALA A 549 6.31 18.99 18.13
N SER A 550 7.28 18.26 18.65
CA SER A 550 7.93 18.63 19.91
C SER A 550 8.74 19.87 19.55
N ALA A 551 8.26 21.05 19.94
CA ALA A 551 8.97 22.27 19.57
C ALA A 551 8.46 23.50 20.32
N ALA A 552 8.78 24.69 19.81
CA ALA A 552 8.35 25.93 20.44
C ALA A 552 6.84 26.00 20.66
N PRO A 553 6.04 25.53 19.68
CA PRO A 553 4.58 25.59 19.88
C PRO A 553 4.09 24.72 21.04
N THR A 554 4.95 23.83 21.53
CA THR A 554 4.56 22.98 22.66
C THR A 554 5.46 23.27 23.87
N THR A 555 5.86 24.53 23.98
CA THR A 555 6.70 25.00 25.09
C THR A 555 6.01 24.76 26.43
N SER A 556 4.70 25.00 26.47
CA SER A 556 3.94 24.81 27.70
C SER A 556 2.70 23.96 27.42
N SER A 557 2.29 23.17 28.41
CA SER A 557 1.12 22.32 28.23
C SER A 557 -0.16 23.12 28.04
N SER A 558 -0.17 24.36 28.52
CA SER A 558 -1.33 25.24 28.37
C SER A 558 -1.53 25.55 26.88
N MET A 559 -0.42 25.55 26.14
CA MET A 559 -0.48 25.81 24.71
C MET A 559 -1.06 24.59 24.01
N ILE A 560 -0.66 23.40 24.46
CA ILE A 560 -1.19 22.17 23.88
C ILE A 560 -2.70 22.13 24.12
N ARG A 561 -3.13 22.57 25.30
CA ARG A 561 -4.56 22.59 25.61
C ARG A 561 -5.31 23.44 24.59
N ARG A 562 -4.79 24.63 24.31
CA ARG A 562 -5.44 25.52 23.34
C ARG A 562 -5.42 24.94 21.93
N ALA A 563 -4.36 24.19 21.62
CA ALA A 563 -4.26 23.57 20.31
C ALA A 563 -5.36 22.51 20.16
N PHE A 564 -5.57 21.72 21.22
CA PHE A 564 -6.61 20.70 21.18
C PHE A 564 -7.97 21.36 21.09
N GLU A 565 -8.13 22.48 21.78
CA GLU A 565 -9.39 23.20 21.73
C GLU A 565 -9.63 23.70 20.31
N ALA A 566 -8.56 24.04 19.61
CA ALA A 566 -8.67 24.52 18.23
C ALA A 566 -8.97 23.38 17.26
N GLY A 567 -8.62 22.16 17.64
CA GLY A 567 -8.91 21.02 16.80
C GLY A 567 -7.75 20.13 16.36
N TRP A 568 -6.53 20.40 16.83
CA TRP A 568 -5.40 19.57 16.45
C TRP A 568 -5.60 18.13 16.89
N GLY A 569 -5.28 17.19 16.00
CA GLY A 569 -5.47 15.77 16.29
C GLY A 569 -4.57 15.22 17.38
N PHE A 570 -3.32 15.68 17.42
CA PHE A 570 -2.40 15.20 18.43
C PHE A 570 -1.34 16.24 18.70
N ALA A 571 -0.50 15.97 19.69
CA ALA A 571 0.57 16.89 20.05
C ALA A 571 1.66 16.19 20.83
N LEU A 572 2.88 16.66 20.63
CA LEU A 572 4.04 16.12 21.31
C LEU A 572 4.40 17.13 22.38
N THR A 573 4.88 16.66 23.52
CA THR A 573 5.30 17.59 24.56
C THR A 573 6.66 18.05 24.08
N LYS A 574 7.14 19.18 24.59
CA LYS A 574 8.48 19.64 24.25
C LYS A 574 9.31 18.51 24.90
N THR A 575 10.46 18.16 24.32
CA THR A 575 11.27 17.09 24.90
C THR A 575 11.67 17.38 26.34
N PHE A 576 11.46 16.43 27.25
CA PHE A 576 11.87 16.63 28.63
C PHE A 576 12.76 15.51 29.12
N SER A 577 13.41 15.71 30.26
CA SER A 577 14.32 14.70 30.78
C SER A 577 14.29 14.62 32.30
N LEU A 578 15.15 13.76 32.84
CA LEU A 578 15.25 13.59 34.28
C LEU A 578 15.85 14.87 34.88
N ASP A 579 15.58 15.11 36.16
CA ASP A 579 16.07 16.30 36.85
C ASP A 579 17.57 16.56 36.70
N LYS A 580 18.37 15.51 36.76
CA LYS A 580 19.82 15.65 36.65
C LYS A 580 20.29 16.17 35.30
N ASP A 581 19.42 16.10 34.29
CA ASP A 581 19.79 16.57 32.96
C ASP A 581 19.18 17.92 32.62
N ILE A 582 18.80 18.66 33.66
CA ILE A 582 18.19 19.98 33.50
C ILE A 582 19.08 20.90 32.64
N VAL A 583 18.44 21.67 31.77
CA VAL A 583 19.18 22.57 30.88
C VAL A 583 18.72 24.02 31.05
N THR A 584 19.50 24.95 30.48
CA THR A 584 19.20 26.37 30.53
C THR A 584 19.45 26.94 29.14
N ASN A 585 18.43 27.52 28.53
CA ASN A 585 18.55 28.10 27.20
C ASN A 585 19.33 29.41 27.20
N VAL A 586 19.81 29.78 26.02
CA VAL A 586 20.52 31.04 25.83
C VAL A 586 19.59 31.87 24.95
N SER A 587 19.93 33.13 24.75
CA SER A 587 19.13 34.02 23.91
C SER A 587 20.06 35.02 23.25
N PRO A 588 19.82 35.36 21.97
CA PRO A 588 18.75 34.90 21.09
C PRO A 588 18.96 33.42 20.72
N ARG A 589 17.90 32.73 20.32
CA ARG A 589 18.04 31.32 19.96
C ARG A 589 17.23 30.83 18.77
N ILE A 590 16.31 31.65 18.26
CA ILE A 590 15.51 31.27 17.11
C ILE A 590 15.53 32.43 16.14
N VAL A 591 15.97 32.19 14.91
CA VAL A 591 16.03 33.25 13.90
C VAL A 591 15.35 32.84 12.61
N ARG A 592 14.99 33.83 11.79
CA ARG A 592 14.33 33.59 10.52
C ARG A 592 15.34 33.06 9.52
N GLY A 593 14.85 32.29 8.55
CA GLY A 593 15.75 31.76 7.54
C GLY A 593 16.06 32.79 6.47
N THR A 594 17.19 32.61 5.81
CA THR A 594 17.63 33.50 4.74
C THR A 594 17.52 32.69 3.44
N THR A 595 16.85 31.55 3.53
CA THR A 595 16.69 30.62 2.42
C THR A 595 15.86 31.12 1.23
N SER A 596 15.16 32.24 1.37
CA SER A 596 14.39 32.77 0.26
C SER A 596 14.58 34.28 0.11
N GLY A 597 15.75 34.76 0.51
CA GLY A 597 16.05 36.18 0.37
C GLY A 597 15.51 37.11 1.43
N PRO A 598 15.71 38.42 1.25
CA PRO A 598 15.25 39.45 2.20
C PRO A 598 13.75 39.70 2.15
N MET A 599 12.98 38.64 2.42
CA MET A 599 11.53 38.70 2.45
C MET A 599 11.14 38.54 3.91
N TYR A 600 10.53 39.57 4.49
CA TYR A 600 10.16 39.52 5.90
C TYR A 600 8.65 39.42 6.12
N GLY A 601 8.28 38.95 7.30
CA GLY A 601 6.87 38.83 7.63
C GLY A 601 6.33 37.43 7.47
N PRO A 602 5.12 37.28 6.91
CA PRO A 602 4.49 35.97 6.71
C PRO A 602 5.26 34.99 5.81
N GLY A 603 5.02 33.71 6.04
CA GLY A 603 5.64 32.66 5.25
C GLY A 603 7.15 32.56 5.18
N GLN A 604 7.83 32.66 6.32
CA GLN A 604 9.28 32.52 6.31
C GLN A 604 9.56 31.10 5.80
N SER A 605 10.50 30.96 4.88
CA SER A 605 10.81 29.66 4.30
C SER A 605 11.57 28.69 5.21
N SER A 606 12.03 29.20 6.33
CA SER A 606 12.73 28.36 7.32
C SER A 606 13.07 29.17 8.55
N PHE A 607 13.51 28.46 9.58
CA PHE A 607 13.97 29.05 10.82
C PHE A 607 15.18 28.24 11.25
N LEU A 608 16.05 28.83 12.05
CA LEU A 608 17.19 28.11 12.58
C LEU A 608 17.09 28.34 14.08
N ASN A 609 17.31 27.29 14.86
CA ASN A 609 17.25 27.43 16.30
C ASN A 609 18.40 26.72 16.98
N ILE A 610 18.79 27.23 18.14
CA ILE A 610 19.84 26.62 18.93
C ILE A 610 19.22 26.40 20.30
N GLU A 611 17.94 26.05 20.31
CA GLU A 611 17.22 25.80 21.55
C GLU A 611 17.52 24.39 22.05
N LEU A 612 17.46 24.21 23.37
CA LEU A 612 17.72 22.91 23.97
C LEU A 612 16.38 22.26 24.26
N ILE A 613 16.38 21.17 25.01
CA ILE A 613 15.14 20.51 25.36
C ILE A 613 14.38 21.41 26.33
N SER A 614 13.22 20.96 26.77
CA SER A 614 12.39 21.75 27.69
C SER A 614 13.14 22.16 28.94
N GLU A 615 12.87 23.39 29.40
CA GLU A 615 13.46 23.90 30.62
C GLU A 615 12.52 23.55 31.77
N LYS A 616 11.36 23.01 31.43
CA LYS A 616 10.38 22.63 32.45
C LYS A 616 10.67 21.18 32.87
N THR A 617 10.40 20.89 34.14
CA THR A 617 10.66 19.57 34.72
C THR A 617 9.79 18.41 34.26
N ALA A 618 10.31 17.21 34.45
CA ALA A 618 9.58 16.00 34.10
C ALA A 618 8.30 15.95 34.93
N ALA A 619 8.38 16.45 36.16
CA ALA A 619 7.21 16.47 37.04
C ALA A 619 6.11 17.33 36.43
N TYR A 620 6.49 18.48 35.88
CA TYR A 620 5.54 19.38 35.24
C TYR A 620 4.89 18.69 34.05
N TRP A 621 5.72 18.11 33.19
CA TRP A 621 5.20 17.46 31.99
C TRP A 621 4.32 16.25 32.26
N CYS A 622 4.71 15.42 33.22
CA CYS A 622 3.91 14.26 33.52
C CYS A 622 2.55 14.64 34.10
N GLN A 623 2.53 15.60 35.02
CA GLN A 623 1.24 16.03 35.57
C GLN A 623 0.41 16.66 34.45
N SER A 624 1.08 17.39 33.57
CA SER A 624 0.40 18.02 32.44
C SER A 624 -0.23 16.99 31.50
N VAL A 625 0.50 15.90 31.25
CA VAL A 625 -0.01 14.85 30.36
C VAL A 625 -1.27 14.23 30.98
N THR A 626 -1.23 13.98 32.28
CA THR A 626 -2.37 13.41 32.99
C THR A 626 -3.58 14.34 32.81
N GLU A 627 -3.37 15.63 33.03
CA GLU A 627 -4.44 16.62 32.90
C GLU A 627 -4.99 16.67 31.48
N LEU A 628 -4.10 16.75 30.50
CA LEU A 628 -4.50 16.81 29.10
C LEU A 628 -5.28 15.57 28.65
N LYS A 629 -4.79 14.38 29.01
CA LYS A 629 -5.49 13.17 28.64
C LYS A 629 -6.83 13.04 29.34
N ALA A 630 -6.93 13.61 30.53
CA ALA A 630 -8.19 13.56 31.28
C ALA A 630 -9.23 14.46 30.61
N ASP A 631 -8.79 15.62 30.12
CA ASP A 631 -9.69 16.57 29.48
C ASP A 631 -9.93 16.36 27.99
N PHE A 632 -8.96 15.74 27.32
CA PHE A 632 -9.06 15.48 25.88
C PHE A 632 -8.73 14.02 25.60
N PRO A 633 -9.59 13.10 26.05
CA PRO A 633 -9.37 11.66 25.83
C PRO A 633 -9.22 11.21 24.39
N ASP A 634 -9.81 11.94 23.44
CA ASP A 634 -9.71 11.54 22.04
C ASP A 634 -8.54 12.17 21.30
N ASN A 635 -7.85 13.11 21.95
CA ASN A 635 -6.69 13.74 21.34
C ASN A 635 -5.46 13.00 21.82
N ILE A 636 -4.62 12.61 20.87
CA ILE A 636 -3.41 11.86 21.19
C ILE A 636 -2.29 12.73 21.74
N VAL A 637 -1.74 12.31 22.88
CA VAL A 637 -0.63 13.02 23.50
C VAL A 637 0.57 12.10 23.53
N ILE A 638 1.65 12.53 22.91
CA ILE A 638 2.87 11.75 22.85
C ILE A 638 3.95 12.48 23.64
N ALA A 639 4.55 11.79 24.60
CA ALA A 639 5.57 12.39 25.43
C ALA A 639 6.95 12.24 24.79
N SER A 640 7.60 13.37 24.53
CA SER A 640 8.94 13.34 23.93
C SER A 640 9.94 13.36 25.08
N ILE A 641 10.85 12.39 25.10
CA ILE A 641 11.83 12.30 26.17
C ILE A 641 13.24 12.09 25.67
N MET A 642 14.22 12.47 26.50
CA MET A 642 15.61 12.31 26.16
C MET A 642 16.47 11.98 27.38
N CYS A 643 17.38 11.02 27.21
CA CYS A 643 18.31 10.61 28.25
C CYS A 643 19.67 10.44 27.61
N SER A 644 20.72 10.39 28.44
CA SER A 644 22.06 10.17 27.93
C SER A 644 22.09 8.68 27.62
N TYR A 645 23.18 8.16 27.04
CA TYR A 645 23.24 6.74 26.71
C TYR A 645 23.39 5.90 27.98
N ASN A 646 22.28 5.75 28.70
CA ASN A 646 22.25 4.97 29.93
C ASN A 646 20.95 4.18 30.07
N LYS A 647 21.06 2.86 30.20
CA LYS A 647 19.89 2.00 30.32
C LYS A 647 18.94 2.36 31.45
N ASN A 648 19.46 2.52 32.66
CA ASN A 648 18.59 2.86 33.79
C ASN A 648 17.83 4.17 33.57
N ASP A 649 18.51 5.17 33.02
CA ASP A 649 17.86 6.46 32.77
C ASP A 649 16.71 6.34 31.78
N TRP A 650 16.96 5.75 30.63
CA TRP A 650 15.90 5.60 29.64
C TRP A 650 14.71 4.83 30.19
N MET A 651 14.97 3.78 30.96
CA MET A 651 13.88 2.99 31.52
C MET A 651 13.11 3.78 32.58
N GLU A 652 13.81 4.54 33.40
CA GLU A 652 13.16 5.34 34.43
C GLU A 652 12.27 6.42 33.83
N LEU A 653 12.82 7.19 32.90
CA LEU A 653 12.07 8.27 32.27
C LEU A 653 10.91 7.78 31.41
N SER A 654 11.12 6.69 30.67
CA SER A 654 10.05 6.17 29.83
C SER A 654 8.90 5.67 30.69
N ARG A 655 9.21 5.02 31.81
CA ARG A 655 8.16 4.53 32.70
C ARG A 655 7.42 5.67 33.38
N LYS A 656 8.13 6.75 33.67
CA LYS A 656 7.54 7.91 34.31
C LYS A 656 6.52 8.53 33.34
N ALA A 657 6.92 8.66 32.08
CA ALA A 657 6.04 9.23 31.05
C ALA A 657 4.84 8.33 30.80
N GLU A 658 5.06 7.03 30.74
CA GLU A 658 3.98 6.08 30.52
C GLU A 658 2.96 6.13 31.67
N ALA A 659 3.46 6.18 32.90
CA ALA A 659 2.59 6.23 34.07
C ALA A 659 1.72 7.49 34.10
N SER A 660 2.15 8.55 33.42
CA SER A 660 1.39 9.79 33.39
C SER A 660 0.16 9.68 32.51
N GLY A 661 0.11 8.63 31.70
CA GLY A 661 -1.04 8.44 30.83
C GLY A 661 -0.80 8.79 29.36
N ALA A 662 0.45 9.00 28.98
CA ALA A 662 0.78 9.32 27.60
C ALA A 662 0.32 8.19 26.69
N ASP A 663 -0.19 8.55 25.51
CA ASP A 663 -0.66 7.54 24.56
C ASP A 663 0.53 6.81 23.95
N ALA A 664 1.65 7.51 23.83
CA ALA A 664 2.86 6.95 23.27
C ALA A 664 4.04 7.83 23.66
N LEU A 665 5.24 7.38 23.30
CA LEU A 665 6.45 8.12 23.61
C LEU A 665 7.21 8.39 22.31
N GLU A 666 7.98 9.48 22.30
CA GLU A 666 8.81 9.80 21.15
C GLU A 666 10.20 9.96 21.73
N LEU A 667 11.14 9.15 21.25
CA LEU A 667 12.50 9.20 21.75
C LEU A 667 13.36 10.20 20.99
N ASN A 668 13.79 11.24 21.69
CA ASN A 668 14.66 12.26 21.09
C ASN A 668 16.07 11.71 21.20
N LEU A 669 16.69 11.43 20.07
CA LEU A 669 18.04 10.86 20.06
C LEU A 669 19.14 11.86 19.71
N SER A 670 19.04 13.07 20.25
CA SER A 670 20.00 14.13 19.98
C SER A 670 21.17 14.20 20.97
N CYS A 671 21.10 13.42 22.04
CA CYS A 671 22.13 13.44 23.07
C CYS A 671 23.46 12.82 22.61
N PRO A 672 24.58 13.54 22.75
CA PRO A 672 25.93 13.12 22.36
C PRO A 672 26.45 11.86 23.06
N HIS A 673 27.47 11.26 22.45
CA HIS A 673 28.14 10.03 22.92
C HIS A 673 29.32 9.67 22.02
N GLY A 674 30.48 9.47 22.64
CA GLY A 674 31.67 9.08 21.89
C GLY A 674 32.66 10.19 21.60
N MET A 675 33.61 9.94 20.69
CA MET A 675 34.63 10.94 20.30
C MET A 675 34.17 11.71 19.07
N GLY A 676 33.84 11.00 18.00
CA GLY A 676 33.36 11.68 16.80
C GLY A 676 33.95 11.43 15.42
N GLU A 677 34.63 10.31 15.20
CA GLU A 677 35.20 10.04 13.88
C GLU A 677 34.94 8.62 13.36
N ARG A 678 34.23 7.82 14.14
CA ARG A 678 33.89 6.47 13.73
C ARG A 678 32.91 6.60 12.58
N GLY A 679 32.91 7.78 11.97
CA GLY A 679 32.04 8.07 10.84
C GLY A 679 30.56 8.11 11.11
N MET A 680 30.16 8.29 12.37
CA MET A 680 28.75 8.33 12.71
C MET A 680 28.33 9.46 13.61
N GLY A 681 28.97 10.60 13.44
CA GLY A 681 28.65 11.75 14.24
C GLY A 681 28.86 11.65 15.74
N LEU A 682 28.22 12.56 16.46
CA LEU A 682 28.34 12.64 17.90
C LEU A 682 27.05 12.31 18.66
N ALA A 683 25.93 12.35 17.97
CA ALA A 683 24.64 12.06 18.60
C ALA A 683 24.27 10.58 18.52
N CYS A 684 23.56 10.09 19.53
CA CYS A 684 23.13 8.71 19.56
C CYS A 684 22.32 8.39 18.30
N GLY A 685 21.49 9.35 17.88
CA GLY A 685 20.66 9.16 16.70
C GLY A 685 21.39 9.00 15.39
N GLN A 686 22.71 9.16 15.39
CA GLN A 686 23.49 9.03 14.16
C GLN A 686 24.20 7.67 14.11
N ASP A 687 24.03 6.86 15.15
CA ASP A 687 24.66 5.54 15.21
C ASP A 687 23.60 4.44 15.35
N PRO A 688 23.48 3.57 14.33
CA PRO A 688 22.51 2.48 14.33
C PRO A 688 22.58 1.59 15.58
N GLU A 689 23.79 1.29 16.03
CA GLU A 689 23.97 0.43 17.21
C GLU A 689 23.39 1.06 18.47
N LEU A 690 23.66 2.35 18.64
CA LEU A 690 23.16 3.06 19.81
C LEU A 690 21.63 3.16 19.78
N VAL A 691 21.09 3.48 18.61
CA VAL A 691 19.65 3.61 18.44
C VAL A 691 18.96 2.28 18.77
N ARG A 692 19.56 1.18 18.31
CA ARG A 692 18.97 -0.14 18.53
C ARG A 692 18.95 -0.50 20.01
N ASN A 693 19.98 -0.08 20.74
CA ASN A 693 20.07 -0.37 22.17
C ASN A 693 19.13 0.49 23.01
N ILE A 694 18.95 1.73 22.59
CA ILE A 694 18.04 2.62 23.32
C ILE A 694 16.61 2.12 23.16
N CYS A 695 16.25 1.74 21.93
CA CYS A 695 14.91 1.26 21.67
C CYS A 695 14.65 -0.03 22.45
N ARG A 696 15.68 -0.85 22.56
CA ARG A 696 15.55 -2.12 23.29
C ARG A 696 15.27 -1.85 24.76
N TRP A 697 15.95 -0.85 25.31
CA TRP A 697 15.79 -0.50 26.71
C TRP A 697 14.37 0.01 26.97
N VAL A 698 13.89 0.88 26.09
CA VAL A 698 12.56 1.43 26.25
C VAL A 698 11.46 0.37 26.04
N ARG A 699 11.64 -0.47 25.02
CA ARG A 699 10.66 -1.51 24.74
C ARG A 699 10.49 -2.41 25.95
N GLN A 700 11.60 -2.65 26.64
CA GLN A 700 11.64 -3.49 27.83
C GLN A 700 11.03 -2.80 29.05
N ALA A 701 10.98 -1.48 29.01
CA ALA A 701 10.46 -0.70 30.13
C ALA A 701 8.97 -0.36 30.08
N VAL A 702 8.44 -0.14 28.88
CA VAL A 702 7.03 0.22 28.75
C VAL A 702 6.22 -0.66 27.81
N GLN A 703 4.91 -0.56 27.93
CA GLN A 703 3.98 -1.34 27.12
C GLN A 703 3.37 -0.50 26.01
N ILE A 704 3.31 0.82 26.20
CA ILE A 704 2.72 1.69 25.19
C ILE A 704 3.63 1.82 23.97
N PRO A 705 3.07 2.25 22.83
CA PRO A 705 3.88 2.40 21.62
C PRO A 705 4.87 3.53 21.79
N PHE A 706 6.01 3.45 21.11
CA PHE A 706 6.99 4.51 21.16
C PHE A 706 7.64 4.63 19.80
N PHE A 707 8.02 5.84 19.45
CA PHE A 707 8.63 6.12 18.16
C PHE A 707 9.98 6.80 18.33
N ALA A 708 10.93 6.43 17.49
CA ALA A 708 12.26 7.01 17.54
C ALA A 708 12.29 8.19 16.57
N LYS A 709 12.66 9.36 17.07
CA LYS A 709 12.74 10.54 16.18
C LYS A 709 14.12 10.54 15.56
N LEU A 710 14.15 10.40 14.25
CA LEU A 710 15.39 10.33 13.50
C LEU A 710 15.92 11.69 13.03
N THR A 711 17.24 11.79 12.95
CA THR A 711 17.88 13.00 12.47
C THR A 711 18.22 12.77 11.00
N PRO A 712 18.05 13.80 10.16
CA PRO A 712 18.34 13.69 8.73
C PRO A 712 19.83 13.87 8.48
N ASN A 713 20.56 14.22 9.54
CA ASN A 713 22.00 14.46 9.45
C ASN A 713 22.81 13.18 9.52
N VAL A 714 22.51 12.25 8.61
CA VAL A 714 23.20 10.97 8.54
C VAL A 714 23.33 10.55 7.09
N THR A 715 24.31 9.68 6.82
CA THR A 715 24.53 9.19 5.47
C THR A 715 23.39 8.32 4.98
N ASP A 716 22.94 7.40 5.84
CA ASP A 716 21.88 6.45 5.50
C ASP A 716 20.81 6.42 6.60
N ILE A 717 19.77 7.24 6.46
CA ILE A 717 18.73 7.27 7.49
C ILE A 717 17.98 5.94 7.59
N VAL A 718 17.96 5.16 6.50
CA VAL A 718 17.28 3.87 6.54
C VAL A 718 17.92 2.94 7.56
N SER A 719 19.25 2.98 7.64
CA SER A 719 19.98 2.12 8.58
C SER A 719 19.57 2.45 10.02
N ILE A 720 19.28 3.71 10.28
CA ILE A 720 18.87 4.12 11.62
C ILE A 720 17.43 3.66 11.87
N ALA A 721 16.58 3.85 10.86
CA ALA A 721 15.18 3.45 10.98
C ALA A 721 15.11 1.95 11.23
N ARG A 722 15.91 1.19 10.48
CA ARG A 722 15.92 -0.27 10.63
C ARG A 722 16.39 -0.66 12.02
N ALA A 723 17.39 0.06 12.53
CA ALA A 723 17.92 -0.24 13.86
C ALA A 723 16.85 -0.01 14.93
N ALA A 724 16.05 1.04 14.75
CA ALA A 724 14.99 1.36 15.69
C ALA A 724 13.94 0.25 15.65
N LYS A 725 13.62 -0.21 14.44
CA LYS A 725 12.63 -1.27 14.27
C LYS A 725 13.13 -2.56 14.93
N GLU A 726 14.39 -2.89 14.72
CA GLU A 726 14.99 -4.09 15.29
C GLU A 726 15.03 -3.98 16.82
N GLY A 727 15.12 -2.75 17.31
CA GLY A 727 15.16 -2.53 18.75
C GLY A 727 13.80 -2.64 19.40
N GLY A 728 12.73 -2.60 18.60
CA GLY A 728 11.41 -2.72 19.16
C GLY A 728 10.52 -1.50 19.03
N ALA A 729 11.01 -0.46 18.35
CA ALA A 729 10.21 0.74 18.18
C ALA A 729 8.97 0.43 17.36
N ASP A 730 7.87 1.13 17.64
CA ASP A 730 6.62 0.93 16.93
C ASP A 730 6.52 1.79 15.67
N GLY A 731 7.54 2.61 15.46
CA GLY A 731 7.57 3.47 14.30
C GLY A 731 8.67 4.51 14.44
N VAL A 732 8.76 5.41 13.49
CA VAL A 732 9.78 6.46 13.54
C VAL A 732 9.22 7.80 13.11
N THR A 733 9.79 8.86 13.66
CA THR A 733 9.38 10.21 13.31
C THR A 733 10.51 10.71 12.39
N ALA A 734 10.14 11.11 11.18
CA ALA A 734 11.12 11.60 10.21
C ALA A 734 10.67 12.94 9.64
N THR A 735 11.46 13.98 9.84
CA THR A 735 12.73 13.91 10.56
C THR A 735 12.92 15.14 11.44
N ASN A 736 13.99 15.16 12.23
CA ASN A 736 14.27 16.31 13.07
C ASN A 736 14.89 17.37 12.15
N THR A 737 15.46 18.42 12.74
CA THR A 737 16.03 19.51 11.96
C THR A 737 17.33 19.15 11.25
N VAL A 738 17.67 19.96 10.24
CA VAL A 738 18.89 19.78 9.47
C VAL A 738 19.93 20.72 10.07
N SER A 739 21.13 20.23 10.35
CA SER A 739 22.12 21.12 10.94
C SER A 739 22.64 22.13 9.92
N GLY A 740 22.81 23.37 10.35
CA GLY A 740 23.29 24.40 9.46
C GLY A 740 23.67 25.68 10.15
N LEU A 741 24.09 26.66 9.35
CA LEU A 741 24.46 27.98 9.83
C LEU A 741 23.65 28.87 8.89
N MET A 742 22.72 29.64 9.45
CA MET A 742 21.84 30.47 8.63
C MET A 742 22.51 31.64 7.92
N GLY A 743 23.61 32.14 8.47
CA GLY A 743 24.28 33.24 7.82
C GLY A 743 25.11 34.11 8.73
N LEU A 744 25.83 35.04 8.12
CA LEU A 744 26.69 35.96 8.84
C LEU A 744 26.41 37.38 8.37
N LYS A 745 26.64 38.35 9.24
CA LYS A 745 26.44 39.74 8.85
C LYS A 745 27.68 40.11 8.06
N ALA A 746 27.65 41.27 7.39
CA ALA A 746 28.78 41.69 6.57
C ALA A 746 30.09 41.80 7.34
N ASP A 747 30.01 42.03 8.66
CA ASP A 747 31.23 42.16 9.45
C ASP A 747 31.74 40.81 9.93
N GLY A 748 31.08 39.73 9.51
CA GLY A 748 31.53 38.41 9.91
C GLY A 748 30.87 37.81 11.14
N THR A 749 30.09 38.60 11.88
CA THR A 749 29.43 38.07 13.06
C THR A 749 28.21 37.23 12.67
N PRO A 750 27.91 36.20 13.46
CA PRO A 750 26.78 35.32 13.19
C PRO A 750 25.43 35.80 13.71
N TRP A 751 24.39 35.09 13.32
CA TRP A 751 23.04 35.35 13.78
C TRP A 751 22.35 33.99 13.79
N PRO A 752 21.91 33.55 14.97
CA PRO A 752 22.00 34.27 16.25
C PRO A 752 23.41 34.50 16.80
N ALA A 753 23.57 35.60 17.54
CA ALA A 753 24.84 35.95 18.18
C ALA A 753 24.53 36.06 19.66
N VAL A 754 25.27 35.31 20.46
CA VAL A 754 25.05 35.29 21.92
C VAL A 754 26.18 35.93 22.72
N GLY A 755 25.81 36.77 23.68
CA GLY A 755 26.80 37.41 24.55
C GLY A 755 27.62 38.51 23.91
N ALA A 756 28.45 39.16 24.71
CA ALA A 756 29.31 40.23 24.20
C ALA A 756 30.27 39.65 23.17
N GLY A 757 30.54 38.36 23.29
CA GLY A 757 31.44 37.69 22.36
C GLY A 757 30.82 37.44 20.99
N LYS A 758 29.51 37.66 20.89
CA LYS A 758 28.78 37.46 19.63
C LYS A 758 29.03 36.05 19.10
N ARG A 759 28.95 35.07 19.99
CA ARG A 759 29.20 33.69 19.61
C ARG A 759 27.96 32.94 19.15
N THR A 760 28.18 31.82 18.49
CA THR A 760 27.08 30.98 18.02
C THR A 760 27.57 29.55 17.89
N THR A 761 26.66 28.65 17.58
CA THR A 761 26.99 27.25 17.38
C THR A 761 26.06 26.79 16.27
N TYR A 762 26.35 25.66 15.66
CA TYR A 762 25.48 25.16 14.60
C TYR A 762 24.08 24.95 15.13
N GLY A 763 23.09 25.34 14.35
CA GLY A 763 21.70 25.18 14.77
C GLY A 763 20.94 24.24 13.88
N GLY A 764 19.64 24.09 14.16
CA GLY A 764 18.81 23.22 13.36
C GLY A 764 17.90 24.02 12.46
N VAL A 765 17.89 23.66 11.18
CA VAL A 765 17.04 24.35 10.21
C VAL A 765 15.71 23.60 10.10
N SER A 766 14.62 24.35 10.13
CA SER A 766 13.28 23.79 10.04
C SER A 766 12.50 24.57 8.98
N GLY A 767 11.33 24.09 8.61
CA GLY A 767 10.54 24.82 7.63
C GLY A 767 10.50 24.24 6.22
N THR A 768 9.83 24.97 5.34
CA THR A 768 9.66 24.53 3.97
C THR A 768 10.98 24.29 3.24
N ALA A 769 12.04 24.96 3.67
CA ALA A 769 13.35 24.78 3.03
C ALA A 769 13.92 23.37 3.18
N ILE A 770 13.51 22.65 4.22
CA ILE A 770 14.01 21.28 4.42
C ILE A 770 12.99 20.23 4.01
N ARG A 771 11.87 20.65 3.46
CA ARG A 771 10.84 19.70 3.05
C ARG A 771 11.37 18.66 2.05
N PRO A 772 12.23 19.07 1.10
CA PRO A 772 12.74 18.09 0.13
C PRO A 772 13.54 16.98 0.81
N ILE A 773 14.25 17.35 1.87
CA ILE A 773 15.07 16.41 2.63
C ILE A 773 14.17 15.47 3.44
N ALA A 774 13.14 16.03 4.06
CA ALA A 774 12.21 15.23 4.86
C ALA A 774 11.39 14.31 3.97
N LEU A 775 10.94 14.82 2.82
CA LEU A 775 10.15 14.01 1.91
C LEU A 775 10.99 12.84 1.39
N ARG A 776 12.27 13.08 1.13
CA ARG A 776 13.15 12.02 0.65
C ARG A 776 13.31 10.98 1.75
N ALA A 777 13.50 11.44 2.98
CA ALA A 777 13.68 10.55 4.12
C ALA A 777 12.44 9.66 4.31
N VAL A 778 11.27 10.28 4.33
CA VAL A 778 10.02 9.53 4.51
C VAL A 778 9.84 8.46 3.42
N THR A 779 10.05 8.87 2.16
CA THR A 779 9.89 7.95 1.04
C THR A 779 10.87 6.79 1.08
N THR A 780 12.13 7.07 1.43
CA THR A 780 13.18 6.05 1.49
C THR A 780 12.88 5.00 2.57
N ILE A 781 12.44 5.46 3.73
CA ILE A 781 12.11 4.57 4.83
C ILE A 781 10.86 3.75 4.48
N ALA A 782 9.87 4.42 3.90
CA ALA A 782 8.62 3.76 3.53
C ALA A 782 8.85 2.64 2.51
N ARG A 783 9.81 2.84 1.61
CA ARG A 783 10.10 1.82 0.61
C ARG A 783 10.96 0.69 1.16
N ALA A 784 11.89 1.03 2.07
CA ALA A 784 12.78 0.03 2.65
C ALA A 784 12.11 -0.79 3.75
N LEU A 785 11.24 -0.15 4.52
CA LEU A 785 10.54 -0.79 5.62
C LEU A 785 9.04 -0.64 5.45
N PRO A 786 8.47 -1.32 4.44
CA PRO A 786 7.04 -1.29 4.13
C PRO A 786 6.15 -1.57 5.34
N GLY A 787 5.18 -0.69 5.56
CA GLY A 787 4.26 -0.86 6.67
C GLY A 787 4.71 -0.34 8.03
N PHE A 788 5.98 0.02 8.16
CA PHE A 788 6.50 0.54 9.41
C PHE A 788 5.96 1.97 9.59
N PRO A 789 5.20 2.22 10.68
CA PRO A 789 4.63 3.55 10.93
C PRO A 789 5.63 4.70 10.88
N ILE A 790 5.25 5.76 10.18
CA ILE A 790 6.09 6.95 10.04
C ILE A 790 5.29 8.21 10.39
N LEU A 791 5.83 9.00 11.31
CA LEU A 791 5.21 10.27 11.66
C LEU A 791 6.11 11.28 10.95
N ALA A 792 5.54 11.98 9.98
CA ALA A 792 6.29 12.93 9.19
C ALA A 792 6.42 14.33 9.80
N THR A 793 7.58 14.93 9.60
CA THR A 793 7.84 16.29 10.07
C THR A 793 8.92 16.92 9.19
N GLY A 794 8.69 18.16 8.80
CA GLY A 794 9.64 18.85 7.96
C GLY A 794 9.00 19.67 6.86
N GLY A 795 8.59 20.89 7.19
CA GLY A 795 7.99 21.76 6.19
C GLY A 795 6.53 21.57 5.85
N ILE A 796 5.78 20.87 6.69
CA ILE A 796 4.35 20.67 6.42
C ILE A 796 3.64 21.96 6.83
N ASP A 797 2.98 22.59 5.87
CA ASP A 797 2.31 23.87 6.12
C ASP A 797 0.96 24.03 5.41
N SER A 798 0.35 22.91 5.03
CA SER A 798 -0.94 22.94 4.35
C SER A 798 -1.45 21.52 4.19
N ALA A 799 -2.72 21.39 3.81
CA ALA A 799 -3.28 20.05 3.61
C ALA A 799 -2.60 19.43 2.40
N GLU A 800 -2.33 20.26 1.38
CA GLU A 800 -1.69 19.79 0.16
C GLU A 800 -0.30 19.23 0.43
N SER A 801 0.50 19.93 1.23
CA SER A 801 1.85 19.41 1.54
C SER A 801 1.71 18.20 2.44
N GLY A 802 0.73 18.21 3.33
CA GLY A 802 0.51 17.08 4.21
C GLY A 802 0.17 15.84 3.41
N LEU A 803 -0.68 16.01 2.40
CA LEU A 803 -1.08 14.89 1.54
C LEU A 803 0.13 14.32 0.80
N GLN A 804 1.10 15.17 0.49
CA GLN A 804 2.30 14.71 -0.18
C GLN A 804 3.03 13.72 0.72
N PHE A 805 3.09 14.02 2.01
CA PHE A 805 3.76 13.13 2.95
C PHE A 805 2.96 11.84 3.15
N LEU A 806 1.64 11.94 3.18
CA LEU A 806 0.81 10.74 3.33
C LEU A 806 1.04 9.84 2.12
N HIS A 807 1.03 10.45 0.93
CA HIS A 807 1.27 9.71 -0.31
C HIS A 807 2.66 9.07 -0.28
N SER A 808 3.57 9.70 0.46
CA SER A 808 4.93 9.19 0.55
C SER A 808 5.14 8.10 1.60
N GLY A 809 4.10 7.74 2.33
CA GLY A 809 4.24 6.68 3.32
C GLY A 809 4.01 7.02 4.78
N ALA A 810 3.79 8.29 5.08
CA ALA A 810 3.54 8.71 6.46
C ALA A 810 2.07 8.51 6.83
N SER A 811 1.80 8.29 8.11
CA SER A 811 0.42 8.11 8.57
C SER A 811 -0.09 9.38 9.25
N VAL A 812 0.79 10.05 9.98
CA VAL A 812 0.42 11.30 10.64
C VAL A 812 1.42 12.39 10.31
N LEU A 813 1.01 13.64 10.53
CA LEU A 813 1.82 14.79 10.17
C LEU A 813 2.10 15.76 11.31
N GLN A 814 3.37 15.94 11.64
CA GLN A 814 3.75 16.86 12.69
C GLN A 814 4.10 18.23 12.11
N VAL A 815 3.73 19.28 12.84
CA VAL A 815 3.95 20.66 12.39
C VAL A 815 4.56 21.56 13.46
N CYS A 816 5.52 22.40 13.05
CA CYS A 816 6.12 23.37 13.96
C CYS A 816 6.22 24.74 13.29
N SER A 817 7.11 24.84 12.31
CA SER A 817 7.35 26.10 11.60
C SER A 817 6.11 26.81 11.06
N ALA A 818 5.14 26.07 10.54
CA ALA A 818 3.93 26.70 10.00
C ALA A 818 3.15 27.43 11.10
N VAL A 819 3.23 26.91 12.32
CA VAL A 819 2.55 27.53 13.45
C VAL A 819 3.37 28.74 13.92
N GLN A 820 4.69 28.62 13.90
CA GLN A 820 5.54 29.74 14.29
C GLN A 820 5.29 30.89 13.32
N ASN A 821 5.00 30.56 12.07
CA ASN A 821 4.72 31.55 11.03
C ASN A 821 3.31 32.11 11.16
N GLN A 822 2.48 31.47 11.96
CA GLN A 822 1.09 31.92 12.09
C GLN A 822 0.55 31.73 13.51
N ASP A 823 -0.32 30.74 13.67
CA ASP A 823 -0.91 30.45 14.97
C ASP A 823 -1.64 29.11 14.90
N PHE A 824 -2.22 28.67 16.02
CA PHE A 824 -2.91 27.38 16.09
C PHE A 824 -4.14 27.22 15.18
N THR A 825 -4.75 28.31 14.76
CA THR A 825 -5.94 28.21 13.93
C THR A 825 -5.72 27.60 12.55
N VAL A 826 -4.45 27.44 12.15
CA VAL A 826 -4.20 26.84 10.84
C VAL A 826 -4.77 25.43 10.75
N ILE A 827 -5.02 24.81 11.90
CA ILE A 827 -5.57 23.45 11.91
C ILE A 827 -6.90 23.41 11.17
N GLN A 828 -7.68 24.48 11.29
CA GLN A 828 -8.96 24.56 10.60
C GLN A 828 -8.75 24.49 9.09
N ASP A 829 -7.71 25.17 8.61
CA ASP A 829 -7.40 25.17 7.19
C ASP A 829 -6.92 23.81 6.73
N TYR A 830 -6.10 23.15 7.54
CA TYR A 830 -5.57 21.84 7.20
C TYR A 830 -6.66 20.79 7.11
N CYS A 831 -7.60 20.82 8.06
CA CYS A 831 -8.69 19.84 8.06
C CYS A 831 -9.68 20.03 6.91
N THR A 832 -10.14 21.26 6.68
CA THR A 832 -11.08 21.47 5.58
C THR A 832 -10.37 21.21 4.25
N GLY A 833 -9.08 21.54 4.21
CA GLY A 833 -8.30 21.33 2.99
C GLY A 833 -8.14 19.85 2.65
N LEU A 834 -7.85 19.04 3.67
CA LEU A 834 -7.67 17.61 3.43
C LEU A 834 -9.00 16.97 3.03
N LYS A 835 -10.08 17.39 3.68
CA LYS A 835 -11.40 16.85 3.34
C LYS A 835 -11.71 17.15 1.88
N ALA A 836 -11.43 18.37 1.46
CA ALA A 836 -11.69 18.78 0.07
C ALA A 836 -10.87 17.99 -0.94
N LEU A 837 -9.59 17.78 -0.66
CA LEU A 837 -8.73 17.03 -1.57
C LEU A 837 -9.22 15.59 -1.72
N LEU A 838 -9.64 14.98 -0.61
CA LEU A 838 -10.14 13.60 -0.66
C LEU A 838 -11.48 13.55 -1.39
N TYR A 839 -12.35 14.51 -1.10
CA TYR A 839 -13.67 14.59 -1.73
C TYR A 839 -13.55 14.72 -3.25
N LEU A 840 -12.69 15.63 -3.70
CA LEU A 840 -12.51 15.87 -5.13
C LEU A 840 -12.03 14.64 -5.92
N LYS A 841 -11.38 13.70 -5.24
CA LYS A 841 -10.91 12.50 -5.91
C LYS A 841 -12.06 11.60 -6.36
N SER A 842 -13.26 11.85 -5.83
CA SER A 842 -14.43 11.06 -6.19
C SER A 842 -15.26 11.69 -7.30
N ILE A 843 -14.90 12.91 -7.69
CA ILE A 843 -15.63 13.64 -8.72
C ILE A 843 -15.02 13.43 -10.10
N GLU A 844 -15.67 12.60 -10.90
CA GLU A 844 -15.20 12.27 -12.24
C GLU A 844 -15.00 13.46 -13.18
N GLU A 845 -15.91 14.43 -13.15
CA GLU A 845 -15.80 15.57 -14.03
C GLU A 845 -14.70 16.57 -13.67
N LEU A 846 -14.02 16.36 -12.56
CA LEU A 846 -12.94 17.27 -12.16
C LEU A 846 -11.57 16.57 -12.17
N GLN A 847 -11.46 15.49 -12.93
CA GLN A 847 -10.22 14.74 -13.03
C GLN A 847 -9.06 15.55 -13.59
N GLY A 848 -9.37 16.59 -14.36
CA GLY A 848 -8.32 17.40 -14.97
C GLY A 848 -7.68 18.40 -14.02
N TRP A 849 -8.26 18.55 -12.83
CA TRP A 849 -7.73 19.47 -11.83
C TRP A 849 -6.54 18.84 -11.10
N ASP A 850 -5.70 19.70 -10.52
CA ASP A 850 -4.58 19.21 -9.72
C ASP A 850 -5.00 19.59 -8.30
N GLY A 851 -5.60 18.65 -7.59
CA GLY A 851 -6.06 18.94 -6.25
C GLY A 851 -7.19 19.94 -6.36
N GLN A 852 -7.08 21.06 -5.66
CA GLN A 852 -8.13 22.07 -5.72
C GLN A 852 -7.90 23.11 -6.80
N SER A 853 -6.86 22.94 -7.61
CA SER A 853 -6.55 23.89 -8.68
C SER A 853 -7.13 23.47 -10.03
N PRO A 854 -8.03 24.29 -10.59
CA PRO A 854 -8.63 23.95 -11.88
C PRO A 854 -7.53 23.94 -12.94
N GLY A 855 -7.73 23.20 -14.03
CA GLY A 855 -6.73 23.18 -15.09
C GLY A 855 -6.51 24.63 -15.52
N THR A 856 -5.26 25.01 -15.76
CA THR A 856 -4.96 26.39 -16.15
C THR A 856 -5.38 26.73 -17.58
N GLU A 857 -6.18 27.77 -17.72
CA GLU A 857 -6.65 28.20 -19.04
C GLU A 857 -5.93 29.46 -19.49
N SER A 858 -5.72 29.58 -20.80
CA SER A 858 -5.03 30.72 -21.37
C SER A 858 -5.65 32.02 -20.85
N HIS A 859 -4.81 32.85 -20.22
CA HIS A 859 -5.27 34.11 -19.66
C HIS A 859 -4.17 35.17 -19.66
N GLN A 860 -4.58 36.40 -19.37
CA GLN A 860 -3.69 37.55 -19.25
C GLN A 860 -4.29 38.29 -18.05
N LYS A 861 -3.49 38.50 -17.01
CA LYS A 861 -3.97 39.17 -15.81
C LYS A 861 -5.13 38.41 -15.17
N GLY A 862 -5.14 37.09 -15.32
CA GLY A 862 -6.20 36.29 -14.74
C GLY A 862 -7.50 36.32 -15.50
N LYS A 863 -7.54 37.03 -16.63
CA LYS A 863 -8.76 37.10 -17.43
C LYS A 863 -8.61 36.22 -18.67
N PRO A 864 -9.66 35.44 -18.99
CA PRO A 864 -9.68 34.53 -20.15
C PRO A 864 -9.36 35.21 -21.48
N VAL A 865 -8.47 34.59 -22.25
CA VAL A 865 -8.08 35.12 -23.54
C VAL A 865 -9.13 34.74 -24.59
N PRO A 866 -9.58 35.70 -25.41
CA PRO A 866 -10.58 35.43 -26.43
C PRO A 866 -10.11 34.32 -27.38
N ARG A 867 -10.84 33.21 -27.39
CA ARG A 867 -10.50 32.08 -28.26
C ARG A 867 -10.98 32.35 -29.68
N ILE A 868 -10.67 33.55 -30.19
CA ILE A 868 -11.07 33.98 -31.53
C ILE A 868 -10.11 33.54 -32.63
N ALA A 869 -10.67 33.18 -33.78
CA ALA A 869 -9.88 32.75 -34.92
C ALA A 869 -8.97 33.84 -35.48
N GLU A 870 -9.52 35.05 -35.59
CA GLU A 870 -8.76 36.19 -36.11
C GLU A 870 -7.66 36.62 -35.14
N LEU A 871 -7.55 35.94 -34.01
CA LEU A 871 -6.53 36.27 -33.02
C LEU A 871 -5.48 35.18 -32.82
N MET A 872 -5.91 33.92 -32.88
CA MET A 872 -4.98 32.81 -32.67
C MET A 872 -3.94 32.67 -33.79
N GLY A 873 -2.67 32.60 -33.38
CA GLY A 873 -1.57 32.45 -34.32
C GLY A 873 -1.15 33.73 -35.00
N LYS A 874 -1.68 34.85 -34.54
CA LYS A 874 -1.39 36.16 -35.13
C LYS A 874 -0.11 36.80 -34.61
N LYS A 875 0.50 36.21 -33.59
CA LYS A 875 1.72 36.77 -33.01
C LYS A 875 1.48 38.23 -32.65
N LEU A 876 0.42 38.46 -31.88
CA LEU A 876 0.07 39.81 -31.45
C LEU A 876 0.20 39.90 -29.94
N PRO A 877 1.36 40.39 -29.46
CA PRO A 877 1.57 40.51 -28.01
C PRO A 877 0.68 41.63 -27.45
N ASN A 878 0.56 41.67 -26.12
CA ASN A 878 -0.27 42.67 -25.48
C ASN A 878 0.41 44.01 -25.19
N PHE A 879 1.00 44.60 -26.22
CA PHE A 879 1.64 45.90 -26.07
C PHE A 879 1.82 46.59 -27.42
N GLY A 880 2.12 47.89 -27.36
CA GLY A 880 2.34 48.67 -28.56
C GLY A 880 1.28 48.56 -29.65
N PRO A 881 1.71 48.65 -30.92
CA PRO A 881 0.76 48.56 -32.04
C PRO A 881 0.03 47.21 -32.10
N TYR A 882 0.62 46.19 -31.51
CA TYR A 882 0.01 44.86 -31.52
C TYR A 882 -1.26 44.87 -30.68
N LEU A 883 -1.18 45.52 -29.52
CA LEU A 883 -2.33 45.63 -28.62
C LEU A 883 -3.46 46.38 -29.33
N GLU A 884 -3.07 47.40 -30.07
CA GLU A 884 -3.99 48.23 -30.84
C GLU A 884 -4.76 47.32 -31.79
N GLN A 885 -4.02 46.43 -32.44
CA GLN A 885 -4.54 45.46 -33.38
C GLN A 885 -5.53 44.50 -32.71
N ARG A 886 -5.13 43.98 -31.55
CA ARG A 886 -5.97 43.04 -30.81
C ARG A 886 -7.30 43.71 -30.45
N LYS A 887 -7.24 44.95 -30.01
CA LYS A 887 -8.46 45.67 -29.62
C LYS A 887 -9.40 45.82 -30.81
N LYS A 888 -8.84 46.09 -31.99
CA LYS A 888 -9.64 46.25 -33.21
C LYS A 888 -10.35 44.95 -33.54
N ILE A 889 -9.60 43.85 -33.47
CA ILE A 889 -10.14 42.53 -33.76
C ILE A 889 -11.24 42.14 -32.77
N ILE A 890 -11.00 42.39 -31.49
CA ILE A 890 -11.99 42.06 -30.48
C ILE A 890 -13.26 42.88 -30.66
N ALA A 891 -13.10 44.16 -30.96
CA ALA A 891 -14.25 45.04 -31.17
C ALA A 891 -15.07 44.55 -32.35
N GLU A 892 -14.41 44.11 -33.40
CA GLU A 892 -15.10 43.60 -34.59
C GLU A 892 -15.87 42.34 -34.24
N GLU A 893 -15.28 41.51 -33.38
CA GLU A 893 -15.93 40.28 -32.95
C GLU A 893 -17.21 40.57 -32.17
N LYS A 894 -17.15 41.57 -31.31
CA LYS A 894 -18.32 41.96 -30.51
C LYS A 894 -19.46 42.41 -31.41
N MET A 895 -19.12 43.17 -32.44
CA MET A 895 -20.11 43.68 -33.39
C MET A 895 -20.72 42.54 -34.18
N ARG A 896 -19.89 41.54 -34.46
CA ARG A 896 -20.35 40.37 -35.20
C ARG A 896 -21.32 39.58 -34.34
N LEU A 897 -20.97 39.40 -33.08
CA LEU A 897 -21.82 38.68 -32.14
C LEU A 897 -23.15 39.38 -32.00
N LYS A 898 -23.12 40.70 -32.13
CA LYS A 898 -24.33 41.52 -32.02
C LYS A 898 -25.27 41.23 -33.18
N GLU A 899 -24.72 41.20 -34.39
CA GLU A 899 -25.55 40.92 -35.56
C GLU A 899 -26.23 39.57 -35.40
N GLN A 900 -25.46 38.57 -34.99
CA GLN A 900 -26.00 37.22 -34.78
C GLN A 900 -26.73 37.16 -33.43
N ASN A 901 -27.83 37.90 -33.34
CA ASN A 901 -28.62 37.92 -32.12
C ASN A 901 -29.04 36.49 -31.74
N ALA A 902 -28.24 35.83 -30.89
CA ALA A 902 -28.54 34.47 -30.48
C ALA A 902 -27.80 34.03 -29.21
N ALA A 903 -27.92 32.75 -28.86
CA ALA A 903 -27.30 32.16 -27.67
C ALA A 903 -28.13 32.40 -26.41
N PHE A 904 -27.94 31.54 -25.41
CA PHE A 904 -28.70 31.62 -24.15
C PHE A 904 -28.68 30.37 -23.28
N PRO A 905 -27.93 29.31 -23.65
CA PRO A 905 -27.90 28.08 -22.84
C PRO A 905 -27.03 27.85 -21.58
N PRO A 906 -27.20 28.67 -20.52
CA PRO A 906 -26.37 28.41 -19.34
C PRO A 906 -26.51 26.99 -18.80
N LEU A 907 -27.24 26.14 -19.52
CA LEU A 907 -27.44 24.75 -19.11
C LEU A 907 -27.48 24.65 -17.60
N GLU A 908 -28.65 24.95 -17.05
CA GLU A 908 -28.91 24.94 -15.62
C GLU A 908 -27.84 24.26 -14.77
N ARG A 909 -27.43 24.96 -13.72
CA ARG A 909 -26.42 24.48 -12.80
C ARG A 909 -26.85 23.15 -12.18
N LYS A 910 -25.96 22.16 -12.18
CA LYS A 910 -26.26 20.84 -11.62
C LYS A 910 -25.06 20.31 -10.84
N PRO A 911 -25.24 20.03 -9.53
CA PRO A 911 -24.16 19.52 -8.68
C PRO A 911 -23.54 18.21 -9.14
N PHE A 912 -22.22 18.11 -9.03
CA PHE A 912 -21.51 16.90 -9.39
C PHE A 912 -21.72 15.92 -8.24
N ILE A 913 -21.83 14.64 -8.58
CA ILE A 913 -22.05 13.60 -7.59
C ILE A 913 -20.90 12.61 -7.58
N PRO A 914 -20.36 12.27 -6.39
CA PRO A 914 -19.26 11.32 -6.32
C PRO A 914 -19.61 10.05 -7.08
N LYS A 915 -18.67 9.53 -7.86
CA LYS A 915 -18.91 8.32 -8.62
C LYS A 915 -18.15 7.10 -8.10
N LYS A 916 -17.42 7.30 -7.01
CA LYS A 916 -16.66 6.23 -6.38
C LYS A 916 -16.58 6.61 -4.91
N PRO A 917 -16.22 5.66 -4.04
CA PRO A 917 -16.12 5.98 -2.63
C PRO A 917 -15.09 7.07 -2.40
N ILE A 918 -15.34 7.94 -1.41
CA ILE A 918 -14.39 8.99 -1.09
C ILE A 918 -13.27 8.31 -0.30
N PRO A 919 -12.03 8.44 -0.78
CA PRO A 919 -10.86 7.84 -0.13
C PRO A 919 -10.69 8.24 1.32
N ALA A 920 -10.30 7.28 2.15
CA ALA A 920 -10.03 7.51 3.56
C ALA A 920 -8.51 7.69 3.58
N ILE A 921 -7.97 8.20 4.68
CA ILE A 921 -6.54 8.39 4.76
C ILE A 921 -5.79 7.09 4.46
N LYS A 922 -6.27 5.98 5.02
CA LYS A 922 -5.62 4.69 4.80
C LYS A 922 -5.57 4.32 3.33
N ASP A 923 -6.48 4.88 2.53
CA ASP A 923 -6.52 4.59 1.09
C ASP A 923 -5.47 5.33 0.27
N VAL A 924 -4.90 6.41 0.82
CA VAL A 924 -3.91 7.18 0.07
C VAL A 924 -2.47 6.99 0.54
N ILE A 925 -2.28 6.47 1.75
CA ILE A 925 -0.94 6.28 2.28
C ILE A 925 -0.05 5.42 1.40
N GLY A 926 1.13 5.95 1.04
CA GLY A 926 2.09 5.23 0.23
C GLY A 926 1.80 5.12 -1.26
N LYS A 927 0.71 5.72 -1.72
CA LYS A 927 0.33 5.64 -3.13
C LYS A 927 1.34 6.22 -4.14
N ALA A 928 2.21 7.12 -3.69
CA ALA A 928 3.19 7.72 -4.59
C ALA A 928 4.46 6.89 -4.75
N LEU A 929 4.68 5.94 -3.84
CA LEU A 929 5.87 5.12 -3.89
C LEU A 929 6.02 4.32 -5.20
N GLN A 930 4.90 4.00 -5.84
CA GLN A 930 4.94 3.25 -7.08
C GLN A 930 5.71 3.97 -8.18
N TYR A 931 5.78 5.29 -8.10
CA TYR A 931 6.48 6.06 -9.12
C TYR A 931 7.97 6.25 -8.84
N LEU A 932 8.41 5.96 -7.62
CA LEU A 932 9.80 6.10 -7.23
C LEU A 932 10.65 4.88 -7.54
N GLY A 933 11.88 5.12 -8.00
CA GLY A 933 12.78 4.02 -8.33
C GLY A 933 14.17 4.53 -8.61
N THR A 934 14.99 3.69 -9.25
CA THR A 934 16.35 4.05 -9.59
C THR A 934 16.36 4.89 -10.86
N PHE A 935 17.49 5.51 -11.17
CA PHE A 935 17.58 6.31 -12.38
C PHE A 935 17.43 5.40 -13.59
N GLY A 936 18.00 4.21 -13.48
CA GLY A 936 17.95 3.25 -14.58
C GLY A 936 16.53 2.86 -14.98
N GLU A 937 15.59 2.98 -14.03
CA GLU A 937 14.20 2.64 -14.31
C GLU A 937 13.49 3.75 -15.08
N LEU A 938 14.17 4.87 -15.27
CA LEU A 938 13.60 5.99 -16.01
C LEU A 938 13.88 5.81 -17.50
N SER A 939 12.88 6.05 -18.33
CA SER A 939 13.03 5.91 -19.77
C SER A 939 13.79 7.07 -20.39
N ASN A 940 14.85 6.76 -21.14
CA ASN A 940 15.61 7.81 -21.82
C ASN A 940 15.18 7.87 -23.28
N ILE A 941 14.12 7.12 -23.60
CA ILE A 941 13.58 7.10 -24.96
C ILE A 941 12.38 8.03 -25.03
N GLU A 942 11.61 8.07 -23.95
CA GLU A 942 10.43 8.93 -23.88
C GLU A 942 10.85 10.32 -23.42
N GLN A 943 11.34 11.12 -24.37
CA GLN A 943 11.81 12.47 -24.10
C GLN A 943 10.72 13.51 -24.37
N VAL A 944 10.89 14.70 -23.80
CA VAL A 944 9.94 15.78 -24.01
C VAL A 944 10.65 17.06 -24.47
N VAL A 945 9.85 18.02 -24.92
CA VAL A 945 10.36 19.32 -25.34
C VAL A 945 9.41 20.35 -24.76
N ALA A 946 9.88 21.59 -24.65
CA ALA A 946 9.06 22.66 -24.11
C ALA A 946 8.21 23.25 -25.22
N VAL A 947 7.00 23.66 -24.85
CA VAL A 947 6.09 24.30 -25.80
C VAL A 947 5.45 25.48 -25.08
N ILE A 948 5.52 26.65 -25.71
CA ILE A 948 5.01 27.88 -25.10
C ILE A 948 3.66 28.35 -25.65
N ASP A 949 2.77 28.73 -24.74
CA ASP A 949 1.46 29.24 -25.13
C ASP A 949 1.61 30.75 -25.29
N GLU A 950 1.72 31.19 -26.53
CA GLU A 950 1.88 32.61 -26.86
C GLU A 950 0.88 33.54 -26.19
N GLU A 951 -0.35 33.06 -26.03
CA GLU A 951 -1.41 33.87 -25.43
C GLU A 951 -1.23 34.17 -23.94
N MET A 952 -0.45 33.36 -23.26
CA MET A 952 -0.22 33.53 -21.82
C MET A 952 1.09 34.23 -21.49
N CYS A 953 1.96 34.33 -22.49
CA CYS A 953 3.28 34.94 -22.33
C CYS A 953 3.27 36.43 -22.00
N ILE A 954 4.11 36.85 -21.05
CA ILE A 954 4.20 38.28 -20.74
C ILE A 954 5.52 38.89 -21.22
N ASN A 955 6.13 38.19 -22.17
CA ASN A 955 7.33 38.64 -22.87
C ASN A 955 8.60 39.05 -22.12
N CYS A 956 8.86 38.42 -20.97
CA CYS A 956 10.03 38.78 -20.18
C CYS A 956 11.35 38.20 -20.69
N GLY A 957 11.28 37.12 -21.46
CA GLY A 957 12.49 36.51 -21.98
C GLY A 957 13.31 35.70 -20.99
N LYS A 958 12.74 35.37 -19.83
CA LYS A 958 13.47 34.57 -18.84
C LYS A 958 13.74 33.16 -19.37
N CYS A 959 12.79 32.60 -20.12
CA CYS A 959 12.98 31.27 -20.69
C CYS A 959 14.20 31.33 -21.61
N TYR A 960 14.25 32.39 -22.40
CA TYR A 960 15.32 32.64 -23.36
C TYR A 960 16.68 32.76 -22.65
N MET A 961 16.74 33.57 -21.60
CA MET A 961 18.00 33.76 -20.86
C MET A 961 18.46 32.49 -20.15
N THR A 962 17.52 31.73 -19.61
CA THR A 962 17.87 30.50 -18.92
C THR A 962 18.39 29.47 -19.92
N CYS A 963 17.76 29.34 -21.07
CA CYS A 963 18.24 28.38 -22.05
C CYS A 963 19.58 28.84 -22.61
N ASN A 964 19.78 30.15 -22.73
CA ASN A 964 21.03 30.67 -23.27
C ASN A 964 22.24 30.48 -22.38
N ASP A 965 22.11 30.84 -21.11
CA ASP A 965 23.24 30.74 -20.19
C ASP A 965 23.22 29.53 -19.25
N SER A 966 22.19 28.70 -19.37
CA SER A 966 22.07 27.51 -18.53
C SER A 966 21.48 26.34 -19.32
N GLY A 967 21.39 26.50 -20.64
CA GLY A 967 20.78 25.43 -21.43
C GLY A 967 21.41 25.10 -22.76
N TYR A 968 20.57 25.06 -23.78
CA TYR A 968 21.00 24.68 -25.12
C TYR A 968 20.76 25.70 -26.23
N GLN A 969 20.59 26.97 -25.83
CA GLN A 969 20.35 28.04 -26.79
C GLN A 969 19.34 27.60 -27.84
N ALA A 970 18.20 27.08 -27.38
CA ALA A 970 17.17 26.56 -28.27
C ALA A 970 15.93 27.43 -28.46
N ILE A 971 15.90 28.59 -27.82
CA ILE A 971 14.75 29.48 -27.92
C ILE A 971 15.05 30.73 -28.73
N GLN A 972 14.16 31.07 -29.66
CA GLN A 972 14.31 32.29 -30.44
C GLN A 972 13.42 33.31 -29.73
N PHE A 973 13.96 34.51 -29.51
CA PHE A 973 13.20 35.57 -28.84
C PHE A 973 13.05 36.68 -29.88
N ASP A 974 11.83 36.89 -30.35
CA ASP A 974 11.60 37.90 -31.38
C ASP A 974 11.94 39.32 -30.95
N PRO A 975 12.77 40.02 -31.74
CA PRO A 975 13.16 41.39 -31.42
C PRO A 975 12.06 42.44 -31.48
N GLU A 976 10.96 42.14 -32.16
CA GLU A 976 9.86 43.10 -32.25
C GLU A 976 8.69 42.78 -31.34
N THR A 977 8.31 41.51 -31.26
CA THR A 977 7.17 41.11 -30.44
C THR A 977 7.56 40.59 -29.06
N HIS A 978 8.84 40.30 -28.86
CA HIS A 978 9.31 39.75 -27.60
C HIS A 978 8.55 38.47 -27.28
N LEU A 979 8.27 37.68 -28.31
CA LEU A 979 7.59 36.40 -28.16
C LEU A 979 8.65 35.31 -28.38
N PRO A 980 8.71 34.32 -27.48
CA PRO A 980 9.65 33.22 -27.55
C PRO A 980 9.11 32.03 -28.33
N THR A 981 10.00 31.31 -29.02
CA THR A 981 9.60 30.13 -29.77
C THR A 981 10.65 29.06 -29.51
N VAL A 982 10.22 27.91 -29.00
CA VAL A 982 11.15 26.82 -28.72
C VAL A 982 11.45 26.12 -30.04
N THR A 983 12.72 25.95 -30.37
CA THR A 983 13.09 25.31 -31.62
C THR A 983 13.38 23.82 -31.43
N ASP A 984 13.72 23.16 -32.52
CA ASP A 984 13.99 21.72 -32.52
C ASP A 984 15.23 21.27 -31.73
N THR A 985 16.09 22.22 -31.35
CA THR A 985 17.29 21.88 -30.60
C THR A 985 17.02 21.68 -29.10
N CYS A 986 15.76 21.86 -28.69
CA CYS A 986 15.37 21.69 -27.29
C CYS A 986 15.66 20.25 -26.84
N THR A 987 16.14 20.09 -25.61
CA THR A 987 16.46 18.76 -25.06
C THR A 987 15.50 18.39 -23.93
N GLY A 988 14.56 19.28 -23.64
CA GLY A 988 13.59 19.02 -22.59
C GLY A 988 14.14 19.06 -21.17
N CYS A 989 15.24 19.78 -20.95
CA CYS A 989 15.83 19.87 -19.62
C CYS A 989 14.81 20.42 -18.63
N THR A 990 13.89 21.24 -19.14
CA THR A 990 12.80 21.84 -18.35
C THR A 990 13.13 23.08 -17.52
N LEU A 991 14.32 23.65 -17.71
CA LEU A 991 14.69 24.85 -16.97
C LEU A 991 13.82 26.05 -17.30
N CYS A 992 13.48 26.22 -18.58
CA CYS A 992 12.65 27.37 -18.97
C CYS A 992 11.32 27.36 -18.25
N LEU A 993 10.65 26.21 -18.27
CA LEU A 993 9.37 26.08 -17.60
C LEU A 993 9.51 26.42 -16.12
N SER A 994 10.64 26.01 -15.55
CA SER A 994 10.91 26.23 -14.13
C SER A 994 11.14 27.70 -13.72
N VAL A 995 11.52 28.55 -14.67
CA VAL A 995 11.74 29.96 -14.34
C VAL A 995 10.67 30.91 -14.87
N CYS A 996 9.73 30.37 -15.64
CA CYS A 996 8.67 31.20 -16.22
C CYS A 996 7.72 31.73 -15.14
N PRO A 997 7.46 33.04 -15.14
CA PRO A 997 6.58 33.63 -14.13
C PRO A 997 5.10 33.27 -14.25
N ILE A 998 4.69 32.81 -15.42
CA ILE A 998 3.28 32.47 -15.65
C ILE A 998 3.04 30.96 -15.54
N ILE A 999 2.22 30.56 -14.57
CA ILE A 999 1.91 29.15 -14.36
C ILE A 999 1.30 28.53 -15.60
N ASP A 1000 1.91 27.44 -16.04
CA ASP A 1000 1.44 26.69 -17.20
C ASP A 1000 1.53 27.38 -18.56
N CYS A 1001 2.32 28.45 -18.65
CA CYS A 1001 2.50 29.11 -19.93
C CYS A 1001 3.34 28.15 -20.78
N ILE A 1002 4.34 27.56 -20.12
CA ILE A 1002 5.21 26.59 -20.78
C ILE A 1002 4.82 25.21 -20.26
N ARG A 1003 4.73 24.23 -21.15
CA ARG A 1003 4.38 22.87 -20.78
C ARG A 1003 5.34 21.93 -21.50
N MET A 1004 5.60 20.78 -20.90
CA MET A 1004 6.49 19.81 -21.53
C MET A 1004 5.60 18.80 -22.25
N VAL A 1005 5.90 18.55 -23.53
CA VAL A 1005 5.11 17.61 -24.32
C VAL A 1005 6.01 16.55 -24.96
N SER A 1006 5.43 15.39 -25.23
CA SER A 1006 6.19 14.30 -25.84
C SER A 1006 6.87 14.76 -27.12
N ARG A 1007 8.15 14.42 -27.26
CA ARG A 1007 8.89 14.81 -28.45
C ARG A 1007 8.36 13.98 -29.62
N THR A 1008 8.20 14.61 -30.78
CA THR A 1008 7.71 13.89 -31.96
C THR A 1008 8.78 13.75 -33.03
N THR A 1009 9.89 14.47 -32.87
CA THR A 1009 10.99 14.41 -33.84
C THR A 1009 12.16 13.63 -33.24
N PRO A 1010 13.03 13.07 -34.10
CA PRO A 1010 14.20 12.28 -33.67
C PRO A 1010 15.03 12.95 -32.56
N TYR A 1011 15.39 12.14 -31.56
CA TYR A 1011 16.20 12.62 -30.44
C TYR A 1011 17.63 12.08 -30.56
N GLU A 1012 18.60 12.98 -30.48
CA GLU A 1012 20.00 12.61 -30.58
C GLU A 1012 20.79 13.41 -29.56
N PRO A 1013 21.32 12.74 -28.52
CA PRO A 1013 22.08 13.51 -27.54
C PRO A 1013 23.23 14.26 -28.20
N LYS A 1014 23.48 15.48 -27.75
CA LYS A 1014 24.56 16.28 -28.30
C LYS A 1014 25.86 15.80 -27.67
N ARG A 1015 26.75 15.28 -28.50
CA ARG A 1015 28.00 14.75 -28.00
C ARG A 1015 29.24 15.68 -28.00
N GLY A 1016 29.10 16.91 -28.49
CA GLY A 1016 30.20 17.86 -28.52
C GLY A 1016 31.02 17.60 -29.76
N LEU A 1017 30.80 16.41 -30.32
CA LEU A 1017 31.38 15.94 -31.58
C LEU A 1017 32.66 15.07 -31.60
N ALA B 2 -2.14 20.91 43.94
CA ALA B 2 -1.50 22.02 43.19
C ALA B 2 -2.26 22.37 41.90
N PRO B 3 -2.20 23.65 41.49
CA PRO B 3 -2.84 24.23 40.29
C PRO B 3 -2.93 23.32 39.07
N VAL B 4 -3.86 23.63 38.17
CA VAL B 4 -3.99 22.86 36.92
C VAL B 4 -2.87 23.43 36.06
N LEU B 5 -1.77 22.71 35.95
CA LEU B 5 -0.60 23.17 35.19
C LEU B 5 -0.82 23.47 33.71
N SER B 6 -1.67 22.67 33.07
CA SER B 6 -1.95 22.83 31.64
C SER B 6 -3.03 23.85 31.32
N LYS B 7 -3.31 24.76 32.25
CA LYS B 7 -4.33 25.77 32.04
C LYS B 7 -3.76 27.16 32.27
N ASP B 8 -4.16 28.12 31.43
CA ASP B 8 -3.69 29.49 31.58
C ASP B 8 -4.40 30.15 32.77
N VAL B 9 -3.63 30.85 33.60
CA VAL B 9 -4.23 31.55 34.73
C VAL B 9 -4.91 32.80 34.19
N ALA B 10 -5.75 33.43 35.02
CA ALA B 10 -6.48 34.63 34.62
C ALA B 10 -5.64 35.65 33.84
N ASP B 11 -4.48 36.00 34.38
CA ASP B 11 -3.58 36.97 33.75
C ASP B 11 -3.24 36.65 32.31
N ILE B 12 -2.92 35.39 32.07
CA ILE B 12 -2.53 34.93 30.75
C ILE B 12 -3.74 34.87 29.83
N GLU B 13 -4.88 34.47 30.39
CA GLU B 13 -6.08 34.39 29.59
C GLU B 13 -6.38 35.80 29.09
N SER B 14 -6.15 36.78 29.96
CA SER B 14 -6.38 38.17 29.62
C SER B 14 -5.43 38.62 28.50
N ILE B 15 -4.16 38.27 28.64
CA ILE B 15 -3.18 38.66 27.64
C ILE B 15 -3.50 38.04 26.28
N LEU B 16 -4.12 36.85 26.30
CA LEU B 16 -4.48 36.13 25.08
C LEU B 16 -5.83 36.53 24.49
N ALA B 17 -6.46 37.55 25.08
CA ALA B 17 -7.78 38.01 24.62
C ALA B 17 -7.95 38.19 23.11
N LEU B 18 -6.96 38.79 22.45
CA LEU B 18 -7.05 39.03 21.02
C LEU B 18 -6.36 37.98 20.14
N ASN B 19 -5.95 36.89 20.76
CA ASN B 19 -5.29 35.81 20.03
C ASN B 19 -6.33 35.11 19.13
N PRO B 20 -5.96 34.81 17.87
CA PRO B 20 -6.88 34.16 16.95
C PRO B 20 -7.45 32.83 17.44
N ARG B 21 -8.75 32.68 17.25
CA ARG B 21 -9.46 31.46 17.62
C ARG B 21 -10.57 31.31 16.57
N THR B 22 -10.66 30.12 15.97
CA THR B 22 -11.70 29.89 14.95
C THR B 22 -13.06 29.92 15.59
N GLN B 23 -14.00 30.63 14.96
CA GLN B 23 -15.36 30.72 15.48
C GLN B 23 -16.22 29.56 14.99
N SER B 24 -17.13 29.09 15.84
CA SER B 24 -18.00 27.99 15.49
C SER B 24 -19.34 28.44 14.92
N HIS B 25 -19.56 29.75 14.89
CA HIS B 25 -20.80 30.32 14.36
C HIS B 25 -20.49 31.58 13.58
N ALA B 26 -21.48 32.04 12.82
CA ALA B 26 -21.33 33.27 12.04
C ALA B 26 -21.44 34.39 13.06
N ALA B 27 -20.83 35.54 12.76
CA ALA B 27 -20.84 36.67 13.67
C ALA B 27 -22.06 37.57 13.48
N LEU B 28 -22.49 38.24 14.55
CA LEU B 28 -23.63 39.14 14.46
C LEU B 28 -23.20 40.55 14.88
N HIS B 29 -23.26 41.47 13.92
CA HIS B 29 -22.90 42.87 14.16
C HIS B 29 -23.82 43.67 13.25
N SER B 30 -24.62 44.56 13.84
CA SER B 30 -25.55 45.34 13.02
C SER B 30 -24.82 46.26 12.06
N THR B 31 -25.51 46.63 10.98
CA THR B 31 -24.95 47.53 9.98
C THR B 31 -24.60 48.88 10.62
N LEU B 32 -25.45 49.34 11.53
CA LEU B 32 -25.20 50.60 12.20
C LEU B 32 -23.92 50.51 13.05
N ALA B 33 -23.78 49.41 13.79
CA ALA B 33 -22.60 49.22 14.63
C ALA B 33 -21.33 49.21 13.77
N LYS B 34 -21.43 48.56 12.62
CA LYS B 34 -20.31 48.46 11.69
C LYS B 34 -19.91 49.83 11.12
N LYS B 35 -20.89 50.65 10.77
CA LYS B 35 -20.61 51.97 10.23
C LYS B 35 -19.80 52.78 11.24
N LEU B 36 -20.15 52.62 12.51
CA LEU B 36 -19.48 53.33 13.59
C LEU B 36 -18.04 52.84 13.79
N ASP B 37 -17.89 51.52 13.92
CA ASP B 37 -16.58 50.92 14.14
C ASP B 37 -15.56 51.15 13.03
N LYS B 38 -16.05 51.26 11.80
CA LYS B 38 -15.19 51.44 10.64
C LYS B 38 -14.19 52.60 10.77
N LYS B 39 -14.66 53.72 11.30
CA LYS B 39 -13.84 54.92 11.47
C LYS B 39 -12.60 54.71 12.33
N HIS B 40 -12.71 53.83 13.32
CA HIS B 40 -11.61 53.60 14.22
C HIS B 40 -10.37 52.99 13.58
N TRP B 41 -10.57 52.17 12.55
CA TRP B 41 -9.45 51.50 11.90
C TRP B 41 -9.00 52.06 10.56
N LYS B 42 -9.69 53.09 10.09
CA LYS B 42 -9.41 53.72 8.80
C LYS B 42 -7.94 54.10 8.54
N ARG B 43 -7.38 53.52 7.47
CA ARG B 43 -5.99 53.77 7.07
C ARG B 43 -5.87 54.74 5.92
N ASN B 44 -6.65 54.51 4.88
CA ASN B 44 -6.61 55.32 3.66
C ASN B 44 -7.50 56.57 3.71
N PRO B 45 -7.46 57.39 2.66
CA PRO B 45 -8.29 58.60 2.66
C PRO B 45 -9.78 58.26 2.72
N ASP B 46 -10.54 59.09 3.42
CA ASP B 46 -11.98 58.91 3.56
C ASP B 46 -12.67 59.61 2.40
N LYS B 47 -13.38 58.84 1.57
CA LYS B 47 -14.09 59.38 0.40
C LYS B 47 -15.10 60.45 0.77
N ASN B 48 -15.67 60.36 1.97
CA ASN B 48 -16.68 61.32 2.40
C ASN B 48 -16.11 62.57 3.05
N CYS B 49 -14.81 62.57 3.32
CA CYS B 49 -14.17 63.74 3.94
C CYS B 49 -13.70 64.65 2.81
N PHE B 50 -14.29 65.84 2.72
CA PHE B 50 -13.93 66.78 1.66
C PHE B 50 -12.99 67.88 2.13
N HIS B 51 -12.54 67.80 3.38
CA HIS B 51 -11.64 68.81 3.92
C HIS B 51 -10.20 68.34 3.91
N CYS B 52 -9.32 69.17 3.37
CA CYS B 52 -7.91 68.84 3.28
C CYS B 52 -7.15 68.94 4.60
N GLU B 53 -6.09 68.15 4.70
CA GLU B 53 -5.21 68.12 5.86
C GLU B 53 -4.27 69.33 5.76
N LYS B 54 -4.24 70.14 6.82
CA LYS B 54 -3.41 71.35 6.85
C LYS B 54 -2.00 71.09 6.33
N LEU B 55 -1.53 71.94 5.42
CA LEU B 55 -0.20 71.77 4.84
C LEU B 55 0.66 73.03 4.83
N GLU B 56 0.25 74.05 5.58
CA GLU B 56 1.03 75.28 5.61
C GLU B 56 2.44 75.01 6.12
N ASN B 57 3.42 75.48 5.37
CA ASN B 57 4.84 75.31 5.67
C ASN B 57 5.26 73.86 5.85
N ASN B 58 4.51 72.95 5.24
CA ASN B 58 4.82 71.52 5.34
C ASN B 58 5.47 71.06 4.04
N PHE B 59 6.78 70.87 4.04
CA PHE B 59 7.46 70.43 2.84
C PHE B 59 7.96 68.99 2.91
N ASP B 60 7.28 68.17 3.73
CA ASP B 60 7.65 66.76 3.86
C ASP B 60 7.40 66.06 2.52
N ASP B 61 8.19 65.04 2.24
CA ASP B 61 8.09 64.27 1.00
C ASP B 61 6.68 63.70 0.80
N ILE B 62 6.05 64.04 -0.33
CA ILE B 62 4.71 63.53 -0.63
C ILE B 62 4.68 62.49 -1.76
N LYS B 63 5.86 62.14 -2.28
CA LYS B 63 5.92 61.16 -3.36
C LYS B 63 5.41 59.79 -2.93
N HIS B 64 4.56 59.18 -3.75
CA HIS B 64 4.03 57.85 -3.44
C HIS B 64 5.04 56.77 -3.82
N THR B 65 6.05 57.15 -4.59
CA THR B 65 7.05 56.19 -5.05
C THR B 65 8.28 55.99 -4.16
N THR B 66 8.43 56.83 -3.14
CA THR B 66 9.58 56.70 -2.24
C THR B 66 9.61 55.32 -1.58
N LEU B 67 10.80 54.72 -1.52
CA LEU B 67 10.96 53.41 -0.90
C LEU B 67 12.05 53.39 0.16
N GLY B 68 11.83 52.55 1.16
CA GLY B 68 12.82 52.36 2.22
C GLY B 68 13.49 51.05 1.82
N GLU B 69 14.49 50.58 2.58
CA GLU B 69 15.16 49.35 2.20
C GLU B 69 14.24 48.12 2.15
N ARG B 70 13.40 47.96 3.17
CA ARG B 70 12.47 46.83 3.21
C ARG B 70 11.63 46.80 1.94
N GLY B 71 11.02 47.94 1.62
CA GLY B 71 10.18 48.04 0.44
C GLY B 71 10.93 47.91 -0.87
N ALA B 72 12.15 48.44 -0.91
CA ALA B 72 12.97 48.38 -2.11
C ALA B 72 13.39 46.94 -2.43
N LEU B 73 13.77 46.19 -1.40
CA LEU B 73 14.19 44.81 -1.59
C LEU B 73 13.03 43.96 -2.12
N ARG B 74 11.84 44.20 -1.59
CA ARG B 74 10.67 43.42 -2.04
C ARG B 74 10.38 43.71 -3.50
N GLU B 75 10.39 44.99 -3.87
CA GLU B 75 10.07 45.37 -5.23
C GLU B 75 11.16 44.94 -6.21
N ALA B 76 12.43 45.01 -5.78
CA ALA B 76 13.54 44.61 -6.64
C ALA B 76 13.49 43.10 -6.90
N MET B 77 13.09 42.33 -5.90
CA MET B 77 12.99 40.88 -6.07
C MET B 77 11.82 40.52 -6.98
N ARG B 78 10.81 41.39 -7.04
CA ARG B 78 9.62 41.16 -7.85
C ARG B 78 9.90 41.35 -9.34
N CYS B 79 10.79 42.27 -9.66
CA CYS B 79 11.17 42.55 -11.05
C CYS B 79 11.66 41.26 -11.77
N LEU B 80 11.16 41.05 -12.99
CA LEU B 80 11.53 39.87 -13.77
C LEU B 80 12.94 39.94 -14.35
N LYS B 81 13.54 41.13 -14.30
CA LYS B 81 14.89 41.35 -14.80
C LYS B 81 14.96 40.79 -16.22
N CYS B 82 14.08 41.33 -17.05
CA CYS B 82 13.87 40.94 -18.45
C CYS B 82 14.99 41.15 -19.45
N ALA B 83 14.99 40.30 -20.47
CA ALA B 83 15.97 40.40 -21.55
C ALA B 83 15.49 41.51 -22.49
N ASP B 84 16.43 42.22 -23.10
CA ASP B 84 16.11 43.29 -24.05
C ASP B 84 14.93 44.07 -23.47
N ALA B 85 15.00 44.35 -22.17
CA ALA B 85 13.94 45.01 -21.42
C ALA B 85 13.28 46.23 -22.06
N PRO B 86 11.94 46.22 -22.15
CA PRO B 86 11.17 47.32 -22.72
C PRO B 86 11.20 48.59 -21.86
N CYS B 87 11.43 48.43 -20.56
CA CYS B 87 11.49 49.59 -19.67
C CYS B 87 12.73 50.41 -20.05
N GLN B 88 13.84 49.73 -20.34
CA GLN B 88 15.07 50.41 -20.73
C GLN B 88 14.89 51.09 -22.09
N LYS B 89 14.20 50.40 -23.00
CA LYS B 89 13.96 50.96 -24.32
C LYS B 89 13.11 52.22 -24.17
N SER B 90 12.26 52.24 -23.15
CA SER B 90 11.38 53.38 -22.87
C SER B 90 11.97 54.47 -21.99
N CYS B 91 13.23 54.31 -21.60
CA CYS B 91 13.93 55.31 -20.78
C CYS B 91 14.78 56.19 -21.71
N PRO B 92 14.58 57.51 -21.67
CA PRO B 92 15.35 58.41 -22.54
C PRO B 92 16.87 58.33 -22.43
N THR B 93 17.39 57.92 -21.26
CA THR B 93 18.84 57.79 -21.10
C THR B 93 19.30 56.34 -21.22
N HIS B 94 18.37 55.47 -21.62
CA HIS B 94 18.67 54.05 -21.83
C HIS B 94 19.32 53.36 -20.61
N LEU B 95 18.81 53.65 -19.41
CA LEU B 95 19.33 53.04 -18.21
C LEU B 95 19.18 51.51 -18.24
N ASP B 96 20.22 50.79 -17.84
CA ASP B 96 20.13 49.32 -17.81
C ASP B 96 19.39 48.98 -16.51
N ILE B 97 18.06 49.10 -16.58
CA ILE B 97 17.18 48.85 -15.45
C ILE B 97 17.29 47.42 -14.93
N LYS B 98 17.36 46.47 -15.85
CA LYS B 98 17.49 45.07 -15.48
C LYS B 98 18.68 44.90 -14.53
N SER B 99 19.83 45.43 -14.95
CA SER B 99 21.04 45.32 -14.14
C SER B 99 20.98 46.06 -12.80
N PHE B 100 20.52 47.32 -12.81
CA PHE B 100 20.48 48.04 -11.54
C PHE B 100 19.47 47.46 -10.55
N ILE B 101 18.34 46.97 -11.04
CA ILE B 101 17.37 46.38 -10.13
C ILE B 101 17.91 45.03 -9.61
N THR B 102 18.62 44.30 -10.47
CA THR B 102 19.20 43.02 -10.03
C THR B 102 20.15 43.30 -8.87
N SER B 103 20.98 44.33 -9.03
CA SER B 103 21.93 44.70 -7.99
C SER B 103 21.20 45.05 -6.69
N ILE B 104 20.11 45.80 -6.79
CA ILE B 104 19.37 46.13 -5.58
C ILE B 104 18.84 44.85 -4.92
N SER B 105 18.32 43.92 -5.72
CA SER B 105 17.80 42.67 -5.16
C SER B 105 18.88 41.88 -4.45
N ASN B 106 20.12 42.08 -4.88
CA ASN B 106 21.26 41.38 -4.26
C ASN B 106 21.92 42.20 -3.16
N LYS B 107 21.27 43.30 -2.78
CA LYS B 107 21.75 44.21 -1.74
C LYS B 107 23.01 44.99 -2.11
N ASN B 108 23.33 45.00 -3.39
CA ASN B 108 24.51 45.72 -3.90
C ASN B 108 24.06 47.10 -4.37
N TYR B 109 23.81 47.99 -3.42
CA TYR B 109 23.34 49.33 -3.73
C TYR B 109 24.38 50.14 -4.49
N TYR B 110 25.66 49.92 -4.20
CA TYR B 110 26.72 50.64 -4.91
C TYR B 110 26.67 50.29 -6.40
N GLY B 111 26.64 48.99 -6.70
CA GLY B 111 26.59 48.56 -8.09
C GLY B 111 25.39 49.12 -8.82
N ALA B 112 24.25 49.19 -8.13
CA ALA B 112 23.04 49.73 -8.72
C ALA B 112 23.24 51.21 -9.03
N ALA B 113 23.74 51.96 -8.06
CA ALA B 113 23.97 53.39 -8.25
C ALA B 113 24.98 53.64 -9.37
N LYS B 114 26.04 52.86 -9.41
CA LYS B 114 27.06 53.01 -10.45
C LYS B 114 26.45 52.84 -11.83
N MET B 115 25.56 51.85 -11.96
CA MET B 115 24.88 51.57 -13.24
C MET B 115 23.99 52.74 -13.62
N ILE B 116 23.26 53.26 -12.64
CA ILE B 116 22.36 54.39 -12.83
C ILE B 116 23.13 55.62 -13.27
N PHE B 117 24.13 56.01 -12.49
CA PHE B 117 24.89 57.21 -12.84
C PHE B 117 25.73 57.09 -14.10
N SER B 118 26.07 55.86 -14.50
CA SER B 118 26.86 55.68 -15.73
C SER B 118 26.08 56.23 -16.93
N ASP B 119 24.77 56.02 -16.95
CA ASP B 119 23.96 56.51 -18.05
C ASP B 119 23.17 57.78 -17.75
N ASN B 120 23.07 58.15 -16.47
CA ASN B 120 22.33 59.35 -16.09
C ASN B 120 22.99 60.04 -14.90
N PRO B 121 23.79 61.08 -15.16
CA PRO B 121 24.47 61.81 -14.08
C PRO B 121 23.54 62.48 -13.07
N LEU B 122 22.25 62.55 -13.39
CA LEU B 122 21.25 63.11 -12.48
C LEU B 122 20.32 61.97 -12.07
N GLY B 123 20.91 60.80 -11.84
CA GLY B 123 20.13 59.64 -11.47
C GLY B 123 19.20 59.77 -10.27
N LEU B 124 19.63 60.48 -9.23
CA LEU B 124 18.78 60.62 -8.06
C LEU B 124 17.60 61.55 -8.34
N THR B 125 17.88 62.68 -8.98
CA THR B 125 16.82 63.62 -9.33
C THR B 125 15.76 62.93 -10.18
N CYS B 126 16.21 62.22 -11.21
CA CYS B 126 15.27 61.54 -12.10
C CYS B 126 14.48 60.44 -11.39
N GLY B 127 15.12 59.67 -10.53
CA GLY B 127 14.40 58.64 -9.82
C GLY B 127 13.22 59.28 -9.09
N MET B 128 13.44 60.48 -8.58
CA MET B 128 12.40 61.20 -7.85
C MET B 128 11.35 61.92 -8.67
N VAL B 129 11.73 62.49 -9.81
CA VAL B 129 10.79 63.27 -10.62
C VAL B 129 10.35 62.74 -11.99
N CYS B 130 11.00 61.70 -12.50
CA CYS B 130 10.61 61.19 -13.80
C CYS B 130 9.13 60.78 -13.86
N PRO B 131 8.44 61.16 -14.95
CA PRO B 131 7.01 60.80 -15.10
C PRO B 131 7.04 59.39 -15.70
N THR B 132 7.48 58.44 -14.87
CA THR B 132 7.63 57.05 -15.29
C THR B 132 6.46 56.39 -16.03
N SER B 133 5.23 56.74 -15.69
CA SER B 133 4.09 56.13 -16.37
C SER B 133 4.10 56.44 -17.88
N ASP B 134 4.80 57.51 -18.27
CA ASP B 134 4.90 57.88 -19.67
C ASP B 134 6.27 57.55 -20.22
N LEU B 135 7.09 56.90 -19.40
CA LEU B 135 8.44 56.53 -19.81
C LEU B 135 8.74 55.05 -19.52
N CYS B 136 9.78 54.78 -18.74
CA CYS B 136 10.18 53.41 -18.43
C CYS B 136 9.07 52.47 -17.94
N VAL B 137 8.35 52.90 -16.90
CA VAL B 137 7.28 52.08 -16.33
C VAL B 137 6.16 51.81 -17.34
N GLY B 138 5.95 52.74 -18.26
CA GLY B 138 4.91 52.56 -19.26
C GLY B 138 5.15 51.36 -20.17
N GLY B 139 6.38 50.86 -20.21
CA GLY B 139 6.70 49.71 -21.04
C GLY B 139 7.01 48.44 -20.26
N CYS B 140 6.85 48.50 -18.94
CA CYS B 140 7.12 47.36 -18.08
C CYS B 140 6.25 46.13 -18.34
N ASN B 141 6.90 44.99 -18.54
CA ASN B 141 6.21 43.72 -18.80
C ASN B 141 5.26 43.30 -17.68
N LEU B 142 5.58 43.65 -16.44
CA LEU B 142 4.74 43.27 -15.33
C LEU B 142 3.39 44.00 -15.31
N TYR B 143 3.22 44.94 -16.24
CA TYR B 143 1.92 45.62 -16.32
C TYR B 143 0.92 44.53 -16.70
N ALA B 144 1.43 43.45 -17.30
CA ALA B 144 0.59 42.32 -17.73
C ALA B 144 0.22 41.38 -16.61
N THR B 145 0.47 41.79 -15.37
CA THR B 145 0.10 40.98 -14.21
C THR B 145 -0.83 41.82 -13.34
N GLU B 146 -1.65 41.15 -12.53
CA GLU B 146 -2.58 41.86 -11.67
C GLU B 146 -1.88 42.80 -10.69
N GLU B 147 -0.74 42.38 -10.15
CA GLU B 147 -0.01 43.20 -9.20
C GLU B 147 0.60 44.46 -9.85
N GLY B 148 0.76 44.43 -11.17
CA GLY B 148 1.26 45.60 -11.88
C GLY B 148 2.74 45.83 -12.08
N SER B 149 3.03 46.91 -12.82
CA SER B 149 4.39 47.32 -13.16
C SER B 149 5.26 47.64 -11.95
N ILE B 150 6.57 47.56 -12.17
CA ILE B 150 7.57 47.82 -11.14
C ILE B 150 7.73 49.32 -10.88
N ASN B 151 7.98 49.67 -9.62
CA ASN B 151 8.21 51.06 -9.24
C ASN B 151 9.69 51.34 -9.52
N ILE B 152 10.00 51.53 -10.79
CA ILE B 152 11.35 51.78 -11.24
C ILE B 152 11.95 53.06 -10.64
N GLY B 153 11.17 54.14 -10.68
CA GLY B 153 11.65 55.40 -10.15
C GLY B 153 12.05 55.32 -8.69
N GLY B 154 11.20 54.68 -7.88
CA GLY B 154 11.49 54.52 -6.46
C GLY B 154 12.72 53.69 -6.20
N LEU B 155 12.93 52.65 -7.00
CA LEU B 155 14.11 51.80 -6.82
C LEU B 155 15.35 52.59 -7.20
N GLN B 156 15.26 53.36 -8.28
CA GLN B 156 16.39 54.18 -8.70
C GLN B 156 16.73 55.17 -7.60
N GLN B 157 15.69 55.79 -7.04
CA GLN B 157 15.85 56.76 -5.95
C GLN B 157 16.53 56.10 -4.74
N PHE B 158 16.05 54.92 -4.36
CA PHE B 158 16.61 54.23 -3.20
C PHE B 158 18.10 53.94 -3.33
N ALA B 159 18.49 53.28 -4.42
CA ALA B 159 19.90 52.93 -4.62
C ALA B 159 20.77 54.18 -4.64
N SER B 160 20.28 55.22 -5.31
CA SER B 160 21.01 56.47 -5.42
C SER B 160 21.14 57.19 -4.07
N GLU B 161 20.11 57.08 -3.23
CA GLU B 161 20.13 57.71 -1.91
C GLU B 161 21.16 57.00 -1.02
N VAL B 162 21.24 55.68 -1.14
CA VAL B 162 22.20 54.94 -0.33
C VAL B 162 23.61 55.35 -0.73
N PHE B 163 23.84 55.43 -2.04
CA PHE B 163 25.14 55.82 -2.55
C PHE B 163 25.48 57.22 -2.05
N LYS B 164 24.48 58.12 -2.06
CA LYS B 164 24.68 59.48 -1.58
C LYS B 164 25.14 59.45 -0.13
N ALA B 165 24.52 58.59 0.66
CA ALA B 165 24.84 58.44 2.07
C ALA B 165 26.25 57.89 2.30
N MET B 166 26.76 57.12 1.33
CA MET B 166 28.10 56.55 1.44
C MET B 166 29.16 57.63 1.35
N ASN B 167 28.80 58.77 0.77
CA ASN B 167 29.73 59.89 0.63
C ASN B 167 31.04 59.46 -0.05
N ILE B 168 30.88 58.87 -1.23
CA ILE B 168 32.01 58.44 -2.02
C ILE B 168 32.06 59.42 -3.20
N PRO B 169 33.26 59.87 -3.58
CA PRO B 169 33.37 60.82 -4.70
C PRO B 169 33.46 60.11 -6.06
N GLN B 170 33.21 60.86 -7.14
CA GLN B 170 33.33 60.33 -8.49
C GLN B 170 34.80 60.56 -8.83
N ILE B 171 35.40 59.68 -9.61
CA ILE B 171 36.79 59.86 -9.99
C ILE B 171 36.97 59.85 -11.49
N ARG B 172 38.11 60.37 -11.91
CA ARG B 172 38.47 60.44 -13.30
C ARG B 172 38.53 59.02 -13.83
N ASN B 173 38.25 58.89 -15.12
CA ASN B 173 38.28 57.61 -15.80
C ASN B 173 39.62 56.93 -15.59
N PRO B 174 39.65 55.79 -14.89
CA PRO B 174 40.89 55.05 -14.62
C PRO B 174 41.71 54.74 -15.88
N CYS B 175 41.13 53.98 -16.81
CA CYS B 175 41.83 53.61 -18.03
C CYS B 175 42.26 54.80 -18.89
N LEU B 176 42.04 56.01 -18.38
CA LEU B 176 42.44 57.21 -19.12
C LEU B 176 43.91 57.51 -18.89
N PRO B 177 44.59 58.06 -19.91
CA PRO B 177 46.00 58.36 -19.68
C PRO B 177 46.06 59.45 -18.62
N SER B 178 47.23 59.60 -18.00
CA SER B 178 47.43 60.60 -16.97
C SER B 178 47.13 61.99 -17.53
N GLN B 179 46.64 62.89 -16.68
CA GLN B 179 46.31 64.25 -17.09
C GLN B 179 47.39 64.87 -17.97
N GLU B 180 48.66 64.63 -17.60
CA GLU B 180 49.80 65.16 -18.33
C GLU B 180 50.00 64.57 -19.71
N LYS B 181 49.62 63.30 -19.89
CA LYS B 181 49.81 62.65 -21.17
C LYS B 181 48.64 62.79 -22.13
N MET B 182 47.65 63.59 -21.75
CA MET B 182 46.48 63.79 -22.59
C MET B 182 46.81 64.67 -23.79
N PRO B 183 46.28 64.33 -24.97
CA PRO B 183 46.56 65.14 -26.16
C PRO B 183 46.10 66.58 -25.89
N GLU B 184 46.75 67.54 -26.57
CA GLU B 184 46.42 68.94 -26.39
C GLU B 184 44.94 69.27 -26.66
N ALA B 185 44.30 68.50 -27.52
CA ALA B 185 42.90 68.74 -27.86
C ALA B 185 41.98 68.72 -26.63
N TYR B 186 42.35 67.95 -25.61
CA TYR B 186 41.52 67.86 -24.41
C TYR B 186 41.60 69.07 -23.49
N SER B 187 42.46 70.01 -23.82
CA SER B 187 42.59 71.23 -23.02
C SER B 187 41.79 72.35 -23.66
N ALA B 188 41.08 72.02 -24.74
CA ALA B 188 40.26 72.99 -25.46
C ALA B 188 39.27 73.66 -24.52
N LYS B 189 39.23 74.99 -24.54
CA LYS B 189 38.30 75.72 -23.68
C LYS B 189 36.86 75.48 -24.11
N ILE B 190 36.07 74.89 -23.22
CA ILE B 190 34.67 74.59 -23.49
C ILE B 190 33.75 75.41 -22.61
N ALA B 191 32.68 75.95 -23.19
CA ALA B 191 31.73 76.74 -22.43
C ALA B 191 30.32 76.19 -22.56
N LEU B 192 29.59 76.21 -21.46
CA LEU B 192 28.20 75.77 -21.44
C LEU B 192 27.43 76.90 -20.80
N LEU B 193 26.25 77.20 -21.33
CA LEU B 193 25.42 78.27 -20.80
C LEU B 193 24.22 77.69 -20.08
N GLY B 194 24.07 78.06 -18.81
CA GLY B 194 22.96 77.56 -18.01
C GLY B 194 23.37 76.34 -17.21
N ALA B 195 23.16 76.37 -15.90
CA ALA B 195 23.53 75.24 -15.05
C ALA B 195 22.34 74.36 -14.70
N GLY B 196 21.60 73.92 -15.72
CA GLY B 196 20.46 73.05 -15.48
C GLY B 196 20.83 71.63 -15.84
N PRO B 197 19.86 70.70 -15.85
CA PRO B 197 20.10 69.29 -16.19
C PRO B 197 20.86 69.05 -17.49
N ALA B 198 20.50 69.78 -18.54
CA ALA B 198 21.16 69.60 -19.83
C ALA B 198 22.66 69.89 -19.80
N SER B 199 23.04 71.06 -19.27
CA SER B 199 24.46 71.41 -19.20
C SER B 199 25.22 70.56 -18.19
N ILE B 200 24.59 70.24 -17.06
CA ILE B 200 25.26 69.42 -16.06
C ILE B 200 25.61 68.07 -16.67
N SER B 201 24.67 67.51 -17.43
CA SER B 201 24.90 66.22 -18.07
C SER B 201 25.99 66.34 -19.13
N CYS B 202 25.87 67.33 -20.01
CA CYS B 202 26.84 67.52 -21.08
C CYS B 202 28.25 67.72 -20.51
N ALA B 203 28.38 68.59 -19.51
CA ALA B 203 29.68 68.85 -18.90
C ALA B 203 30.23 67.58 -18.25
N SER B 204 29.36 66.81 -17.61
CA SER B 204 29.79 65.57 -16.95
C SER B 204 30.39 64.58 -17.93
N PHE B 205 29.70 64.34 -19.04
CA PHE B 205 30.22 63.40 -20.03
C PHE B 205 31.48 63.88 -20.72
N LEU B 206 31.57 65.19 -20.96
CA LEU B 206 32.78 65.74 -21.58
C LEU B 206 33.95 65.54 -20.61
N ALA B 207 33.69 65.78 -19.33
CA ALA B 207 34.73 65.60 -18.32
C ALA B 207 35.16 64.13 -18.26
N ARG B 208 34.21 63.21 -18.38
CA ARG B 208 34.55 61.78 -18.35
C ARG B 208 35.49 61.43 -19.51
N LEU B 209 35.28 62.08 -20.65
CA LEU B 209 36.10 61.84 -21.83
C LEU B 209 37.52 62.39 -21.69
N GLY B 210 37.75 63.21 -20.66
CA GLY B 210 39.07 63.75 -20.44
C GLY B 210 39.27 65.24 -20.61
N TYR B 211 38.23 65.97 -21.02
CA TYR B 211 38.37 67.42 -21.20
C TYR B 211 38.61 68.08 -19.85
N SER B 212 39.67 68.88 -19.79
CA SER B 212 40.10 69.54 -18.56
C SER B 212 39.78 71.01 -18.37
N ASP B 213 39.12 71.63 -19.32
CA ASP B 213 38.80 73.06 -19.18
C ASP B 213 37.35 73.29 -19.58
N ILE B 214 36.45 72.93 -18.67
CA ILE B 214 35.01 73.05 -18.89
C ILE B 214 34.42 74.04 -17.91
N THR B 215 33.73 75.05 -18.42
CA THR B 215 33.10 76.06 -17.57
C THR B 215 31.63 76.24 -17.90
N ILE B 216 30.78 76.20 -16.88
CA ILE B 216 29.35 76.41 -17.04
C ILE B 216 29.06 77.82 -16.54
N PHE B 217 28.47 78.66 -17.39
CA PHE B 217 28.14 80.01 -16.98
C PHE B 217 26.65 80.06 -16.65
N GLU B 218 26.34 80.36 -15.40
CA GLU B 218 24.97 80.41 -14.91
C GLU B 218 24.54 81.84 -14.58
N LYS B 219 23.38 82.23 -15.10
CA LYS B 219 22.87 83.58 -14.86
C LYS B 219 22.57 83.86 -13.39
N GLN B 220 21.91 82.92 -12.72
CA GLN B 220 21.53 83.09 -11.32
C GLN B 220 22.67 82.82 -10.33
N GLU B 221 22.37 83.04 -9.05
CA GLU B 221 23.31 82.80 -7.96
C GLU B 221 23.27 81.33 -7.54
N TYR B 222 22.21 80.64 -7.92
CA TYR B 222 22.05 79.23 -7.57
C TYR B 222 22.20 78.36 -8.81
N VAL B 223 22.47 77.07 -8.61
CA VAL B 223 22.64 76.16 -9.72
C VAL B 223 21.61 75.05 -9.67
N GLY B 224 21.46 74.33 -10.78
CA GLY B 224 20.50 73.23 -10.84
C GLY B 224 19.31 73.46 -11.75
N GLY B 225 19.16 74.69 -12.22
CA GLY B 225 18.04 74.99 -13.11
C GLY B 225 16.69 74.82 -12.43
N LEU B 226 15.69 74.39 -13.19
CA LEU B 226 14.34 74.20 -12.65
C LEU B 226 14.27 73.22 -11.47
N SER B 227 15.20 72.27 -11.41
CA SER B 227 15.23 71.29 -10.33
C SER B 227 15.39 72.05 -9.01
N THR B 228 16.04 73.21 -9.08
CA THR B 228 16.26 74.03 -7.91
C THR B 228 15.26 75.17 -7.76
N SER B 229 15.06 75.92 -8.83
CA SER B 229 14.18 77.07 -8.79
C SER B 229 12.67 76.85 -8.77
N GLU B 230 12.20 75.74 -9.32
CA GLU B 230 10.75 75.53 -9.36
C GLU B 230 10.17 74.21 -8.86
N ILE B 231 10.83 73.08 -9.11
CA ILE B 231 10.29 71.82 -8.63
C ILE B 231 10.25 71.90 -7.10
N PRO B 232 9.08 71.69 -6.50
CA PRO B 232 8.92 71.76 -5.04
C PRO B 232 9.81 70.84 -4.19
N GLN B 233 10.23 71.39 -3.06
CA GLN B 233 11.05 70.68 -2.09
C GLN B 233 10.35 69.39 -1.64
N PHE B 234 9.02 69.39 -1.64
CA PHE B 234 8.29 68.19 -1.21
C PHE B 234 8.23 67.09 -2.25
N ARG B 235 8.89 67.31 -3.40
CA ARG B 235 8.98 66.30 -4.46
C ARG B 235 10.46 66.04 -4.73
N LEU B 236 11.26 67.10 -4.73
CA LEU B 236 12.69 67.00 -4.99
C LEU B 236 13.50 67.82 -3.98
N PRO B 237 14.05 67.16 -2.94
CA PRO B 237 14.83 67.84 -1.92
C PRO B 237 16.06 68.52 -2.55
N TYR B 238 16.33 69.76 -2.16
CA TYR B 238 17.46 70.49 -2.72
C TYR B 238 18.80 69.79 -2.51
N ASP B 239 18.95 69.05 -1.41
CA ASP B 239 20.22 68.38 -1.17
C ASP B 239 20.55 67.35 -2.25
N VAL B 240 19.53 66.89 -2.97
CA VAL B 240 19.73 65.93 -4.06
C VAL B 240 20.46 66.65 -5.19
N VAL B 241 19.97 67.83 -5.54
CA VAL B 241 20.58 68.62 -6.60
C VAL B 241 22.04 68.92 -6.27
N ASN B 242 22.29 69.34 -5.03
CA ASN B 242 23.65 69.66 -4.59
C ASN B 242 24.57 68.44 -4.70
N PHE B 243 24.03 67.27 -4.35
CA PHE B 243 24.77 66.02 -4.41
C PHE B 243 25.27 65.74 -5.84
N GLU B 244 24.38 65.87 -6.81
CA GLU B 244 24.73 65.60 -8.19
C GLU B 244 25.70 66.63 -8.77
N ILE B 245 25.58 67.87 -8.30
CA ILE B 245 26.46 68.94 -8.76
C ILE B 245 27.88 68.69 -8.24
N GLU B 246 27.97 68.28 -6.98
CA GLU B 246 29.26 68.00 -6.39
C GLU B 246 29.95 66.82 -7.10
N LEU B 247 29.17 65.83 -7.51
CA LEU B 247 29.73 64.70 -8.22
C LEU B 247 30.37 65.18 -9.53
N MET B 248 29.69 66.11 -10.20
CA MET B 248 30.20 66.66 -11.45
C MET B 248 31.48 67.47 -11.18
N LYS B 249 31.45 68.25 -10.11
CA LYS B 249 32.62 69.05 -9.76
C LYS B 249 33.84 68.18 -9.44
N ASP B 250 33.61 66.94 -9.01
CA ASP B 250 34.71 66.04 -8.72
C ASP B 250 35.53 65.80 -9.99
N LEU B 251 34.91 65.99 -11.15
CA LEU B 251 35.59 65.78 -12.43
C LEU B 251 36.28 67.03 -12.95
N GLY B 252 36.25 68.10 -12.17
CA GLY B 252 36.92 69.33 -12.57
C GLY B 252 36.07 70.38 -13.26
N VAL B 253 34.79 70.10 -13.45
CA VAL B 253 33.92 71.06 -14.11
C VAL B 253 33.79 72.31 -13.24
N LYS B 254 33.96 73.48 -13.86
CA LYS B 254 33.85 74.74 -13.15
C LYS B 254 32.51 75.40 -13.41
N ILE B 255 31.98 76.09 -12.40
CA ILE B 255 30.71 76.78 -12.53
C ILE B 255 30.88 78.22 -12.07
N ILE B 256 30.48 79.15 -12.93
CA ILE B 256 30.58 80.57 -12.57
C ILE B 256 29.19 81.16 -12.65
N CYS B 257 28.68 81.60 -11.50
CA CYS B 257 27.34 82.19 -11.42
C CYS B 257 27.40 83.69 -11.61
N GLY B 258 26.24 84.27 -11.91
CA GLY B 258 26.17 85.71 -12.12
C GLY B 258 26.62 86.10 -13.52
N LYS B 259 26.67 85.12 -14.42
CA LYS B 259 27.09 85.37 -15.80
C LYS B 259 25.97 84.97 -16.76
N SER B 260 25.52 85.92 -17.56
CA SER B 260 24.42 85.65 -18.49
C SER B 260 24.77 85.71 -19.97
N LEU B 261 24.14 84.82 -20.73
CA LEU B 261 24.28 84.81 -22.18
C LEU B 261 23.31 85.90 -22.58
N SER B 262 23.83 87.06 -22.95
CA SER B 262 22.99 88.19 -23.34
C SER B 262 23.85 89.20 -24.08
N GLU B 263 23.24 89.91 -25.02
CA GLU B 263 23.93 90.86 -25.86
C GLU B 263 24.98 91.77 -25.22
N ASN B 264 24.71 92.30 -24.03
CA ASN B 264 25.67 93.20 -23.39
C ASN B 264 26.59 92.47 -22.42
N GLU B 265 26.55 91.14 -22.46
CA GLU B 265 27.35 90.30 -21.58
C GLU B 265 28.05 89.20 -22.37
N ILE B 266 27.73 87.94 -22.05
CA ILE B 266 28.35 86.84 -22.78
C ILE B 266 27.57 86.56 -24.06
N THR B 267 28.27 86.47 -25.18
CA THR B 267 27.64 86.16 -26.46
C THR B 267 28.51 85.12 -27.16
N LEU B 268 27.99 84.47 -28.18
CA LEU B 268 28.78 83.49 -28.91
C LEU B 268 30.01 84.17 -29.48
N ASN B 269 29.87 85.44 -29.87
CA ASN B 269 31.00 86.17 -30.42
C ASN B 269 32.08 86.45 -29.40
N THR B 270 31.70 86.85 -28.18
CA THR B 270 32.71 87.11 -27.15
C THR B 270 33.41 85.82 -26.75
N LEU B 271 32.66 84.72 -26.74
CA LEU B 271 33.25 83.43 -26.38
C LEU B 271 34.28 83.02 -27.43
N LYS B 272 33.91 83.14 -28.70
CA LYS B 272 34.83 82.79 -29.78
C LYS B 272 36.07 83.70 -29.73
N GLU B 273 35.87 84.98 -29.42
CA GLU B 273 36.98 85.94 -29.32
C GLU B 273 37.90 85.55 -28.19
N GLU B 274 37.31 85.04 -27.13
CA GLU B 274 38.06 84.65 -25.95
C GLU B 274 38.78 83.32 -26.08
N GLY B 275 38.62 82.65 -27.22
CA GLY B 275 39.31 81.38 -27.41
C GLY B 275 38.55 80.11 -27.12
N TYR B 276 37.25 80.21 -26.82
CA TYR B 276 36.47 79.00 -26.55
C TYR B 276 36.32 78.24 -27.87
N LYS B 277 36.50 76.92 -27.81
CA LYS B 277 36.44 76.07 -28.99
C LYS B 277 35.07 75.47 -29.25
N ALA B 278 34.25 75.36 -28.22
CA ALA B 278 32.92 74.81 -28.38
C ALA B 278 32.01 75.37 -27.29
N ALA B 279 30.72 75.44 -27.59
CA ALA B 279 29.77 75.95 -26.63
C ALA B 279 28.49 75.14 -26.68
N PHE B 280 27.87 74.95 -25.51
CA PHE B 280 26.63 74.21 -25.41
C PHE B 280 25.59 75.14 -24.81
N ILE B 281 24.48 75.33 -25.50
CA ILE B 281 23.42 76.21 -25.00
C ILE B 281 22.39 75.40 -24.23
N GLY B 282 22.33 75.60 -22.91
CA GLY B 282 21.36 74.88 -22.10
C GLY B 282 20.66 75.81 -21.13
N ILE B 283 20.21 76.97 -21.63
CA ILE B 283 19.55 77.97 -20.80
C ILE B 283 18.05 77.76 -20.60
N GLY B 284 17.50 76.68 -21.17
CA GLY B 284 16.08 76.40 -21.02
C GLY B 284 15.19 77.49 -21.60
N LEU B 285 13.98 77.62 -21.05
CA LEU B 285 13.00 78.62 -21.47
C LEU B 285 12.81 79.52 -20.26
N PRO B 286 13.63 80.57 -20.15
CA PRO B 286 13.63 81.55 -19.05
C PRO B 286 12.42 82.45 -18.78
N GLU B 287 11.51 82.58 -19.73
CA GLU B 287 10.38 83.45 -19.52
C GLU B 287 9.03 82.78 -19.47
N PRO B 288 8.08 83.37 -18.73
CA PRO B 288 6.74 82.78 -18.63
C PRO B 288 5.86 83.08 -19.82
N LYS B 289 4.98 82.14 -20.15
CA LYS B 289 4.04 82.36 -21.22
C LYS B 289 3.04 83.31 -20.59
N THR B 290 2.72 84.39 -21.28
CA THR B 290 1.79 85.36 -20.72
C THR B 290 0.50 85.52 -21.53
N ASP B 291 -0.49 86.13 -20.88
CA ASP B 291 -1.78 86.39 -21.52
C ASP B 291 -2.06 87.89 -21.37
N ASP B 292 -2.52 88.50 -22.45
CA ASP B 292 -2.80 89.93 -22.47
C ASP B 292 -3.72 90.40 -21.35
N ILE B 293 -4.68 89.56 -20.96
CA ILE B 293 -5.62 89.94 -19.91
C ILE B 293 -5.01 90.17 -18.53
N PHE B 294 -3.81 89.67 -18.29
CA PHE B 294 -3.17 89.84 -16.99
C PHE B 294 -2.16 90.98 -16.95
N GLN B 295 -2.05 91.70 -18.07
CA GLN B 295 -1.14 92.82 -18.21
C GLN B 295 -1.31 93.86 -17.09
N GLY B 296 -0.21 94.26 -16.47
CA GLY B 296 -0.26 95.26 -15.42
C GLY B 296 -0.52 94.77 -14.02
N LEU B 297 -1.08 93.58 -13.87
CA LEU B 297 -1.37 93.03 -12.55
C LEU B 297 -0.09 92.76 -11.78
N THR B 298 -0.09 93.14 -10.50
CA THR B 298 1.08 92.96 -9.64
C THR B 298 0.87 91.87 -8.59
N GLN B 299 1.96 91.48 -7.94
CA GLN B 299 1.89 90.47 -6.90
C GLN B 299 1.12 91.03 -5.71
N ASP B 300 1.25 92.33 -5.45
CA ASP B 300 0.53 92.94 -4.34
C ASP B 300 -0.97 92.83 -4.57
N GLN B 301 -1.38 92.85 -5.84
CA GLN B 301 -2.80 92.73 -6.19
C GLN B 301 -3.21 91.27 -6.12
N GLY B 302 -2.23 90.36 -6.11
CA GLY B 302 -2.52 88.95 -6.02
C GLY B 302 -2.24 88.14 -7.27
N PHE B 303 -1.54 88.72 -8.25
CA PHE B 303 -1.24 88.00 -9.48
C PHE B 303 0.23 87.56 -9.58
N TYR B 304 0.43 86.31 -9.98
CA TYR B 304 1.76 85.74 -10.15
C TYR B 304 1.83 84.89 -11.40
N THR B 305 3.01 84.79 -12.01
CA THR B 305 3.16 83.88 -13.12
C THR B 305 3.90 82.76 -12.38
N SER B 306 3.92 81.55 -12.93
CA SER B 306 4.61 80.46 -12.25
C SER B 306 6.10 80.82 -12.05
N LYS B 307 6.65 81.59 -12.98
CA LYS B 307 8.06 82.02 -12.89
C LYS B 307 8.34 82.95 -11.72
N ASP B 308 7.30 83.61 -11.21
CA ASP B 308 7.44 84.52 -10.07
C ASP B 308 7.24 83.72 -8.79
N PHE B 309 6.13 82.99 -8.76
CA PHE B 309 5.71 82.21 -7.60
C PHE B 309 6.57 81.03 -7.13
N LEU B 310 6.79 80.04 -7.99
CA LEU B 310 7.58 78.88 -7.57
C LEU B 310 8.96 79.20 -7.04
N PRO B 311 9.70 80.11 -7.71
CA PRO B 311 11.04 80.43 -7.19
C PRO B 311 10.98 81.07 -5.80
N LEU B 312 9.91 81.81 -5.53
CA LEU B 312 9.77 82.44 -4.21
C LEU B 312 9.59 81.36 -3.15
N VAL B 313 8.78 80.35 -3.46
CA VAL B 313 8.54 79.27 -2.51
C VAL B 313 9.80 78.44 -2.34
N ALA B 314 10.50 78.19 -3.45
CA ALA B 314 11.74 77.40 -3.41
C ALA B 314 12.81 78.07 -2.54
N LYS B 315 13.04 79.35 -2.76
CA LYS B 315 14.06 80.07 -2.01
C LYS B 315 13.78 80.04 -0.51
N SER B 316 12.49 80.00 -0.16
CA SER B 316 12.10 79.99 1.25
C SER B 316 12.18 78.60 1.89
N SER B 317 11.89 77.56 1.09
CA SER B 317 11.88 76.19 1.59
C SER B 317 13.13 75.35 1.33
N LYS B 318 14.04 75.84 0.50
CA LYS B 318 15.24 75.08 0.20
C LYS B 318 16.48 75.65 0.84
N ALA B 319 16.87 75.05 1.96
CA ALA B 319 18.03 75.49 2.72
C ALA B 319 19.28 75.39 1.85
N GLY B 320 19.95 76.53 1.70
CA GLY B 320 21.15 76.57 0.89
C GLY B 320 20.98 77.38 -0.37
N MET B 321 20.02 76.98 -1.20
CA MET B 321 19.73 77.63 -2.48
C MET B 321 20.26 79.06 -2.59
N CYS B 322 19.84 79.92 -1.68
CA CYS B 322 20.28 81.31 -1.69
C CYS B 322 21.07 81.64 -0.43
N ALA B 323 21.73 82.79 -0.41
CA ALA B 323 22.52 83.19 0.75
C ALA B 323 21.64 83.91 1.77
N CYS B 324 20.58 84.55 1.27
CA CYS B 324 19.66 85.26 2.15
C CYS B 324 18.46 84.38 2.46
N HIS B 325 17.92 84.49 3.68
CA HIS B 325 16.75 83.71 4.05
C HIS B 325 15.53 84.39 3.43
N SER B 326 14.74 83.62 2.68
CA SER B 326 13.55 84.18 2.05
C SER B 326 12.26 83.80 2.74
N PRO B 327 11.37 84.77 2.94
CA PRO B 327 10.08 84.53 3.60
C PRO B 327 9.16 83.75 2.67
N LEU B 328 8.22 83.01 3.26
CA LEU B 328 7.29 82.23 2.47
C LEU B 328 6.17 83.15 2.01
N PRO B 329 5.89 83.18 0.70
CA PRO B 329 4.83 84.06 0.20
C PRO B 329 3.55 83.88 0.99
N SER B 330 2.92 85.00 1.36
CA SER B 330 1.68 84.96 2.11
C SER B 330 0.50 84.84 1.17
N ILE B 331 0.06 83.60 0.94
CA ILE B 331 -1.07 83.35 0.05
C ILE B 331 -2.28 83.02 0.93
N ARG B 332 -3.24 83.93 0.97
CA ARG B 332 -4.43 83.73 1.78
C ARG B 332 -5.70 83.76 0.93
N GLY B 333 -6.67 82.94 1.31
CA GLY B 333 -7.93 82.90 0.58
C GLY B 333 -8.01 81.88 -0.54
N ALA B 334 -8.81 82.18 -1.54
CA ALA B 334 -9.01 81.31 -2.69
C ALA B 334 -7.98 81.57 -3.77
N VAL B 335 -7.38 80.50 -4.29
CA VAL B 335 -6.36 80.63 -5.31
C VAL B 335 -6.79 79.97 -6.62
N ILE B 336 -6.59 80.68 -7.71
CA ILE B 336 -6.90 80.14 -9.03
C ILE B 336 -5.58 79.91 -9.77
N VAL B 337 -5.37 78.68 -10.21
CA VAL B 337 -4.18 78.32 -10.95
C VAL B 337 -4.60 77.98 -12.37
N LEU B 338 -4.02 78.67 -13.35
CA LEU B 338 -4.37 78.45 -14.74
C LEU B 338 -3.33 77.59 -15.45
N GLY B 339 -3.74 76.41 -15.89
CA GLY B 339 -2.82 75.52 -16.57
C GLY B 339 -3.17 74.07 -16.33
N ALA B 340 -2.60 73.18 -17.14
CA ALA B 340 -2.88 71.76 -17.01
C ALA B 340 -1.64 70.88 -17.08
N GLY B 341 -0.46 71.49 -16.95
CA GLY B 341 0.78 70.73 -16.97
C GLY B 341 1.41 70.64 -15.60
N ASP B 342 2.63 70.11 -15.52
CA ASP B 342 3.31 69.99 -14.23
C ASP B 342 3.42 71.32 -13.50
N THR B 343 3.65 72.39 -14.25
CA THR B 343 3.78 73.71 -13.64
C THR B 343 2.54 74.06 -12.83
N ALA B 344 1.37 73.89 -13.44
CA ALA B 344 0.11 74.20 -12.78
C ALA B 344 -0.09 73.38 -11.51
N PHE B 345 0.15 72.07 -11.59
CA PHE B 345 -0.04 71.22 -10.43
C PHE B 345 0.93 71.54 -9.29
N ASP B 346 2.15 71.92 -9.62
CA ASP B 346 3.11 72.26 -8.57
C ASP B 346 2.76 73.62 -7.95
N CYS B 347 2.17 74.51 -8.75
CA CYS B 347 1.76 75.81 -8.21
C CYS B 347 0.61 75.59 -7.23
N ALA B 348 -0.30 74.69 -7.59
CA ALA B 348 -1.47 74.40 -6.75
C ALA B 348 -1.06 73.81 -5.41
N THR B 349 -0.21 72.78 -5.44
CA THR B 349 0.23 72.16 -4.20
C THR B 349 1.10 73.12 -3.38
N SER B 350 1.93 73.91 -4.05
CA SER B 350 2.79 74.86 -3.35
C SER B 350 1.95 75.98 -2.70
N ALA B 351 0.85 76.35 -3.34
CA ALA B 351 -0.02 77.40 -2.79
C ALA B 351 -0.54 77.00 -1.42
N LEU B 352 -0.84 75.71 -1.25
CA LEU B 352 -1.32 75.23 0.02
C LEU B 352 -0.26 75.40 1.10
N ARG B 353 1.01 75.22 0.76
CA ARG B 353 2.08 75.39 1.73
C ARG B 353 2.21 76.84 2.16
N CYS B 354 1.73 77.75 1.31
CA CYS B 354 1.81 79.17 1.61
C CYS B 354 0.59 79.67 2.40
N GLY B 355 -0.30 78.75 2.76
CA GLY B 355 -1.47 79.12 3.54
C GLY B 355 -2.79 79.28 2.82
N ALA B 356 -2.85 78.89 1.54
CA ALA B 356 -4.09 79.02 0.78
C ALA B 356 -5.23 78.23 1.41
N ARG B 357 -6.41 78.86 1.45
CA ARG B 357 -7.60 78.22 2.02
C ARG B 357 -8.21 77.25 1.03
N ARG B 358 -8.17 77.64 -0.25
CA ARG B 358 -8.74 76.82 -1.31
C ARG B 358 -8.01 77.03 -2.61
N VAL B 359 -7.87 75.97 -3.40
CA VAL B 359 -7.18 76.07 -4.68
C VAL B 359 -7.99 75.48 -5.83
N PHE B 360 -8.15 76.27 -6.89
CA PHE B 360 -8.87 75.83 -8.08
C PHE B 360 -7.90 75.71 -9.25
N LEU B 361 -7.93 74.57 -9.92
CA LEU B 361 -7.11 74.36 -11.10
C LEU B 361 -8.08 74.51 -12.26
N VAL B 362 -7.88 75.54 -13.07
CA VAL B 362 -8.77 75.80 -14.20
C VAL B 362 -8.10 75.47 -15.53
N PHE B 363 -8.72 74.57 -16.29
CA PHE B 363 -8.21 74.14 -17.59
C PHE B 363 -9.07 74.69 -18.71
N ARG B 364 -8.45 75.02 -19.84
CA ARG B 364 -9.25 75.53 -20.95
C ARG B 364 -9.87 74.34 -21.67
N LYS B 365 -9.31 73.16 -21.46
CA LYS B 365 -9.85 71.95 -22.09
C LYS B 365 -10.52 71.04 -21.04
N GLY B 366 -10.70 69.77 -21.40
CA GLY B 366 -11.34 68.86 -20.47
C GLY B 366 -10.40 68.09 -19.58
N PHE B 367 -10.98 67.29 -18.70
CA PHE B 367 -10.19 66.48 -17.78
C PHE B 367 -9.27 65.58 -18.58
N VAL B 368 -9.86 64.95 -19.60
CA VAL B 368 -9.12 64.04 -20.45
C VAL B 368 -7.88 64.67 -21.10
N ASN B 369 -7.90 65.98 -21.27
CA ASN B 369 -6.79 66.67 -21.92
C ASN B 369 -5.67 67.16 -21.00
N ILE B 370 -5.73 66.79 -19.72
CA ILE B 370 -4.69 67.21 -18.78
C ILE B 370 -3.34 66.74 -19.31
N ARG B 371 -2.34 67.64 -19.27
CA ARG B 371 -1.01 67.32 -19.77
C ARG B 371 -0.13 66.54 -18.81
N ALA B 372 -0.21 66.85 -17.52
CA ALA B 372 0.61 66.17 -16.51
C ALA B 372 0.21 64.70 -16.39
N VAL B 373 1.17 63.84 -16.05
CA VAL B 373 0.87 62.42 -15.90
C VAL B 373 -0.03 62.20 -14.68
N PRO B 374 -0.80 61.10 -14.67
CA PRO B 374 -1.70 60.79 -13.56
C PRO B 374 -1.06 60.90 -12.18
N GLU B 375 0.21 60.53 -12.09
CA GLU B 375 0.97 60.59 -10.83
C GLU B 375 1.02 61.99 -10.26
N GLU B 376 1.28 62.95 -11.14
CA GLU B 376 1.36 64.35 -10.73
C GLU B 376 -0.03 64.86 -10.37
N VAL B 377 -1.01 64.56 -11.22
CA VAL B 377 -2.38 65.00 -10.98
C VAL B 377 -2.88 64.48 -9.65
N GLU B 378 -2.50 63.25 -9.31
CA GLU B 378 -2.90 62.62 -8.07
C GLU B 378 -2.51 63.42 -6.82
N LEU B 379 -1.33 64.03 -6.86
CA LEU B 379 -0.87 64.80 -5.71
C LEU B 379 -1.78 66.00 -5.41
N ALA B 380 -2.20 66.71 -6.44
CA ALA B 380 -3.08 67.85 -6.27
C ALA B 380 -4.47 67.35 -5.86
N LYS B 381 -4.90 66.25 -6.45
CA LYS B 381 -6.20 65.67 -6.17
C LYS B 381 -6.33 65.21 -4.72
N GLU B 382 -5.32 64.53 -4.20
CA GLU B 382 -5.36 64.04 -2.83
C GLU B 382 -5.34 65.17 -1.82
N GLU B 383 -4.85 66.33 -2.24
CA GLU B 383 -4.79 67.47 -1.34
C GLU B 383 -6.04 68.36 -1.51
N LYS B 384 -7.05 67.78 -2.15
CA LYS B 384 -8.34 68.42 -2.36
C LYS B 384 -8.42 69.65 -3.25
N CYS B 385 -7.53 69.76 -4.24
CA CYS B 385 -7.60 70.89 -5.15
C CYS B 385 -8.83 70.65 -6.02
N GLU B 386 -9.55 71.71 -6.35
CA GLU B 386 -10.75 71.58 -7.17
C GLU B 386 -10.39 71.81 -8.64
N PHE B 387 -10.86 70.92 -9.50
CA PHE B 387 -10.58 71.01 -10.94
C PHE B 387 -11.79 71.55 -11.70
N LEU B 388 -11.56 72.62 -12.47
CA LEU B 388 -12.61 73.24 -13.27
C LEU B 388 -12.23 73.21 -14.75
N PRO B 389 -12.83 72.29 -15.52
CA PRO B 389 -12.56 72.15 -16.95
C PRO B 389 -13.36 73.07 -17.86
N PHE B 390 -12.92 73.14 -19.12
CA PHE B 390 -13.56 73.93 -20.17
C PHE B 390 -13.83 75.40 -19.86
N LEU B 391 -12.80 76.10 -19.37
CA LEU B 391 -12.94 77.51 -19.03
C LEU B 391 -11.73 78.29 -19.56
N SER B 392 -11.98 79.46 -20.15
CA SER B 392 -10.93 80.31 -20.68
C SER B 392 -11.07 81.68 -20.02
N PRO B 393 -9.98 82.20 -19.42
CA PRO B 393 -9.97 83.50 -18.74
C PRO B 393 -10.31 84.65 -19.67
N ARG B 394 -11.06 85.62 -19.17
CA ARG B 394 -11.49 86.77 -19.95
C ARG B 394 -11.20 88.07 -19.26
N LYS B 395 -11.33 88.08 -17.94
CA LYS B 395 -11.13 89.31 -17.21
C LYS B 395 -10.85 89.07 -15.74
N VAL B 396 -10.01 89.93 -15.18
CA VAL B 396 -9.65 89.85 -13.78
C VAL B 396 -10.31 91.06 -13.14
N ILE B 397 -11.30 90.79 -12.30
CA ILE B 397 -11.99 91.87 -11.63
C ILE B 397 -11.08 92.34 -10.52
N VAL B 398 -10.78 93.63 -10.53
CA VAL B 398 -9.92 94.23 -9.52
C VAL B 398 -10.68 95.36 -8.84
N LYS B 399 -10.79 95.26 -7.52
CA LYS B 399 -11.48 96.29 -6.75
C LYS B 399 -10.64 96.55 -5.53
N GLY B 400 -10.54 97.82 -5.15
CA GLY B 400 -9.75 98.17 -3.98
C GLY B 400 -8.29 97.79 -4.16
N GLY B 401 -7.84 97.77 -5.41
CA GLY B 401 -6.46 97.42 -5.71
C GLY B 401 -6.15 95.96 -5.52
N ARG B 402 -7.19 95.12 -5.48
CA ARG B 402 -7.00 93.68 -5.31
C ARG B 402 -7.86 92.85 -6.25
N ILE B 403 -7.36 91.70 -6.65
CA ILE B 403 -8.12 90.79 -7.49
C ILE B 403 -9.22 90.25 -6.58
N VAL B 404 -10.45 90.21 -7.07
CA VAL B 404 -11.55 89.70 -6.26
C VAL B 404 -12.22 88.57 -7.00
N ALA B 405 -11.93 88.48 -8.28
CA ALA B 405 -12.52 87.44 -9.09
C ALA B 405 -11.94 87.42 -10.48
N VAL B 406 -12.17 86.32 -11.17
CA VAL B 406 -11.74 86.16 -12.54
C VAL B 406 -12.95 85.70 -13.32
N GLN B 407 -13.24 86.39 -14.43
CA GLN B 407 -14.37 86.02 -15.26
C GLN B 407 -13.90 85.15 -16.43
N PHE B 408 -14.58 84.02 -16.62
CA PHE B 408 -14.23 83.10 -17.70
C PHE B 408 -15.39 82.91 -18.67
N VAL B 409 -15.08 82.25 -19.78
CA VAL B 409 -16.09 81.91 -20.78
C VAL B 409 -15.93 80.42 -21.07
N ARG B 410 -17.03 79.79 -21.46
CA ARG B 410 -17.06 78.36 -21.78
C ARG B 410 -16.25 77.99 -23.01
N THR B 411 -15.73 76.77 -23.03
CA THR B 411 -14.97 76.28 -24.19
C THR B 411 -15.55 74.91 -24.58
N GLU B 412 -15.37 74.51 -25.85
CA GLU B 412 -15.86 73.22 -26.32
C GLU B 412 -15.26 72.73 -27.64
N GLN B 413 -15.17 71.41 -27.79
CA GLN B 413 -14.62 70.76 -28.99
C GLN B 413 -15.77 70.52 -29.98
N ASP B 414 -15.56 70.86 -31.25
CA ASP B 414 -16.62 70.70 -32.26
C ASP B 414 -16.61 69.41 -33.09
N GLU B 415 -17.09 69.52 -34.32
CA GLU B 415 -17.20 68.39 -35.26
C GLU B 415 -16.02 68.33 -36.24
N THR B 416 -14.81 68.30 -35.69
CA THR B 416 -13.56 68.18 -36.46
C THR B 416 -12.43 68.09 -35.43
N GLY B 417 -12.74 68.54 -34.22
CA GLY B 417 -11.77 68.51 -33.15
C GLY B 417 -11.39 69.87 -32.57
N LYS B 418 -11.60 70.93 -33.34
CA LYS B 418 -11.28 72.31 -32.96
C LYS B 418 -11.91 72.84 -31.66
N TRP B 419 -11.28 73.85 -31.04
CA TRP B 419 -11.77 74.44 -29.79
C TRP B 419 -12.32 75.86 -29.90
N ASN B 420 -13.56 76.06 -29.42
CA ASN B 420 -14.22 77.36 -29.50
C ASN B 420 -14.62 77.90 -28.12
N GLU B 421 -14.85 79.21 -28.08
CA GLU B 421 -15.22 79.90 -26.86
C GLU B 421 -16.66 80.42 -26.94
N ASP B 422 -17.49 80.02 -25.99
CA ASP B 422 -18.88 80.45 -25.96
C ASP B 422 -19.04 81.69 -25.08
N GLU B 423 -19.20 82.84 -25.75
CA GLU B 423 -19.33 84.15 -25.12
C GLU B 423 -20.53 84.38 -24.19
N ASP B 424 -21.67 83.79 -24.53
CA ASP B 424 -22.87 83.97 -23.72
C ASP B 424 -22.90 83.08 -22.50
N GLN B 425 -21.90 82.21 -22.40
CA GLN B 425 -21.79 81.28 -21.29
C GLN B 425 -20.57 81.64 -20.45
N ILE B 426 -20.79 82.42 -19.39
CA ILE B 426 -19.71 82.89 -18.53
C ILE B 426 -19.69 82.35 -17.11
N VAL B 427 -18.55 82.56 -16.44
CA VAL B 427 -18.34 82.13 -15.06
C VAL B 427 -17.62 83.25 -14.30
N HIS B 428 -18.16 83.60 -13.13
CA HIS B 428 -17.59 84.64 -12.27
C HIS B 428 -17.06 83.90 -11.05
N LEU B 429 -15.78 83.53 -11.10
CA LEU B 429 -15.16 82.79 -10.02
C LEU B 429 -14.41 83.68 -9.03
N LYS B 430 -14.85 83.67 -7.79
CA LYS B 430 -14.23 84.45 -6.72
C LYS B 430 -12.84 83.94 -6.45
N ALA B 431 -11.90 84.85 -6.27
CA ALA B 431 -10.53 84.46 -5.98
C ALA B 431 -9.74 85.65 -5.43
N ASP B 432 -8.74 85.36 -4.61
CA ASP B 432 -7.90 86.38 -4.01
C ASP B 432 -6.52 86.39 -4.67
N VAL B 433 -6.14 85.24 -5.22
CA VAL B 433 -4.85 85.11 -5.87
C VAL B 433 -5.00 84.35 -7.18
N VAL B 434 -4.26 84.79 -8.19
CA VAL B 434 -4.28 84.15 -9.49
C VAL B 434 -2.85 83.85 -9.90
N ILE B 435 -2.61 82.60 -10.31
CA ILE B 435 -1.27 82.18 -10.73
C ILE B 435 -1.36 81.58 -12.12
N SER B 436 -0.71 82.22 -13.10
CA SER B 436 -0.73 81.70 -14.45
C SER B 436 0.38 80.68 -14.58
N ALA B 437 0.03 79.49 -15.04
CA ALA B 437 0.98 78.40 -15.21
C ALA B 437 0.80 77.79 -16.59
N PHE B 438 0.80 78.66 -17.60
CA PHE B 438 0.63 78.24 -18.99
C PHE B 438 1.87 77.58 -19.58
N GLY B 439 3.03 77.88 -19.01
CA GLY B 439 4.25 77.32 -19.53
C GLY B 439 5.33 78.38 -19.63
N SER B 440 6.40 78.06 -20.37
CA SER B 440 7.51 78.98 -20.53
C SER B 440 7.94 79.13 -21.99
N VAL B 441 8.71 80.18 -22.27
CA VAL B 441 9.19 80.45 -23.62
C VAL B 441 10.52 81.22 -23.56
N LEU B 442 11.11 81.43 -24.74
CA LEU B 442 12.35 82.19 -24.85
C LEU B 442 11.93 83.44 -25.64
N ARG B 443 11.98 84.60 -25.00
CA ARG B 443 11.57 85.79 -25.71
C ARG B 443 12.41 87.07 -25.51
N ASP B 444 13.45 86.93 -24.71
CA ASP B 444 14.33 88.08 -24.46
C ASP B 444 15.13 88.37 -25.74
N PRO B 445 14.89 89.52 -26.38
CA PRO B 445 15.62 89.87 -27.61
C PRO B 445 17.14 89.90 -27.42
N LYS B 446 17.55 90.32 -26.23
CA LYS B 446 18.97 90.41 -25.91
C LYS B 446 19.63 89.04 -25.83
N VAL B 447 18.86 88.04 -25.39
CA VAL B 447 19.38 86.69 -25.27
C VAL B 447 19.49 86.07 -26.66
N LYS B 448 18.45 86.26 -27.46
CA LYS B 448 18.43 85.73 -28.82
C LYS B 448 19.56 86.33 -29.65
N GLU B 449 19.79 87.63 -29.47
CA GLU B 449 20.82 88.32 -30.22
C GLU B 449 22.20 87.79 -29.83
N ALA B 450 22.34 87.38 -28.58
CA ALA B 450 23.62 86.85 -28.09
C ALA B 450 23.94 85.51 -28.77
N LEU B 451 22.93 84.91 -29.39
CA LEU B 451 23.10 83.63 -30.07
C LEU B 451 23.40 83.76 -31.56
N SER B 452 23.54 85.00 -32.02
CA SER B 452 23.84 85.23 -33.43
C SER B 452 25.16 84.55 -33.76
N PRO B 453 25.28 83.98 -34.97
CA PRO B 453 24.26 83.95 -36.02
C PRO B 453 23.57 82.61 -36.22
N ILE B 454 23.39 81.83 -35.16
CA ILE B 454 22.75 80.52 -35.32
C ILE B 454 21.32 80.66 -35.82
N LYS B 455 20.89 79.68 -36.59
CA LYS B 455 19.55 79.68 -37.17
C LYS B 455 18.47 79.29 -36.16
N PHE B 456 17.34 80.01 -36.21
CA PHE B 456 16.20 79.72 -35.33
C PHE B 456 15.09 79.16 -36.21
N ASN B 457 14.37 78.17 -35.69
CA ASN B 457 13.29 77.58 -36.46
C ASN B 457 12.00 78.37 -36.38
N ARG B 458 10.93 77.81 -36.94
CA ARG B 458 9.64 78.46 -36.96
C ARG B 458 9.03 78.64 -35.56
N TRP B 459 9.50 77.87 -34.60
CA TRP B 459 9.02 77.98 -33.22
C TRP B 459 9.83 79.05 -32.51
N ASP B 460 10.73 79.67 -33.26
CA ASP B 460 11.57 80.73 -32.73
C ASP B 460 12.51 80.21 -31.65
N LEU B 461 13.02 79.01 -31.87
CA LEU B 461 13.96 78.38 -30.94
C LEU B 461 15.19 77.96 -31.74
N PRO B 462 16.35 77.82 -31.09
CA PRO B 462 17.57 77.42 -31.79
C PRO B 462 17.34 76.12 -32.53
N GLU B 463 17.67 76.10 -33.80
CA GLU B 463 17.50 74.88 -34.59
C GLU B 463 18.71 73.97 -34.43
N VAL B 464 18.46 72.69 -34.17
CA VAL B 464 19.56 71.75 -34.01
C VAL B 464 19.28 70.43 -34.73
N ASP B 465 20.35 69.73 -35.08
CA ASP B 465 20.21 68.44 -35.73
C ASP B 465 19.79 67.52 -34.59
N PRO B 466 18.66 66.83 -34.72
CA PRO B 466 18.19 65.93 -33.66
C PRO B 466 19.12 64.78 -33.26
N GLU B 467 20.09 64.44 -34.10
CA GLU B 467 21.01 63.37 -33.76
C GLU B 467 22.30 63.88 -33.13
N THR B 468 22.80 65.01 -33.62
CA THR B 468 24.06 65.56 -33.10
C THR B 468 23.91 66.70 -32.11
N MET B 469 22.74 67.31 -32.06
CA MET B 469 22.46 68.44 -31.17
C MET B 469 23.26 69.67 -31.62
N GLN B 470 23.79 69.63 -32.83
CA GLN B 470 24.59 70.73 -33.37
C GLN B 470 23.70 71.81 -34.03
N THR B 471 24.02 73.08 -33.79
CA THR B 471 23.26 74.18 -34.38
C THR B 471 23.83 74.45 -35.77
N SER B 472 23.38 75.54 -36.40
CA SER B 472 23.86 75.90 -37.73
C SER B 472 25.33 76.27 -37.69
N GLU B 473 25.84 76.58 -36.50
CA GLU B 473 27.25 76.91 -36.32
C GLU B 473 27.88 75.62 -35.77
N PRO B 474 28.83 75.03 -36.50
CA PRO B 474 29.49 73.79 -36.07
C PRO B 474 30.06 73.70 -34.66
N TRP B 475 30.51 74.83 -34.11
CA TRP B 475 31.08 74.82 -32.77
C TRP B 475 30.06 75.06 -31.67
N VAL B 476 28.80 75.27 -32.05
CA VAL B 476 27.76 75.52 -31.06
C VAL B 476 26.69 74.42 -31.06
N PHE B 477 26.42 73.90 -29.86
CA PHE B 477 25.43 72.84 -29.67
C PHE B 477 24.37 73.32 -28.69
N ALA B 478 23.24 72.62 -28.64
CA ALA B 478 22.17 72.99 -27.74
C ALA B 478 21.33 71.79 -27.33
N GLY B 479 20.73 71.87 -26.14
CA GLY B 479 19.91 70.77 -25.66
C GLY B 479 19.05 71.16 -24.48
N GLY B 480 18.07 70.33 -24.17
CA GLY B 480 17.19 70.63 -23.06
C GLY B 480 15.95 71.38 -23.52
N ASP B 481 15.28 72.05 -22.58
CA ASP B 481 14.06 72.80 -22.88
C ASP B 481 14.22 73.81 -24.02
N ILE B 482 15.38 74.43 -24.14
CA ILE B 482 15.64 75.43 -25.18
C ILE B 482 15.39 74.90 -26.60
N VAL B 483 15.63 73.61 -26.81
CA VAL B 483 15.42 73.00 -28.13
C VAL B 483 13.93 72.81 -28.41
N GLY B 484 13.12 72.80 -27.36
CA GLY B 484 11.68 72.66 -27.51
C GLY B 484 11.13 71.31 -27.94
N MET B 485 11.90 70.25 -27.78
CA MET B 485 11.46 68.92 -28.18
C MET B 485 10.82 68.16 -27.03
N ALA B 486 11.42 68.25 -25.85
CA ALA B 486 10.90 67.56 -24.69
C ALA B 486 10.81 68.48 -23.48
N ASN B 487 10.12 68.00 -22.45
CA ASN B 487 9.93 68.75 -21.22
C ASN B 487 10.10 67.89 -19.98
N THR B 488 11.19 67.12 -19.93
CA THR B 488 11.44 66.31 -18.74
C THR B 488 12.92 66.40 -18.39
N THR B 489 13.23 66.18 -17.13
CA THR B 489 14.61 66.24 -16.67
C THR B 489 15.45 65.18 -17.39
N VAL B 490 14.94 63.95 -17.47
CA VAL B 490 15.69 62.88 -18.11
C VAL B 490 15.97 63.11 -19.60
N GLU B 491 15.03 63.74 -20.31
CA GLU B 491 15.27 64.01 -21.71
C GLU B 491 16.27 65.15 -21.87
N SER B 492 16.27 66.08 -20.92
CA SER B 492 17.22 67.18 -20.98
C SER B 492 18.60 66.61 -20.69
N VAL B 493 18.66 65.66 -19.76
CA VAL B 493 19.93 65.02 -19.43
C VAL B 493 20.41 64.28 -20.67
N ASN B 494 19.49 63.60 -21.35
CA ASN B 494 19.88 62.86 -22.54
C ASN B 494 20.38 63.78 -23.66
N ASP B 495 19.79 64.96 -23.78
CA ASP B 495 20.23 65.91 -24.79
C ASP B 495 21.69 66.27 -24.55
N GLY B 496 22.04 66.53 -23.30
CA GLY B 496 23.41 66.90 -22.97
C GLY B 496 24.36 65.75 -23.24
N LYS B 497 23.88 64.54 -22.96
CA LYS B 497 24.64 63.31 -23.16
C LYS B 497 24.92 63.14 -24.64
N GLN B 498 23.87 63.24 -25.44
CA GLN B 498 23.96 63.11 -26.90
C GLN B 498 24.93 64.14 -27.45
N ALA B 499 24.79 65.39 -27.00
CA ALA B 499 25.64 66.48 -27.47
C ALA B 499 27.11 66.28 -27.13
N SER B 500 27.39 65.73 -25.96
CA SER B 500 28.78 65.54 -25.53
C SER B 500 29.59 64.73 -26.52
N TRP B 501 29.00 63.67 -27.09
CA TRP B 501 29.76 62.87 -28.03
C TRP B 501 30.12 63.64 -29.30
N TYR B 502 29.17 64.41 -29.82
CA TYR B 502 29.42 65.17 -31.02
C TYR B 502 30.28 66.41 -30.79
N ILE B 503 30.25 66.93 -29.57
CA ILE B 503 31.09 68.09 -29.25
C ILE B 503 32.53 67.54 -29.25
N HIS B 504 32.69 66.35 -28.67
CA HIS B 504 33.96 65.65 -28.60
C HIS B 504 34.47 65.40 -30.03
N LYS B 505 33.60 64.87 -30.87
CA LYS B 505 33.97 64.59 -32.26
C LYS B 505 34.43 65.88 -32.95
N TYR B 506 33.67 66.96 -32.74
CA TYR B 506 34.00 68.25 -33.34
C TYR B 506 35.34 68.81 -32.88
N ILE B 507 35.56 68.85 -31.58
CA ILE B 507 36.81 69.38 -31.03
C ILE B 507 38.02 68.57 -31.52
N GLN B 508 37.92 67.25 -31.45
CA GLN B 508 39.01 66.39 -31.89
C GLN B 508 39.35 66.67 -33.35
N ALA B 509 38.34 66.81 -34.20
CA ALA B 509 38.54 67.09 -35.61
C ALA B 509 39.25 68.43 -35.79
N GLN B 510 38.90 69.39 -34.95
CA GLN B 510 39.51 70.71 -35.02
C GLN B 510 41.00 70.61 -34.73
N TYR B 511 41.38 69.62 -33.94
CA TYR B 511 42.79 69.41 -33.62
C TYR B 511 43.42 68.35 -34.52
N GLY B 512 42.72 68.00 -35.60
CA GLY B 512 43.24 67.01 -36.54
C GLY B 512 43.26 65.57 -36.06
N ALA B 513 42.33 65.21 -35.19
CA ALA B 513 42.25 63.84 -34.68
C ALA B 513 40.89 63.24 -34.99
N SER B 514 40.87 61.94 -35.22
CA SER B 514 39.64 61.22 -35.54
C SER B 514 39.09 60.57 -34.27
N VAL B 515 37.83 60.17 -34.31
CA VAL B 515 37.21 59.49 -33.17
C VAL B 515 36.57 58.21 -33.69
N SER B 516 36.30 57.28 -32.78
CA SER B 516 35.69 56.01 -33.17
C SER B 516 34.36 56.23 -33.88
N ALA B 517 34.08 55.39 -34.88
CA ALA B 517 32.84 55.50 -35.61
C ALA B 517 31.70 55.21 -34.64
N LYS B 518 31.95 54.27 -33.72
CA LYS B 518 30.97 53.90 -32.72
C LYS B 518 31.07 54.77 -31.49
N PRO B 519 29.97 55.44 -31.10
CA PRO B 519 30.00 56.29 -29.91
C PRO B 519 30.53 55.52 -28.70
N GLU B 520 31.38 56.17 -27.91
CA GLU B 520 31.99 55.52 -26.77
C GLU B 520 32.07 56.40 -25.51
N LEU B 521 30.91 56.78 -24.97
CA LEU B 521 30.90 57.59 -23.75
C LEU B 521 31.28 56.71 -22.58
N PRO B 522 32.17 57.21 -21.71
CA PRO B 522 32.63 56.47 -20.53
C PRO B 522 31.55 56.22 -19.47
N LEU B 523 31.79 55.19 -18.65
CA LEU B 523 30.87 54.86 -17.56
C LEU B 523 31.20 55.77 -16.39
N PHE B 524 30.50 55.57 -15.27
CA PHE B 524 30.68 56.35 -14.05
C PHE B 524 31.62 55.56 -13.12
N TYR B 525 32.66 56.22 -12.58
CA TYR B 525 33.62 55.55 -11.70
C TYR B 525 33.83 56.24 -10.35
N THR B 526 34.23 55.44 -9.35
CA THR B 526 34.53 55.92 -8.01
C THR B 526 35.73 55.11 -7.51
N PRO B 527 36.32 55.49 -6.36
CA PRO B 527 37.46 54.76 -5.81
C PRO B 527 37.16 53.27 -5.54
N VAL B 528 35.87 52.95 -5.38
CA VAL B 528 35.48 51.57 -5.11
C VAL B 528 35.92 50.67 -6.26
N ASP B 529 35.88 51.21 -7.47
CA ASP B 529 36.23 50.44 -8.66
C ASP B 529 37.70 50.04 -8.70
N LEU B 530 38.52 50.69 -7.89
CA LEU B 530 39.95 50.39 -7.85
C LEU B 530 40.28 49.27 -6.86
N VAL B 531 39.30 48.85 -6.08
CA VAL B 531 39.53 47.79 -5.10
C VAL B 531 39.91 46.46 -5.75
N ASP B 532 40.98 45.86 -5.25
CA ASP B 532 41.48 44.60 -5.77
C ASP B 532 40.73 43.42 -5.15
N ILE B 533 40.08 42.60 -5.98
CA ILE B 533 39.36 41.44 -5.45
C ILE B 533 39.95 40.12 -5.95
N SER B 534 41.24 40.14 -6.29
CA SER B 534 41.90 38.92 -6.74
C SER B 534 42.23 38.09 -5.51
N VAL B 535 42.49 36.80 -5.72
CA VAL B 535 42.82 35.91 -4.63
C VAL B 535 43.66 34.76 -5.16
N GLU B 536 44.57 34.27 -4.33
CA GLU B 536 45.42 33.16 -4.70
C GLU B 536 45.01 31.94 -3.88
N MET B 537 44.90 30.79 -4.53
CA MET B 537 44.51 29.57 -3.83
C MET B 537 45.14 28.36 -4.51
N ALA B 538 45.78 27.51 -3.70
CA ALA B 538 46.42 26.30 -4.20
C ALA B 538 47.41 26.60 -5.32
N GLY B 539 48.09 27.73 -5.23
CA GLY B 539 49.07 28.09 -6.25
C GLY B 539 48.47 28.71 -7.49
N LEU B 540 47.15 28.86 -7.51
CA LEU B 540 46.45 29.43 -8.65
C LEU B 540 46.03 30.87 -8.38
N LYS B 541 46.11 31.71 -9.40
CA LYS B 541 45.72 33.11 -9.27
C LYS B 541 44.38 33.37 -9.92
N PHE B 542 43.41 33.82 -9.13
CA PHE B 542 42.06 34.14 -9.62
C PHE B 542 41.91 35.65 -9.69
N ILE B 543 41.46 36.18 -10.84
CA ILE B 543 41.29 37.62 -10.99
C ILE B 543 40.17 38.12 -10.09
N ASN B 544 39.21 37.25 -9.80
CA ASN B 544 38.13 37.53 -8.88
C ASN B 544 37.70 36.16 -8.35
N PRO B 545 37.10 36.10 -7.16
CA PRO B 545 36.68 34.83 -6.57
C PRO B 545 35.43 34.12 -7.07
N PHE B 546 34.80 34.65 -8.10
CA PHE B 546 33.57 34.04 -8.60
C PHE B 546 33.77 33.15 -9.81
N GLY B 547 33.15 31.97 -9.79
CA GLY B 547 33.27 31.06 -10.90
C GLY B 547 32.01 30.23 -11.11
N LEU B 548 31.90 29.63 -12.29
CA LEU B 548 30.75 28.79 -12.61
C LEU B 548 31.00 27.37 -12.12
N ALA B 549 30.05 26.82 -11.38
CA ALA B 549 30.18 25.46 -10.88
C ALA B 549 29.99 24.49 -12.04
N SER B 550 30.36 23.23 -11.84
CA SER B 550 30.19 22.23 -12.88
C SER B 550 28.68 21.98 -12.90
N ALA B 551 27.98 22.51 -13.88
CA ALA B 551 26.53 22.36 -13.93
C ALA B 551 25.91 22.77 -15.26
N ALA B 552 24.61 23.04 -15.25
CA ALA B 552 23.89 23.43 -16.46
C ALA B 552 24.52 24.65 -17.14
N PRO B 553 24.95 25.66 -16.36
CA PRO B 553 25.55 26.84 -16.99
C PRO B 553 26.87 26.54 -17.73
N THR B 554 27.43 25.36 -17.49
CA THR B 554 28.66 24.97 -18.18
C THR B 554 28.42 23.74 -19.05
N THR B 555 27.20 23.65 -19.58
CA THR B 555 26.80 22.54 -20.46
C THR B 555 27.67 22.47 -21.72
N SER B 556 28.07 23.63 -22.23
CA SER B 556 28.91 23.70 -23.43
C SER B 556 30.06 24.68 -23.20
N SER B 557 31.21 24.40 -23.81
CA SER B 557 32.38 25.26 -23.64
C SER B 557 32.13 26.65 -24.23
N SER B 558 31.20 26.75 -25.18
CA SER B 558 30.88 28.05 -25.80
C SER B 558 30.25 28.95 -24.75
N MET B 559 29.57 28.35 -23.78
CA MET B 559 28.95 29.10 -22.70
C MET B 559 30.02 29.60 -21.75
N ILE B 560 31.01 28.77 -21.48
CA ILE B 560 32.11 29.17 -20.60
C ILE B 560 32.83 30.36 -21.25
N ARG B 561 32.99 30.30 -22.57
CA ARG B 561 33.65 31.39 -23.30
C ARG B 561 32.91 32.71 -23.05
N ARG B 562 31.59 32.68 -23.18
CA ARG B 562 30.81 33.89 -22.97
C ARG B 562 30.87 34.34 -21.51
N ALA B 563 30.98 33.39 -20.60
CA ALA B 563 31.07 33.70 -19.19
C ALA B 563 32.38 34.45 -18.91
N PHE B 564 33.47 33.98 -19.51
CA PHE B 564 34.76 34.63 -19.32
C PHE B 564 34.73 36.02 -19.96
N GLU B 565 34.05 36.15 -21.09
CA GLU B 565 33.93 37.43 -21.76
C GLU B 565 33.15 38.39 -20.88
N ALA B 566 32.20 37.85 -20.12
CA ALA B 566 31.40 38.66 -19.23
C ALA B 566 32.22 39.08 -18.00
N GLY B 567 33.26 38.32 -17.66
CA GLY B 567 34.09 38.67 -16.53
C GLY B 567 34.24 37.66 -15.40
N TRP B 568 33.66 36.46 -15.55
CA TRP B 568 33.79 35.45 -14.50
C TRP B 568 35.25 35.07 -14.29
N GLY B 569 35.65 34.94 -13.02
CA GLY B 569 37.02 34.61 -12.69
C GLY B 569 37.46 33.22 -13.07
N PHE B 570 36.56 32.25 -12.93
CA PHE B 570 36.89 30.88 -13.29
C PHE B 570 35.64 30.08 -13.64
N ALA B 571 35.84 28.86 -14.11
CA ALA B 571 34.73 28.01 -14.48
C ALA B 571 35.14 26.55 -14.48
N LEU B 572 34.17 25.71 -14.16
CA LEU B 572 34.34 24.27 -14.13
C LEU B 572 33.68 23.75 -15.38
N THR B 573 34.25 22.72 -15.98
CA THR B 573 33.58 22.15 -17.14
C THR B 573 32.47 21.30 -16.52
N LYS B 574 31.47 20.94 -17.30
CA LYS B 574 30.44 20.04 -16.82
C LYS B 574 31.26 18.77 -16.61
N THR B 575 30.93 17.95 -15.61
CA THR B 575 31.68 16.72 -15.37
C THR B 575 31.68 15.82 -16.61
N PHE B 576 32.86 15.34 -17.01
CA PHE B 576 32.93 14.44 -18.15
C PHE B 576 33.68 13.17 -17.76
N SER B 577 33.60 12.16 -18.62
CA SER B 577 34.25 10.89 -18.33
C SER B 577 34.80 10.22 -19.58
N LEU B 578 35.34 9.02 -19.39
CA LEU B 578 35.89 8.24 -20.50
C LEU B 578 34.73 7.79 -21.39
N ASP B 579 35.05 7.51 -22.65
CA ASP B 579 34.03 7.07 -23.60
C ASP B 579 33.15 5.91 -23.13
N LYS B 580 33.76 4.93 -22.46
CA LYS B 580 33.01 3.77 -22.00
C LYS B 580 31.95 4.10 -20.94
N ASP B 581 32.07 5.27 -20.34
CA ASP B 581 31.12 5.68 -19.30
C ASP B 581 30.08 6.68 -19.81
N ILE B 582 29.93 6.74 -21.13
CA ILE B 582 28.99 7.64 -21.77
C ILE B 582 27.57 7.51 -21.20
N VAL B 583 26.89 8.64 -21.00
CA VAL B 583 25.55 8.63 -20.44
C VAL B 583 24.54 9.31 -21.36
N THR B 584 23.26 9.12 -21.04
CA THR B 584 22.17 9.70 -21.80
C THR B 584 21.15 10.26 -20.80
N ASN B 585 20.89 11.56 -20.88
CA ASN B 585 19.94 12.20 -19.99
C ASN B 585 18.49 11.87 -20.33
N VAL B 586 17.62 12.07 -19.35
CA VAL B 586 16.19 11.87 -19.54
C VAL B 586 15.61 13.27 -19.46
N SER B 587 14.32 13.39 -19.74
CA SER B 587 13.64 14.67 -19.67
C SER B 587 12.19 14.39 -19.29
N PRO B 588 11.59 15.26 -18.44
CA PRO B 588 12.15 16.46 -17.82
C PRO B 588 13.19 16.07 -16.78
N ARG B 589 14.12 16.99 -16.47
CA ARG B 589 15.14 16.68 -15.47
C ARG B 589 15.56 17.80 -14.51
N ILE B 590 15.08 19.02 -14.73
CA ILE B 590 15.40 20.13 -13.83
C ILE B 590 14.10 20.84 -13.52
N VAL B 591 13.74 20.94 -12.24
CA VAL B 591 12.49 21.60 -11.88
C VAL B 591 12.71 22.66 -10.81
N ARG B 592 11.75 23.59 -10.69
CA ARG B 592 11.85 24.65 -9.71
C ARG B 592 11.60 24.12 -8.32
N GLY B 593 12.15 24.78 -7.32
CA GLY B 593 11.95 24.35 -5.96
C GLY B 593 10.60 24.80 -5.45
N THR B 594 10.10 24.08 -4.45
CA THR B 594 8.82 24.37 -3.83
C THR B 594 9.13 24.82 -2.40
N THR B 595 10.41 25.09 -2.16
CA THR B 595 10.93 25.50 -0.87
C THR B 595 10.48 26.85 -0.33
N SER B 596 9.82 27.66 -1.17
CA SER B 596 9.34 28.96 -0.71
C SER B 596 7.94 29.25 -1.21
N GLY B 597 7.15 28.20 -1.39
CA GLY B 597 5.78 28.36 -1.82
C GLY B 597 5.56 28.57 -3.30
N PRO B 598 4.29 28.81 -3.70
CA PRO B 598 3.87 29.04 -5.09
C PRO B 598 4.25 30.42 -5.61
N MET B 599 5.55 30.69 -5.61
CA MET B 599 6.11 31.95 -6.11
C MET B 599 6.86 31.58 -7.38
N TYR B 600 6.40 32.08 -8.51
CA TYR B 600 7.04 31.74 -9.78
C TYR B 600 7.81 32.91 -10.36
N GLY B 601 8.72 32.60 -11.28
CA GLY B 601 9.50 33.64 -11.91
C GLY B 601 10.89 33.83 -11.30
N PRO B 602 11.35 35.08 -11.16
CA PRO B 602 12.66 35.37 -10.60
C PRO B 602 12.90 34.89 -9.18
N GLY B 603 14.17 34.64 -8.88
CA GLY B 603 14.57 34.23 -7.56
C GLY B 603 14.04 32.93 -6.98
N GLN B 604 14.01 31.87 -7.77
CA GLN B 604 13.54 30.58 -7.25
C GLN B 604 14.49 30.24 -6.09
N SER B 605 13.92 29.82 -4.96
CA SER B 605 14.74 29.49 -3.79
C SER B 605 15.56 28.21 -3.90
N SER B 606 15.28 27.42 -4.94
CA SER B 606 16.03 26.19 -5.18
C SER B 606 15.57 25.54 -6.47
N PHE B 607 16.31 24.51 -6.88
CA PHE B 607 15.99 23.71 -8.06
C PHE B 607 16.32 22.29 -7.67
N LEU B 608 15.73 21.34 -8.36
CA LEU B 608 16.03 19.94 -8.12
C LEU B 608 16.32 19.40 -9.51
N ASN B 609 17.37 18.60 -9.63
CA ASN B 609 17.71 18.05 -10.93
C ASN B 609 18.04 16.57 -10.84
N ILE B 610 17.78 15.86 -11.92
CA ILE B 610 18.11 14.43 -11.99
C ILE B 610 18.99 14.29 -13.22
N GLU B 611 19.82 15.30 -13.45
CA GLU B 611 20.72 15.30 -14.59
C GLU B 611 21.96 14.46 -14.29
N LEU B 612 22.54 13.88 -15.32
CA LEU B 612 23.74 13.06 -15.17
C LEU B 612 24.95 13.92 -15.56
N ILE B 613 26.10 13.29 -15.72
CA ILE B 613 27.29 14.05 -16.10
C ILE B 613 27.10 14.49 -17.56
N SER B 614 28.09 15.19 -18.09
CA SER B 614 28.02 15.68 -19.46
C SER B 614 27.76 14.59 -20.48
N GLU B 615 26.95 14.93 -21.48
CA GLU B 615 26.65 13.99 -22.56
C GLU B 615 27.70 14.21 -23.65
N LYS B 616 28.53 15.24 -23.49
CA LYS B 616 29.58 15.52 -24.46
C LYS B 616 30.84 14.71 -24.10
N THR B 617 31.60 14.32 -25.12
CA THR B 617 32.78 13.50 -24.95
C THR B 617 33.99 14.16 -24.31
N ALA B 618 34.89 13.33 -23.79
CA ALA B 618 36.11 13.82 -23.16
C ALA B 618 36.93 14.55 -24.23
N ALA B 619 36.86 14.04 -25.46
CA ALA B 619 37.57 14.64 -26.58
C ALA B 619 37.13 16.08 -26.77
N TYR B 620 35.81 16.29 -26.72
CA TYR B 620 35.22 17.62 -26.87
C TYR B 620 35.70 18.55 -25.77
N TRP B 621 35.60 18.08 -24.53
CA TRP B 621 35.99 18.89 -23.39
C TRP B 621 37.48 19.20 -23.33
N CYS B 622 38.31 18.23 -23.69
CA CYS B 622 39.75 18.48 -23.65
C CYS B 622 40.17 19.47 -24.72
N GLN B 623 39.61 19.35 -25.93
CA GLN B 623 39.95 20.32 -26.98
C GLN B 623 39.41 21.68 -26.56
N SER B 624 38.24 21.69 -25.93
CA SER B 624 37.63 22.94 -25.48
C SER B 624 38.48 23.63 -24.43
N VAL B 625 39.04 22.85 -23.50
CA VAL B 625 39.88 23.43 -22.45
C VAL B 625 41.12 24.06 -23.08
N THR B 626 41.72 23.37 -24.05
CA THR B 626 42.90 23.90 -24.74
C THR B 626 42.54 25.24 -25.36
N GLU B 627 41.40 25.29 -26.03
CA GLU B 627 40.94 26.51 -26.69
C GLU B 627 40.70 27.65 -25.69
N LEU B 628 39.96 27.34 -24.63
CA LEU B 628 39.65 28.32 -23.60
C LEU B 628 40.89 28.88 -22.93
N LYS B 629 41.83 28.01 -22.56
CA LYS B 629 43.07 28.47 -21.93
C LYS B 629 43.95 29.27 -22.87
N ALA B 630 43.86 28.99 -24.16
CA ALA B 630 44.64 29.71 -25.15
C ALA B 630 44.09 31.14 -25.30
N ASP B 631 42.77 31.26 -25.27
CA ASP B 631 42.13 32.56 -25.43
C ASP B 631 41.93 33.38 -24.16
N PHE B 632 41.89 32.69 -23.01
CA PHE B 632 41.70 33.36 -21.72
C PHE B 632 42.73 32.82 -20.72
N PRO B 633 44.00 33.15 -20.93
CA PRO B 633 45.11 32.70 -20.07
C PRO B 633 44.96 33.06 -18.60
N ASP B 634 44.32 34.18 -18.31
CA ASP B 634 44.17 34.63 -16.92
C ASP B 634 42.93 34.11 -16.22
N ASN B 635 42.03 33.47 -16.96
CA ASN B 635 40.83 32.90 -16.36
C ASN B 635 41.11 31.45 -16.05
N ILE B 636 40.80 31.03 -14.83
CA ILE B 636 41.05 29.67 -14.42
C ILE B 636 40.01 28.68 -14.93
N VAL B 637 40.49 27.61 -15.55
CA VAL B 637 39.61 26.56 -16.06
C VAL B 637 39.90 25.29 -15.29
N ILE B 638 38.89 24.75 -14.64
CA ILE B 638 39.04 23.52 -13.87
C ILE B 638 38.21 22.43 -14.53
N ALA B 639 38.86 21.32 -14.86
CA ALA B 639 38.16 20.21 -15.50
C ALA B 639 37.56 19.27 -14.46
N SER B 640 36.23 19.10 -14.52
CA SER B 640 35.54 18.21 -13.60
C SER B 640 35.47 16.84 -14.26
N ILE B 641 35.93 15.81 -13.57
CA ILE B 641 35.93 14.47 -14.14
C ILE B 641 35.37 13.42 -13.18
N MET B 642 34.94 12.30 -13.74
CA MET B 642 34.38 11.22 -12.96
C MET B 642 34.65 9.86 -13.58
N CYS B 643 35.05 8.92 -12.73
CA CYS B 643 35.31 7.54 -13.16
C CYS B 643 34.72 6.61 -12.12
N SER B 644 34.59 5.34 -12.48
CA SER B 644 34.09 4.35 -11.53
C SER B 644 35.29 4.10 -10.62
N TYR B 645 35.10 3.30 -9.58
CA TYR B 645 36.18 3.01 -8.63
C TYR B 645 37.21 2.11 -9.29
N ASN B 646 38.07 2.70 -10.13
CA ASN B 646 39.09 1.96 -10.85
C ASN B 646 40.33 2.84 -11.02
N LYS B 647 41.46 2.36 -10.51
CA LYS B 647 42.72 3.09 -10.58
C LYS B 647 43.14 3.52 -11.98
N ASN B 648 43.20 2.57 -12.91
CA ASN B 648 43.62 2.91 -14.27
C ASN B 648 42.72 3.96 -14.91
N ASP B 649 41.42 3.86 -14.67
CA ASP B 649 40.49 4.83 -15.25
C ASP B 649 40.75 6.24 -14.72
N TRP B 650 40.81 6.41 -13.41
CA TRP B 650 41.05 7.73 -12.84
C TRP B 650 42.38 8.32 -13.30
N MET B 651 43.40 7.49 -13.42
CA MET B 651 44.70 7.97 -13.84
C MET B 651 44.68 8.38 -15.31
N GLU B 652 43.97 7.59 -16.12
CA GLU B 652 43.86 7.88 -17.55
C GLU B 652 43.13 9.19 -17.83
N LEU B 653 41.95 9.34 -17.21
CA LEU B 653 41.14 10.53 -17.42
C LEU B 653 41.78 11.78 -16.84
N SER B 654 42.38 11.69 -15.65
CA SER B 654 43.00 12.85 -15.05
C SER B 654 44.18 13.33 -15.90
N ARG B 655 44.95 12.38 -16.44
CA ARG B 655 46.07 12.72 -17.29
C ARG B 655 45.62 13.36 -18.60
N LYS B 656 44.49 12.88 -19.13
CA LYS B 656 43.96 13.44 -20.38
C LYS B 656 43.53 14.88 -20.14
N ALA B 657 42.88 15.13 -19.01
CA ALA B 657 42.42 16.47 -18.66
C ALA B 657 43.62 17.39 -18.43
N GLU B 658 44.63 16.92 -17.72
CA GLU B 658 45.81 17.73 -17.45
C GLU B 658 46.53 18.09 -18.74
N ALA B 659 46.65 17.11 -19.64
CA ALA B 659 47.33 17.33 -20.91
C ALA B 659 46.64 18.40 -21.77
N SER B 660 45.35 18.60 -21.54
CA SER B 660 44.59 19.58 -22.30
C SER B 660 44.92 21.01 -21.89
N GLY B 661 45.59 21.17 -20.75
CA GLY B 661 45.96 22.49 -20.29
C GLY B 661 45.12 23.03 -19.14
N ALA B 662 44.30 22.17 -18.54
CA ALA B 662 43.45 22.60 -17.43
C ALA B 662 44.33 23.10 -16.29
N ASP B 663 43.90 24.18 -15.62
CA ASP B 663 44.66 24.73 -14.50
C ASP B 663 44.62 23.78 -13.31
N ALA B 664 43.49 23.10 -13.16
CA ALA B 664 43.31 22.16 -12.06
C ALA B 664 42.20 21.19 -12.42
N LEU B 665 41.99 20.19 -11.58
CA LEU B 665 40.93 19.22 -11.79
C LEU B 665 40.01 19.24 -10.58
N GLU B 666 38.76 18.83 -10.80
CA GLU B 666 37.79 18.71 -9.72
C GLU B 666 37.26 17.29 -9.85
N LEU B 667 37.39 16.50 -8.81
CA LEU B 667 36.94 15.11 -8.86
C LEU B 667 35.50 14.98 -8.40
N ASN B 668 34.64 14.51 -9.31
CA ASN B 668 33.24 14.30 -8.99
C ASN B 668 33.15 12.90 -8.40
N LEU B 669 32.81 12.82 -7.12
CA LEU B 669 32.75 11.53 -6.43
C LEU B 669 31.33 10.97 -6.27
N SER B 670 30.50 11.14 -7.30
CA SER B 670 29.11 10.67 -7.26
C SER B 670 28.89 9.26 -7.78
N CYS B 671 29.92 8.63 -8.33
CA CYS B 671 29.76 7.29 -8.87
C CYS B 671 29.60 6.21 -7.81
N PRO B 672 28.59 5.34 -7.96
CA PRO B 672 28.31 4.25 -7.02
C PRO B 672 29.53 3.29 -6.91
N HIS B 673 29.62 2.52 -5.82
CA HIS B 673 30.76 1.61 -5.62
C HIS B 673 30.66 0.17 -6.10
N GLY B 674 31.10 -0.77 -5.26
CA GLY B 674 31.09 -2.18 -5.64
C GLY B 674 30.04 -3.15 -5.13
N MET B 675 29.28 -2.80 -4.08
CA MET B 675 28.24 -3.69 -3.56
C MET B 675 27.72 -3.28 -2.18
N GLY B 676 27.43 -2.00 -1.99
CA GLY B 676 26.92 -1.52 -0.72
C GLY B 676 27.52 -2.27 0.44
N GLU B 677 26.74 -2.51 1.50
CA GLU B 677 27.18 -3.29 2.68
C GLU B 677 27.22 -2.65 4.07
N ARG B 678 27.98 -1.59 4.26
CA ARG B 678 28.11 -1.00 5.60
C ARG B 678 27.41 0.32 5.94
N GLY B 679 26.49 0.77 5.10
CA GLY B 679 25.79 2.00 5.40
C GLY B 679 26.55 3.28 5.06
N MET B 680 27.56 3.16 4.22
CA MET B 680 28.34 4.32 3.81
C MET B 680 27.72 4.81 2.51
N GLY B 681 26.39 4.75 2.45
CA GLY B 681 25.68 5.18 1.27
C GLY B 681 25.93 4.25 0.11
N LEU B 682 26.07 4.84 -1.08
CA LEU B 682 26.30 4.07 -2.29
C LEU B 682 27.39 4.70 -3.14
N ALA B 683 27.57 6.01 -2.98
CA ALA B 683 28.56 6.76 -3.74
C ALA B 683 29.95 6.73 -3.10
N CYS B 684 30.99 6.79 -3.94
CA CYS B 684 32.35 6.79 -3.47
C CYS B 684 32.58 7.98 -2.54
N GLY B 685 31.96 9.11 -2.88
CA GLY B 685 32.11 10.32 -2.08
C GLY B 685 31.54 10.25 -0.67
N GLN B 686 30.84 9.16 -0.35
CA GLN B 686 30.26 9.00 0.98
C GLN B 686 31.11 8.07 1.85
N ASP B 687 32.20 7.56 1.30
CA ASP B 687 33.10 6.65 2.02
C ASP B 687 34.53 7.22 2.08
N PRO B 688 35.01 7.57 3.28
CA PRO B 688 36.36 8.12 3.46
C PRO B 688 37.45 7.26 2.81
N GLU B 689 37.35 5.95 2.97
CA GLU B 689 38.35 5.04 2.42
C GLU B 689 38.43 5.14 0.90
N LEU B 690 37.29 5.14 0.23
CA LEU B 690 37.25 5.23 -1.21
C LEU B 690 37.75 6.60 -1.70
N VAL B 691 37.34 7.67 -1.00
CA VAL B 691 37.77 9.02 -1.36
C VAL B 691 39.29 9.15 -1.28
N ARG B 692 39.87 8.66 -0.18
CA ARG B 692 41.31 8.71 0.03
C ARG B 692 42.03 8.02 -1.14
N ASN B 693 41.58 6.81 -1.45
CA ASN B 693 42.17 6.04 -2.54
C ASN B 693 42.11 6.76 -3.89
N ILE B 694 40.92 7.21 -4.26
CA ILE B 694 40.75 7.93 -5.52
C ILE B 694 41.68 9.13 -5.59
N CYS B 695 41.78 9.90 -4.51
CA CYS B 695 42.67 11.05 -4.54
C CYS B 695 44.12 10.59 -4.69
N ARG B 696 44.48 9.48 -4.05
CA ARG B 696 45.86 8.96 -4.17
C ARG B 696 46.17 8.58 -5.62
N TRP B 697 45.19 8.01 -6.31
CA TRP B 697 45.38 7.62 -7.70
C TRP B 697 45.62 8.85 -8.59
N VAL B 698 44.79 9.87 -8.42
CA VAL B 698 44.94 11.08 -9.21
C VAL B 698 46.23 11.83 -8.86
N ARG B 699 46.56 11.90 -7.57
CA ARG B 699 47.77 12.60 -7.13
C ARG B 699 49.00 11.99 -7.83
N GLN B 700 49.00 10.67 -7.95
CA GLN B 700 50.08 9.93 -8.60
C GLN B 700 50.12 10.13 -10.10
N ALA B 701 48.97 10.50 -10.67
CA ALA B 701 48.87 10.66 -12.11
C ALA B 701 49.17 12.04 -12.67
N VAL B 702 48.83 13.08 -11.93
CA VAL B 702 49.06 14.44 -12.42
C VAL B 702 49.83 15.32 -11.45
N GLN B 703 50.36 16.42 -11.98
CA GLN B 703 51.13 17.35 -11.16
C GLN B 703 50.36 18.63 -10.88
N ILE B 704 49.31 18.89 -11.65
CA ILE B 704 48.51 20.08 -11.41
C ILE B 704 47.64 19.86 -10.16
N PRO B 705 47.15 20.94 -9.55
CA PRO B 705 46.32 20.82 -8.36
C PRO B 705 44.99 20.17 -8.69
N PHE B 706 44.39 19.49 -7.73
CA PHE B 706 43.08 18.91 -7.95
C PHE B 706 42.29 19.00 -6.65
N PHE B 707 40.98 19.13 -6.79
CA PHE B 707 40.09 19.25 -5.64
C PHE B 707 39.02 18.19 -5.67
N ALA B 708 38.69 17.64 -4.50
CA ALA B 708 37.67 16.63 -4.40
C ALA B 708 36.33 17.32 -4.12
N LYS B 709 35.32 17.08 -4.96
CA LYS B 709 34.03 17.71 -4.71
C LYS B 709 33.26 16.81 -3.74
N LEU B 710 32.97 17.35 -2.56
CA LEU B 710 32.29 16.61 -1.51
C LEU B 710 30.77 16.70 -1.53
N THR B 711 30.13 15.62 -1.12
CA THR B 711 28.68 15.58 -1.05
C THR B 711 28.28 15.93 0.38
N PRO B 712 27.18 16.67 0.54
CA PRO B 712 26.72 17.05 1.89
C PRO B 712 25.89 15.90 2.49
N ASN B 713 25.61 14.90 1.67
CA ASN B 713 24.80 13.75 2.10
C ASN B 713 25.60 12.71 2.87
N VAL B 714 26.22 13.15 3.95
CA VAL B 714 27.02 12.27 4.80
C VAL B 714 26.88 12.71 6.25
N THR B 715 27.13 11.77 7.17
CA THR B 715 27.05 12.05 8.59
C THR B 715 28.11 13.04 9.04
N ASP B 716 29.34 12.83 8.58
CA ASP B 716 30.48 13.67 8.95
C ASP B 716 31.29 14.07 7.72
N ILE B 717 30.98 15.24 7.15
CA ILE B 717 31.70 15.67 5.96
C ILE B 717 33.18 15.92 6.22
N VAL B 718 33.54 16.23 7.47
CA VAL B 718 34.94 16.46 7.80
C VAL B 718 35.75 15.19 7.57
N SER B 719 35.16 14.03 7.85
CA SER B 719 35.86 12.76 7.66
C SER B 719 36.20 12.55 6.19
N ILE B 720 35.32 13.00 5.30
CA ILE B 720 35.57 12.87 3.87
C ILE B 720 36.60 13.91 3.42
N ALA B 721 36.50 15.12 3.96
CA ALA B 721 37.46 16.17 3.61
C ALA B 721 38.86 15.74 4.02
N ARG B 722 38.98 15.20 5.23
CA ARG B 722 40.27 14.77 5.74
C ARG B 722 40.83 13.62 4.89
N ALA B 723 39.95 12.74 4.44
CA ALA B 723 40.37 11.60 3.62
C ALA B 723 40.94 12.09 2.29
N ALA B 724 40.30 13.12 1.73
CA ALA B 724 40.78 13.66 0.46
C ALA B 724 42.14 14.32 0.66
N LYS B 725 42.31 15.02 1.78
CA LYS B 725 43.58 15.68 2.07
C LYS B 725 44.68 14.63 2.23
N GLU B 726 44.40 13.58 3.01
CA GLU B 726 45.36 12.52 3.23
C GLU B 726 45.69 11.82 1.91
N GLY B 727 44.75 11.86 0.99
CA GLY B 727 44.95 11.24 -0.30
C GLY B 727 45.81 12.08 -1.25
N GLY B 728 45.98 13.35 -0.90
CA GLY B 728 46.80 14.22 -1.73
C GLY B 728 46.06 15.35 -2.42
N ALA B 729 44.76 15.50 -2.15
CA ALA B 729 44.01 16.58 -2.78
C ALA B 729 44.58 17.91 -2.32
N ASP B 730 44.52 18.90 -3.20
CA ASP B 730 45.02 20.25 -2.90
C ASP B 730 43.94 21.10 -2.24
N GLY B 731 42.74 20.56 -2.17
CA GLY B 731 41.63 21.27 -1.56
C GLY B 731 40.35 20.51 -1.79
N VAL B 732 39.23 21.08 -1.37
CA VAL B 732 37.94 20.44 -1.55
C VAL B 732 36.87 21.44 -1.93
N THR B 733 35.89 20.96 -2.71
CA THR B 733 34.79 21.82 -3.11
C THR B 733 33.62 21.38 -2.23
N ALA B 734 33.06 22.33 -1.49
CA ALA B 734 31.96 22.04 -0.60
C ALA B 734 30.81 23.02 -0.86
N THR B 735 29.64 22.50 -1.25
CA THR B 735 29.42 21.06 -1.43
C THR B 735 28.57 20.83 -2.67
N ASN B 736 28.31 19.56 -2.97
CA ASN B 736 27.49 19.22 -4.11
C ASN B 736 26.04 19.39 -3.66
N THR B 737 25.09 18.90 -4.43
CA THR B 737 23.68 19.04 -4.10
C THR B 737 23.23 18.15 -2.95
N VAL B 738 22.11 18.53 -2.34
CA VAL B 738 21.52 17.78 -1.23
C VAL B 738 20.45 16.85 -1.82
N SER B 739 20.49 15.58 -1.45
CA SER B 739 19.54 14.62 -1.97
C SER B 739 18.12 14.90 -1.46
N GLY B 740 17.13 14.84 -2.36
CA GLY B 740 15.77 15.10 -1.94
C GLY B 740 14.71 14.84 -2.99
N LEU B 741 13.45 15.08 -2.62
CA LEU B 741 12.30 14.94 -3.51
C LEU B 741 11.62 16.28 -3.41
N MET B 742 11.45 16.98 -4.53
CA MET B 742 10.85 18.31 -4.48
C MET B 742 9.35 18.31 -4.24
N GLY B 743 8.66 17.21 -4.55
CA GLY B 743 7.23 17.20 -4.29
C GLY B 743 6.41 16.32 -5.20
N LEU B 744 5.13 16.21 -4.85
CA LEU B 744 4.20 15.39 -5.62
C LEU B 744 2.97 16.21 -5.93
N LYS B 745 2.28 15.85 -7.01
CA LYS B 745 1.05 16.52 -7.38
C LYS B 745 -0.01 15.93 -6.48
N ALA B 746 -1.20 16.52 -6.46
CA ALA B 746 -2.28 16.03 -5.63
C ALA B 746 -2.68 14.58 -5.94
N ASP B 747 -2.43 14.14 -7.17
CA ASP B 747 -2.77 12.77 -7.53
C ASP B 747 -1.69 11.77 -7.16
N GLY B 748 -0.62 12.27 -6.54
CA GLY B 748 0.46 11.40 -6.12
C GLY B 748 1.61 11.24 -7.10
N THR B 749 1.48 11.81 -8.30
CA THR B 749 2.54 11.70 -9.29
C THR B 749 3.64 12.71 -8.96
N PRO B 750 4.90 12.35 -9.26
CA PRO B 750 6.04 13.22 -8.97
C PRO B 750 6.34 14.28 -10.04
N TRP B 751 7.26 15.17 -9.68
CA TRP B 751 7.72 16.20 -10.61
C TRP B 751 9.17 16.43 -10.21
N PRO B 752 10.11 16.17 -11.12
CA PRO B 752 9.88 15.68 -12.49
C PRO B 752 9.24 14.29 -12.62
N ALA B 753 8.49 14.11 -13.69
CA ALA B 753 7.82 12.84 -13.98
C ALA B 753 8.32 12.45 -15.36
N VAL B 754 8.93 11.27 -15.48
CA VAL B 754 9.49 10.81 -16.74
C VAL B 754 8.79 9.62 -17.38
N GLY B 755 8.58 9.72 -18.68
CA GLY B 755 7.95 8.65 -19.43
C GLY B 755 6.49 8.38 -19.14
N ALA B 756 5.95 7.38 -19.84
CA ALA B 756 4.55 6.99 -19.68
C ALA B 756 4.23 6.64 -18.24
N GLY B 757 5.18 6.02 -17.55
CA GLY B 757 4.96 5.63 -16.17
C GLY B 757 5.03 6.77 -15.16
N LYS B 758 5.29 7.99 -15.63
CA LYS B 758 5.39 9.15 -14.74
C LYS B 758 6.33 8.85 -13.57
N ARG B 759 7.46 8.26 -13.87
CA ARG B 759 8.43 7.88 -12.86
C ARG B 759 9.45 8.96 -12.53
N THR B 760 10.12 8.79 -11.40
CA THR B 760 11.15 9.72 -10.97
C THR B 760 12.12 9.01 -10.05
N THR B 761 13.17 9.71 -9.67
CA THR B 761 14.16 9.15 -8.75
C THR B 761 14.62 10.33 -7.89
N TYR B 762 15.31 10.05 -6.81
CA TYR B 762 15.77 11.12 -5.94
C TYR B 762 16.69 12.04 -6.71
N GLY B 763 16.51 13.35 -6.53
CA GLY B 763 17.35 14.30 -7.23
C GLY B 763 18.22 15.14 -6.32
N GLY B 764 18.93 16.08 -6.91
CA GLY B 764 19.80 16.94 -6.11
C GLY B 764 19.19 18.33 -5.97
N VAL B 765 19.12 18.83 -4.74
CA VAL B 765 18.58 20.15 -4.46
C VAL B 765 19.73 21.15 -4.45
N SER B 766 19.53 22.27 -5.13
CA SER B 766 20.55 23.33 -5.21
C SER B 766 19.87 24.66 -4.92
N GLY B 767 20.66 25.72 -4.77
CA GLY B 767 20.06 27.02 -4.52
C GLY B 767 20.15 27.54 -3.10
N THR B 768 19.52 28.68 -2.87
CA THR B 768 19.57 29.31 -1.57
C THR B 768 19.01 28.44 -0.44
N ALA B 769 18.12 27.51 -0.79
CA ALA B 769 17.53 26.63 0.22
C ALA B 769 18.57 25.72 0.90
N ILE B 770 19.68 25.44 0.24
CA ILE B 770 20.70 24.59 0.84
C ILE B 770 21.91 25.38 1.34
N ARG B 771 21.82 26.71 1.28
CA ARG B 771 22.94 27.52 1.73
C ARG B 771 23.32 27.24 3.20
N PRO B 772 22.33 27.04 4.08
CA PRO B 772 22.65 26.77 5.49
C PRO B 772 23.48 25.51 5.65
N ILE B 773 23.20 24.54 4.80
CA ILE B 773 23.91 23.26 4.83
C ILE B 773 25.33 23.43 4.31
N ALA B 774 25.49 24.17 3.21
CA ALA B 774 26.80 24.41 2.63
C ALA B 774 27.64 25.27 3.56
N LEU B 775 27.02 26.28 4.15
CA LEU B 775 27.74 27.17 5.06
C LEU B 775 28.25 26.38 6.25
N ARG B 776 27.44 25.47 6.77
CA ARG B 776 27.87 24.64 7.90
C ARG B 776 29.05 23.79 7.46
N ALA B 777 28.94 23.19 6.28
CA ALA B 777 29.99 22.32 5.75
C ALA B 777 31.31 23.08 5.60
N VAL B 778 31.25 24.25 4.99
CA VAL B 778 32.46 25.04 4.79
C VAL B 778 33.12 25.41 6.12
N THR B 779 32.33 25.92 7.06
CA THR B 779 32.87 26.31 8.34
C THR B 779 33.44 25.15 9.14
N THR B 780 32.76 24.00 9.12
CA THR B 780 33.25 22.85 9.87
C THR B 780 34.57 22.31 9.31
N ILE B 781 34.70 22.30 7.99
CA ILE B 781 35.93 21.85 7.36
C ILE B 781 37.05 22.85 7.62
N ALA B 782 36.73 24.14 7.52
CA ALA B 782 37.73 25.18 7.74
C ALA B 782 38.28 25.14 9.16
N ARG B 783 37.44 24.78 10.11
CA ARG B 783 37.86 24.71 11.50
C ARG B 783 38.67 23.43 11.78
N ALA B 784 38.28 22.33 11.15
CA ALA B 784 38.95 21.05 11.33
C ALA B 784 40.28 20.96 10.59
N LEU B 785 40.33 21.57 9.41
CA LEU B 785 41.53 21.54 8.58
C LEU B 785 41.98 22.95 8.23
N PRO B 786 42.51 23.69 9.22
CA PRO B 786 42.97 25.07 9.01
C PRO B 786 43.92 25.23 7.81
N GLY B 787 43.60 26.20 6.96
CA GLY B 787 44.45 26.45 5.81
C GLY B 787 44.21 25.61 4.57
N PHE B 788 43.45 24.53 4.71
CA PHE B 788 43.16 23.64 3.58
C PHE B 788 42.20 24.38 2.64
N PRO B 789 42.61 24.60 1.38
CA PRO B 789 41.77 25.29 0.39
C PRO B 789 40.36 24.74 0.25
N ILE B 790 39.39 25.64 0.24
CA ILE B 790 38.00 25.26 0.08
C ILE B 790 37.34 26.12 -1.01
N LEU B 791 36.70 25.46 -1.97
CA LEU B 791 35.97 26.13 -3.02
C LEU B 791 34.52 25.95 -2.58
N ALA B 792 33.84 27.05 -2.29
CA ALA B 792 32.46 26.99 -1.82
C ALA B 792 31.42 26.95 -2.92
N THR B 793 30.35 26.21 -2.68
CA THR B 793 29.24 26.11 -3.61
C THR B 793 27.99 25.73 -2.81
N GLY B 794 26.89 26.43 -3.09
CA GLY B 794 25.66 26.15 -2.40
C GLY B 794 24.89 27.40 -2.02
N GLY B 795 24.09 27.91 -2.96
CA GLY B 795 23.29 29.08 -2.68
C GLY B 795 23.95 30.44 -2.76
N ILE B 796 25.11 30.53 -3.41
CA ILE B 796 25.79 31.81 -3.54
C ILE B 796 25.09 32.58 -4.68
N ASP B 797 24.52 33.74 -4.36
CA ASP B 797 23.77 34.52 -5.35
C ASP B 797 23.98 36.03 -5.24
N SER B 798 25.06 36.43 -4.59
CA SER B 798 25.34 37.86 -4.42
C SER B 798 26.73 38.03 -3.83
N ALA B 799 27.24 39.26 -3.84
CA ALA B 799 28.55 39.52 -3.26
C ALA B 799 28.43 39.29 -1.76
N GLU B 800 27.31 39.71 -1.19
CA GLU B 800 27.06 39.56 0.23
C GLU B 800 27.09 38.10 0.69
N SER B 801 26.37 37.23 -0.01
CA SER B 801 26.37 35.81 0.36
C SER B 801 27.76 35.24 0.08
N GLY B 802 28.41 35.72 -0.97
CA GLY B 802 29.74 35.24 -1.29
C GLY B 802 30.71 35.57 -0.15
N LEU B 803 30.60 36.79 0.38
CA LEU B 803 31.47 37.21 1.47
C LEU B 803 31.25 36.35 2.71
N GLN B 804 30.02 35.87 2.90
CA GLN B 804 29.72 35.01 4.03
C GLN B 804 30.55 33.73 3.95
N PHE B 805 30.66 33.18 2.74
CA PHE B 805 31.44 31.96 2.54
C PHE B 805 32.94 32.24 2.69
N LEU B 806 33.40 33.40 2.23
CA LEU B 806 34.81 33.75 2.38
C LEU B 806 35.11 33.83 3.88
N HIS B 807 34.23 34.52 4.61
CA HIS B 807 34.38 34.66 6.05
C HIS B 807 34.36 33.31 6.73
N SER B 808 33.70 32.34 6.11
CA SER B 808 33.60 31.00 6.67
C SER B 808 34.79 30.11 6.37
N GLY B 809 35.73 30.60 5.56
CA GLY B 809 36.90 29.79 5.25
C GLY B 809 37.16 29.43 3.80
N ALA B 810 36.22 29.75 2.92
CA ALA B 810 36.41 29.45 1.49
C ALA B 810 37.28 30.52 0.84
N SER B 811 37.98 30.15 -0.24
CA SER B 811 38.84 31.08 -0.96
C SER B 811 38.18 31.56 -2.25
N VAL B 812 37.45 30.65 -2.90
CA VAL B 812 36.74 30.99 -4.13
C VAL B 812 35.29 30.55 -4.01
N LEU B 813 34.45 31.09 -4.89
CA LEU B 813 33.01 30.87 -4.85
C LEU B 813 32.40 30.38 -6.15
N GLN B 814 31.84 29.17 -6.12
CA GLN B 814 31.21 28.59 -7.30
C GLN B 814 29.72 28.90 -7.32
N VAL B 815 29.19 29.16 -8.52
CA VAL B 815 27.79 29.51 -8.69
C VAL B 815 27.09 28.72 -9.80
N CYS B 816 25.86 28.30 -9.53
CA CYS B 816 25.06 27.61 -10.54
C CYS B 816 23.64 28.18 -10.56
N SER B 817 22.87 27.87 -9.52
CA SER B 817 21.48 28.29 -9.43
C SER B 817 21.20 29.78 -9.66
N ALA B 818 22.07 30.66 -9.18
CA ALA B 818 21.87 32.10 -9.36
C ALA B 818 21.90 32.46 -10.85
N VAL B 819 22.68 31.71 -11.62
CA VAL B 819 22.77 31.94 -13.06
C VAL B 819 21.56 31.34 -13.76
N GLN B 820 21.10 30.19 -13.27
CA GLN B 820 19.92 29.55 -13.85
C GLN B 820 18.72 30.47 -13.65
N ASN B 821 18.74 31.21 -12.54
CA ASN B 821 17.68 32.16 -12.21
C ASN B 821 17.81 33.45 -12.98
N GLN B 822 18.97 33.66 -13.61
CA GLN B 822 19.19 34.90 -14.36
C GLN B 822 20.02 34.68 -15.62
N ASP B 823 21.27 35.11 -15.59
CA ASP B 823 22.17 34.97 -16.74
C ASP B 823 23.59 35.28 -16.29
N PHE B 824 24.55 35.17 -17.21
CA PHE B 824 25.96 35.40 -16.87
C PHE B 824 26.31 36.83 -16.42
N THR B 825 25.50 37.82 -16.78
CA THR B 825 25.82 39.19 -16.41
C THR B 825 25.83 39.47 -14.90
N VAL B 826 25.35 38.53 -14.10
CA VAL B 826 25.34 38.75 -12.65
C VAL B 826 26.76 38.94 -12.13
N ILE B 827 27.75 38.43 -12.87
CA ILE B 827 29.13 38.57 -12.45
C ILE B 827 29.47 40.06 -12.23
N GLN B 828 28.89 40.94 -13.05
CA GLN B 828 29.17 42.36 -12.89
C GLN B 828 28.66 42.84 -11.53
N ASP B 829 27.51 42.31 -11.12
CA ASP B 829 26.95 42.67 -9.82
C ASP B 829 27.81 42.14 -8.68
N TYR B 830 28.27 40.90 -8.83
CA TYR B 830 29.08 40.26 -7.79
C TYR B 830 30.40 40.98 -7.57
N CYS B 831 31.05 41.40 -8.65
CA CYS B 831 32.33 42.08 -8.56
C CYS B 831 32.23 43.48 -7.97
N THR B 832 31.30 44.31 -8.46
CA THR B 832 31.16 45.64 -7.90
C THR B 832 30.66 45.56 -6.46
N GLY B 833 29.87 44.54 -6.18
CA GLY B 833 29.34 44.36 -4.83
C GLY B 833 30.44 44.02 -3.84
N LEU B 834 31.32 43.10 -4.21
CA LEU B 834 32.40 42.70 -3.33
C LEU B 834 33.37 43.87 -3.12
N LYS B 835 33.67 44.61 -4.19
CA LYS B 835 34.56 45.75 -4.08
C LYS B 835 33.97 46.75 -3.08
N ALA B 836 32.67 47.00 -3.18
CA ALA B 836 32.02 47.94 -2.28
C ALA B 836 32.05 47.48 -0.82
N LEU B 837 31.78 46.20 -0.60
CA LEU B 837 31.80 45.66 0.77
C LEU B 837 33.18 45.81 1.41
N LEU B 838 34.23 45.53 0.62
CA LEU B 838 35.59 45.64 1.13
C LEU B 838 35.98 47.11 1.35
N TYR B 839 35.58 47.97 0.41
CA TYR B 839 35.89 49.39 0.52
C TYR B 839 35.26 50.01 1.77
N LEU B 840 33.98 49.71 1.98
CA LEU B 840 33.26 50.24 3.14
C LEU B 840 33.87 49.90 4.48
N LYS B 841 34.60 48.79 4.55
CA LYS B 841 35.24 48.39 5.80
C LYS B 841 36.35 49.36 6.22
N SER B 842 36.78 50.20 5.29
CA SER B 842 37.85 51.16 5.58
C SER B 842 37.31 52.54 5.96
N ILE B 843 36.00 52.73 5.86
CA ILE B 843 35.36 54.00 6.18
C ILE B 843 34.87 54.03 7.61
N GLU B 844 35.60 54.73 8.46
CA GLU B 844 35.27 54.83 9.88
C GLU B 844 33.89 55.39 10.21
N GLU B 845 33.44 56.39 9.47
CA GLU B 845 32.13 56.98 9.76
C GLU B 845 30.93 56.14 9.34
N LEU B 846 31.17 55.00 8.69
CA LEU B 846 30.08 54.12 8.26
C LEU B 846 30.12 52.77 8.98
N GLN B 847 30.73 52.73 10.16
CA GLN B 847 30.83 51.48 10.90
C GLN B 847 29.49 50.96 11.41
N GLY B 848 28.49 51.83 11.51
CA GLY B 848 27.18 51.43 11.99
C GLY B 848 26.35 50.69 10.95
N TRP B 849 26.84 50.69 9.71
CA TRP B 849 26.16 50.02 8.61
C TRP B 849 26.43 48.53 8.64
N ASP B 850 25.52 47.75 8.05
CA ASP B 850 25.73 46.31 7.93
C ASP B 850 26.00 46.14 6.44
N GLY B 851 27.28 46.08 6.09
CA GLY B 851 27.63 45.96 4.68
C GLY B 851 27.20 47.25 4.01
N GLN B 852 26.42 47.14 2.94
CA GLN B 852 25.97 48.32 2.21
C GLN B 852 24.64 48.87 2.72
N SER B 853 24.12 48.27 3.80
CA SER B 853 22.85 48.71 4.36
C SER B 853 23.02 49.73 5.48
N PRO B 854 22.51 50.96 5.29
CA PRO B 854 22.65 51.95 6.36
C PRO B 854 21.85 51.49 7.58
N GLY B 855 22.21 51.99 8.77
CA GLY B 855 21.49 51.60 9.97
C GLY B 855 20.03 51.95 9.74
N THR B 856 19.12 51.07 10.14
CA THR B 856 17.70 51.29 9.96
C THR B 856 17.17 52.36 10.90
N GLU B 857 16.53 53.39 10.34
CA GLU B 857 15.98 54.46 11.17
C GLU B 857 14.47 54.37 11.21
N SER B 858 13.88 54.95 12.25
CA SER B 858 12.43 54.92 12.40
C SER B 858 11.76 55.51 11.18
N HIS B 859 10.95 54.68 10.52
CA HIS B 859 10.24 55.05 9.30
C HIS B 859 8.85 54.44 9.26
N GLN B 860 8.03 54.97 8.36
CA GLN B 860 6.69 54.48 8.09
C GLN B 860 6.63 54.63 6.58
N LYS B 861 6.36 53.54 5.87
CA LYS B 861 6.31 53.58 4.41
C LYS B 861 7.62 54.07 3.82
N GLY B 862 8.72 53.87 4.56
CA GLY B 862 10.01 54.29 4.06
C GLY B 862 10.33 55.76 4.24
N LYS B 863 9.43 56.50 4.89
CA LYS B 863 9.66 57.92 5.13
C LYS B 863 9.98 58.14 6.60
N PRO B 864 11.01 58.96 6.88
CA PRO B 864 11.43 59.26 8.25
C PRO B 864 10.29 59.68 9.17
N VAL B 865 10.22 59.06 10.34
CA VAL B 865 9.20 59.39 11.32
C VAL B 865 9.61 60.67 12.03
N PRO B 866 8.78 61.72 11.94
CA PRO B 866 9.11 62.98 12.61
C PRO B 866 9.47 62.82 14.09
N ARG B 867 10.70 63.19 14.45
CA ARG B 867 11.12 63.10 15.85
C ARG B 867 10.65 64.33 16.59
N ILE B 868 9.33 64.45 16.74
CA ILE B 868 8.72 65.57 17.44
C ILE B 868 8.41 65.18 18.88
N ALA B 869 8.81 66.03 19.81
CA ALA B 869 8.58 65.78 21.23
C ALA B 869 7.12 65.45 21.51
N GLU B 870 6.22 66.15 20.83
CA GLU B 870 4.78 65.95 21.02
C GLU B 870 4.24 64.71 20.32
N LEU B 871 5.11 63.77 19.97
CA LEU B 871 4.70 62.54 19.30
C LEU B 871 5.33 61.30 19.93
N MET B 872 6.60 61.41 20.31
CA MET B 872 7.31 60.27 20.89
C MET B 872 6.75 59.84 22.25
N GLY B 873 6.09 58.68 22.26
CA GLY B 873 5.53 58.14 23.48
C GLY B 873 4.05 58.40 23.68
N LYS B 874 3.38 58.86 22.61
CA LYS B 874 1.97 59.18 22.68
C LYS B 874 1.05 58.01 22.32
N LYS B 875 1.64 56.88 21.91
CA LYS B 875 0.86 55.72 21.52
C LYS B 875 -0.19 56.13 20.49
N LEU B 876 0.27 56.75 19.42
CA LEU B 876 -0.60 57.18 18.34
C LEU B 876 -0.27 56.42 17.07
N PRO B 877 -0.99 55.32 16.81
CA PRO B 877 -0.73 54.52 15.60
C PRO B 877 -1.18 55.28 14.36
N ASN B 878 -0.76 54.81 13.19
CA ASN B 878 -1.09 55.50 11.94
C ASN B 878 -2.43 55.14 11.31
N PHE B 879 -3.50 55.23 12.09
CA PHE B 879 -4.83 54.94 11.58
C PHE B 879 -5.91 55.57 12.46
N GLY B 880 -7.13 55.59 11.94
CA GLY B 880 -8.27 56.13 12.66
C GLY B 880 -8.07 57.49 13.30
N PRO B 881 -8.70 57.72 14.46
CA PRO B 881 -8.58 59.01 15.15
C PRO B 881 -7.15 59.34 15.57
N TYR B 882 -6.34 58.30 15.73
CA TYR B 882 -4.95 58.50 16.13
C TYR B 882 -4.19 59.23 15.01
N LEU B 883 -4.41 58.81 13.78
CA LEU B 883 -3.76 59.43 12.62
C LEU B 883 -4.18 60.89 12.56
N GLU B 884 -5.45 61.16 12.84
CA GLU B 884 -5.96 62.54 12.81
C GLU B 884 -5.17 63.38 13.80
N GLN B 885 -4.91 62.81 14.98
CA GLN B 885 -4.15 63.52 16.01
C GLN B 885 -2.72 63.76 15.56
N ARG B 886 -2.11 62.76 14.95
CA ARG B 886 -0.73 62.89 14.47
C ARG B 886 -0.64 64.04 13.47
N LYS B 887 -1.61 64.09 12.56
CA LYS B 887 -1.62 65.14 11.55
C LYS B 887 -1.73 66.52 12.19
N LYS B 888 -2.56 66.64 13.22
CA LYS B 888 -2.74 67.90 13.92
C LYS B 888 -1.44 68.33 14.57
N ILE B 889 -0.78 67.38 15.23
CA ILE B 889 0.48 67.64 15.91
C ILE B 889 1.56 68.06 14.92
N ILE B 890 1.65 67.34 13.80
CA ILE B 890 2.65 67.64 12.78
C ILE B 890 2.40 69.03 12.18
N ALA B 891 1.14 69.35 11.92
CA ALA B 891 0.79 70.65 11.35
C ALA B 891 1.20 71.76 12.31
N GLU B 892 0.98 71.55 13.59
CA GLU B 892 1.35 72.53 14.60
C GLU B 892 2.86 72.72 14.66
N GLU B 893 3.59 71.64 14.48
CA GLU B 893 5.05 71.71 14.49
C GLU B 893 5.56 72.55 13.31
N LYS B 894 4.95 72.36 12.14
CA LYS B 894 5.35 73.10 10.95
C LYS B 894 5.15 74.59 11.17
N MET B 895 4.04 74.94 11.81
CA MET B 895 3.74 76.35 12.07
C MET B 895 4.73 76.92 13.08
N ARG B 896 5.15 76.08 14.01
CA ARG B 896 6.12 76.50 15.02
C ARG B 896 7.44 76.76 14.33
N LEU B 897 7.83 75.84 13.46
CA LEU B 897 9.08 75.97 12.72
C LEU B 897 9.07 77.24 11.88
N LYS B 898 7.89 77.60 11.39
CA LYS B 898 7.75 78.82 10.60
C LYS B 898 8.04 80.02 11.48
N GLU B 899 7.55 79.96 12.71
CA GLU B 899 7.73 81.00 13.72
C GLU B 899 9.19 80.97 14.13
N GLN B 900 9.58 79.92 14.85
CA GLN B 900 10.96 79.75 15.30
C GLN B 900 11.76 79.53 14.02
N ASN B 901 12.25 80.62 13.46
CA ASN B 901 13.00 80.58 12.22
C ASN B 901 14.48 80.24 12.37
N ALA B 902 15.01 79.53 11.37
CA ALA B 902 16.40 79.10 11.33
C ALA B 902 16.54 78.30 10.04
N ALA B 903 17.72 78.30 9.43
CA ALA B 903 17.87 77.56 8.18
C ALA B 903 19.26 77.42 7.58
N PHE B 904 20.26 78.14 8.08
CA PHE B 904 21.55 77.98 7.44
C PHE B 904 22.69 77.18 8.03
N PRO B 905 22.41 75.92 8.40
CA PRO B 905 23.46 75.08 8.95
C PRO B 905 23.74 74.04 7.84
N PRO B 906 23.69 74.45 6.56
CA PRO B 906 23.95 73.48 5.49
C PRO B 906 25.11 72.55 5.73
N LEU B 907 25.28 71.62 4.81
CA LEU B 907 26.30 70.61 4.93
C LEU B 907 27.34 70.67 3.82
N GLU B 908 28.46 71.34 4.08
CA GLU B 908 29.51 71.40 3.07
C GLU B 908 29.87 69.96 2.77
N ARG B 909 29.19 69.37 1.79
CA ARG B 909 29.42 67.99 1.40
C ARG B 909 30.92 67.70 1.32
N LYS B 910 31.37 66.70 2.08
CA LYS B 910 32.79 66.32 2.08
C LYS B 910 32.92 64.81 2.08
N PRO B 911 33.56 64.23 1.05
CA PRO B 911 33.75 62.78 0.90
C PRO B 911 34.49 62.13 2.07
N PHE B 912 34.06 60.92 2.43
CA PHE B 912 34.72 60.18 3.49
C PHE B 912 35.99 59.60 2.88
N ILE B 913 37.04 59.51 3.68
CA ILE B 913 38.32 58.98 3.21
C ILE B 913 38.72 57.76 4.03
N PRO B 914 39.14 56.67 3.35
CA PRO B 914 39.54 55.45 4.08
C PRO B 914 40.55 55.79 5.17
N LYS B 915 40.37 55.21 6.34
CA LYS B 915 41.28 55.46 7.46
C LYS B 915 42.12 54.25 7.83
N LYS B 916 42.01 53.19 7.04
CA LYS B 916 42.78 51.98 7.26
C LYS B 916 42.87 51.33 5.89
N PRO B 917 43.84 50.42 5.70
CA PRO B 917 43.97 49.77 4.39
C PRO B 917 42.67 49.05 4.03
N ILE B 918 42.35 49.01 2.74
CA ILE B 918 41.16 48.30 2.30
C ILE B 918 41.55 46.83 2.31
N PRO B 919 40.76 45.99 3.00
CA PRO B 919 41.04 44.55 3.08
C PRO B 919 41.08 43.84 1.74
N ALA B 920 42.03 42.94 1.59
CA ALA B 920 42.17 42.12 0.39
C ALA B 920 41.38 40.85 0.72
N ILE B 921 41.04 40.05 -0.27
CA ILE B 921 40.29 38.82 0.00
C ILE B 921 41.00 37.97 1.05
N LYS B 922 42.32 37.85 0.93
CA LYS B 922 43.08 37.05 1.87
C LYS B 922 42.93 37.53 3.30
N ASP B 923 42.59 38.81 3.48
CA ASP B 923 42.43 39.37 4.82
C ASP B 923 41.10 39.08 5.48
N VAL B 924 40.11 38.64 4.70
CA VAL B 924 38.80 38.36 5.28
C VAL B 924 38.50 36.86 5.41
N ILE B 925 39.25 36.04 4.69
CA ILE B 925 39.02 34.59 4.73
C ILE B 925 39.12 34.00 6.14
N GLY B 926 38.07 33.30 6.55
CA GLY B 926 38.04 32.66 7.85
C GLY B 926 37.81 33.52 9.08
N LYS B 927 37.57 34.82 8.88
CA LYS B 927 37.36 35.74 9.99
C LYS B 927 36.15 35.44 10.87
N ALA B 928 35.17 34.73 10.33
CA ALA B 928 33.98 34.42 11.12
C ALA B 928 34.16 33.24 12.05
N LEU B 929 35.14 32.39 11.76
CA LEU B 929 35.39 31.19 12.56
C LEU B 929 35.58 31.44 14.05
N GLN B 930 36.14 32.60 14.39
CA GLN B 930 36.37 32.93 15.80
C GLN B 930 35.10 32.94 16.64
N TYR B 931 33.95 33.19 16.00
CA TYR B 931 32.68 33.24 16.72
C TYR B 931 31.97 31.90 16.86
N LEU B 932 32.45 30.90 16.12
CA LEU B 932 31.85 29.57 16.14
C LEU B 932 32.44 28.64 17.16
N GLY B 933 31.59 27.90 17.86
CA GLY B 933 32.06 26.94 18.84
C GLY B 933 30.96 26.01 19.30
N THR B 934 31.15 25.42 20.48
CA THR B 934 30.17 24.49 21.04
C THR B 934 29.05 25.28 21.73
N PHE B 935 27.95 24.60 22.04
CA PHE B 935 26.85 25.27 22.72
C PHE B 935 27.32 25.70 24.11
N GLY B 936 28.16 24.87 24.72
CA GLY B 936 28.66 25.18 26.04
C GLY B 936 29.46 26.46 26.12
N GLU B 937 30.04 26.89 25.00
CA GLU B 937 30.83 28.11 24.96
C GLU B 937 29.93 29.35 24.89
N LEU B 938 28.62 29.14 24.77
CA LEU B 938 27.67 30.24 24.71
C LEU B 938 27.23 30.61 26.12
N SER B 939 27.20 31.91 26.41
CA SER B 939 26.79 32.38 27.73
C SER B 939 25.29 32.30 27.96
N ASN B 940 24.88 31.65 29.04
CA ASN B 940 23.46 31.55 29.37
C ASN B 940 23.15 32.59 30.44
N ILE B 941 24.12 33.45 30.71
CA ILE B 941 23.93 34.52 31.70
C ILE B 941 23.60 35.81 30.97
N GLU B 942 24.23 35.99 29.81
CA GLU B 942 24.01 37.18 28.99
C GLU B 942 22.78 36.98 28.11
N GLN B 943 21.61 37.14 28.73
CA GLN B 943 20.33 36.97 28.06
C GLN B 943 19.81 38.28 27.48
N VAL B 944 18.87 38.18 26.55
CA VAL B 944 18.30 39.36 25.93
C VAL B 944 16.77 39.28 25.95
N VAL B 945 16.13 40.41 25.68
CA VAL B 945 14.68 40.48 25.59
C VAL B 945 14.35 41.31 24.36
N ALA B 946 13.14 41.13 23.84
CA ALA B 946 12.72 41.88 22.65
C ALA B 946 12.22 43.26 23.04
N VAL B 947 12.47 44.23 22.17
CA VAL B 947 12.02 45.60 22.39
C VAL B 947 11.47 46.12 21.07
N ILE B 948 10.24 46.65 21.11
CA ILE B 948 9.57 47.12 19.91
C ILE B 948 9.55 48.64 19.73
N ASP B 949 9.89 49.10 18.52
CA ASP B 949 9.87 50.52 18.22
C ASP B 949 8.47 50.84 17.72
N GLU B 950 7.65 51.43 18.61
CA GLU B 950 6.28 51.80 18.32
C GLU B 950 6.09 52.56 17.02
N GLU B 951 7.03 53.45 16.72
CA GLU B 951 6.97 54.28 15.52
C GLU B 951 7.09 53.55 14.19
N MET B 952 7.70 52.37 14.22
CA MET B 952 7.90 51.57 13.00
C MET B 952 6.85 50.48 12.82
N CYS B 953 6.10 50.21 13.88
CA CYS B 953 5.08 49.16 13.89
C CYS B 953 3.91 49.41 12.93
N ILE B 954 3.49 48.35 12.22
CA ILE B 954 2.34 48.47 11.33
C ILE B 954 1.12 47.71 11.86
N ASN B 955 1.17 47.43 13.16
CA ASN B 955 0.06 46.84 13.92
C ASN B 955 -0.58 45.51 13.50
N CYS B 956 0.19 44.62 12.88
CA CYS B 956 -0.33 43.34 12.41
C CYS B 956 -0.55 42.31 13.50
N GLY B 957 0.20 42.42 14.61
CA GLY B 957 0.04 41.46 15.69
C GLY B 957 0.74 40.11 15.48
N LYS B 958 1.63 40.02 14.50
CA LYS B 958 2.31 38.74 14.26
C LYS B 958 3.24 38.37 15.41
N CYS B 959 3.89 39.38 15.99
CA CYS B 959 4.78 39.15 17.12
C CYS B 959 3.96 38.55 18.26
N TYR B 960 2.77 39.11 18.44
CA TYR B 960 1.82 38.69 19.47
C TYR B 960 1.38 37.23 19.24
N MET B 961 0.97 36.91 18.02
CA MET B 961 0.51 35.56 17.70
C MET B 961 1.62 34.52 17.82
N THR B 962 2.83 34.89 17.41
CA THR B 962 3.96 33.99 17.47
C THR B 962 4.35 33.72 18.93
N CYS B 963 4.33 34.74 19.77
CA CYS B 963 4.67 34.51 21.17
C CYS B 963 3.55 33.72 21.86
N ASN B 964 2.31 33.95 21.43
CA ASN B 964 1.18 33.24 22.03
C ASN B 964 1.14 31.75 21.74
N ASP B 965 1.27 31.38 20.47
CA ASP B 965 1.18 29.97 20.11
C ASP B 965 2.53 29.27 19.84
N SER B 966 3.62 30.01 19.97
CA SER B 966 4.95 29.45 19.76
C SER B 966 5.94 30.02 20.76
N GLY B 967 5.43 30.71 21.77
CA GLY B 967 6.33 31.31 22.73
C GLY B 967 5.96 31.29 24.20
N TYR B 968 6.04 32.47 24.82
CA TYR B 968 5.78 32.60 26.25
C TYR B 968 4.67 33.56 26.64
N GLN B 969 3.76 33.82 25.71
CA GLN B 969 2.63 34.72 25.97
C GLN B 969 3.11 35.97 26.72
N ALA B 970 4.19 36.57 26.24
CA ALA B 970 4.77 37.73 26.90
C ALA B 970 4.47 39.09 26.27
N ILE B 971 3.67 39.11 25.22
CA ILE B 971 3.35 40.36 24.56
C ILE B 971 1.90 40.80 24.76
N GLN B 972 1.72 42.07 25.11
CA GLN B 972 0.36 42.61 25.27
C GLN B 972 0.05 43.30 23.94
N PHE B 973 -1.13 43.05 23.38
CA PHE B 973 -1.52 43.67 22.13
C PHE B 973 -2.73 44.54 22.42
N ASP B 974 -2.55 45.86 22.38
CA ASP B 974 -3.65 46.76 22.71
C ASP B 974 -4.87 46.63 21.81
N PRO B 975 -6.05 46.45 22.39
CA PRO B 975 -7.30 46.31 21.64
C PRO B 975 -7.76 47.56 20.88
N GLU B 976 -7.26 48.74 21.25
CA GLU B 976 -7.67 49.97 20.57
C GLU B 976 -6.64 50.50 19.57
N THR B 977 -5.37 50.47 19.96
CA THR B 977 -4.30 50.99 19.10
C THR B 977 -3.60 49.90 18.30
N HIS B 978 -3.83 48.64 18.67
CA HIS B 978 -3.16 47.53 18.01
C HIS B 978 -1.64 47.70 18.07
N LEU B 979 -1.18 48.20 19.21
CA LEU B 979 0.25 48.38 19.44
C LEU B 979 0.70 47.30 20.43
N PRO B 980 1.80 46.60 20.12
CA PRO B 980 2.34 45.54 20.98
C PRO B 980 3.35 46.06 21.98
N THR B 981 3.36 45.46 23.17
CA THR B 981 4.31 45.81 24.21
C THR B 981 4.88 44.52 24.80
N VAL B 982 6.20 44.38 24.75
CA VAL B 982 6.87 43.19 25.28
C VAL B 982 6.94 43.35 26.80
N THR B 983 6.47 42.36 27.54
CA THR B 983 6.49 42.45 29.00
C THR B 983 7.71 41.74 29.60
N ASP B 984 7.80 41.76 30.93
CA ASP B 984 8.92 41.17 31.64
C ASP B 984 9.03 39.65 31.56
N THR B 985 7.99 38.97 31.09
CA THR B 985 8.03 37.52 30.97
C THR B 985 8.76 37.02 29.72
N CYS B 986 9.24 37.96 28.91
CA CYS B 986 9.98 37.64 27.69
C CYS B 986 11.23 36.83 28.04
N THR B 987 11.54 35.82 27.22
CA THR B 987 12.70 34.97 27.45
C THR B 987 13.78 35.20 26.39
N GLY B 988 13.49 36.09 25.44
CA GLY B 988 14.45 36.39 24.40
C GLY B 988 14.61 35.31 23.34
N CYS B 989 13.61 34.44 23.19
CA CYS B 989 13.73 33.37 22.21
C CYS B 989 13.98 33.96 20.82
N THR B 990 13.50 35.18 20.60
CA THR B 990 13.67 35.92 19.34
C THR B 990 12.71 35.58 18.18
N LEU B 991 11.68 34.78 18.44
CA LEU B 991 10.73 34.43 17.38
C LEU B 991 9.92 35.63 16.86
N CYS B 992 9.55 36.55 17.75
CA CYS B 992 8.78 37.72 17.32
C CYS B 992 9.56 38.55 16.32
N LEU B 993 10.81 38.84 16.65
CA LEU B 993 11.66 39.62 15.76
C LEU B 993 11.78 38.91 14.41
N SER B 994 11.84 37.59 14.44
CA SER B 994 11.99 36.79 13.22
C SER B 994 10.75 36.77 12.31
N VAL B 995 9.57 37.07 12.83
CA VAL B 995 8.38 37.06 11.99
C VAL B 995 7.84 38.45 11.68
N CYS B 996 8.43 39.48 12.30
CA CYS B 996 7.98 40.87 12.06
C CYS B 996 8.25 41.29 10.63
N PRO B 997 7.23 41.85 9.95
CA PRO B 997 7.41 42.28 8.56
C PRO B 997 8.26 43.55 8.37
N ILE B 998 8.47 44.31 9.44
CA ILE B 998 9.26 45.55 9.37
C ILE B 998 10.69 45.32 9.87
N ILE B 999 11.66 45.49 8.97
CA ILE B 999 13.05 45.29 9.33
C ILE B 999 13.47 46.22 10.47
N ASP B 1000 14.00 45.61 11.53
CA ASP B 1000 14.48 46.32 12.71
C ASP B 1000 13.45 47.04 13.56
N CYS B 1001 12.18 46.69 13.40
CA CYS B 1001 11.13 47.30 14.22
C CYS B 1001 11.35 46.71 15.61
N ILE B 1002 11.66 45.42 15.65
CA ILE B 1002 11.93 44.74 16.89
C ILE B 1002 13.44 44.50 16.97
N ARG B 1003 14.02 44.74 18.13
CA ARG B 1003 15.46 44.52 18.33
C ARG B 1003 15.66 43.77 19.64
N MET B 1004 16.73 42.99 19.73
CA MET B 1004 17.00 42.27 20.98
C MET B 1004 18.00 43.10 21.77
N VAL B 1005 17.70 43.36 23.03
CA VAL B 1005 18.58 44.15 23.88
C VAL B 1005 18.93 43.38 25.15
N SER B 1006 20.08 43.71 25.74
CA SER B 1006 20.51 43.06 26.97
C SER B 1006 19.44 43.15 28.05
N ARG B 1007 19.17 42.03 28.70
CA ARG B 1007 18.17 42.00 29.76
C ARG B 1007 18.71 42.77 30.97
N THR B 1008 17.88 43.59 31.59
CA THR B 1008 18.31 44.38 32.74
C THR B 1008 17.66 43.92 34.05
N THR B 1009 16.52 43.25 33.92
CA THR B 1009 15.79 42.76 35.09
C THR B 1009 16.19 41.33 35.44
N PRO B 1010 15.78 40.85 36.63
CA PRO B 1010 16.10 39.49 37.09
C PRO B 1010 15.76 38.44 36.04
N TYR B 1011 16.59 37.39 35.95
CA TYR B 1011 16.38 36.33 34.96
C TYR B 1011 16.29 34.92 35.56
N GLU B 1012 15.17 34.24 35.32
CA GLU B 1012 14.98 32.90 35.87
C GLU B 1012 14.20 31.98 34.93
N PRO B 1013 14.83 30.86 34.50
CA PRO B 1013 14.16 29.92 33.60
C PRO B 1013 12.83 29.43 34.18
N LYS B 1014 11.82 29.33 33.32
CA LYS B 1014 10.52 28.84 33.75
C LYS B 1014 10.58 27.32 33.84
N ARG B 1015 10.53 26.78 35.05
CA ARG B 1015 10.60 25.35 35.26
C ARG B 1015 9.20 24.73 35.31
N GLY B 1016 8.18 25.58 35.24
CA GLY B 1016 6.80 25.13 35.27
C GLY B 1016 6.30 24.72 36.65
N LEU B 1017 7.21 24.36 37.54
CA LEU B 1017 6.80 23.92 38.88
C LEU B 1017 8.00 24.15 39.73
N PRO B 1018 8.08 23.67 40.97
CA PRO B 1018 9.36 24.02 41.63
C PRO B 1018 10.56 23.33 40.97
N ALA C 2 -53.81 -37.01 21.83
CA ALA C 2 -52.86 -37.69 20.90
C ALA C 2 -51.47 -37.79 21.53
N PRO C 3 -50.72 -38.86 21.20
CA PRO C 3 -49.37 -39.07 21.75
C PRO C 3 -48.44 -37.86 21.69
N VAL C 4 -47.30 -38.00 22.35
CA VAL C 4 -46.29 -36.94 22.36
C VAL C 4 -45.57 -37.10 21.03
N LEU C 5 -45.88 -36.22 20.07
CA LEU C 5 -45.29 -36.28 18.74
C LEU C 5 -43.76 -36.16 18.70
N SER C 6 -43.20 -35.35 19.57
CA SER C 6 -41.75 -35.12 19.59
C SER C 6 -40.97 -36.14 20.40
N LYS C 7 -41.55 -37.30 20.65
CA LYS C 7 -40.86 -38.34 21.41
C LYS C 7 -40.86 -39.65 20.63
N ASP C 8 -39.74 -40.36 20.69
CA ASP C 8 -39.63 -41.64 19.99
C ASP C 8 -40.43 -42.71 20.72
N VAL C 9 -41.21 -43.49 19.98
CA VAL C 9 -41.98 -44.57 20.60
C VAL C 9 -40.99 -45.68 20.93
N ALA C 10 -41.45 -46.65 21.71
CA ALA C 10 -40.62 -47.78 22.14
C ALA C 10 -39.78 -48.44 21.05
N ASP C 11 -40.38 -48.79 19.92
CA ASP C 11 -39.60 -49.46 18.88
C ASP C 11 -38.51 -48.58 18.27
N ILE C 12 -38.71 -47.27 18.24
CA ILE C 12 -37.68 -46.39 17.68
C ILE C 12 -36.59 -46.22 18.73
N GLU C 13 -36.99 -46.18 19.98
CA GLU C 13 -36.08 -46.06 21.11
C GLU C 13 -35.12 -47.25 21.00
N SER C 14 -35.71 -48.41 20.71
CA SER C 14 -34.98 -49.65 20.56
C SER C 14 -34.00 -49.63 19.40
N ILE C 15 -34.46 -49.15 18.26
CA ILE C 15 -33.58 -49.09 17.09
C ILE C 15 -32.39 -48.17 17.36
N LEU C 16 -32.61 -47.09 18.11
CA LEU C 16 -31.57 -46.10 18.47
C LEU C 16 -30.65 -46.54 19.60
N ALA C 17 -30.81 -47.76 20.10
CA ALA C 17 -30.00 -48.26 21.21
C ALA C 17 -28.48 -48.01 21.10
N LEU C 18 -27.91 -48.27 19.92
CA LEU C 18 -26.48 -48.08 19.73
C LEU C 18 -26.05 -46.74 19.14
N ASN C 19 -27.01 -45.82 19.05
CA ASN C 19 -26.73 -44.49 18.51
C ASN C 19 -25.84 -43.72 19.50
N PRO C 20 -24.85 -42.99 18.98
CA PRO C 20 -23.93 -42.20 19.80
C PRO C 20 -24.62 -41.21 20.71
N ARG C 21 -24.21 -41.19 21.98
CA ARG C 21 -24.74 -40.27 22.96
C ARG C 21 -23.57 -39.98 23.91
N THR C 22 -23.28 -38.70 24.14
CA THR C 22 -22.18 -38.35 25.04
C THR C 22 -22.50 -38.75 26.48
N GLN C 23 -21.52 -39.35 27.14
CA GLN C 23 -21.70 -39.79 28.52
C GLN C 23 -21.37 -38.66 29.49
N SER C 24 -22.11 -38.63 30.60
CA SER C 24 -21.93 -37.60 31.61
C SER C 24 -20.98 -38.05 32.72
N HIS C 25 -20.54 -39.30 32.66
CA HIS C 25 -19.62 -39.84 33.67
C HIS C 25 -18.62 -40.78 33.01
N ALA C 26 -17.58 -41.13 33.76
CA ALA C 26 -16.58 -42.05 33.24
C ALA C 26 -17.23 -43.43 33.30
N ALA C 27 -16.78 -44.33 32.43
CA ALA C 27 -17.33 -45.67 32.37
C ALA C 27 -16.69 -46.63 33.36
N LEU C 28 -17.44 -47.65 33.78
CA LEU C 28 -16.91 -48.64 34.71
C LEU C 28 -17.00 -50.03 34.08
N HIS C 29 -15.85 -50.63 33.80
CA HIS C 29 -15.77 -51.97 33.23
C HIS C 29 -14.52 -52.60 33.82
N SER C 30 -14.67 -53.72 34.52
CA SER C 30 -13.52 -54.38 35.14
C SER C 30 -12.52 -54.86 34.10
N THR C 31 -11.27 -55.03 34.53
CA THR C 31 -10.23 -55.50 33.65
C THR C 31 -10.55 -56.91 33.16
N LEU C 32 -11.13 -57.73 34.03
CA LEU C 32 -11.50 -59.08 33.65
C LEU C 32 -12.56 -59.07 32.56
N ALA C 33 -13.57 -58.21 32.73
CA ALA C 33 -14.66 -58.10 31.76
C ALA C 33 -14.10 -57.66 30.41
N LYS C 34 -13.16 -56.71 30.44
CA LYS C 34 -12.55 -56.21 29.22
C LYS C 34 -11.76 -57.29 28.50
N LYS C 35 -10.97 -58.07 29.25
CA LYS C 35 -10.19 -59.14 28.63
C LYS C 35 -11.12 -60.08 27.86
N LEU C 36 -12.30 -60.33 28.44
CA LEU C 36 -13.27 -61.21 27.81
C LEU C 36 -13.85 -60.60 26.53
N ASP C 37 -14.36 -59.38 26.65
CA ASP C 37 -14.99 -58.69 25.54
C ASP C 37 -14.10 -58.44 24.34
N LYS C 38 -12.81 -58.25 24.59
CA LYS C 38 -11.83 -57.97 23.54
C LYS C 38 -11.83 -58.96 22.38
N LYS C 39 -11.95 -60.24 22.69
CA LYS C 39 -11.94 -61.29 21.69
C LYS C 39 -13.09 -61.20 20.69
N HIS C 40 -14.21 -60.64 21.12
CA HIS C 40 -15.36 -60.55 20.24
C HIS C 40 -15.16 -59.61 19.04
N TRP C 41 -14.37 -58.57 19.22
CA TRP C 41 -14.17 -57.59 18.16
C TRP C 41 -12.86 -57.67 17.39
N LYS C 42 -12.00 -58.59 17.81
CA LYS C 42 -10.67 -58.77 17.21
C LYS C 42 -10.62 -58.83 15.68
N ARG C 43 -9.87 -57.90 15.08
CA ARG C 43 -9.72 -57.83 13.63
C ARG C 43 -8.41 -58.40 13.12
N ASN C 44 -7.32 -57.97 13.75
CA ASN C 44 -5.97 -58.38 13.36
C ASN C 44 -5.52 -59.71 14.00
N PRO C 45 -4.32 -60.17 13.65
CA PRO C 45 -3.85 -61.43 14.24
C PRO C 45 -3.69 -61.33 15.75
N ASP C 46 -3.98 -62.45 16.44
CA ASP C 46 -3.87 -62.53 17.89
C ASP C 46 -2.44 -62.93 18.22
N LYS C 47 -1.71 -62.07 18.92
CA LYS C 47 -0.33 -62.37 19.26
C LYS C 47 -0.21 -63.63 20.11
N ASN C 48 -1.33 -64.07 20.66
CA ASN C 48 -1.35 -65.27 21.50
C ASN C 48 -1.80 -66.52 20.73
N CYS C 49 -1.84 -66.40 19.40
CA CYS C 49 -2.21 -67.51 18.54
C CYS C 49 -0.91 -68.10 17.98
N PHE C 50 -0.65 -69.35 18.34
CA PHE C 50 0.56 -70.01 17.88
C PHE C 50 0.31 -70.94 16.69
N HIS C 51 -0.94 -71.27 16.45
CA HIS C 51 -1.27 -72.17 15.34
C HIS C 51 -1.71 -71.43 14.08
N CYS C 52 -1.18 -71.88 12.95
CA CYS C 52 -1.48 -71.27 11.66
C CYS C 52 -2.83 -71.69 11.11
N GLU C 53 -3.39 -70.83 10.28
CA GLU C 53 -4.68 -71.11 9.66
C GLU C 53 -4.50 -72.22 8.63
N LYS C 54 -5.49 -73.12 8.56
CA LYS C 54 -5.40 -74.20 7.57
C LYS C 54 -5.31 -73.49 6.25
N LEU C 55 -4.36 -73.91 5.43
CA LEU C 55 -4.15 -73.32 4.13
C LEU C 55 -4.06 -74.38 3.04
N GLU C 56 -4.28 -75.65 3.40
CA GLU C 56 -4.21 -76.73 2.42
C GLU C 56 -5.04 -76.41 1.18
N ASN C 57 -4.38 -76.49 0.02
CA ASN C 57 -4.99 -76.20 -1.28
C ASN C 57 -5.63 -74.82 -1.35
N ASN C 58 -5.13 -73.90 -0.54
CA ASN C 58 -5.67 -72.54 -0.54
C ASN C 58 -4.69 -71.62 -1.26
N PHE C 59 -5.02 -71.25 -2.50
CA PHE C 59 -4.13 -70.38 -3.24
C PHE C 59 -4.67 -68.97 -3.44
N ASP C 60 -5.53 -68.52 -2.54
CA ASP C 60 -6.08 -67.18 -2.61
C ASP C 60 -4.95 -66.18 -2.41
N ASP C 61 -5.09 -65.01 -3.04
CA ASP C 61 -4.10 -63.93 -2.96
C ASP C 61 -3.78 -63.51 -1.52
N ILE C 62 -2.50 -63.60 -1.14
CA ILE C 62 -2.11 -63.21 0.21
C ILE C 62 -1.30 -61.92 0.25
N LYS C 63 -1.11 -61.27 -0.89
CA LYS C 63 -0.35 -60.03 -0.93
C LYS C 63 -1.03 -58.95 -0.11
N HIS C 64 -0.25 -58.22 0.69
CA HIS C 64 -0.80 -57.15 1.50
C HIS C 64 -0.92 -55.87 0.69
N THR C 65 -0.30 -55.86 -0.48
CA THR C 65 -0.32 -54.67 -1.34
C THR C 65 -1.45 -54.57 -2.36
N THR C 66 -2.22 -55.65 -2.53
CA THR C 66 -3.33 -55.63 -3.48
C THR C 66 -4.31 -54.53 -3.13
N LEU C 67 -4.77 -53.80 -4.16
CA LEU C 67 -5.71 -52.70 -3.96
C LEU C 67 -6.95 -52.84 -4.84
N GLY C 68 -8.08 -52.39 -4.31
CA GLY C 68 -9.33 -52.38 -5.05
C GLY C 68 -9.44 -50.94 -5.52
N GLU C 69 -10.47 -50.59 -6.27
CA GLU C 69 -10.57 -49.20 -6.77
C GLU C 69 -10.66 -48.17 -5.65
N ARG C 70 -11.50 -48.42 -4.64
CA ARG C 70 -11.64 -47.49 -3.52
C ARG C 70 -10.27 -47.20 -2.90
N GLY C 71 -9.55 -48.26 -2.57
CA GLY C 71 -8.23 -48.12 -1.96
C GLY C 71 -7.19 -47.51 -2.87
N ALA C 72 -7.26 -47.84 -4.16
CA ALA C 72 -6.31 -47.30 -5.14
C ALA C 72 -6.48 -45.80 -5.31
N LEU C 73 -7.73 -45.34 -5.38
CA LEU C 73 -7.98 -43.91 -5.55
C LEU C 73 -7.47 -43.13 -4.34
N ARG C 74 -7.68 -43.66 -3.14
CA ARG C 74 -7.20 -42.97 -1.93
C ARG C 74 -5.68 -42.87 -1.92
N GLU C 75 -5.01 -43.98 -2.23
CA GLU C 75 -3.56 -43.99 -2.22
C GLU C 75 -2.99 -43.14 -3.35
N ALA C 76 -3.62 -43.16 -4.51
CA ALA C 76 -3.15 -42.35 -5.64
C ALA C 76 -3.27 -40.87 -5.34
N MET C 77 -4.33 -40.49 -4.63
CA MET C 77 -4.54 -39.08 -4.28
C MET C 77 -3.52 -38.62 -3.25
N ARG C 78 -3.05 -39.57 -2.44
CA ARG C 78 -2.09 -39.28 -1.38
C ARG C 78 -0.68 -39.00 -1.93
N CYS C 79 -0.35 -39.62 -3.05
CA CYS C 79 0.95 -39.44 -3.68
C CYS C 79 1.21 -37.97 -4.00
N LEU C 80 2.40 -37.49 -3.66
CA LEU C 80 2.76 -36.09 -3.89
C LEU C 80 3.01 -35.80 -5.37
N LYS C 81 3.19 -36.85 -6.17
CA LYS C 81 3.43 -36.70 -7.61
C LYS C 81 4.61 -35.74 -7.80
N CYS C 82 5.72 -36.13 -7.17
CA CYS C 82 6.97 -35.38 -7.12
C CYS C 82 7.75 -35.13 -8.40
N ALA C 83 8.50 -34.03 -8.40
CA ALA C 83 9.34 -33.65 -9.53
C ALA C 83 10.60 -34.51 -9.45
N ASP C 84 11.15 -34.88 -10.60
CA ASP C 84 12.38 -35.67 -10.66
C ASP C 84 12.30 -36.74 -9.57
N ALA C 85 11.13 -37.36 -9.45
CA ALA C 85 10.82 -38.36 -8.43
C ALA C 85 11.86 -39.44 -8.14
N PRO C 86 12.22 -39.59 -6.85
CA PRO C 86 13.22 -40.58 -6.41
C PRO C 86 12.73 -42.02 -6.56
N CYS C 87 11.42 -42.22 -6.54
CA CYS C 87 10.86 -43.56 -6.70
C CYS C 87 11.19 -44.06 -8.12
N GLN C 88 11.05 -43.17 -9.10
CA GLN C 88 11.34 -43.52 -10.50
C GLN C 88 12.84 -43.79 -10.65
N LYS C 89 13.65 -42.96 -10.02
CA LYS C 89 15.10 -43.16 -10.08
C LYS C 89 15.47 -44.49 -9.45
N SER C 90 14.65 -44.94 -8.50
CA SER C 90 14.88 -46.21 -7.79
C SER C 90 14.21 -47.43 -8.46
N CYS C 91 13.52 -47.20 -9.57
CA CYS C 91 12.87 -48.28 -10.33
C CYS C 91 13.81 -48.72 -11.45
N PRO C 92 14.17 -50.01 -11.50
CA PRO C 92 15.07 -50.49 -12.55
C PRO C 92 14.62 -50.25 -13.98
N THR C 93 13.32 -50.14 -14.24
CA THR C 93 12.86 -49.87 -15.60
C THR C 93 12.48 -48.40 -15.79
N HIS C 94 12.83 -47.57 -14.81
CA HIS C 94 12.58 -46.11 -14.85
C HIS C 94 11.13 -45.72 -15.14
N LEU C 95 10.18 -46.43 -14.54
CA LEU C 95 8.77 -46.12 -14.75
C LEU C 95 8.44 -44.71 -14.29
N ASP C 96 7.62 -44.00 -15.07
CA ASP C 96 7.24 -42.65 -14.71
C ASP C 96 6.08 -42.79 -13.71
N ILE C 97 6.46 -43.09 -12.47
CA ILE C 97 5.51 -43.29 -11.39
C ILE C 97 4.64 -42.06 -11.16
N LYS C 98 5.25 -40.88 -11.15
CA LYS C 98 4.50 -39.64 -10.95
C LYS C 98 3.32 -39.59 -11.93
N SER C 99 3.61 -39.83 -13.21
CA SER C 99 2.57 -39.78 -14.23
C SER C 99 1.51 -40.87 -14.11
N PHE C 100 1.91 -42.12 -13.92
CA PHE C 100 0.90 -43.17 -13.85
C PHE C 100 0.03 -43.07 -12.61
N ILE C 101 0.60 -42.63 -11.49
CA ILE C 101 -0.22 -42.49 -10.29
C ILE C 101 -1.14 -41.27 -10.45
N THR C 102 -0.66 -40.23 -11.12
CA THR C 102 -1.51 -39.06 -11.36
C THR C 102 -2.72 -39.54 -12.16
N SER C 103 -2.47 -40.36 -13.18
CA SER C 103 -3.56 -40.88 -14.00
C SER C 103 -4.56 -41.67 -13.16
N ILE C 104 -4.06 -42.51 -12.27
CA ILE C 104 -4.95 -43.29 -11.42
C ILE C 104 -5.79 -42.34 -10.56
N SER C 105 -5.18 -41.30 -10.02
CA SER C 105 -5.91 -40.36 -9.18
C SER C 105 -7.01 -39.66 -9.97
N ASN C 106 -6.81 -39.54 -11.28
CA ASN C 106 -7.80 -38.89 -12.14
C ASN C 106 -8.77 -39.91 -12.76
N LYS C 107 -8.73 -41.15 -12.27
CA LYS C 107 -9.58 -42.23 -12.76
C LYS C 107 -9.27 -42.67 -14.19
N ASN C 108 -8.10 -42.30 -14.69
CA ASN C 108 -7.70 -42.68 -16.03
C ASN C 108 -6.78 -43.89 -15.94
N TYR C 109 -7.40 -45.05 -15.75
CA TYR C 109 -6.65 -46.29 -15.61
C TYR C 109 -5.94 -46.69 -16.90
N TYR C 110 -6.54 -46.36 -18.04
CA TYR C 110 -5.90 -46.69 -19.31
C TYR C 110 -4.57 -45.93 -19.42
N GLY C 111 -4.63 -44.62 -19.20
CA GLY C 111 -3.41 -43.81 -19.27
C GLY C 111 -2.33 -44.31 -18.34
N ALA C 112 -2.74 -44.74 -17.15
CA ALA C 112 -1.80 -45.26 -16.16
C ALA C 112 -1.14 -46.54 -16.70
N ALA C 113 -1.97 -47.46 -17.18
CA ALA C 113 -1.47 -48.72 -17.72
C ALA C 113 -0.55 -48.49 -18.92
N LYS C 114 -0.93 -47.58 -19.80
CA LYS C 114 -0.11 -47.28 -20.98
C LYS C 114 1.27 -46.80 -20.55
N MET C 115 1.29 -45.93 -19.53
CA MET C 115 2.54 -45.39 -19.02
C MET C 115 3.40 -46.52 -18.44
N ILE C 116 2.76 -47.39 -17.66
CA ILE C 116 3.44 -48.52 -17.04
C ILE C 116 4.03 -49.47 -18.08
N PHE C 117 3.21 -49.93 -19.01
CA PHE C 117 3.69 -50.85 -20.03
C PHE C 117 4.67 -50.25 -21.03
N SER C 118 4.65 -48.93 -21.18
CA SER C 118 5.59 -48.28 -22.10
C SER C 118 7.01 -48.56 -21.65
N ASP C 119 7.26 -48.52 -20.34
CA ASP C 119 8.61 -48.78 -19.85
C ASP C 119 8.81 -50.17 -19.27
N ASN C 120 7.72 -50.91 -19.05
CA ASN C 120 7.81 -52.26 -18.49
C ASN C 120 6.74 -53.20 -19.07
N PRO C 121 7.11 -54.02 -20.07
CA PRO C 121 6.22 -54.98 -20.74
C PRO C 121 5.57 -55.99 -19.80
N LEU C 122 6.14 -56.14 -18.61
CA LEU C 122 5.59 -57.07 -17.61
C LEU C 122 5.12 -56.24 -16.43
N GLY C 123 4.47 -55.13 -16.73
CA GLY C 123 4.00 -54.23 -15.68
C GLY C 123 3.09 -54.83 -14.63
N LEU C 124 2.20 -55.73 -15.02
CA LEU C 124 1.30 -56.31 -14.03
C LEU C 124 2.05 -57.29 -13.13
N THR C 125 2.89 -58.13 -13.72
CA THR C 125 3.67 -59.07 -12.92
C THR C 125 4.50 -58.33 -11.90
N CYS C 126 5.21 -57.30 -12.34
CA CYS C 126 6.07 -56.53 -11.44
C CYS C 126 5.29 -55.82 -10.34
N GLY C 127 4.13 -55.24 -10.68
CA GLY C 127 3.35 -54.59 -9.65
C GLY C 127 3.05 -55.57 -8.53
N MET C 128 2.85 -56.83 -8.89
CA MET C 128 2.57 -57.86 -7.90
C MET C 128 3.76 -58.44 -7.15
N VAL C 129 4.90 -58.59 -7.82
CA VAL C 129 6.04 -59.22 -7.16
C VAL C 129 7.28 -58.39 -6.86
N CYS C 130 7.37 -57.18 -7.39
CA CYS C 130 8.55 -56.36 -7.12
C CYS C 130 8.81 -56.15 -5.64
N PRO C 131 10.06 -56.35 -5.20
CA PRO C 131 10.40 -56.15 -3.79
C PRO C 131 10.58 -54.64 -3.64
N THR C 132 9.48 -53.91 -3.72
CA THR C 132 9.51 -52.45 -3.68
C THR C 132 10.26 -51.77 -2.54
N SER C 133 10.28 -52.37 -1.35
CA SER C 133 10.98 -51.74 -0.24
C SER C 133 12.47 -51.59 -0.57
N ASP C 134 12.95 -52.42 -1.49
CA ASP C 134 14.35 -52.35 -1.89
C ASP C 134 14.50 -51.70 -3.25
N LEU C 135 13.39 -51.19 -3.78
CA LEU C 135 13.40 -50.53 -5.08
C LEU C 135 12.69 -49.17 -5.04
N CYS C 136 11.67 -48.98 -5.88
CA CYS C 136 10.96 -47.70 -5.94
C CYS C 136 10.49 -47.13 -4.60
N VAL C 137 9.76 -47.93 -3.83
CA VAL C 137 9.23 -47.49 -2.56
C VAL C 137 10.34 -47.08 -1.58
N GLY C 138 11.49 -47.74 -1.68
CA GLY C 138 12.61 -47.41 -0.81
C GLY C 138 13.10 -45.98 -0.96
N GLY C 139 12.76 -45.34 -2.07
CA GLY C 139 13.18 -43.97 -2.29
C GLY C 139 12.04 -42.96 -2.22
N CYS C 140 10.86 -43.41 -1.82
CA CYS C 140 9.68 -42.54 -1.75
C CYS C 140 9.78 -41.41 -0.71
N ASN C 141 9.58 -40.18 -1.17
CA ASN C 141 9.64 -39.00 -0.29
C ASN C 141 8.65 -39.07 0.88
N LEU C 142 7.51 -39.73 0.69
CA LEU C 142 6.53 -39.82 1.76
C LEU C 142 6.96 -40.70 2.92
N TYR C 143 8.14 -41.32 2.79
CA TYR C 143 8.65 -42.13 3.89
C TYR C 143 8.93 -41.14 5.01
N ALA C 144 9.12 -39.88 4.65
CA ALA C 144 9.40 -38.81 5.61
C ALA C 144 8.16 -38.29 6.33
N THR C 145 7.04 -39.01 6.19
CA THR C 145 5.81 -38.62 6.88
C THR C 145 5.39 -39.80 7.75
N GLU C 146 4.61 -39.53 8.79
CA GLU C 146 4.17 -40.59 9.68
C GLU C 146 3.35 -41.67 8.96
N GLU C 147 2.49 -41.26 8.04
CA GLU C 147 1.67 -42.22 7.30
C GLU C 147 2.49 -43.12 6.39
N GLY C 148 3.71 -42.68 6.05
CA GLY C 148 4.60 -43.51 5.25
C GLY C 148 4.55 -43.46 3.73
N SER C 149 5.45 -44.25 3.13
CA SER C 149 5.58 -44.34 1.68
C SER C 149 4.35 -44.87 0.95
N ILE C 150 4.26 -44.54 -0.33
CA ILE C 150 3.15 -44.95 -1.18
C ILE C 150 3.26 -46.41 -1.60
N ASN C 151 2.12 -47.08 -1.70
CA ASN C 151 2.06 -48.47 -2.14
C ASN C 151 2.10 -48.42 -3.66
N ILE C 152 3.30 -48.20 -4.19
CA ILE C 152 3.51 -48.10 -5.63
C ILE C 152 3.15 -49.39 -6.36
N GLY C 153 3.63 -50.52 -5.83
CA GLY C 153 3.35 -51.79 -6.46
C GLY C 153 1.87 -52.08 -6.62
N GLY C 154 1.12 -51.83 -5.56
CA GLY C 154 -0.31 -52.06 -5.57
C GLY C 154 -1.05 -51.19 -6.56
N LEU C 155 -0.61 -49.94 -6.70
CA LEU C 155 -1.23 -49.02 -7.65
C LEU C 155 -0.93 -49.49 -9.06
N GLN C 156 0.31 -49.91 -9.29
CA GLN C 156 0.71 -50.40 -10.61
C GLN C 156 -0.13 -51.62 -10.94
N GLN C 157 -0.30 -52.49 -9.95
CA GLN C 157 -1.10 -53.70 -10.11
C GLN C 157 -2.54 -53.35 -10.46
N PHE C 158 -3.12 -52.43 -9.71
CA PHE C 158 -4.52 -52.05 -9.95
C PHE C 158 -4.77 -51.51 -11.37
N ALA C 159 -4.00 -50.51 -11.78
CA ALA C 159 -4.18 -49.92 -13.10
C ALA C 159 -3.99 -50.98 -14.19
N SER C 160 -2.99 -51.83 -14.02
CA SER C 160 -2.72 -52.88 -14.99
C SER C 160 -3.85 -53.92 -15.04
N GLU C 161 -4.44 -54.22 -13.89
CA GLU C 161 -5.55 -55.18 -13.81
C GLU C 161 -6.78 -54.66 -14.53
N VAL C 162 -7.04 -53.36 -14.39
CA VAL C 162 -8.20 -52.78 -15.07
C VAL C 162 -7.95 -52.83 -16.57
N PHE C 163 -6.74 -52.49 -17.00
CA PHE C 163 -6.43 -52.53 -18.42
C PHE C 163 -6.62 -53.94 -18.94
N LYS C 164 -6.19 -54.93 -18.15
CA LYS C 164 -6.34 -56.33 -18.54
C LYS C 164 -7.81 -56.64 -18.76
N ALA C 165 -8.65 -56.15 -17.87
CA ALA C 165 -10.10 -56.37 -17.94
C ALA C 165 -10.74 -55.71 -19.17
N MET C 166 -10.11 -54.65 -19.67
CA MET C 166 -10.63 -53.93 -20.85
C MET C 166 -10.47 -54.78 -22.12
N ASN C 167 -9.56 -55.75 -22.09
CA ASN C 167 -9.36 -56.65 -23.22
C ASN C 167 -8.97 -55.90 -24.49
N ILE C 168 -8.07 -54.92 -24.37
CA ILE C 168 -7.57 -54.09 -25.49
C ILE C 168 -6.18 -54.60 -25.92
N PRO C 169 -6.01 -54.93 -27.20
CA PRO C 169 -4.75 -55.43 -27.73
C PRO C 169 -3.70 -54.37 -27.91
N GLN C 170 -2.44 -54.79 -27.94
CA GLN C 170 -1.34 -53.88 -28.17
C GLN C 170 -1.25 -53.80 -29.69
N ILE C 171 -0.87 -52.65 -30.22
CA ILE C 171 -0.73 -52.52 -31.66
C ILE C 171 0.65 -51.99 -32.01
N ARG C 172 0.99 -52.13 -33.28
CA ARG C 172 2.26 -51.66 -33.83
C ARG C 172 2.26 -50.14 -33.69
N ASN C 173 3.42 -49.52 -33.49
CA ASN C 173 3.51 -48.06 -33.34
C ASN C 173 2.82 -47.28 -34.47
N PRO C 174 1.95 -46.32 -34.12
CA PRO C 174 1.20 -45.47 -35.03
C PRO C 174 1.99 -44.76 -36.13
N CYS C 175 3.15 -44.22 -35.78
CA CYS C 175 3.96 -43.50 -36.75
C CYS C 175 5.00 -44.32 -37.52
N LEU C 176 5.03 -45.63 -37.31
CA LEU C 176 5.96 -46.46 -38.03
C LEU C 176 5.51 -46.65 -39.48
N PRO C 177 6.45 -46.76 -40.42
CA PRO C 177 5.99 -46.95 -41.80
C PRO C 177 5.27 -48.28 -41.90
N SER C 178 4.44 -48.47 -42.94
CA SER C 178 3.75 -49.76 -43.06
C SER C 178 4.75 -50.91 -43.17
N GLN C 179 4.30 -52.09 -42.77
CA GLN C 179 5.15 -53.28 -42.79
C GLN C 179 5.91 -53.41 -44.11
N GLU C 180 5.20 -53.16 -45.20
CA GLU C 180 5.77 -53.25 -46.54
C GLU C 180 6.88 -52.27 -46.86
N LYS C 181 6.80 -51.07 -46.27
CA LYS C 181 7.79 -50.05 -46.54
C LYS C 181 8.99 -50.06 -45.60
N MET C 182 9.05 -51.05 -44.72
CA MET C 182 10.16 -51.13 -43.77
C MET C 182 11.44 -51.60 -44.48
N PRO C 183 12.59 -51.02 -44.11
CA PRO C 183 13.87 -51.40 -44.70
C PRO C 183 14.04 -52.91 -44.51
N GLU C 184 14.79 -53.58 -45.38
CA GLU C 184 14.90 -55.02 -45.19
C GLU C 184 15.66 -55.44 -43.94
N ALA C 185 16.38 -54.51 -43.32
CA ALA C 185 17.11 -54.86 -42.10
C ALA C 185 16.14 -55.31 -41.00
N TYR C 186 14.90 -54.84 -41.06
CA TYR C 186 13.91 -55.20 -40.05
C TYR C 186 13.33 -56.60 -40.21
N SER C 187 13.69 -57.27 -41.29
CA SER C 187 13.23 -58.63 -41.51
C SER C 187 14.31 -59.61 -41.05
N ALA C 188 15.38 -59.08 -40.46
CA ALA C 188 16.48 -59.89 -39.96
C ALA C 188 15.97 -60.95 -38.99
N LYS C 189 16.38 -62.21 -39.19
CA LYS C 189 15.95 -63.28 -38.31
C LYS C 189 16.59 -63.12 -36.93
N ILE C 190 15.76 -62.98 -35.91
CA ILE C 190 16.23 -62.79 -34.54
C ILE C 190 15.79 -63.96 -33.66
N ALA C 191 16.71 -64.46 -32.85
CA ALA C 191 16.41 -65.57 -31.96
C ALA C 191 16.65 -65.21 -30.50
N LEU C 192 15.74 -65.64 -29.63
CA LEU C 192 15.91 -65.43 -28.19
C LEU C 192 15.76 -66.80 -27.56
N LEU C 193 16.59 -67.08 -26.56
CA LEU C 193 16.55 -68.37 -25.88
C LEU C 193 15.96 -68.19 -24.48
N GLY C 194 14.89 -68.94 -24.20
CA GLY C 194 14.23 -68.87 -22.92
C GLY C 194 13.07 -67.88 -22.96
N ALA C 195 11.88 -68.31 -22.55
CA ALA C 195 10.71 -67.45 -22.56
C ALA C 195 10.39 -66.87 -21.18
N GLY C 196 11.39 -66.28 -20.55
CA GLY C 196 11.20 -65.68 -19.24
C GLY C 196 11.10 -64.17 -19.37
N PRO C 197 11.04 -63.44 -18.25
CA PRO C 197 10.95 -61.97 -18.26
C PRO C 197 11.96 -61.26 -19.15
N ALA C 198 13.21 -61.69 -19.11
CA ALA C 198 14.25 -61.06 -19.92
C ALA C 198 13.97 -61.13 -21.42
N SER C 199 13.71 -62.33 -21.93
CA SER C 199 13.44 -62.48 -23.35
C SER C 199 12.12 -61.86 -23.79
N ILE C 200 11.10 -61.98 -22.95
CA ILE C 200 9.80 -61.41 -23.27
C ILE C 200 9.95 -59.90 -23.43
N SER C 201 10.73 -59.30 -22.54
CA SER C 201 10.95 -57.85 -22.60
C SER C 201 11.76 -57.50 -23.84
N CYS C 202 12.85 -58.20 -24.05
CA CYS C 202 13.71 -57.94 -25.20
C CYS C 202 12.93 -58.08 -26.51
N ALA C 203 12.19 -59.18 -26.64
CA ALA C 203 11.40 -59.43 -27.85
C ALA C 203 10.35 -58.34 -28.06
N SER C 204 9.72 -57.91 -26.97
CA SER C 204 8.70 -56.88 -27.05
C SER C 204 9.26 -55.57 -27.60
N PHE C 205 10.37 -55.11 -27.04
CA PHE C 205 10.95 -53.87 -27.52
C PHE C 205 11.46 -53.96 -28.96
N LEU C 206 12.01 -55.10 -29.34
CA LEU C 206 12.48 -55.27 -30.71
C LEU C 206 11.28 -55.20 -31.65
N ALA C 207 10.17 -55.82 -31.24
CA ALA C 207 8.96 -55.79 -32.05
C ALA C 207 8.43 -54.36 -32.18
N ARG C 208 8.51 -53.59 -31.09
CA ARG C 208 8.05 -52.20 -31.13
C ARG C 208 8.85 -51.40 -32.16
N LEU C 209 10.14 -51.72 -32.26
CA LEU C 209 11.03 -51.04 -33.20
C LEU C 209 10.73 -51.37 -34.65
N GLY C 210 9.95 -52.43 -34.87
CA GLY C 210 9.60 -52.80 -36.22
C GLY C 210 10.11 -54.14 -36.74
N TYR C 211 10.90 -54.85 -35.94
CA TYR C 211 11.42 -56.14 -36.38
C TYR C 211 10.26 -57.12 -36.52
N SER C 212 10.21 -57.77 -37.69
CA SER C 212 9.13 -58.68 -38.03
C SER C 212 9.39 -60.18 -37.97
N ASP C 213 10.60 -60.59 -37.64
CA ASP C 213 10.91 -62.02 -37.59
C ASP C 213 11.64 -62.33 -36.29
N ILE C 214 10.87 -62.36 -35.20
CA ILE C 214 11.39 -62.60 -33.87
C ILE C 214 10.85 -63.92 -33.33
N THR C 215 11.74 -64.82 -32.91
CA THR C 215 11.31 -66.10 -32.38
C THR C 215 11.98 -66.41 -31.05
N ILE C 216 11.16 -66.78 -30.07
CA ILE C 216 11.67 -67.16 -28.76
C ILE C 216 11.61 -68.68 -28.69
N PHE C 217 12.75 -69.31 -28.40
CA PHE C 217 12.80 -70.75 -28.27
C PHE C 217 12.83 -71.08 -26.79
N GLU C 218 11.81 -71.81 -26.34
CA GLU C 218 11.65 -72.18 -24.93
C GLU C 218 11.81 -73.69 -24.74
N LYS C 219 12.61 -74.07 -23.76
CA LYS C 219 12.85 -75.47 -23.45
C LYS C 219 11.61 -76.22 -23.01
N GLN C 220 10.87 -75.63 -22.07
CA GLN C 220 9.66 -76.24 -21.51
C GLN C 220 8.44 -76.10 -22.42
N GLU C 221 7.35 -76.72 -21.99
CA GLU C 221 6.11 -76.65 -22.75
C GLU C 221 5.25 -75.48 -22.30
N TYR C 222 5.68 -74.81 -21.24
CA TYR C 222 4.98 -73.64 -20.72
C TYR C 222 5.88 -72.42 -20.89
N VAL C 223 5.30 -71.23 -20.88
CA VAL C 223 6.07 -70.02 -21.04
C VAL C 223 5.95 -69.11 -19.82
N GLY C 224 6.85 -68.15 -19.70
CA GLY C 224 6.82 -67.23 -18.57
C GLY C 224 7.99 -67.37 -17.61
N GLY C 225 8.81 -68.40 -17.77
CA GLY C 225 9.94 -68.58 -16.89
C GLY C 225 9.55 -68.83 -15.45
N LEU C 226 10.32 -68.28 -14.52
CA LEU C 226 10.06 -68.46 -13.09
C LEU C 226 8.71 -67.89 -12.64
N SER C 227 8.23 -66.86 -13.33
CA SER C 227 6.95 -66.26 -13.01
C SER C 227 5.86 -67.34 -13.11
N THR C 228 6.11 -68.32 -13.97
CA THR C 228 5.17 -69.42 -14.16
C THR C 228 5.51 -70.67 -13.38
N SER C 229 6.76 -71.11 -13.49
CA SER C 229 7.19 -72.35 -12.84
C SER C 229 7.44 -72.34 -11.33
N GLU C 230 7.76 -71.18 -10.75
CA GLU C 230 8.05 -71.17 -9.32
C GLU C 230 7.36 -70.15 -8.42
N ILE C 231 7.17 -68.92 -8.88
CA ILE C 231 6.49 -67.94 -8.03
C ILE C 231 5.07 -68.50 -7.79
N PRO C 232 4.67 -68.61 -6.52
CA PRO C 232 3.36 -69.12 -6.15
C PRO C 232 2.14 -68.38 -6.69
N GLN C 233 1.11 -69.15 -6.99
CA GLN C 233 -0.16 -68.64 -7.50
C GLN C 233 -0.76 -67.64 -6.52
N PHE C 234 -0.51 -67.84 -5.23
CA PHE C 234 -1.05 -66.94 -4.21
C PHE C 234 -0.34 -65.60 -4.11
N ARG C 235 0.67 -65.41 -4.96
CA ARG C 235 1.38 -64.14 -5.03
C ARG C 235 1.27 -63.60 -6.46
N LEU C 236 1.37 -64.50 -7.44
CA LEU C 236 1.30 -64.13 -8.86
C LEU C 236 0.40 -65.08 -9.66
N PRO C 237 -0.87 -64.70 -9.88
CA PRO C 237 -1.81 -65.53 -10.64
C PRO C 237 -1.29 -65.81 -12.04
N TYR C 238 -1.38 -67.05 -12.49
CA TYR C 238 -0.90 -67.40 -13.81
C TYR C 238 -1.55 -66.61 -14.94
N ASP C 239 -2.81 -66.21 -14.78
CA ASP C 239 -3.48 -65.46 -15.85
C ASP C 239 -2.80 -64.13 -16.13
N VAL C 240 -2.04 -63.62 -15.15
CA VAL C 240 -1.32 -62.37 -15.33
C VAL C 240 -0.20 -62.61 -16.36
N VAL C 241 0.55 -63.68 -16.16
CA VAL C 241 1.65 -64.03 -17.06
C VAL C 241 1.12 -64.22 -18.49
N ASN C 242 0.02 -64.97 -18.61
CA ASN C 242 -0.62 -65.25 -19.91
C ASN C 242 -0.98 -63.94 -20.60
N PHE C 243 -1.54 -63.00 -19.83
CA PHE C 243 -1.95 -61.69 -20.34
C PHE C 243 -0.78 -60.91 -20.96
N GLU C 244 0.34 -60.87 -20.27
CA GLU C 244 1.50 -60.14 -20.77
C GLU C 244 2.12 -60.80 -21.99
N ILE C 245 2.05 -62.12 -22.05
CA ILE C 245 2.61 -62.83 -23.19
C ILE C 245 1.71 -62.60 -24.41
N GLU C 246 0.40 -62.55 -24.20
CA GLU C 246 -0.51 -62.31 -25.31
C GLU C 246 -0.29 -60.91 -25.87
N LEU C 247 0.01 -59.94 -25.01
CA LEU C 247 0.27 -58.57 -25.46
C LEU C 247 1.48 -58.57 -26.38
N MET C 248 2.51 -59.32 -25.98
CA MET C 248 3.72 -59.41 -26.79
C MET C 248 3.41 -60.08 -28.14
N LYS C 249 2.62 -61.15 -28.10
CA LYS C 249 2.26 -61.85 -29.32
C LYS C 249 1.48 -60.96 -30.28
N ASP C 250 0.81 -59.94 -29.75
CA ASP C 250 0.06 -59.01 -30.60
C ASP C 250 1.01 -58.32 -31.56
N LEU C 251 2.28 -58.23 -31.17
CA LEU C 251 3.28 -57.57 -32.02
C LEU C 251 3.96 -58.52 -33.00
N GLY C 252 3.48 -59.76 -33.04
CA GLY C 252 4.04 -60.72 -33.98
C GLY C 252 5.13 -61.63 -33.49
N VAL C 253 5.54 -61.47 -32.23
CA VAL C 253 6.60 -62.32 -31.68
C VAL C 253 6.13 -63.77 -31.64
N LYS C 254 6.98 -64.67 -32.14
CA LYS C 254 6.65 -66.09 -32.16
C LYS C 254 7.35 -66.82 -31.01
N ILE C 255 6.67 -67.83 -30.47
CA ILE C 255 7.25 -68.61 -29.40
C ILE C 255 7.14 -70.09 -29.74
N ILE C 256 8.26 -70.77 -29.67
CA ILE C 256 8.28 -72.20 -29.95
C ILE C 256 8.77 -72.95 -28.73
N CYS C 257 7.90 -73.79 -28.17
CA CYS C 257 8.26 -74.56 -27.00
C CYS C 257 8.84 -75.92 -27.37
N GLY C 258 9.49 -76.55 -26.40
CA GLY C 258 10.09 -77.85 -26.65
C GLY C 258 11.40 -77.78 -27.42
N LYS C 259 12.03 -76.60 -27.41
CA LYS C 259 13.31 -76.40 -28.09
C LYS C 259 14.33 -75.83 -27.11
N SER C 260 15.44 -76.53 -26.93
CA SER C 260 16.45 -76.08 -26.00
C SER C 260 17.79 -75.68 -26.60
N LEU C 261 18.42 -74.73 -25.92
CA LEU C 261 19.76 -74.29 -26.29
C LEU C 261 20.60 -75.38 -25.62
N SER C 262 21.20 -76.26 -26.43
CA SER C 262 22.01 -77.33 -25.90
C SER C 262 22.75 -78.02 -27.04
N GLU C 263 23.95 -78.54 -26.75
CA GLU C 263 24.79 -79.18 -27.76
C GLU C 263 24.20 -79.89 -28.98
N ASN C 264 23.34 -80.88 -28.83
CA ASN C 264 22.85 -81.50 -30.08
C ASN C 264 21.51 -80.95 -30.52
N GLU C 265 21.13 -79.84 -29.92
CA GLU C 265 19.89 -79.19 -30.24
C GLU C 265 20.21 -77.82 -30.84
N ILE C 266 19.76 -76.76 -30.20
CA ILE C 266 20.03 -75.42 -30.71
C ILE C 266 21.33 -74.93 -30.09
N THR C 267 22.21 -74.39 -30.93
CA THR C 267 23.47 -73.82 -30.45
C THR C 267 23.66 -72.51 -31.21
N LEU C 268 24.59 -71.68 -30.74
CA LEU C 268 24.83 -70.41 -31.42
C LEU C 268 25.32 -70.71 -32.83
N ASN C 269 26.07 -71.80 -32.99
CA ASN C 269 26.56 -72.16 -34.32
C ASN C 269 25.45 -72.58 -35.28
N THR C 270 24.47 -73.35 -34.79
CA THR C 270 23.39 -73.78 -35.66
C THR C 270 22.52 -72.58 -36.02
N LEU C 271 22.34 -71.67 -35.08
CA LEU C 271 21.54 -70.47 -35.33
C LEU C 271 22.20 -69.64 -36.43
N LYS C 272 23.50 -69.44 -36.30
CA LYS C 272 24.27 -68.66 -37.26
C LYS C 272 24.17 -69.31 -38.63
N GLU C 273 24.29 -70.64 -38.65
CA GLU C 273 24.21 -71.38 -39.89
C GLU C 273 22.85 -71.26 -40.55
N GLU C 274 21.82 -71.17 -39.71
CA GLU C 274 20.46 -71.08 -40.19
C GLU C 274 20.08 -69.68 -40.63
N GLY C 275 21.02 -68.75 -40.55
CA GLY C 275 20.74 -67.40 -40.98
C GLY C 275 20.27 -66.40 -39.93
N TYR C 276 20.30 -66.76 -38.66
CA TYR C 276 19.88 -65.80 -37.64
C TYR C 276 20.95 -64.72 -37.54
N LYS C 277 20.51 -63.47 -37.46
CA LYS C 277 21.42 -62.31 -37.41
C LYS C 277 21.78 -61.86 -36.01
N ALA C 278 20.95 -62.19 -35.03
CA ALA C 278 21.21 -61.80 -33.65
C ALA C 278 20.53 -62.78 -32.72
N ALA C 279 21.11 -62.95 -31.53
CA ALA C 279 20.54 -63.86 -30.55
C ALA C 279 20.63 -63.24 -29.16
N PHE C 280 19.60 -63.49 -28.36
CA PHE C 280 19.56 -62.99 -26.99
C PHE C 280 19.44 -64.20 -26.07
N ILE C 281 20.37 -64.34 -25.14
CA ILE C 281 20.36 -65.45 -24.20
C ILE C 281 19.63 -65.05 -22.91
N GLY C 282 18.46 -65.65 -22.69
CA GLY C 282 17.70 -65.35 -21.49
C GLY C 282 17.20 -66.62 -20.84
N ILE C 283 18.07 -67.61 -20.72
CA ILE C 283 17.69 -68.89 -20.13
C ILE C 283 17.75 -68.97 -18.61
N GLY C 284 18.10 -67.87 -17.95
CA GLY C 284 18.19 -67.87 -16.50
C GLY C 284 19.19 -68.86 -15.93
N LEU C 285 18.94 -69.31 -14.71
CA LEU C 285 19.80 -70.27 -14.01
C LEU C 285 18.93 -71.50 -13.81
N PRO C 286 18.94 -72.43 -14.78
CA PRO C 286 18.15 -73.66 -14.81
C PRO C 286 18.37 -74.76 -13.76
N GLU C 287 19.51 -74.77 -13.10
CA GLU C 287 19.79 -75.82 -12.13
C GLU C 287 19.83 -75.37 -10.67
N PRO C 288 19.46 -76.28 -9.76
CA PRO C 288 19.46 -75.96 -8.33
C PRO C 288 20.85 -76.01 -7.70
N LYS C 289 21.08 -75.14 -6.73
CA LYS C 289 22.35 -75.12 -6.03
C LYS C 289 22.25 -76.31 -5.07
N THR C 290 23.18 -77.25 -5.19
CA THR C 290 23.15 -78.46 -4.37
C THR C 290 24.18 -78.54 -3.25
N ASP C 291 23.95 -79.46 -2.33
CA ASP C 291 24.83 -79.71 -1.20
C ASP C 291 25.15 -81.20 -1.17
N ASP C 292 26.43 -81.53 -1.05
CA ASP C 292 26.90 -82.92 -1.01
C ASP C 292 26.12 -83.84 -0.07
N ILE C 293 25.76 -83.32 1.09
CA ILE C 293 25.06 -84.12 2.10
C ILE C 293 23.69 -84.64 1.68
N PHE C 294 23.12 -84.07 0.62
CA PHE C 294 21.80 -84.51 0.17
C PHE C 294 21.87 -85.45 -1.03
N GLN C 295 23.09 -85.79 -1.45
CA GLN C 295 23.29 -86.68 -2.59
C GLN C 295 22.54 -88.01 -2.42
N GLY C 296 21.83 -88.43 -3.46
CA GLY C 296 21.12 -89.69 -3.43
C GLY C 296 19.71 -89.67 -2.85
N LEU C 297 19.37 -88.65 -2.08
CA LEU C 297 18.03 -88.57 -1.49
C LEU C 297 16.98 -88.37 -2.58
N THR C 298 15.86 -89.04 -2.43
CA THR C 298 14.77 -88.95 -3.42
C THR C 298 13.51 -88.30 -2.87
N GLN C 299 12.59 -87.96 -3.77
CA GLN C 299 11.33 -87.36 -3.38
C GLN C 299 10.52 -88.35 -2.56
N ASP C 300 10.62 -89.63 -2.88
CA ASP C 300 9.89 -90.65 -2.14
C ASP C 300 10.34 -90.67 -0.68
N GLN C 301 11.60 -90.34 -0.43
CA GLN C 301 12.13 -90.32 0.92
C GLN C 301 11.76 -89.00 1.60
N GLY C 302 11.35 -88.02 0.80
CA GLY C 302 10.95 -86.74 1.34
C GLY C 302 11.88 -85.57 1.03
N PHE C 303 12.82 -85.76 0.11
CA PHE C 303 13.75 -84.69 -0.22
C PHE C 303 13.44 -84.04 -1.57
N TYR C 304 13.48 -82.70 -1.58
CA TYR C 304 13.23 -81.94 -2.80
C TYR C 304 14.19 -80.75 -2.85
N THR C 305 14.49 -80.29 -4.06
CA THR C 305 15.28 -79.08 -4.20
C THR C 305 14.14 -78.14 -4.58
N SER C 306 14.33 -76.83 -4.44
CA SER C 306 13.26 -75.91 -4.81
C SER C 306 12.86 -76.09 -6.27
N LYS C 307 13.83 -76.49 -7.09
CA LYS C 307 13.58 -76.71 -8.53
C LYS C 307 12.67 -77.89 -8.81
N ASP C 308 12.53 -78.81 -7.87
CA ASP C 308 11.66 -79.96 -8.05
C ASP C 308 10.30 -79.61 -7.44
N PHE C 309 10.33 -79.08 -6.22
CA PHE C 309 9.14 -78.74 -5.46
C PHE C 309 8.21 -77.64 -5.99
N LEU C 310 8.72 -76.44 -6.16
CA LEU C 310 7.87 -75.34 -6.62
C LEU C 310 7.15 -75.61 -7.93
N PRO C 311 7.85 -76.16 -8.94
CA PRO C 311 7.15 -76.42 -10.20
C PRO C 311 6.02 -77.44 -10.02
N LEU C 312 6.18 -78.37 -9.09
CA LEU C 312 5.14 -79.37 -8.84
C LEU C 312 3.90 -78.69 -8.29
N VAL C 313 4.10 -77.77 -7.36
CA VAL C 313 2.97 -77.04 -6.78
C VAL C 313 2.34 -76.13 -7.82
N ALA C 314 3.17 -75.47 -8.63
CA ALA C 314 2.66 -74.58 -9.66
C ALA C 314 1.81 -75.31 -10.68
N LYS C 315 2.29 -76.46 -11.17
CA LYS C 315 1.56 -77.24 -12.16
C LYS C 315 0.19 -77.65 -11.65
N SER C 316 0.08 -77.87 -10.35
CA SER C 316 -1.18 -78.28 -9.75
C SER C 316 -2.12 -77.11 -9.48
N SER C 317 -1.57 -75.95 -9.15
CA SER C 317 -2.38 -74.79 -8.81
C SER C 317 -2.61 -73.73 -9.89
N LYS C 318 -1.90 -73.84 -11.00
CA LYS C 318 -2.06 -72.86 -12.06
C LYS C 318 -2.75 -73.43 -13.29
N ALA C 319 -4.05 -73.19 -13.38
CA ALA C 319 -4.83 -73.69 -14.52
C ALA C 319 -4.31 -73.05 -15.79
N GLY C 320 -3.90 -73.86 -16.74
CA GLY C 320 -3.39 -73.33 -17.98
C GLY C 320 -1.87 -73.39 -18.07
N MET C 321 -1.24 -73.89 -17.01
CA MET C 321 0.22 -74.01 -17.01
C MET C 321 0.68 -75.35 -17.56
N CYS C 322 0.16 -76.43 -16.98
CA CYS C 322 0.52 -77.80 -17.39
C CYS C 322 -0.72 -78.69 -17.38
N ALA C 323 -1.31 -78.91 -18.55
CA ALA C 323 -2.51 -79.74 -18.68
C ALA C 323 -2.47 -81.02 -17.86
N CYS C 324 -1.42 -81.80 -18.02
CA CYS C 324 -1.28 -83.05 -17.28
C CYS C 324 -0.21 -82.90 -16.20
N HIS C 325 -0.67 -82.61 -14.98
CA HIS C 325 0.21 -82.43 -13.84
C HIS C 325 -0.20 -83.34 -12.69
N SER C 326 0.79 -83.90 -12.00
CA SER C 326 0.52 -84.78 -10.87
C SER C 326 -0.24 -84.06 -9.77
N PRO C 327 -0.87 -84.82 -8.88
CA PRO C 327 -1.64 -84.23 -7.78
C PRO C 327 -0.78 -83.27 -6.96
N LEU C 328 -1.41 -82.41 -6.17
CA LEU C 328 -0.67 -81.47 -5.36
C LEU C 328 0.24 -82.33 -4.49
N PRO C 329 1.55 -82.05 -4.50
CA PRO C 329 2.46 -82.86 -3.69
C PRO C 329 1.90 -83.13 -2.29
N SER C 330 1.97 -84.40 -1.90
CA SER C 330 1.49 -84.82 -0.58
C SER C 330 2.56 -84.57 0.45
N ILE C 331 2.54 -83.38 1.06
CA ILE C 331 3.54 -83.07 2.07
C ILE C 331 2.91 -83.11 3.43
N ARG C 332 3.28 -84.12 4.20
CA ARG C 332 2.75 -84.26 5.53
C ARG C 332 3.83 -84.35 6.58
N GLY C 333 3.50 -83.82 7.75
CA GLY C 333 4.42 -83.81 8.87
C GLY C 333 5.15 -82.49 8.98
N ALA C 334 6.34 -82.54 9.56
CA ALA C 334 7.17 -81.35 9.74
C ALA C 334 8.05 -81.18 8.49
N VAL C 335 8.17 -79.94 8.02
CA VAL C 335 8.97 -79.65 6.85
C VAL C 335 10.12 -78.72 7.18
N ILE C 336 11.30 -79.03 6.66
CA ILE C 336 12.47 -78.20 6.87
C ILE C 336 12.84 -77.58 5.54
N VAL C 337 12.89 -76.26 5.49
CA VAL C 337 13.27 -75.54 4.28
C VAL C 337 14.61 -74.86 4.56
N LEU C 338 15.60 -75.15 3.73
CA LEU C 338 16.93 -74.58 3.90
C LEU C 338 17.17 -73.41 2.96
N GLY C 339 17.38 -72.22 3.51
CA GLY C 339 17.62 -71.05 2.68
C GLY C 339 17.08 -69.79 3.31
N ALA C 340 17.52 -68.64 2.82
CA ALA C 340 17.07 -67.37 3.38
C ALA C 340 16.65 -66.33 2.34
N GLY C 341 16.44 -66.78 1.10
CA GLY C 341 16.02 -65.86 0.05
C GLY C 341 14.56 -66.09 -0.31
N ASP C 342 14.08 -65.45 -1.39
CA ASP C 342 12.68 -65.62 -1.80
C ASP C 342 12.34 -67.07 -2.03
N THR C 343 13.27 -67.81 -2.60
CA THR C 343 13.04 -69.21 -2.89
C THR C 343 12.62 -69.98 -1.64
N ALA C 344 13.37 -69.79 -0.55
CA ALA C 344 13.08 -70.47 0.69
C ALA C 344 11.71 -70.09 1.25
N PHE C 345 11.40 -68.80 1.26
CA PHE C 345 10.12 -68.37 1.79
C PHE C 345 8.93 -68.85 0.97
N ASP C 346 9.10 -68.94 -0.35
CA ASP C 346 8.00 -69.42 -1.18
C ASP C 346 7.83 -70.93 -1.00
N CYS C 347 8.93 -71.63 -0.72
CA CYS C 347 8.84 -73.08 -0.49
C CYS C 347 8.10 -73.32 0.82
N ALA C 348 8.40 -72.48 1.81
CA ALA C 348 7.77 -72.60 3.12
C ALA C 348 6.26 -72.38 3.05
N THR C 349 5.84 -71.26 2.46
CA THR C 349 4.41 -70.98 2.34
C THR C 349 3.73 -72.02 1.44
N SER C 350 4.40 -72.44 0.37
CA SER C 350 3.81 -73.42 -0.53
C SER C 350 3.63 -74.78 0.17
N ALA C 351 4.57 -75.13 1.04
CA ALA C 351 4.49 -76.41 1.75
C ALA C 351 3.19 -76.47 2.57
N LEU C 352 2.78 -75.34 3.11
CA LEU C 352 1.54 -75.28 3.89
C LEU C 352 0.35 -75.63 3.01
N ARG C 353 0.38 -75.20 1.76
CA ARG C 353 -0.71 -75.50 0.82
C ARG C 353 -0.77 -76.99 0.49
N CYS C 354 0.35 -77.68 0.70
CA CYS C 354 0.43 -79.11 0.40
C CYS C 354 0.02 -79.96 1.59
N GLY C 355 -0.34 -79.30 2.69
CA GLY C 355 -0.77 -80.04 3.87
C GLY C 355 0.24 -80.17 5.00
N ALA C 356 1.35 -79.45 4.93
CA ALA C 356 2.37 -79.53 5.98
C ALA C 356 1.80 -79.14 7.33
N ARG C 357 2.14 -79.93 8.34
CA ARG C 357 1.68 -79.66 9.69
C ARG C 357 2.49 -78.54 10.32
N ARG C 358 3.78 -78.50 9.99
CA ARG C 358 4.67 -77.50 10.54
C ARG C 358 5.83 -77.23 9.58
N VAL C 359 6.27 -75.98 9.52
CA VAL C 359 7.38 -75.63 8.64
C VAL C 359 8.47 -74.86 9.37
N PHE C 360 9.70 -75.31 9.18
CA PHE C 360 10.87 -74.67 9.79
C PHE C 360 11.75 -74.07 8.69
N LEU C 361 12.10 -72.80 8.83
CA LEU C 361 12.99 -72.14 7.89
C LEU C 361 14.33 -72.11 8.61
N VAL C 362 15.32 -72.83 8.08
CA VAL C 362 16.62 -72.90 8.71
C VAL C 362 17.66 -72.09 7.94
N PHE C 363 18.28 -71.14 8.64
CA PHE C 363 19.28 -70.26 8.06
C PHE C 363 20.66 -70.62 8.56
N ARG C 364 21.65 -70.45 7.71
CA ARG C 364 23.04 -70.70 8.05
C ARG C 364 23.54 -69.52 8.89
N LYS C 365 22.97 -68.35 8.64
CA LYS C 365 23.37 -67.14 9.36
C LYS C 365 22.27 -66.68 10.31
N GLY C 366 22.27 -65.40 10.66
CA GLY C 366 21.26 -64.90 11.58
C GLY C 366 20.04 -64.25 10.94
N PHE C 367 19.10 -63.83 11.80
CA PHE C 367 17.88 -63.19 11.34
C PHE C 367 18.21 -61.95 10.53
N VAL C 368 19.20 -61.24 11.00
CA VAL C 368 19.65 -60.00 10.37
C VAL C 368 20.16 -60.24 8.96
N ASN C 369 20.64 -61.45 8.71
CA ASN C 369 21.19 -61.81 7.40
C ASN C 369 20.19 -62.32 6.36
N ILE C 370 18.91 -62.35 6.70
CA ILE C 370 17.91 -62.81 5.74
C ILE C 370 18.01 -62.02 4.43
N ARG C 371 17.99 -62.72 3.30
CA ARG C 371 18.12 -62.09 1.99
C ARG C 371 16.83 -61.50 1.41
N ALA C 372 15.71 -62.18 1.66
CA ALA C 372 14.42 -61.72 1.13
C ALA C 372 14.03 -60.42 1.82
N VAL C 373 13.28 -59.57 1.13
CA VAL C 373 12.84 -58.32 1.72
C VAL C 373 11.84 -58.59 2.83
N PRO C 374 11.68 -57.64 3.76
CA PRO C 374 10.74 -57.80 4.87
C PRO C 374 9.33 -58.22 4.47
N GLU C 375 8.82 -57.70 3.34
CA GLU C 375 7.48 -58.04 2.87
C GLU C 375 7.35 -59.53 2.58
N GLU C 376 8.39 -60.12 2.01
CA GLU C 376 8.37 -61.54 1.69
C GLU C 376 8.43 -62.34 2.99
N VAL C 377 9.36 -61.96 3.87
CA VAL C 377 9.52 -62.64 5.15
C VAL C 377 8.22 -62.60 5.95
N GLU C 378 7.52 -61.47 5.89
CA GLU C 378 6.26 -61.29 6.59
C GLU C 378 5.21 -62.34 6.25
N LEU C 379 5.16 -62.75 4.98
CA LEU C 379 4.18 -63.75 4.57
C LEU C 379 4.38 -65.09 5.27
N ALA C 380 5.64 -65.51 5.39
CA ALA C 380 5.94 -66.78 6.06
C ALA C 380 5.70 -66.64 7.56
N LYS C 381 6.07 -65.48 8.09
CA LYS C 381 5.93 -65.19 9.50
C LYS C 381 4.47 -65.20 9.95
N GLU C 382 3.60 -64.56 9.16
CA GLU C 382 2.18 -64.50 9.52
C GLU C 382 1.52 -65.87 9.43
N GLU C 383 2.09 -66.78 8.66
CA GLU C 383 1.51 -68.11 8.53
C GLU C 383 2.16 -69.07 9.53
N LYS C 384 2.84 -68.48 10.51
CA LYS C 384 3.47 -69.21 11.60
C LYS C 384 4.63 -70.14 11.30
N CYS C 385 5.43 -69.84 10.28
CA CYS C 385 6.57 -70.68 10.00
C CYS C 385 7.58 -70.37 11.09
N GLU C 386 8.35 -71.37 11.51
CA GLU C 386 9.34 -71.16 12.57
C GLU C 386 10.70 -70.91 11.94
N PHE C 387 11.42 -69.91 12.47
CA PHE C 387 12.73 -69.56 11.95
C PHE C 387 13.84 -70.04 12.88
N LEU C 388 14.78 -70.80 12.34
CA LEU C 388 15.89 -71.32 13.13
C LEU C 388 17.20 -70.83 12.53
N PRO C 389 17.83 -69.83 13.16
CA PRO C 389 19.09 -69.25 12.71
C PRO C 389 20.35 -69.98 13.15
N PHE C 390 21.47 -69.63 12.52
CA PHE C 390 22.78 -70.18 12.83
C PHE C 390 22.88 -71.69 12.83
N LEU C 391 22.41 -72.33 11.76
CA LEU C 391 22.48 -73.78 11.66
C LEU C 391 22.93 -74.20 10.27
N SER C 392 23.84 -75.17 10.23
CA SER C 392 24.36 -75.69 8.97
C SER C 392 24.08 -77.18 8.93
N PRO C 393 23.45 -77.67 7.84
CA PRO C 393 23.12 -79.08 7.66
C PRO C 393 24.35 -79.98 7.63
N ARG C 394 24.27 -81.11 8.32
CA ARG C 394 25.40 -82.04 8.33
C ARG C 394 24.99 -83.46 7.94
N LYS C 395 23.82 -83.88 8.39
CA LYS C 395 23.32 -85.22 8.06
C LYS C 395 21.82 -85.31 7.95
N VAL C 396 21.38 -86.27 7.17
CA VAL C 396 19.95 -86.53 7.00
C VAL C 396 19.68 -87.98 7.41
N ILE C 397 18.69 -88.18 8.29
CA ILE C 397 18.34 -89.52 8.77
C ILE C 397 17.09 -90.11 8.10
N VAL C 398 17.24 -91.30 7.54
CA VAL C 398 16.16 -91.99 6.85
C VAL C 398 15.82 -93.34 7.49
N LYS C 399 14.53 -93.57 7.77
CA LYS C 399 14.06 -94.83 8.34
C LYS C 399 12.76 -95.23 7.66
N GLY C 400 12.64 -96.51 7.31
CA GLY C 400 11.43 -96.97 6.65
C GLY C 400 11.26 -96.34 5.27
N GLY C 401 12.37 -95.94 4.67
CA GLY C 401 12.31 -95.34 3.34
C GLY C 401 11.87 -93.89 3.37
N ARG C 402 11.81 -93.30 4.55
CA ARG C 402 11.39 -91.90 4.70
C ARG C 402 12.31 -91.12 5.62
N ILE C 403 12.51 -89.85 5.30
CA ILE C 403 13.33 -88.99 6.12
C ILE C 403 12.62 -88.81 7.46
N VAL C 404 13.37 -88.78 8.56
CA VAL C 404 12.79 -88.59 9.88
C VAL C 404 13.47 -87.49 10.69
N ALA C 405 14.65 -87.04 10.23
CA ALA C 405 15.39 -85.98 10.93
C ALA C 405 16.61 -85.49 10.16
N VAL C 406 17.08 -84.29 10.51
CA VAL C 406 18.25 -83.69 9.90
C VAL C 406 19.12 -83.17 11.05
N GLN C 407 20.40 -83.55 11.03
CA GLN C 407 21.33 -83.13 12.08
C GLN C 407 22.12 -81.92 11.58
N PHE C 408 22.18 -80.86 12.40
CA PHE C 408 22.89 -79.64 12.06
C PHE C 408 24.00 -79.34 13.07
N VAL C 409 24.81 -78.34 12.74
CA VAL C 409 25.87 -77.87 13.62
C VAL C 409 25.74 -76.36 13.69
N ARG C 410 26.16 -75.81 14.83
CA ARG C 410 26.12 -74.36 15.09
C ARG C 410 27.04 -73.58 14.18
N THR C 411 26.65 -72.35 13.87
CA THR C 411 27.46 -71.47 13.06
C THR C 411 27.59 -70.18 13.86
N GLU C 412 28.72 -69.51 13.69
CA GLU C 412 28.98 -68.27 14.41
C GLU C 412 30.07 -67.47 13.72
N GLN C 413 30.17 -66.21 14.10
CA GLN C 413 31.17 -65.31 13.55
C GLN C 413 32.21 -64.97 14.60
N ASP C 414 33.49 -65.20 14.32
CA ASP C 414 34.48 -64.82 15.30
C ASP C 414 34.55 -63.28 15.20
N GLU C 415 35.74 -62.70 15.15
CA GLU C 415 35.86 -61.25 15.03
C GLU C 415 36.64 -60.84 13.79
N THR C 416 36.27 -61.46 12.66
CA THR C 416 36.86 -61.18 11.37
C THR C 416 35.98 -61.53 10.20
N GLY C 417 34.69 -61.29 10.33
CA GLY C 417 33.76 -61.61 9.26
C GLY C 417 33.71 -63.08 8.88
N LYS C 418 34.54 -63.91 9.51
CA LYS C 418 34.54 -65.34 9.20
C LYS C 418 33.40 -66.13 9.83
N TRP C 419 32.62 -66.78 8.97
CA TRP C 419 31.55 -67.61 9.47
C TRP C 419 32.18 -68.97 9.77
N ASN C 420 32.06 -69.41 11.01
CA ASN C 420 32.62 -70.69 11.42
C ASN C 420 31.54 -71.66 11.84
N GLU C 421 31.88 -72.95 11.86
CA GLU C 421 30.95 -74.00 12.27
C GLU C 421 31.42 -74.69 13.54
N ASP C 422 30.60 -74.64 14.60
CA ASP C 422 30.96 -75.27 15.86
C ASP C 422 30.56 -76.76 15.84
N GLU C 423 31.55 -77.64 15.69
CA GLU C 423 31.30 -79.09 15.62
C GLU C 423 30.75 -79.76 16.90
N ASP C 424 31.11 -79.25 18.08
CA ASP C 424 30.65 -79.84 19.34
C ASP C 424 29.25 -79.37 19.73
N GLN C 425 28.69 -78.46 18.93
CA GLN C 425 27.37 -77.93 19.20
C GLN C 425 26.42 -78.32 18.07
N ILE C 426 25.66 -79.38 18.30
CA ILE C 426 24.75 -79.91 17.28
C ILE C 426 23.26 -79.84 17.60
N VAL C 427 22.46 -80.05 16.56
CA VAL C 427 21.01 -80.02 16.66
C VAL C 427 20.42 -81.19 15.86
N HIS C 428 19.52 -81.94 16.50
CA HIS C 428 18.85 -83.07 15.87
C HIS C 428 17.39 -82.66 15.66
N LEU C 429 17.12 -82.08 14.49
CA LEU C 429 15.78 -81.60 14.17
C LEU C 429 14.92 -82.64 13.46
N LYS C 430 13.82 -82.99 14.10
CA LYS C 430 12.88 -83.97 13.58
C LYS C 430 12.15 -83.39 12.37
N ALA C 431 12.06 -84.17 11.29
CA ALA C 431 11.40 -83.70 10.08
C ALA C 431 11.02 -84.85 9.15
N ASP C 432 9.96 -84.65 8.37
CA ASP C 432 9.50 -85.66 7.42
C ASP C 432 9.81 -85.28 5.98
N VAL C 433 9.98 -83.99 5.74
CA VAL C 433 10.29 -83.49 4.40
C VAL C 433 11.38 -82.43 4.49
N VAL C 434 12.29 -82.46 3.53
CA VAL C 434 13.38 -81.50 3.49
C VAL C 434 13.40 -80.87 2.09
N ILE C 435 13.45 -79.55 2.04
CA ILE C 435 13.47 -78.82 0.78
C ILE C 435 14.68 -77.89 0.76
N SER C 436 15.62 -78.12 -0.15
CA SER C 436 16.78 -77.25 -0.24
C SER C 436 16.42 -76.07 -1.14
N ALA C 437 16.61 -74.86 -0.62
CA ALA C 437 16.30 -73.64 -1.36
C ALA C 437 17.48 -72.69 -1.28
N PHE C 438 18.66 -73.21 -1.59
CA PHE C 438 19.89 -72.43 -1.55
C PHE C 438 20.04 -71.46 -2.72
N GLY C 439 19.35 -71.73 -3.81
CA GLY C 439 19.45 -70.87 -4.97
C GLY C 439 19.57 -71.69 -6.25
N SER C 440 19.96 -71.02 -7.34
CA SER C 440 20.09 -71.67 -8.63
C SER C 440 21.42 -71.33 -9.30
N VAL C 441 21.81 -72.15 -10.27
CA VAL C 441 23.07 -71.97 -10.99
C VAL C 441 22.95 -72.51 -12.41
N LEU C 442 24.00 -72.30 -13.20
CA LEU C 442 24.08 -72.80 -14.55
C LEU C 442 25.24 -73.79 -14.56
N ARG C 443 24.96 -75.07 -14.75
CA ARG C 443 26.06 -76.03 -14.79
C ARG C 443 25.94 -77.19 -15.76
N ASP C 444 24.99 -77.11 -16.68
CA ASP C 444 24.84 -78.18 -17.68
C ASP C 444 25.95 -77.97 -18.70
N PRO C 445 26.90 -78.91 -18.78
CA PRO C 445 28.00 -78.78 -19.74
C PRO C 445 27.51 -78.63 -21.18
N LYS C 446 26.42 -79.33 -21.51
CA LYS C 446 25.87 -79.28 -22.85
C LYS C 446 25.25 -77.92 -23.19
N VAL C 447 24.75 -77.22 -22.18
CA VAL C 447 24.17 -75.89 -22.40
C VAL C 447 25.30 -74.89 -22.56
N LYS C 448 26.33 -74.98 -21.73
CA LYS C 448 27.46 -74.07 -21.82
C LYS C 448 28.16 -74.25 -23.16
N GLU C 449 28.26 -75.51 -23.61
CA GLU C 449 28.91 -75.80 -24.87
C GLU C 449 28.17 -75.16 -26.03
N ALA C 450 26.84 -75.14 -25.93
CA ALA C 450 25.98 -74.56 -26.96
C ALA C 450 26.21 -73.06 -27.09
N LEU C 451 26.86 -72.45 -26.11
CA LEU C 451 27.13 -71.02 -26.15
C LEU C 451 28.52 -70.70 -26.69
N SER C 452 29.22 -71.72 -27.19
CA SER C 452 30.55 -71.50 -27.75
C SER C 452 30.42 -70.53 -28.93
N PRO C 453 31.39 -69.61 -29.08
CA PRO C 453 32.59 -69.46 -28.24
C PRO C 453 32.58 -68.21 -27.36
N ILE C 454 31.41 -67.82 -26.85
CA ILE C 454 31.39 -66.62 -26.02
C ILE C 454 32.18 -66.84 -24.74
N LYS C 455 32.75 -65.75 -24.25
CA LYS C 455 33.57 -65.76 -23.04
C LYS C 455 32.72 -65.86 -21.76
N PHE C 456 33.19 -66.64 -20.81
CA PHE C 456 32.53 -66.80 -19.52
C PHE C 456 33.45 -66.20 -18.47
N ASN C 457 32.85 -65.53 -17.48
CA ASN C 457 33.64 -64.90 -16.43
C ASN C 457 34.02 -65.87 -15.30
N ARG C 458 34.57 -65.32 -14.22
CA ARG C 458 34.98 -66.12 -13.06
C ARG C 458 33.85 -66.87 -12.40
N TRP C 459 32.65 -66.31 -12.52
CA TRP C 459 31.47 -66.91 -11.93
C TRP C 459 30.95 -68.02 -12.83
N ASP C 460 31.65 -68.23 -13.93
CA ASP C 460 31.29 -69.24 -14.90
C ASP C 460 29.93 -68.93 -15.52
N LEU C 461 29.70 -67.65 -15.80
CA LEU C 461 28.46 -67.19 -16.43
C LEU C 461 28.86 -66.38 -17.65
N PRO C 462 27.97 -66.27 -18.65
CA PRO C 462 28.27 -65.50 -19.86
C PRO C 462 28.66 -64.08 -19.49
N GLU C 463 29.79 -63.62 -20.02
CA GLU C 463 30.26 -62.28 -19.73
C GLU C 463 29.62 -61.28 -20.70
N VAL C 464 29.12 -60.18 -20.17
CA VAL C 464 28.49 -59.16 -21.02
C VAL C 464 28.91 -57.76 -20.61
N ASP C 465 28.84 -56.84 -21.56
CA ASP C 465 29.14 -55.44 -21.29
C ASP C 465 27.90 -54.97 -20.53
N PRO C 466 28.07 -54.43 -19.32
CA PRO C 466 26.94 -53.96 -18.52
C PRO C 466 26.07 -52.85 -19.12
N GLU C 467 26.58 -52.16 -20.13
CA GLU C 467 25.81 -51.10 -20.77
C GLU C 467 25.07 -51.59 -22.01
N THR C 468 25.71 -52.43 -22.81
CA THR C 468 25.11 -52.93 -24.04
C THR C 468 24.51 -54.33 -23.97
N MET C 469 24.86 -55.08 -22.93
CA MET C 469 24.39 -56.45 -22.74
C MET C 469 24.96 -57.39 -23.81
N GLN C 470 25.97 -56.92 -24.53
CA GLN C 470 26.59 -57.69 -25.60
C GLN C 470 27.65 -58.65 -25.05
N THR C 471 27.70 -59.86 -25.57
CA THR C 471 28.72 -60.84 -25.13
C THR C 471 29.98 -60.60 -25.95
N SER C 472 30.95 -61.50 -25.83
CA SER C 472 32.19 -61.40 -26.58
C SER C 472 31.94 -61.53 -28.08
N GLU C 473 30.80 -62.12 -28.45
CA GLU C 473 30.43 -62.26 -29.85
C GLU C 473 29.45 -61.12 -30.11
N PRO C 474 29.78 -60.21 -31.04
CA PRO C 474 28.93 -59.06 -31.36
C PRO C 474 27.46 -59.31 -31.67
N TRP C 475 27.13 -60.46 -32.26
CA TRP C 475 25.75 -60.75 -32.59
C TRP C 475 24.98 -61.46 -31.47
N VAL C 476 25.65 -61.71 -30.35
CA VAL C 476 24.99 -62.39 -29.23
C VAL C 476 24.94 -61.51 -27.98
N PHE C 477 23.74 -61.40 -27.42
CA PHE C 477 23.49 -60.61 -26.22
C PHE C 477 22.91 -61.52 -25.13
N ALA C 478 22.91 -61.04 -23.88
CA ALA C 478 22.37 -61.82 -22.78
C ALA C 478 21.83 -60.91 -21.68
N GLY C 479 20.87 -61.42 -20.93
CA GLY C 479 20.28 -60.62 -19.87
C GLY C 479 19.45 -61.47 -18.93
N GLY C 480 19.11 -60.92 -17.77
CA GLY C 480 18.33 -61.68 -16.81
C GLY C 480 19.23 -62.43 -15.84
N ASP C 481 18.66 -63.40 -15.15
CA ASP C 481 19.40 -64.18 -14.16
C ASP C 481 20.71 -64.79 -14.67
N ILE C 482 20.73 -65.18 -15.94
CA ILE C 482 21.92 -65.80 -16.53
C ILE C 482 23.17 -64.93 -16.43
N VAL C 483 22.98 -63.62 -16.42
CA VAL C 483 24.10 -62.67 -16.33
C VAL C 483 24.65 -62.64 -14.91
N GLY C 484 23.82 -63.05 -13.96
CA GLY C 484 24.22 -63.09 -12.56
C GLY C 484 24.41 -61.77 -11.83
N MET C 485 23.82 -60.70 -12.34
CA MET C 485 23.95 -59.40 -11.69
C MET C 485 22.80 -59.09 -10.75
N ALA C 486 21.58 -59.40 -11.20
CA ALA C 486 20.40 -59.15 -10.40
C ALA C 486 19.53 -60.39 -10.26
N ASN C 487 18.57 -60.31 -9.36
CA ASN C 487 17.69 -61.43 -9.10
C ASN C 487 16.25 -60.99 -8.90
N THR C 488 15.76 -60.12 -9.78
CA THR C 488 14.38 -59.65 -9.70
C THR C 488 13.77 -59.64 -11.09
N THR C 489 12.45 -59.74 -11.14
CA THR C 489 11.75 -59.73 -12.41
C THR C 489 11.99 -58.41 -13.14
N VAL C 490 11.84 -57.29 -12.42
CA VAL C 490 12.02 -55.98 -13.04
C VAL C 490 13.43 -55.75 -13.59
N GLU C 491 14.45 -56.23 -12.90
CA GLU C 491 15.81 -56.06 -13.41
C GLU C 491 16.05 -56.94 -14.62
N SER C 492 15.39 -58.10 -14.66
CA SER C 492 15.53 -59.00 -15.80
C SER C 492 14.83 -58.34 -16.99
N VAL C 493 13.68 -57.74 -16.74
CA VAL C 493 12.92 -57.04 -17.77
C VAL C 493 13.80 -55.90 -18.31
N ASN C 494 14.46 -55.19 -17.40
CA ASN C 494 15.32 -54.08 -17.82
C ASN C 494 16.51 -54.55 -18.64
N ASP C 495 17.05 -55.72 -18.32
CA ASP C 495 18.18 -56.26 -19.07
C ASP C 495 17.77 -56.48 -20.52
N GLY C 496 16.57 -57.03 -20.72
CA GLY C 496 16.09 -57.27 -22.07
C GLY C 496 15.83 -55.97 -22.81
N LYS C 497 15.34 -54.99 -22.08
CA LYS C 497 15.04 -53.65 -22.61
C LYS C 497 16.35 -53.02 -23.07
N GLN C 498 17.34 -53.03 -22.19
CA GLN C 498 18.64 -52.47 -22.49
C GLN C 498 19.24 -53.15 -23.72
N ALA C 499 19.18 -54.48 -23.72
CA ALA C 499 19.70 -55.26 -24.83
C ALA C 499 19.03 -54.95 -26.17
N SER C 500 17.73 -54.74 -26.15
CA SER C 500 16.99 -54.48 -27.39
C SER C 500 17.54 -53.31 -28.19
N TRP C 501 17.93 -52.23 -27.51
CA TRP C 501 18.45 -51.07 -28.24
C TRP C 501 19.77 -51.38 -28.95
N TYR C 502 20.66 -52.07 -28.26
CA TYR C 502 21.95 -52.39 -28.85
C TYR C 502 21.88 -53.53 -29.87
N ILE C 503 20.87 -54.38 -29.75
CA ILE C 503 20.68 -55.45 -30.74
C ILE C 503 20.26 -54.71 -32.01
N HIS C 504 19.36 -53.76 -31.83
CA HIS C 504 18.84 -52.92 -32.92
C HIS C 504 20.00 -52.19 -33.60
N LYS C 505 20.87 -51.57 -32.80
CA LYS C 505 22.03 -50.85 -33.32
C LYS C 505 22.91 -51.80 -34.13
N TYR C 506 23.17 -52.99 -33.57
CA TYR C 506 24.00 -53.99 -34.24
C TYR C 506 23.44 -54.43 -35.58
N ILE C 507 22.17 -54.84 -35.58
CA ILE C 507 21.53 -55.31 -36.82
C ILE C 507 21.52 -54.25 -37.90
N GLN C 508 21.15 -53.04 -37.54
CA GLN C 508 21.10 -51.95 -38.50
C GLN C 508 22.48 -51.74 -39.12
N ALA C 509 23.51 -51.76 -38.28
CA ALA C 509 24.88 -51.58 -38.76
C ALA C 509 25.26 -52.71 -39.72
N GLN C 510 24.78 -53.92 -39.44
CA GLN C 510 25.06 -55.05 -40.31
C GLN C 510 24.46 -54.82 -41.69
N TYR C 511 23.38 -54.07 -41.74
CA TYR C 511 22.73 -53.77 -43.02
C TYR C 511 23.17 -52.41 -43.56
N GLY C 512 24.24 -51.87 -43.01
CA GLY C 512 24.77 -50.59 -43.46
C GLY C 512 23.95 -49.36 -43.10
N ALA C 513 23.21 -49.42 -42.00
CA ALA C 513 22.39 -48.29 -41.57
C ALA C 513 22.82 -47.82 -40.20
N SER C 514 22.72 -46.53 -39.95
CA SER C 514 23.09 -45.96 -38.66
C SER C 514 21.84 -45.76 -37.82
N VAL C 515 22.03 -45.57 -36.52
CA VAL C 515 20.91 -45.34 -35.62
C VAL C 515 21.18 -44.07 -34.83
N SER C 516 20.14 -43.48 -34.25
CA SER C 516 20.28 -42.26 -33.46
C SER C 516 21.29 -42.45 -32.34
N ALA C 517 22.08 -41.42 -32.07
CA ALA C 517 23.07 -41.49 -31.00
C ALA C 517 22.31 -41.66 -29.69
N LYS C 518 21.15 -40.99 -29.61
CA LYS C 518 20.32 -41.04 -28.43
C LYS C 518 19.31 -42.17 -28.51
N PRO C 519 19.30 -43.07 -27.51
CA PRO C 519 18.39 -44.21 -27.44
C PRO C 519 16.93 -43.80 -27.67
N GLU C 520 16.22 -44.53 -28.54
CA GLU C 520 14.83 -44.20 -28.82
C GLU C 520 13.92 -45.42 -28.83
N LEU C 521 13.76 -46.07 -27.68
CA LEU C 521 12.85 -47.21 -27.63
C LEU C 521 11.43 -46.65 -27.65
N PRO C 522 10.54 -47.24 -28.46
CA PRO C 522 9.15 -46.80 -28.57
C PRO C 522 8.31 -47.04 -27.32
N LEU C 523 7.23 -46.26 -27.19
CA LEU C 523 6.30 -46.40 -26.08
C LEU C 523 5.36 -47.56 -26.42
N PHE C 524 4.40 -47.80 -25.53
CA PHE C 524 3.41 -48.86 -25.69
C PHE C 524 2.14 -48.24 -26.29
N TYR C 525 1.59 -48.86 -27.34
CA TYR C 525 0.40 -48.33 -28.00
C TYR C 525 -0.74 -49.36 -28.13
N THR C 526 -1.98 -48.85 -28.19
CA THR C 526 -3.18 -49.68 -28.36
C THR C 526 -4.10 -48.87 -29.30
N PRO C 527 -5.20 -49.48 -29.75
CA PRO C 527 -6.13 -48.78 -30.65
C PRO C 527 -6.72 -47.51 -30.03
N VAL C 528 -6.71 -47.44 -28.70
CA VAL C 528 -7.24 -46.27 -28.00
C VAL C 528 -6.50 -45.02 -28.44
N ASP C 529 -5.21 -45.16 -28.68
CA ASP C 529 -4.37 -44.03 -29.07
C ASP C 529 -4.74 -43.44 -30.42
N LEU C 530 -5.50 -44.18 -31.22
CA LEU C 530 -5.90 -43.73 -32.52
C LEU C 530 -7.20 -42.90 -32.49
N VAL C 531 -7.85 -42.87 -31.34
CA VAL C 531 -9.10 -42.13 -31.21
C VAL C 531 -8.92 -40.64 -31.42
N ASP C 532 -9.78 -40.07 -32.26
CA ASP C 532 -9.72 -38.64 -32.57
C ASP C 532 -10.46 -37.82 -31.53
N ILE C 533 -9.77 -36.90 -30.87
CA ILE C 533 -10.42 -36.04 -29.88
C ILE C 533 -10.41 -34.58 -30.27
N SER C 534 -10.36 -34.32 -31.57
CA SER C 534 -10.39 -32.95 -32.07
C SER C 534 -11.82 -32.46 -32.02
N VAL C 535 -12.01 -31.15 -32.04
CA VAL C 535 -13.34 -30.58 -32.00
C VAL C 535 -13.31 -29.23 -32.70
N GLU C 536 -14.42 -28.88 -33.34
CA GLU C 536 -14.53 -27.62 -34.03
C GLU C 536 -15.55 -26.76 -33.26
N MET C 537 -15.22 -25.50 -33.03
CA MET C 537 -16.11 -24.60 -32.33
C MET C 537 -15.95 -23.17 -32.82
N ALA C 538 -17.07 -22.52 -33.12
CA ALA C 538 -17.05 -21.15 -33.61
C ALA C 538 -16.11 -20.97 -34.79
N GLY C 539 -16.04 -21.99 -35.65
CA GLY C 539 -15.18 -21.91 -36.81
C GLY C 539 -13.71 -22.15 -36.55
N LEU C 540 -13.38 -22.50 -35.31
CA LEU C 540 -12.00 -22.78 -34.94
C LEU C 540 -11.80 -24.28 -34.77
N LYS C 541 -10.62 -24.77 -35.14
CA LYS C 541 -10.32 -26.18 -35.00
C LYS C 541 -9.35 -26.41 -33.86
N PHE C 542 -9.77 -27.21 -32.88
CA PHE C 542 -8.94 -27.54 -31.73
C PHE C 542 -8.44 -28.97 -31.90
N ILE C 543 -7.14 -29.18 -31.74
CA ILE C 543 -6.58 -30.53 -31.88
C ILE C 543 -7.06 -31.43 -30.74
N ASN C 544 -7.37 -30.81 -29.60
CA ASN C 544 -7.93 -31.52 -28.45
C ASN C 544 -8.72 -30.44 -27.71
N PRO C 545 -9.73 -30.83 -26.91
CA PRO C 545 -10.53 -29.84 -26.19
C PRO C 545 -10.01 -29.21 -24.90
N PHE C 546 -8.76 -29.50 -24.55
CA PHE C 546 -8.19 -28.96 -23.32
C PHE C 546 -7.31 -27.73 -23.53
N GLY C 547 -7.53 -26.71 -22.70
CA GLY C 547 -6.74 -25.50 -22.81
C GLY C 547 -6.50 -24.84 -21.47
N LEU C 548 -5.53 -23.95 -21.43
CA LEU C 548 -5.20 -23.22 -20.21
C LEU C 548 -6.09 -21.98 -20.10
N ALA C 549 -6.73 -21.81 -18.96
CA ALA C 549 -7.58 -20.64 -18.75
C ALA C 549 -6.69 -19.43 -18.56
N SER C 550 -7.30 -18.24 -18.62
CA SER C 550 -6.55 -17.02 -18.43
C SER C 550 -6.31 -16.99 -16.93
N ALA C 551 -5.08 -17.31 -16.51
CA ALA C 551 -4.77 -17.37 -15.08
C ALA C 551 -3.28 -17.47 -14.79
N ALA C 552 -2.94 -17.88 -13.56
CA ALA C 552 -1.53 -18.00 -13.17
C ALA C 552 -0.71 -18.87 -14.12
N PRO C 553 -1.28 -20.00 -14.59
CA PRO C 553 -0.49 -20.84 -15.51
C PRO C 553 -0.15 -20.14 -16.84
N THR C 554 -0.83 -19.02 -17.12
CA THR C 554 -0.53 -18.28 -18.35
C THR C 554 0.01 -16.88 -18.01
N THR C 555 0.75 -16.82 -16.91
CA THR C 555 1.37 -15.59 -16.42
C THR C 555 2.35 -15.02 -17.46
N SER C 556 3.08 -15.90 -18.13
CA SER C 556 4.05 -15.50 -19.15
C SER C 556 3.86 -16.32 -20.42
N SER C 557 4.11 -15.72 -21.57
CA SER C 557 3.95 -16.44 -22.84
C SER C 557 4.91 -17.62 -22.96
N SER C 558 6.04 -17.56 -22.27
CA SER C 558 7.03 -18.64 -22.29
C SER C 558 6.40 -19.89 -21.70
N MET C 559 5.46 -19.69 -20.77
CA MET C 559 4.78 -20.81 -20.13
C MET C 559 3.80 -21.42 -21.12
N ILE C 560 3.10 -20.56 -21.87
CA ILE C 560 2.16 -21.06 -22.88
C ILE C 560 2.94 -21.89 -23.90
N ARG C 561 4.12 -21.42 -24.28
CA ARG C 561 4.94 -22.15 -25.24
C ARG C 561 5.22 -23.57 -24.73
N ARG C 562 5.60 -23.68 -23.46
CA ARG C 562 5.89 -24.99 -22.91
C ARG C 562 4.64 -25.85 -22.81
N ALA C 563 3.49 -25.21 -22.60
CA ALA C 563 2.22 -25.92 -22.51
C ALA C 563 1.89 -26.51 -23.89
N PHE C 564 2.12 -25.72 -24.94
CA PHE C 564 1.84 -26.21 -26.30
C PHE C 564 2.81 -27.34 -26.63
N GLU C 565 4.05 -27.22 -26.17
CA GLU C 565 5.03 -28.25 -26.42
C GLU C 565 4.60 -29.54 -25.73
N ALA C 566 3.95 -29.39 -24.58
CA ALA C 566 3.46 -30.54 -23.81
C ALA C 566 2.25 -31.18 -24.50
N GLY C 567 1.52 -30.40 -25.28
CA GLY C 567 0.38 -30.96 -25.99
C GLY C 567 -0.97 -30.29 -25.76
N TRP C 568 -1.03 -29.21 -25.00
CA TRP C 568 -2.30 -28.55 -24.74
C TRP C 568 -2.91 -28.04 -26.05
N GLY C 569 -4.21 -28.24 -26.20
CA GLY C 569 -4.89 -27.83 -27.41
C GLY C 569 -4.98 -26.34 -27.63
N PHE C 570 -5.18 -25.59 -26.55
CA PHE C 570 -5.27 -24.15 -26.68
C PHE C 570 -4.89 -23.46 -25.38
N ALA C 571 -4.80 -22.14 -25.44
CA ALA C 571 -4.44 -21.38 -24.25
C ALA C 571 -4.93 -19.95 -24.35
N LEU C 572 -5.26 -19.39 -23.19
CA LEU C 572 -5.71 -18.02 -23.08
C LEU C 572 -4.53 -17.25 -22.53
N THR C 573 -4.35 -16.01 -22.97
CA THR C 573 -3.28 -15.20 -22.42
C THR C 573 -3.85 -14.74 -21.08
N LYS C 574 -2.99 -14.32 -20.16
CA LYS C 574 -3.47 -13.78 -18.90
C LYS C 574 -4.17 -12.51 -19.41
N THR C 575 -5.25 -12.09 -18.77
CA THR C 575 -5.97 -10.89 -19.22
C THR C 575 -5.06 -9.66 -19.26
N PHE C 576 -5.05 -8.93 -20.37
CA PHE C 576 -4.24 -7.73 -20.44
C PHE C 576 -5.06 -6.53 -20.86
N SER C 577 -4.50 -5.33 -20.71
CA SER C 577 -5.24 -4.13 -21.05
C SER C 577 -4.35 -3.05 -21.65
N LEU C 578 -4.94 -1.89 -21.91
CA LEU C 578 -4.22 -0.76 -22.47
C LEU C 578 -3.26 -0.25 -21.40
N ASP C 579 -2.20 0.43 -21.83
CA ASP C 579 -1.20 0.96 -20.90
C ASP C 579 -1.79 1.82 -19.78
N LYS C 580 -2.77 2.64 -20.10
CA LYS C 580 -3.36 3.51 -19.09
C LYS C 580 -4.03 2.74 -17.95
N ASP C 581 -4.33 1.47 -18.19
CA ASP C 581 -4.96 0.66 -17.16
C ASP C 581 -4.02 -0.30 -16.44
N ILE C 582 -2.72 -0.01 -16.49
CA ILE C 582 -1.70 -0.83 -15.84
C ILE C 582 -2.05 -1.09 -14.38
N VAL C 583 -1.78 -2.30 -13.91
CA VAL C 583 -2.06 -2.66 -12.53
C VAL C 583 -0.80 -3.19 -11.84
N THR C 584 -0.86 -3.27 -10.52
CA THR C 584 0.27 -3.79 -9.72
C THR C 584 -0.31 -4.73 -8.68
N ASN C 585 0.16 -5.96 -8.66
CA ASN C 585 -0.34 -6.96 -7.71
C ASN C 585 0.21 -6.73 -6.30
N VAL C 586 -0.49 -7.33 -5.33
CA VAL C 586 -0.07 -7.28 -3.94
C VAL C 586 0.36 -8.71 -3.63
N SER C 587 0.95 -8.92 -2.45
CA SER C 587 1.36 -10.24 -2.02
C SER C 587 1.21 -10.31 -0.51
N PRO C 588 0.76 -11.45 0.03
CA PRO C 588 0.35 -12.68 -0.66
C PRO C 588 -0.93 -12.47 -1.45
N ARG C 589 -1.19 -13.31 -2.45
CA ARG C 589 -2.40 -13.16 -3.25
C ARG C 589 -3.09 -14.44 -3.69
N ILE C 590 -2.47 -15.60 -3.47
CA ILE C 590 -3.10 -16.87 -3.86
C ILE C 590 -2.94 -17.82 -2.69
N VAL C 591 -4.04 -18.34 -2.16
CA VAL C 591 -3.98 -19.24 -1.02
C VAL C 591 -4.76 -20.53 -1.27
N ARG C 592 -4.42 -21.57 -0.50
CA ARG C 592 -5.10 -22.85 -0.64
C ARG C 592 -6.50 -22.75 -0.06
N GLY C 593 -7.39 -23.60 -0.55
CA GLY C 593 -8.75 -23.59 -0.05
C GLY C 593 -8.85 -24.38 1.23
N THR C 594 -9.85 -24.05 2.04
CA THR C 594 -10.10 -24.72 3.30
C THR C 594 -11.39 -25.52 3.12
N THR C 595 -11.81 -25.65 1.87
CA THR C 595 -13.03 -26.34 1.49
C THR C 595 -13.09 -27.84 1.77
N SER C 596 -11.95 -28.47 2.07
CA SER C 596 -11.96 -29.89 2.37
C SER C 596 -11.13 -30.22 3.61
N GLY C 597 -11.08 -29.27 4.54
CA GLY C 597 -10.35 -29.49 5.78
C GLY C 597 -8.84 -29.30 5.71
N PRO C 598 -8.15 -29.60 6.83
CA PRO C 598 -6.70 -29.48 6.96
C PRO C 598 -5.91 -30.57 6.23
N MET C 599 -6.12 -30.63 4.92
CA MET C 599 -5.43 -31.59 4.07
C MET C 599 -4.48 -30.76 3.22
N TYR C 600 -3.18 -30.98 3.40
CA TYR C 600 -2.20 -30.21 2.65
C TYR C 600 -1.50 -31.03 1.58
N GLY C 601 -0.91 -30.34 0.61
CA GLY C 601 -0.20 -31.04 -0.45
C GLY C 601 -1.00 -31.19 -1.74
N PRO C 602 -0.90 -32.34 -2.40
CA PRO C 602 -1.62 -32.57 -3.65
C PRO C 602 -3.14 -32.50 -3.56
N GLY C 603 -3.75 -32.18 -4.70
CA GLY C 603 -5.20 -32.13 -4.79
C GLY C 603 -5.98 -31.16 -3.93
N GLN C 604 -5.50 -29.93 -3.79
CA GLN C 604 -6.23 -28.93 -3.02
C GLN C 604 -7.60 -28.81 -3.69
N SER C 605 -8.67 -28.79 -2.89
CA SER C 605 -10.02 -28.72 -3.43
C SER C 605 -10.42 -27.35 -3.98
N SER C 606 -9.58 -26.36 -3.76
CA SER C 606 -9.85 -25.02 -4.26
C SER C 606 -8.70 -24.10 -3.92
N PHE C 607 -8.74 -22.91 -4.50
CA PHE C 607 -7.76 -21.87 -4.23
C PHE C 607 -8.58 -20.59 -4.20
N LEU C 608 -8.05 -19.57 -3.53
CA LEU C 608 -8.70 -18.28 -3.52
C LEU C 608 -7.59 -17.31 -3.91
N ASN C 609 -7.91 -16.36 -4.78
CA ASN C 609 -6.90 -15.41 -5.22
C ASN C 609 -7.45 -13.99 -5.24
N ILE C 610 -6.55 -13.03 -5.04
CA ILE C 610 -6.91 -11.62 -5.09
C ILE C 610 -5.95 -11.00 -6.10
N GLU C 611 -5.66 -11.78 -7.14
CA GLU C 611 -4.77 -11.32 -8.20
C GLU C 611 -5.53 -10.44 -9.19
N LEU C 612 -4.81 -9.51 -9.82
CA LEU C 612 -5.42 -8.61 -10.79
C LEU C 612 -5.08 -9.14 -12.17
N ILE C 613 -5.36 -8.35 -13.22
CA ILE C 613 -5.04 -8.79 -14.56
C ILE C 613 -3.53 -8.79 -14.71
N SER C 614 -3.05 -9.16 -15.89
CA SER C 614 -1.62 -9.23 -16.14
C SER C 614 -0.89 -7.94 -15.82
N GLU C 615 0.31 -8.06 -15.26
CA GLU C 615 1.14 -6.90 -14.96
C GLU C 615 2.00 -6.63 -16.19
N LYS C 616 1.93 -7.53 -17.17
CA LYS C 616 2.70 -7.37 -18.40
C LYS C 616 1.89 -6.55 -19.41
N THR C 617 2.60 -5.75 -20.20
CA THR C 617 1.95 -4.86 -21.18
C THR C 617 1.29 -5.50 -22.38
N ALA C 618 0.37 -4.74 -22.98
CA ALA C 618 -0.34 -5.20 -24.17
C ALA C 618 0.69 -5.45 -25.27
N ALA C 619 1.75 -4.65 -25.29
CA ALA C 619 2.82 -4.80 -26.29
C ALA C 619 3.47 -6.17 -26.16
N TYR C 620 3.75 -6.56 -24.93
CA TYR C 620 4.37 -7.85 -24.65
C TYR C 620 3.47 -8.99 -25.14
N TRP C 621 2.22 -8.93 -24.73
CA TRP C 621 1.26 -9.96 -25.08
C TRP C 621 0.98 -10.07 -26.57
N CYS C 622 0.88 -8.92 -27.25
CA CYS C 622 0.62 -8.97 -28.68
C CYS C 622 1.81 -9.55 -29.45
N GLN C 623 3.02 -9.16 -29.07
CA GLN C 623 4.20 -9.71 -29.74
C GLN C 623 4.27 -11.20 -29.43
N SER C 624 3.95 -11.56 -28.19
CA SER C 624 3.97 -12.96 -27.78
C SER C 624 2.98 -13.80 -28.58
N VAL C 625 1.78 -13.26 -28.81
CA VAL C 625 0.78 -13.98 -29.57
C VAL C 625 1.27 -14.22 -30.99
N THR C 626 1.89 -13.20 -31.58
CA THR C 626 2.42 -13.33 -32.93
C THR C 626 3.47 -14.45 -32.96
N GLU C 627 4.35 -14.47 -31.95
CA GLU C 627 5.39 -15.48 -31.84
C GLU C 627 4.80 -16.88 -31.66
N LEU C 628 3.87 -17.01 -30.72
CA LEU C 628 3.24 -18.30 -30.47
C LEU C 628 2.51 -18.85 -31.68
N LYS C 629 1.74 -18.00 -32.36
CA LYS C 629 0.99 -18.44 -33.54
C LYS C 629 1.91 -18.81 -34.69
N ALA C 630 3.06 -18.15 -34.76
CA ALA C 630 4.01 -18.44 -35.82
C ALA C 630 4.64 -19.81 -35.59
N ASP C 631 4.92 -20.14 -34.33
CA ASP C 631 5.55 -21.42 -34.00
C ASP C 631 4.57 -22.58 -33.76
N PHE C 632 3.34 -22.26 -33.40
CA PHE C 632 2.33 -23.29 -33.14
C PHE C 632 1.04 -22.93 -33.86
N PRO C 633 1.06 -22.99 -35.19
CA PRO C 633 -0.10 -22.65 -36.00
C PRO C 633 -1.36 -23.49 -35.74
N ASP C 634 -1.18 -24.72 -35.26
CA ASP C 634 -2.33 -25.59 -34.99
C ASP C 634 -2.89 -25.46 -33.58
N ASN C 635 -2.17 -24.79 -32.70
CA ASN C 635 -2.64 -24.60 -31.34
C ASN C 635 -3.37 -23.27 -31.30
N ILE C 636 -4.57 -23.28 -30.72
CA ILE C 636 -5.39 -22.08 -30.65
C ILE C 636 -4.96 -21.14 -29.51
N VAL C 637 -4.76 -19.87 -29.86
CA VAL C 637 -4.38 -18.85 -28.89
C VAL C 637 -5.49 -17.82 -28.82
N ILE C 638 -6.05 -17.67 -27.63
CA ILE C 638 -7.14 -16.71 -27.42
C ILE C 638 -6.64 -15.60 -26.52
N ALA C 639 -6.74 -14.36 -26.99
CA ALA C 639 -6.30 -13.22 -26.21
C ALA C 639 -7.39 -12.76 -25.27
N SER C 640 -7.09 -12.75 -23.98
CA SER C 640 -8.06 -12.28 -22.99
C SER C 640 -7.77 -10.81 -22.75
N ILE C 641 -8.78 -9.96 -22.91
CA ILE C 641 -8.60 -8.53 -22.73
C ILE C 641 -9.63 -7.89 -21.83
N MET C 642 -9.29 -6.73 -21.27
CA MET C 642 -10.20 -6.02 -20.40
C MET C 642 -10.06 -4.50 -20.51
N CYS C 643 -11.19 -3.81 -20.55
CA CYS C 643 -11.23 -2.35 -20.63
C CYS C 643 -12.32 -1.85 -19.71
N SER C 644 -12.29 -0.57 -19.39
CA SER C 644 -13.32 0.02 -18.57
C SER C 644 -14.50 0.16 -19.54
N TYR C 645 -15.65 0.58 -19.04
CA TYR C 645 -16.83 0.72 -19.90
C TYR C 645 -16.67 1.91 -20.83
N ASN C 646 -15.87 1.73 -21.88
CA ASN C 646 -15.58 2.78 -22.85
C ASN C 646 -15.48 2.16 -24.24
N LYS C 647 -16.30 2.65 -25.17
CA LYS C 647 -16.32 2.14 -26.54
C LYS C 647 -14.97 2.21 -27.26
N ASN C 648 -14.35 3.39 -27.26
CA ASN C 648 -13.05 3.54 -27.93
C ASN C 648 -12.01 2.60 -27.37
N ASP C 649 -11.98 2.42 -26.06
CA ASP C 649 -11.00 1.54 -25.43
C ASP C 649 -11.17 0.10 -25.90
N TRP C 650 -12.39 -0.43 -25.78
CA TRP C 650 -12.62 -1.81 -26.17
C TRP C 650 -12.30 -2.04 -27.66
N MET C 651 -12.64 -1.08 -28.50
CA MET C 651 -12.36 -1.23 -29.93
C MET C 651 -10.87 -1.17 -30.22
N GLU C 652 -10.16 -0.31 -29.50
CA GLU C 652 -8.72 -0.17 -29.68
C GLU C 652 -7.99 -1.44 -29.27
N LEU C 653 -8.30 -1.91 -28.06
CA LEU C 653 -7.65 -3.11 -27.52
C LEU C 653 -7.99 -4.37 -28.29
N SER C 654 -9.25 -4.54 -28.68
CA SER C 654 -9.63 -5.74 -29.42
C SER C 654 -8.93 -5.77 -30.77
N ARG C 655 -8.82 -4.61 -31.42
CA ARG C 655 -8.16 -4.53 -32.71
C ARG C 655 -6.67 -4.82 -32.60
N LYS C 656 -6.05 -4.38 -31.51
CA LYS C 656 -4.62 -4.61 -31.32
C LYS C 656 -4.40 -6.11 -31.13
N ALA C 657 -5.27 -6.76 -30.38
CA ALA C 657 -5.17 -8.19 -30.12
C ALA C 657 -5.37 -8.98 -31.42
N GLU C 658 -6.37 -8.57 -32.20
CA GLU C 658 -6.66 -9.24 -33.46
C GLU C 658 -5.49 -9.10 -34.42
N ALA C 659 -4.92 -7.90 -34.49
CA ALA C 659 -3.81 -7.61 -35.38
C ALA C 659 -2.59 -8.48 -35.07
N SER C 660 -2.46 -8.91 -33.82
CA SER C 660 -1.32 -9.73 -33.39
C SER C 660 -1.42 -11.16 -33.91
N GLY C 661 -2.60 -11.53 -34.41
CA GLY C 661 -2.78 -12.87 -34.92
C GLY C 661 -3.54 -13.83 -34.02
N ALA C 662 -4.18 -13.30 -32.98
CA ALA C 662 -4.95 -14.15 -32.07
C ALA C 662 -6.06 -14.85 -32.85
N ASP C 663 -6.31 -16.11 -32.52
CA ASP C 663 -7.36 -16.88 -33.18
C ASP C 663 -8.72 -16.35 -32.78
N ALA C 664 -8.82 -15.88 -31.54
CA ALA C 664 -10.07 -15.35 -31.02
C ALA C 664 -9.76 -14.49 -29.81
N LEU C 665 -10.78 -13.85 -29.26
CA LEU C 665 -10.62 -13.01 -28.09
C LEU C 665 -11.56 -13.49 -27.00
N GLU C 666 -11.20 -13.22 -25.75
CA GLU C 666 -12.05 -13.55 -24.62
C GLU C 666 -12.18 -12.24 -23.86
N LEU C 667 -13.39 -11.76 -23.69
CA LEU C 667 -13.60 -10.50 -23.01
C LEU C 667 -13.78 -10.70 -21.51
N ASN C 668 -12.85 -10.15 -20.73
CA ASN C 668 -12.93 -10.25 -19.28
C ASN C 668 -13.83 -9.10 -18.83
N LEU C 669 -14.98 -9.45 -18.25
CA LEU C 669 -15.94 -8.45 -17.82
C LEU C 669 -15.94 -8.17 -16.32
N SER C 670 -14.76 -8.14 -15.71
CA SER C 670 -14.62 -7.89 -14.28
C SER C 670 -14.48 -6.43 -13.87
N CYS C 671 -14.29 -5.55 -14.84
CA CYS C 671 -14.12 -4.13 -14.54
C CYS C 671 -15.36 -3.45 -14.00
N PRO C 672 -15.23 -2.75 -12.87
CA PRO C 672 -16.36 -2.05 -12.25
C PRO C 672 -16.97 -0.97 -13.13
N HIS C 673 -18.25 -0.72 -12.89
CA HIS C 673 -19.03 0.30 -13.59
C HIS C 673 -20.11 0.74 -12.62
N GLY C 674 -20.51 2.00 -12.76
CA GLY C 674 -21.56 2.56 -11.93
C GLY C 674 -21.35 2.32 -10.44
N MET C 675 -21.17 3.38 -9.68
CA MET C 675 -20.98 3.22 -8.25
C MET C 675 -22.32 3.02 -7.57
N GLY C 676 -22.34 2.08 -6.64
CA GLY C 676 -23.55 1.82 -5.91
C GLY C 676 -24.33 0.65 -6.46
N GLU C 677 -25.61 0.88 -6.72
CA GLU C 677 -26.45 -0.19 -7.22
C GLU C 677 -27.66 0.20 -8.06
N ARG C 678 -28.37 -0.85 -8.45
CA ARG C 678 -29.59 -0.83 -9.24
C ARG C 678 -29.84 -2.33 -9.35
N GLY C 679 -29.19 -3.05 -8.46
CA GLY C 679 -29.29 -4.50 -8.40
C GLY C 679 -28.06 -5.20 -8.92
N MET C 680 -27.73 -4.90 -10.17
CA MET C 680 -26.59 -5.51 -10.87
C MET C 680 -25.17 -5.22 -10.38
N GLY C 681 -24.92 -5.55 -9.11
CA GLY C 681 -23.61 -5.39 -8.50
C GLY C 681 -22.72 -4.21 -8.90
N LEU C 682 -21.46 -4.49 -9.20
CA LEU C 682 -20.50 -3.45 -9.55
C LEU C 682 -19.73 -3.70 -10.84
N ALA C 683 -19.61 -4.96 -11.23
CA ALA C 683 -18.87 -5.32 -12.44
C ALA C 683 -19.73 -5.30 -13.70
N CYS C 684 -19.12 -4.93 -14.82
CA CYS C 684 -19.86 -4.88 -16.08
C CYS C 684 -20.47 -6.26 -16.38
N GLY C 685 -19.75 -7.32 -16.03
CA GLY C 685 -20.23 -8.66 -16.28
C GLY C 685 -21.46 -9.09 -15.49
N GLN C 686 -21.90 -8.25 -14.55
CA GLN C 686 -23.08 -8.57 -13.76
C GLN C 686 -24.32 -7.82 -14.26
N ASP C 687 -24.15 -7.06 -15.33
CA ASP C 687 -25.25 -6.29 -15.90
C ASP C 687 -25.45 -6.63 -17.38
N PRO C 688 -26.59 -7.26 -17.73
CA PRO C 688 -26.91 -7.64 -19.12
C PRO C 688 -26.77 -6.50 -20.13
N GLU C 689 -27.20 -5.31 -19.75
CA GLU C 689 -27.12 -4.16 -20.64
C GLU C 689 -25.68 -3.79 -20.98
N LEU C 690 -24.82 -3.78 -19.96
CA LEU C 690 -23.42 -3.45 -20.17
C LEU C 690 -22.72 -4.51 -21.01
N VAL C 691 -23.01 -5.78 -20.70
CA VAL C 691 -22.43 -6.90 -21.44
C VAL C 691 -22.81 -6.83 -22.93
N ARG C 692 -24.09 -6.55 -23.18
CA ARG C 692 -24.56 -6.48 -24.56
C ARG C 692 -23.83 -5.39 -25.34
N ASN C 693 -23.68 -4.22 -24.73
CA ASN C 693 -23.00 -3.11 -25.38
C ASN C 693 -21.53 -3.37 -25.65
N ILE C 694 -20.83 -3.90 -24.66
CA ILE C 694 -19.42 -4.21 -24.79
C ILE C 694 -19.24 -5.18 -25.95
N CYS C 695 -20.07 -6.22 -26.02
CA CYS C 695 -19.95 -7.18 -27.09
C CYS C 695 -20.23 -6.52 -28.44
N ARG C 696 -21.18 -5.57 -28.47
CA ARG C 696 -21.49 -4.88 -29.72
C ARG C 696 -20.29 -4.05 -30.19
N TRP C 697 -19.59 -3.43 -29.24
CA TRP C 697 -18.42 -2.63 -29.59
C TRP C 697 -17.32 -3.50 -30.18
N VAL C 698 -17.07 -4.64 -29.55
CA VAL C 698 -16.05 -5.56 -30.03
C VAL C 698 -16.43 -6.17 -31.38
N ARG C 699 -17.70 -6.56 -31.51
CA ARG C 699 -18.18 -7.16 -32.76
C ARG C 699 -17.94 -6.22 -33.93
N GLN C 700 -18.13 -4.92 -33.70
CA GLN C 700 -17.94 -3.97 -34.78
C GLN C 700 -16.48 -3.58 -35.00
N ALA C 701 -15.62 -3.97 -34.07
CA ALA C 701 -14.20 -3.66 -34.18
C ALA C 701 -13.35 -4.77 -34.81
N VAL C 702 -13.72 -6.02 -34.60
CA VAL C 702 -12.95 -7.13 -35.15
C VAL C 702 -13.76 -8.15 -35.94
N GLN C 703 -13.07 -8.95 -36.74
CA GLN C 703 -13.69 -9.98 -37.57
C GLN C 703 -13.56 -11.36 -36.95
N ILE C 704 -12.53 -11.57 -36.14
CA ILE C 704 -12.31 -12.87 -35.51
C ILE C 704 -13.36 -13.15 -34.43
N PRO C 705 -13.55 -14.42 -34.09
CA PRO C 705 -14.53 -14.80 -33.06
C PRO C 705 -14.10 -14.28 -31.69
N PHE C 706 -15.07 -13.99 -30.84
CA PHE C 706 -14.74 -13.54 -29.50
C PHE C 706 -15.78 -14.11 -28.55
N PHE C 707 -15.34 -14.39 -27.33
CA PHE C 707 -16.21 -14.97 -26.31
C PHE C 707 -16.24 -14.10 -25.06
N ALA C 708 -17.42 -13.95 -24.47
CA ALA C 708 -17.55 -13.14 -23.26
C ALA C 708 -17.38 -14.08 -22.07
N LYS C 709 -16.46 -13.75 -21.18
CA LYS C 709 -16.25 -14.58 -20.00
C LYS C 709 -17.23 -14.12 -18.94
N LEU C 710 -18.13 -15.02 -18.54
CA LEU C 710 -19.16 -14.71 -17.57
C LEU C 710 -18.80 -15.01 -16.13
N THR C 711 -19.36 -14.23 -15.23
CA THR C 711 -19.12 -14.43 -13.80
C THR C 711 -20.31 -15.21 -13.26
N PRO C 712 -20.06 -16.13 -12.31
CA PRO C 712 -21.16 -16.91 -11.73
C PRO C 712 -21.83 -16.12 -10.60
N ASN C 713 -21.23 -14.98 -10.26
CA ASN C 713 -21.75 -14.14 -9.18
C ASN C 713 -22.91 -13.25 -9.62
N VAL C 714 -23.95 -13.88 -10.15
CA VAL C 714 -25.15 -13.18 -10.61
C VAL C 714 -26.38 -14.02 -10.34
N THR C 715 -27.53 -13.35 -10.27
CA THR C 715 -28.78 -14.03 -10.02
C THR C 715 -29.17 -14.96 -11.18
N ASP C 716 -29.07 -14.43 -12.40
CA ASP C 716 -29.45 -15.17 -13.60
C ASP C 716 -28.36 -15.11 -14.68
N ILE C 717 -27.45 -16.07 -14.67
CA ILE C 717 -26.37 -16.06 -15.64
C ILE C 717 -26.85 -16.21 -17.09
N VAL C 718 -28.01 -16.83 -17.28
CA VAL C 718 -28.55 -16.99 -18.63
C VAL C 718 -28.84 -15.62 -19.26
N SER C 719 -29.29 -14.66 -18.45
CA SER C 719 -29.60 -13.33 -18.94
C SER C 719 -28.33 -12.65 -19.46
N ILE C 720 -27.20 -12.92 -18.83
CA ILE C 720 -25.93 -12.34 -19.25
C ILE C 720 -25.47 -13.03 -20.52
N ALA C 721 -25.59 -14.36 -20.56
CA ALA C 721 -25.18 -15.12 -21.74
C ALA C 721 -25.98 -14.67 -22.96
N ARG C 722 -27.28 -14.50 -22.75
CA ARG C 722 -28.17 -14.06 -23.83
C ARG C 722 -27.79 -12.66 -24.30
N ALA C 723 -27.44 -11.78 -23.37
CA ALA C 723 -27.05 -10.41 -23.72
C ALA C 723 -25.78 -10.41 -24.54
N ALA C 724 -24.85 -11.32 -24.23
CA ALA C 724 -23.61 -11.41 -24.97
C ALA C 724 -23.91 -11.88 -26.39
N LYS C 725 -24.81 -12.85 -26.51
CA LYS C 725 -25.18 -13.37 -27.82
C LYS C 725 -25.85 -12.28 -28.65
N GLU C 726 -26.76 -11.53 -28.02
CA GLU C 726 -27.46 -10.45 -28.71
C GLU C 726 -26.47 -9.37 -29.13
N GLY C 727 -25.39 -9.23 -28.37
CA GLY C 727 -24.38 -8.23 -28.68
C GLY C 727 -23.45 -8.65 -29.81
N GLY C 728 -23.48 -9.92 -30.17
CA GLY C 728 -22.64 -10.40 -31.25
C GLY C 728 -21.55 -11.38 -30.86
N ALA C 729 -21.48 -11.76 -29.60
CA ALA C 729 -20.47 -12.70 -29.16
C ALA C 729 -20.65 -14.02 -29.88
N ASP C 730 -19.55 -14.72 -30.15
CA ASP C 730 -19.58 -15.99 -30.84
C ASP C 730 -19.76 -17.13 -29.86
N GLY C 731 -19.71 -16.80 -28.58
CA GLY C 731 -19.88 -17.80 -27.54
C GLY C 731 -19.59 -17.20 -26.19
N VAL C 732 -19.59 -18.04 -25.16
CA VAL C 732 -19.31 -17.57 -23.81
C VAL C 732 -18.46 -18.55 -23.02
N THR C 733 -17.66 -18.01 -22.11
CA THR C 733 -16.82 -18.83 -21.27
C THR C 733 -17.54 -18.83 -19.91
N ALA C 734 -17.87 -20.03 -19.44
CA ALA C 734 -18.56 -20.18 -18.16
C ALA C 734 -17.80 -21.18 -17.30
N THR C 735 -17.31 -20.75 -16.14
CA THR C 735 -17.46 -19.38 -15.66
C THR C 735 -16.18 -18.92 -14.97
N ASN C 736 -16.15 -17.66 -14.56
CA ASN C 736 -14.99 -17.14 -13.87
C ASN C 736 -15.10 -17.62 -12.42
N THR C 737 -14.29 -17.07 -11.53
CA THR C 737 -14.30 -17.49 -10.12
C THR C 737 -15.53 -17.06 -9.33
N VAL C 738 -15.76 -17.73 -8.21
CA VAL C 738 -16.87 -17.43 -7.31
C VAL C 738 -16.34 -16.52 -6.20
N SER C 739 -17.02 -15.42 -5.93
CA SER C 739 -16.56 -14.50 -4.89
C SER C 739 -16.67 -15.14 -3.50
N GLY C 740 -15.63 -14.97 -2.69
CA GLY C 740 -15.67 -15.54 -1.35
C GLY C 740 -14.56 -15.09 -0.43
N LEU C 741 -14.60 -15.61 0.80
CA LEU C 741 -13.60 -15.31 1.81
C LEU C 741 -13.23 -16.72 2.26
N MET C 742 -11.98 -17.11 2.04
CA MET C 742 -11.57 -18.47 2.38
C MET C 742 -11.51 -18.77 3.87
N GLY C 743 -11.28 -17.76 4.69
CA GLY C 743 -11.25 -18.02 6.11
C GLY C 743 -10.46 -17.03 6.93
N LEU C 744 -10.53 -17.21 8.24
CA LEU C 744 -9.84 -16.35 9.20
C LEU C 744 -9.08 -17.20 10.20
N LYS C 745 -7.99 -16.64 10.73
CA LYS C 745 -7.19 -17.29 11.75
C LYS C 745 -8.00 -17.19 13.03
N ALA C 746 -7.61 -17.94 14.06
CA ALA C 746 -8.34 -17.90 15.33
C ALA C 746 -8.32 -16.50 15.96
N ASP C 747 -7.34 -15.68 15.60
CA ASP C 747 -7.26 -14.34 16.17
C ASP C 747 -8.09 -13.33 15.36
N GLY C 748 -8.80 -13.82 14.36
CA GLY C 748 -9.64 -12.95 13.55
C GLY C 748 -8.99 -12.38 12.29
N THR C 749 -7.70 -12.60 12.09
CA THR C 749 -7.03 -12.07 10.92
C THR C 749 -7.30 -12.96 9.70
N PRO C 750 -7.38 -12.35 8.51
CA PRO C 750 -7.65 -13.09 7.29
C PRO C 750 -6.43 -13.73 6.64
N TRP C 751 -6.69 -14.54 5.63
CA TRP C 751 -5.67 -15.19 4.83
C TRP C 751 -6.26 -15.30 3.45
N PRO C 752 -5.65 -14.65 2.44
CA PRO C 752 -4.43 -13.84 2.56
C PRO C 752 -4.56 -12.57 3.41
N ALA C 753 -3.45 -12.19 4.03
CA ALA C 753 -3.37 -11.00 4.86
C ALA C 753 -2.25 -10.16 4.24
N VAL C 754 -2.57 -8.94 3.85
CA VAL C 754 -1.60 -8.06 3.21
C VAL C 754 -1.16 -6.91 4.12
N GLY C 755 0.15 -6.81 4.31
CA GLY C 755 0.72 -5.74 5.14
C GLY C 755 0.67 -5.98 6.63
N ALA C 756 1.35 -5.11 7.38
CA ALA C 756 1.38 -5.20 8.83
C ALA C 756 -0.05 -5.08 9.36
N GLY C 757 -0.89 -4.36 8.62
CA GLY C 757 -2.27 -4.19 9.02
C GLY C 757 -3.09 -5.46 8.80
N LYS C 758 -2.49 -6.42 8.10
CA LYS C 758 -3.14 -7.70 7.83
C LYS C 758 -4.50 -7.58 7.15
N ARG C 759 -4.56 -6.75 6.11
CA ARG C 759 -5.82 -6.53 5.41
C ARG C 759 -6.07 -7.51 4.28
N THR C 760 -7.32 -7.59 3.85
CA THR C 760 -7.69 -8.45 2.74
C THR C 760 -8.93 -7.89 2.07
N THR C 761 -9.35 -8.52 0.98
CA THR C 761 -10.53 -8.11 0.27
C THR C 761 -11.11 -9.41 -0.24
N TYR C 762 -12.36 -9.39 -0.69
CA TYR C 762 -12.97 -10.61 -1.19
C TYR C 762 -12.20 -11.13 -2.40
N GLY C 763 -11.98 -12.44 -2.44
CA GLY C 763 -11.24 -13.01 -3.55
C GLY C 763 -12.08 -13.94 -4.41
N GLY C 764 -11.44 -14.57 -5.39
CA GLY C 764 -12.15 -15.48 -6.27
C GLY C 764 -11.81 -16.92 -5.95
N VAL C 765 -12.83 -17.75 -5.76
CA VAL C 765 -12.61 -19.15 -5.44
C VAL C 765 -12.60 -19.95 -6.74
N SER C 766 -11.61 -20.82 -6.90
CA SER C 766 -11.49 -21.64 -8.09
C SER C 766 -11.28 -23.09 -7.64
N GLY C 767 -11.29 -24.02 -8.59
CA GLY C 767 -11.06 -25.41 -8.20
C GLY C 767 -12.28 -26.30 -8.18
N THR C 768 -12.08 -27.54 -7.75
CA THR C 768 -13.17 -28.51 -7.72
C THR C 768 -14.34 -28.10 -6.83
N ALA C 769 -14.07 -27.25 -5.84
CA ALA C 769 -15.12 -26.79 -4.94
C ALA C 769 -16.20 -25.98 -5.65
N ILE C 770 -15.87 -25.37 -6.78
CA ILE C 770 -16.86 -24.58 -7.52
C ILE C 770 -17.39 -25.31 -8.74
N ARG C 771 -16.96 -26.55 -8.94
CA ARG C 771 -17.43 -27.31 -10.09
C ARG C 771 -18.95 -27.43 -10.18
N PRO C 772 -19.65 -27.61 -9.02
CA PRO C 772 -21.11 -27.73 -9.09
C PRO C 772 -21.77 -26.46 -9.62
N ILE C 773 -21.15 -25.33 -9.29
CA ILE C 773 -21.67 -24.03 -9.73
C ILE C 773 -21.42 -23.86 -11.23
N ALA C 774 -20.21 -24.22 -11.66
CA ALA C 774 -19.85 -24.12 -13.07
C ALA C 774 -20.68 -25.08 -13.93
N LEU C 775 -20.86 -26.30 -13.44
CA LEU C 775 -21.65 -27.28 -14.18
C LEU C 775 -23.08 -26.80 -14.32
N ARG C 776 -23.61 -26.19 -13.26
CA ARG C 776 -24.97 -25.69 -13.32
C ARG C 776 -25.05 -24.58 -14.37
N ALA C 777 -24.07 -23.68 -14.35
CA ALA C 777 -24.05 -22.57 -15.30
C ALA C 777 -23.97 -23.05 -16.74
N VAL C 778 -23.06 -23.98 -17.01
CA VAL C 778 -22.92 -24.50 -18.36
C VAL C 778 -24.20 -25.17 -18.84
N THR C 779 -24.80 -26.00 -18.00
CA THR C 779 -26.03 -26.68 -18.40
C THR C 779 -27.21 -25.73 -18.60
N THR C 780 -27.36 -24.72 -17.73
CA THR C 780 -28.48 -23.78 -17.89
C THR C 780 -28.36 -22.98 -19.17
N ILE C 781 -27.14 -22.55 -19.49
CA ILE C 781 -26.89 -21.77 -20.70
C ILE C 781 -27.11 -22.65 -21.93
N ALA C 782 -26.57 -23.87 -21.90
CA ALA C 782 -26.72 -24.80 -23.02
C ALA C 782 -28.19 -25.09 -23.32
N ARG C 783 -29.00 -25.19 -22.27
CA ARG C 783 -30.42 -25.46 -22.46
C ARG C 783 -31.19 -24.23 -22.94
N ALA C 784 -30.80 -23.05 -22.46
CA ALA C 784 -31.48 -21.82 -22.83
C ALA C 784 -31.09 -21.31 -24.23
N LEU C 785 -29.83 -21.52 -24.59
CA LEU C 785 -29.31 -21.07 -25.88
C LEU C 785 -28.70 -22.25 -26.63
N PRO C 786 -29.56 -23.15 -27.15
CA PRO C 786 -29.11 -24.33 -27.89
C PRO C 786 -28.13 -24.02 -29.01
N GLY C 787 -27.00 -24.73 -29.01
CA GLY C 787 -26.00 -24.53 -30.05
C GLY C 787 -25.01 -23.41 -29.84
N PHE C 788 -25.28 -22.51 -28.90
CA PHE C 788 -24.38 -21.39 -28.64
C PHE C 788 -23.08 -21.95 -28.01
N PRO C 789 -21.93 -21.71 -28.67
CA PRO C 789 -20.65 -22.20 -28.14
C PRO C 789 -20.36 -21.81 -26.69
N ILE C 790 -19.90 -22.80 -25.92
CA ILE C 790 -19.57 -22.59 -24.52
C ILE C 790 -18.19 -23.17 -24.22
N LEU C 791 -17.33 -22.34 -23.64
CA LEU C 791 -15.99 -22.78 -23.22
C LEU C 791 -16.15 -22.94 -21.71
N ALA C 792 -15.98 -24.16 -21.23
CA ALA C 792 -16.17 -24.45 -19.80
C ALA C 792 -14.92 -24.23 -18.96
N THR C 793 -15.13 -23.76 -17.74
CA THR C 793 -14.06 -23.56 -16.78
C THR C 793 -14.66 -23.60 -15.37
N GLY C 794 -13.99 -24.32 -14.48
CA GLY C 794 -14.47 -24.42 -13.12
C GLY C 794 -14.34 -25.83 -12.56
N GLY C 795 -13.15 -26.15 -12.04
CA GLY C 795 -12.92 -27.46 -11.45
C GLY C 795 -12.62 -28.62 -12.39
N ILE C 796 -12.24 -28.35 -13.63
CA ILE C 796 -11.92 -29.43 -14.56
C ILE C 796 -10.51 -29.93 -14.21
N ASP C 797 -10.40 -31.19 -13.82
CA ASP C 797 -9.10 -31.75 -13.41
C ASP C 797 -8.86 -33.19 -13.87
N SER C 798 -9.58 -33.61 -14.90
CA SER C 798 -9.43 -34.96 -15.42
C SER C 798 -10.24 -35.09 -16.70
N ALA C 799 -10.00 -36.17 -17.44
CA ALA C 799 -10.75 -36.40 -18.67
C ALA C 799 -12.19 -36.65 -18.27
N GLU C 800 -12.37 -37.37 -17.16
CA GLU C 800 -13.70 -37.70 -16.67
C GLU C 800 -14.52 -36.45 -16.36
N SER C 801 -13.93 -35.52 -15.62
CA SER C 801 -14.65 -34.29 -15.29
C SER C 801 -14.85 -33.46 -16.55
N GLY C 802 -13.87 -33.51 -17.46
CA GLY C 802 -14.00 -32.78 -18.71
C GLY C 802 -15.18 -33.29 -19.51
N LEU C 803 -15.34 -34.61 -19.57
CA LEU C 803 -16.44 -35.23 -20.31
C LEU C 803 -17.77 -34.81 -19.71
N GLN C 804 -17.81 -34.58 -18.41
CA GLN C 804 -19.05 -34.15 -17.76
C GLN C 804 -19.46 -32.80 -18.33
N PHE C 805 -18.49 -31.91 -18.54
CA PHE C 805 -18.79 -30.60 -19.08
C PHE C 805 -19.17 -30.66 -20.56
N LEU C 806 -18.53 -31.55 -21.31
CA LEU C 806 -18.86 -31.72 -22.72
C LEU C 806 -20.32 -32.21 -22.80
N HIS C 807 -20.65 -33.20 -21.98
CA HIS C 807 -22.00 -33.76 -21.94
C HIS C 807 -23.00 -32.67 -21.55
N SER C 808 -22.54 -31.68 -20.80
CA SER C 808 -23.40 -30.58 -20.36
C SER C 808 -23.58 -29.46 -21.38
N GLY C 809 -22.91 -29.56 -22.53
CA GLY C 809 -23.06 -28.54 -23.55
C GLY C 809 -21.84 -27.73 -23.94
N ALA C 810 -20.72 -27.93 -23.25
CA ALA C 810 -19.49 -27.21 -23.56
C ALA C 810 -18.75 -27.89 -24.72
N SER C 811 -18.01 -27.12 -25.50
CA SER C 811 -17.26 -27.68 -26.63
C SER C 811 -15.78 -27.84 -26.28
N VAL C 812 -15.24 -26.90 -25.51
CA VAL C 812 -13.85 -26.96 -25.09
C VAL C 812 -13.78 -26.75 -23.58
N LEU C 813 -12.64 -27.15 -23.01
CA LEU C 813 -12.45 -27.12 -21.56
C LEU C 813 -11.21 -26.36 -21.09
N GLN C 814 -11.42 -25.32 -20.31
CA GLN C 814 -10.32 -24.51 -19.78
C GLN C 814 -9.92 -24.99 -18.40
N VAL C 815 -8.62 -24.97 -18.12
CA VAL C 815 -8.10 -25.46 -16.86
C VAL C 815 -7.11 -24.50 -16.20
N CYS C 816 -7.22 -24.36 -14.88
CA CYS C 816 -6.28 -23.53 -14.13
C CYS C 816 -5.83 -24.25 -12.87
N SER C 817 -6.74 -24.40 -11.92
CA SER C 817 -6.41 -25.02 -10.64
C SER C 817 -5.74 -26.39 -10.70
N ALA C 818 -6.15 -27.24 -11.63
CA ALA C 818 -5.54 -28.57 -11.73
C ALA C 818 -4.06 -28.48 -12.07
N VAL C 819 -3.69 -27.42 -12.79
CA VAL C 819 -2.29 -27.22 -13.16
C VAL C 819 -1.55 -26.61 -11.98
N GLN C 820 -2.21 -25.72 -11.24
CA GLN C 820 -1.60 -25.10 -10.06
C GLN C 820 -1.30 -26.20 -9.04
N ASN C 821 -2.16 -27.22 -9.02
CA ASN C 821 -2.01 -28.37 -8.12
C ASN C 821 -0.96 -29.35 -8.64
N GLN C 822 -0.55 -29.19 -9.89
CA GLN C 822 0.42 -30.11 -10.48
C GLN C 822 1.39 -29.43 -11.44
N ASP C 823 1.20 -29.67 -12.74
CA ASP C 823 2.07 -29.09 -13.76
C ASP C 823 1.45 -29.31 -15.13
N PHE C 824 2.08 -28.79 -16.18
CA PHE C 824 1.56 -28.91 -17.54
C PHE C 824 1.42 -30.33 -18.09
N THR C 825 2.17 -31.29 -17.55
CA THR C 825 2.10 -32.65 -18.06
C THR C 825 0.76 -33.35 -17.87
N VAL C 826 -0.14 -32.75 -17.10
CA VAL C 826 -1.46 -33.39 -16.92
C VAL C 826 -2.19 -33.52 -18.24
N ILE C 827 -1.81 -32.70 -19.23
CA ILE C 827 -2.46 -32.75 -20.53
C ILE C 827 -2.37 -34.16 -21.12
N GLN C 828 -1.26 -34.84 -20.85
CA GLN C 828 -1.07 -36.20 -21.35
C GLN C 828 -2.12 -37.10 -20.73
N ASP C 829 -2.40 -36.90 -19.45
CA ASP C 829 -3.40 -37.71 -18.76
C ASP C 829 -4.80 -37.42 -19.29
N TYR C 830 -5.07 -36.14 -19.53
CA TYR C 830 -6.38 -35.73 -20.03
C TYR C 830 -6.68 -36.30 -21.42
N CYS C 831 -5.70 -36.24 -22.31
CA CYS C 831 -5.89 -36.76 -23.67
C CYS C 831 -6.04 -38.27 -23.73
N THR C 832 -5.15 -39.01 -23.06
CA THR C 832 -5.29 -40.47 -23.10
C THR C 832 -6.58 -40.89 -22.38
N GLY C 833 -6.95 -40.13 -21.36
CA GLY C 833 -8.16 -40.44 -20.63
C GLY C 833 -9.42 -40.25 -21.46
N LEU C 834 -9.46 -39.15 -22.21
CA LEU C 834 -10.63 -38.86 -23.04
C LEU C 834 -10.72 -39.86 -24.18
N LYS C 835 -9.58 -40.23 -24.76
CA LYS C 835 -9.57 -41.21 -25.84
C LYS C 835 -10.13 -42.54 -25.33
N ALA C 836 -9.72 -42.93 -24.12
CA ALA C 836 -10.17 -44.19 -23.52
C ALA C 836 -11.68 -44.18 -23.24
N LEU C 837 -12.17 -43.07 -22.69
CA LEU C 837 -13.59 -42.94 -22.38
C LEU C 837 -14.44 -43.06 -23.64
N LEU C 838 -14.01 -42.43 -24.73
CA LEU C 838 -14.75 -42.50 -25.98
C LEU C 838 -14.63 -43.90 -26.60
N TYR C 839 -13.43 -44.47 -26.53
CA TYR C 839 -13.20 -45.80 -27.08
C TYR C 839 -14.09 -46.84 -26.40
N LEU C 840 -14.15 -46.80 -25.07
CA LEU C 840 -14.94 -47.77 -24.32
C LEU C 840 -16.43 -47.74 -24.62
N LYS C 841 -16.92 -46.61 -25.12
CA LYS C 841 -18.34 -46.51 -25.46
C LYS C 841 -18.72 -47.39 -26.66
N SER C 842 -17.71 -47.84 -27.39
CA SER C 842 -17.96 -48.70 -28.56
C SER C 842 -17.87 -50.19 -28.24
N ILE C 843 -17.43 -50.52 -27.03
CA ILE C 843 -17.27 -51.91 -26.60
C ILE C 843 -18.50 -52.43 -25.88
N GLU C 844 -19.28 -53.25 -26.59
CA GLU C 844 -20.52 -53.80 -26.05
C GLU C 844 -20.39 -54.62 -24.77
N GLU C 845 -19.34 -55.42 -24.66
CA GLU C 845 -19.17 -56.24 -23.45
C GLU C 845 -18.75 -55.48 -22.20
N LEU C 846 -18.51 -54.18 -22.32
CA LEU C 846 -18.12 -53.37 -21.16
C LEU C 846 -19.16 -52.31 -20.81
N GLN C 847 -20.41 -52.53 -21.22
CA GLN C 847 -21.49 -51.58 -20.96
C GLN C 847 -21.80 -51.42 -19.47
N GLY C 848 -21.46 -52.42 -18.67
CA GLY C 848 -21.73 -52.35 -17.24
C GLY C 848 -20.77 -51.47 -16.46
N TRP C 849 -19.71 -51.04 -17.13
CA TRP C 849 -18.71 -50.17 -16.51
C TRP C 849 -19.18 -48.72 -16.49
N ASP C 850 -18.63 -47.94 -15.55
CA ASP C 850 -18.95 -46.52 -15.50
C ASP C 850 -17.65 -45.87 -15.96
N GLY C 851 -17.59 -45.54 -17.24
CA GLY C 851 -16.37 -44.95 -17.77
C GLY C 851 -15.29 -46.02 -17.72
N GLN C 852 -14.16 -45.71 -17.09
CA GLN C 852 -13.07 -46.69 -17.01
C GLN C 852 -13.14 -47.54 -15.75
N SER C 853 -14.20 -47.38 -14.95
CA SER C 853 -14.35 -48.14 -13.73
C SER C 853 -15.20 -49.40 -13.92
N PRO C 854 -14.62 -50.58 -13.69
CA PRO C 854 -15.39 -51.82 -13.85
C PRO C 854 -16.51 -51.85 -12.81
N GLY C 855 -17.57 -52.61 -13.08
CA GLY C 855 -18.65 -52.70 -12.11
C GLY C 855 -18.04 -53.17 -10.81
N THR C 856 -18.48 -52.59 -9.69
CA THR C 856 -17.93 -52.95 -8.38
C THR C 856 -18.36 -54.35 -7.93
N GLU C 857 -17.37 -55.21 -7.70
CA GLU C 857 -17.60 -56.59 -7.27
C GLU C 857 -17.47 -56.70 -5.75
N SER C 858 -18.27 -57.59 -5.16
CA SER C 858 -18.23 -57.75 -3.71
C SER C 858 -16.79 -58.06 -3.32
N HIS C 859 -16.26 -57.28 -2.39
CA HIS C 859 -14.89 -57.45 -1.92
C HIS C 859 -14.68 -57.00 -0.49
N GLN C 860 -13.48 -57.28 0.00
CA GLN C 860 -13.04 -56.89 1.33
C GLN C 860 -11.55 -56.66 1.13
N LYS C 861 -11.09 -55.45 1.45
CA LYS C 861 -9.68 -55.12 1.28
C LYS C 861 -9.23 -55.20 -0.17
N GLY C 862 -10.16 -55.01 -1.10
CA GLY C 862 -9.81 -55.07 -2.50
C GLY C 862 -9.64 -56.48 -3.03
N LYS C 863 -10.01 -57.47 -2.23
CA LYS C 863 -9.91 -58.86 -2.66
C LYS C 863 -11.32 -59.41 -2.79
N PRO C 864 -11.63 -60.02 -3.93
CA PRO C 864 -12.97 -60.59 -4.15
C PRO C 864 -13.42 -61.54 -3.05
N VAL C 865 -14.67 -61.38 -2.65
CA VAL C 865 -15.24 -62.23 -1.61
C VAL C 865 -15.61 -63.58 -2.21
N PRO C 866 -15.19 -64.67 -1.55
CA PRO C 866 -15.49 -66.02 -2.03
C PRO C 866 -16.99 -66.25 -2.10
N ARG C 867 -17.48 -66.65 -3.26
CA ARG C 867 -18.90 -66.92 -3.43
C ARG C 867 -19.18 -68.39 -3.16
N ILE C 868 -19.35 -68.71 -1.88
CA ILE C 868 -19.61 -70.07 -1.44
C ILE C 868 -21.00 -70.17 -0.82
N ALA C 869 -21.66 -71.31 -1.02
CA ALA C 869 -23.00 -71.54 -0.50
C ALA C 869 -23.04 -71.51 1.03
N GLU C 870 -21.95 -71.93 1.65
CA GLU C 870 -21.90 -71.96 3.11
C GLU C 870 -21.54 -70.60 3.72
N LEU C 871 -21.69 -69.53 2.95
CA LEU C 871 -21.37 -68.17 3.44
C LEU C 871 -22.42 -67.11 3.14
N MET C 872 -22.81 -67.01 1.87
CA MET C 872 -23.76 -66.02 1.37
C MET C 872 -25.10 -65.79 2.08
N GLY C 873 -25.04 -65.39 3.35
CA GLY C 873 -26.25 -65.14 4.11
C GLY C 873 -26.17 -65.56 5.56
N LYS C 874 -24.97 -65.90 6.02
CA LYS C 874 -24.78 -66.35 7.40
C LYS C 874 -24.52 -65.28 8.45
N LYS C 875 -24.51 -64.02 8.03
CA LYS C 875 -24.28 -62.90 8.93
C LYS C 875 -22.96 -63.13 9.66
N LEU C 876 -21.88 -63.31 8.91
CA LEU C 876 -20.58 -63.55 9.50
C LEU C 876 -19.64 -62.41 9.15
N PRO C 877 -19.53 -61.40 10.02
CA PRO C 877 -18.65 -60.26 9.79
C PRO C 877 -17.19 -60.72 9.80
N ASN C 878 -16.30 -59.85 9.35
CA ASN C 878 -14.88 -60.17 9.28
C ASN C 878 -14.09 -59.86 10.56
N PHE C 879 -14.61 -60.30 11.70
CA PHE C 879 -13.94 -60.07 12.97
C PHE C 879 -14.37 -61.08 14.03
N GLY C 880 -13.62 -61.13 15.12
CA GLY C 880 -13.93 -62.03 16.23
C GLY C 880 -14.23 -63.47 15.88
N PRO C 881 -15.14 -64.11 16.64
CA PRO C 881 -15.49 -65.51 16.38
C PRO C 881 -16.09 -65.72 14.99
N TYR C 882 -16.65 -64.67 14.42
CA TYR C 882 -17.27 -64.77 13.10
C TYR C 882 -16.21 -65.03 12.04
N LEU C 883 -15.09 -64.33 12.16
CA LEU C 883 -13.98 -64.49 11.23
C LEU C 883 -13.42 -65.91 11.35
N GLU C 884 -13.39 -66.43 12.58
CA GLU C 884 -12.90 -67.79 12.81
C GLU C 884 -13.77 -68.76 12.03
N GLN C 885 -15.08 -68.52 12.07
CA GLN C 885 -16.03 -69.37 11.36
C GLN C 885 -15.85 -69.27 9.86
N ARG C 886 -15.62 -68.06 9.36
CA ARG C 886 -15.43 -67.84 7.93
C ARG C 886 -14.21 -68.63 7.46
N LYS C 887 -13.14 -68.56 8.24
CA LYS C 887 -11.91 -69.26 7.89
C LYS C 887 -12.14 -70.76 7.82
N LYS C 888 -12.88 -71.30 8.77
CA LYS C 888 -13.15 -72.74 8.80
C LYS C 888 -13.96 -73.13 7.56
N ILE C 889 -14.94 -72.32 7.21
CA ILE C 889 -15.79 -72.58 6.05
C ILE C 889 -14.98 -72.53 4.75
N ILE C 890 -14.13 -71.53 4.62
CA ILE C 890 -13.30 -71.38 3.43
C ILE C 890 -12.33 -72.55 3.32
N ALA C 891 -11.74 -72.94 4.44
CA ALA C 891 -10.78 -74.05 4.44
C ALA C 891 -11.46 -75.33 3.98
N GLU C 892 -12.69 -75.55 4.44
CA GLU C 892 -13.43 -76.75 4.04
C GLU C 892 -13.74 -76.72 2.55
N GLU C 893 -14.01 -75.52 2.02
CA GLU C 893 -14.30 -75.39 0.60
C GLU C 893 -13.06 -75.75 -0.22
N LYS C 894 -11.89 -75.29 0.21
CA LYS C 894 -10.66 -75.60 -0.51
C LYS C 894 -10.42 -77.10 -0.56
N MET C 895 -10.72 -77.79 0.55
CA MET C 895 -10.52 -79.23 0.61
C MET C 895 -11.52 -79.92 -0.30
N ARG C 896 -12.71 -79.37 -0.42
CA ARG C 896 -13.71 -79.95 -1.29
C ARG C 896 -13.27 -79.79 -2.72
N LEU C 897 -12.80 -78.59 -3.07
CA LEU C 897 -12.32 -78.30 -4.41
C LEU C 897 -11.19 -79.25 -4.75
N LYS C 898 -10.44 -79.67 -3.74
CA LYS C 898 -9.32 -80.56 -3.98
C LYS C 898 -9.84 -81.83 -4.66
N GLU C 899 -11.16 -82.01 -4.74
CA GLU C 899 -11.70 -83.19 -5.40
C GLU C 899 -12.04 -82.97 -6.89
N GLN C 900 -12.08 -81.71 -7.32
CA GLN C 900 -12.46 -81.37 -8.70
C GLN C 900 -11.40 -81.21 -9.76
N ASN C 901 -11.89 -81.05 -10.99
CA ASN C 901 -11.08 -80.88 -12.19
C ASN C 901 -11.42 -79.49 -12.78
N ALA C 902 -10.49 -78.54 -12.66
CA ALA C 902 -10.71 -77.19 -13.16
C ALA C 902 -10.73 -77.11 -14.68
N ALA C 903 -11.25 -75.98 -15.19
CA ALA C 903 -11.34 -75.74 -16.62
C ALA C 903 -10.04 -75.10 -17.14
N PHE C 904 -9.80 -75.24 -18.44
CA PHE C 904 -8.61 -74.69 -19.07
C PHE C 904 -8.86 -73.33 -19.69
N PRO C 905 -8.09 -72.30 -19.27
CA PRO C 905 -8.30 -70.97 -19.84
C PRO C 905 -7.96 -71.02 -21.33
N PRO C 906 -8.57 -70.13 -22.14
CA PRO C 906 -8.29 -70.13 -23.59
C PRO C 906 -6.79 -70.11 -23.89
N LEU C 907 -6.40 -70.83 -24.94
CA LEU C 907 -5.00 -70.86 -25.34
C LEU C 907 -4.63 -69.45 -25.78
N GLU C 908 -5.60 -68.80 -26.41
CA GLU C 908 -5.41 -67.44 -26.89
C GLU C 908 -6.58 -66.57 -26.47
N ARG C 909 -6.26 -65.38 -25.98
CA ARG C 909 -7.25 -64.41 -25.54
C ARG C 909 -7.84 -63.67 -26.74
N LYS C 910 -9.14 -63.40 -26.71
CA LYS C 910 -9.80 -62.71 -27.81
C LYS C 910 -10.22 -61.30 -27.45
N PRO C 911 -9.39 -60.30 -27.77
CA PRO C 911 -9.69 -58.90 -27.49
C PRO C 911 -11.09 -58.48 -27.94
N PHE C 912 -11.65 -57.50 -27.26
CA PHE C 912 -12.96 -57.00 -27.60
C PHE C 912 -12.81 -56.11 -28.83
N ILE C 913 -13.83 -56.11 -29.68
CA ILE C 913 -13.79 -55.31 -30.90
C ILE C 913 -14.96 -54.32 -30.92
N PRO C 914 -14.68 -53.04 -31.20
CA PRO C 914 -15.75 -52.04 -31.25
C PRO C 914 -16.89 -52.55 -32.11
N LYS C 915 -18.13 -52.38 -31.65
CA LYS C 915 -19.30 -52.83 -32.41
C LYS C 915 -20.08 -51.68 -33.03
N LYS C 916 -19.61 -50.47 -32.81
CA LYS C 916 -20.25 -49.28 -33.37
C LYS C 916 -19.17 -48.23 -33.47
N PRO C 917 -19.40 -47.17 -34.26
CA PRO C 917 -18.39 -46.13 -34.40
C PRO C 917 -17.99 -45.54 -33.05
N ILE C 918 -16.72 -45.17 -32.92
CA ILE C 918 -16.24 -44.56 -31.69
C ILE C 918 -16.71 -43.11 -31.78
N PRO C 919 -17.45 -42.65 -30.76
CA PRO C 919 -17.96 -41.27 -30.74
C PRO C 919 -16.88 -40.21 -30.85
N ALA C 920 -17.17 -39.17 -31.63
CA ALA C 920 -16.28 -38.04 -31.78
C ALA C 920 -16.78 -37.05 -30.72
N ILE C 921 -15.99 -36.04 -30.38
CA ILE C 921 -16.43 -35.08 -29.38
C ILE C 921 -17.78 -34.48 -29.76
N LYS C 922 -17.96 -34.13 -31.03
CA LYS C 922 -19.22 -33.55 -31.47
C LYS C 922 -20.41 -34.44 -31.18
N ASP C 923 -20.19 -35.74 -31.07
CA ASP C 923 -21.25 -36.69 -30.80
C ASP C 923 -21.68 -36.78 -29.34
N VAL C 924 -20.85 -36.28 -28.42
CA VAL C 924 -21.22 -36.36 -27.00
C VAL C 924 -21.66 -35.02 -26.42
N ILE C 925 -21.35 -33.93 -27.10
CA ILE C 925 -21.72 -32.61 -26.60
C ILE C 925 -23.22 -32.44 -26.37
N GLY C 926 -23.58 -32.04 -25.15
CA GLY C 926 -24.98 -31.81 -24.80
C GLY C 926 -25.84 -33.04 -24.56
N LYS C 927 -25.28 -34.23 -24.64
CA LYS C 927 -26.05 -35.46 -24.44
C LYS C 927 -26.69 -35.64 -23.06
N ALA C 928 -26.20 -34.94 -22.05
CA ALA C 928 -26.75 -35.08 -20.71
C ALA C 928 -27.97 -34.18 -20.47
N LEU C 929 -28.12 -33.16 -21.31
CA LEU C 929 -29.22 -32.21 -21.15
C LEU C 929 -30.61 -32.84 -21.16
N GLN C 930 -30.75 -33.96 -21.86
CA GLN C 930 -32.03 -34.65 -21.94
C GLN C 930 -32.56 -35.09 -20.57
N TYR C 931 -31.67 -35.28 -19.61
CA TYR C 931 -32.07 -35.73 -18.27
C TYR C 931 -32.40 -34.59 -17.31
N LEU C 932 -32.05 -33.36 -17.70
CA LEU C 932 -32.29 -32.19 -16.85
C LEU C 932 -33.65 -31.54 -17.10
N GLY C 933 -34.29 -31.13 -16.02
CA GLY C 933 -35.59 -30.49 -16.15
C GLY C 933 -36.02 -29.88 -14.83
N THR C 934 -37.33 -29.63 -14.71
CA THR C 934 -37.87 -29.04 -13.49
C THR C 934 -38.11 -30.12 -12.46
N PHE C 935 -38.33 -29.72 -11.22
CA PHE C 935 -38.60 -30.68 -10.15
C PHE C 935 -39.89 -31.43 -10.47
N GLY C 936 -40.85 -30.71 -11.04
CA GLY C 936 -42.13 -31.31 -11.39
C GLY C 936 -42.03 -32.44 -12.38
N GLU C 937 -40.97 -32.44 -13.19
CA GLU C 937 -40.76 -33.48 -14.19
C GLU C 937 -40.20 -34.76 -13.57
N LEU C 938 -39.88 -34.70 -12.29
CA LEU C 938 -39.34 -35.86 -11.58
C LEU C 938 -40.49 -36.68 -11.02
N SER C 939 -40.43 -37.99 -11.21
CA SER C 939 -41.48 -38.87 -10.71
C SER C 939 -41.40 -39.04 -9.19
N ASN C 940 -42.51 -38.80 -8.51
CA ASN C 940 -42.53 -38.99 -7.08
C ASN C 940 -43.19 -40.32 -6.73
N ILE C 941 -43.45 -41.15 -7.73
CA ILE C 941 -44.02 -42.46 -7.44
C ILE C 941 -42.99 -43.56 -7.66
N GLU C 942 -41.97 -43.27 -8.46
CA GLU C 942 -40.90 -44.25 -8.68
C GLU C 942 -39.85 -43.94 -7.62
N GLN C 943 -40.09 -44.46 -6.41
CA GLN C 943 -39.22 -44.26 -5.26
C GLN C 943 -38.21 -45.40 -5.12
N VAL C 944 -37.14 -45.14 -4.36
CA VAL C 944 -36.12 -46.14 -4.10
C VAL C 944 -35.89 -46.32 -2.60
N VAL C 945 -35.19 -47.39 -2.25
CA VAL C 945 -34.82 -47.65 -0.86
C VAL C 945 -33.37 -48.13 -0.89
N ALA C 946 -32.69 -48.00 0.25
CA ALA C 946 -31.30 -48.43 0.32
C ALA C 946 -31.21 -49.93 0.58
N VAL C 947 -30.21 -50.56 -0.02
CA VAL C 947 -29.97 -51.99 0.16
C VAL C 947 -28.48 -52.16 0.40
N ILE C 948 -28.12 -52.84 1.48
CA ILE C 948 -26.72 -53.03 1.83
C ILE C 948 -26.17 -54.42 1.55
N ASP C 949 -24.99 -54.46 0.92
CA ASP C 949 -24.33 -55.72 0.63
C ASP C 949 -23.49 -56.06 1.84
N GLU C 950 -24.00 -56.97 2.66
CA GLU C 950 -23.34 -57.40 3.88
C GLU C 950 -21.89 -57.84 3.70
N GLU C 951 -21.57 -58.43 2.56
CA GLU C 951 -20.21 -58.91 2.32
C GLU C 951 -19.16 -57.81 2.13
N MET C 952 -19.61 -56.61 1.78
CA MET C 952 -18.73 -55.47 1.55
C MET C 952 -18.62 -54.52 2.75
N CYS C 953 -19.54 -54.68 3.68
CA CYS C 953 -19.61 -53.82 4.87
C CYS C 953 -18.41 -53.95 5.81
N ILE C 954 -17.92 -52.82 6.32
CA ILE C 954 -16.83 -52.85 7.27
C ILE C 954 -17.27 -52.47 8.67
N ASN C 955 -18.58 -52.59 8.89
CA ASN C 955 -19.22 -52.41 10.19
C ASN C 955 -19.03 -51.12 11.01
N CYS C 956 -18.85 -49.99 10.34
CA CYS C 956 -18.62 -48.71 11.02
C CYS C 956 -19.88 -48.04 11.58
N GLY C 957 -21.04 -48.39 11.03
CA GLY C 957 -22.28 -47.82 11.50
C GLY C 957 -22.56 -46.39 11.07
N LYS C 958 -21.82 -45.86 10.10
CA LYS C 958 -22.08 -44.48 9.65
C LYS C 958 -23.45 -44.35 9.02
N CYS C 959 -23.86 -45.38 8.27
CA CYS C 959 -25.18 -45.36 7.64
C CYS C 959 -26.22 -45.23 8.74
N TYR C 960 -26.02 -46.00 9.81
CA TYR C 960 -26.90 -46.02 10.97
C TYR C 960 -26.98 -44.64 11.64
N MET C 961 -25.83 -44.04 11.91
CA MET C 961 -25.78 -42.72 12.56
C MET C 961 -26.39 -41.61 11.71
N THR C 962 -26.15 -41.67 10.41
CA THR C 962 -26.70 -40.66 9.52
C THR C 962 -28.22 -40.78 9.44
N CYS C 963 -28.74 -42.00 9.36
CA CYS C 963 -30.19 -42.15 9.29
C CYS C 963 -30.81 -41.77 10.63
N ASN C 964 -30.09 -42.02 11.72
CA ASN C 964 -30.60 -41.70 13.06
C ASN C 964 -30.70 -40.21 13.36
N ASP C 965 -29.63 -39.46 13.10
CA ASP C 965 -29.65 -38.04 13.40
C ASP C 965 -29.85 -37.11 12.20
N SER C 966 -30.01 -37.69 11.01
CA SER C 966 -30.23 -36.90 9.80
C SER C 966 -31.23 -37.58 8.89
N GLY C 967 -31.89 -38.63 9.39
CA GLY C 967 -32.82 -39.35 8.55
C GLY C 967 -34.14 -39.80 9.15
N TYR C 968 -34.45 -41.08 8.94
CA TYR C 968 -35.70 -41.66 9.38
C TYR C 968 -35.60 -42.84 10.35
N GLN C 969 -34.45 -42.97 11.01
CA GLN C 969 -34.23 -44.03 11.98
C GLN C 969 -34.72 -45.37 11.41
N ALA C 970 -34.32 -45.65 10.17
CA ALA C 970 -34.77 -46.85 9.47
C ALA C 970 -33.78 -48.01 9.40
N ILE C 971 -32.59 -47.84 9.97
CA ILE C 971 -31.60 -48.90 9.94
C ILE C 971 -31.38 -49.57 11.30
N GLN C 972 -31.35 -50.90 11.31
CA GLN C 972 -31.07 -51.64 12.53
C GLN C 972 -29.58 -51.95 12.48
N PHE C 973 -28.88 -51.74 13.59
CA PHE C 973 -27.45 -52.00 13.64
C PHE C 973 -27.29 -53.10 14.69
N ASP C 974 -26.93 -54.31 14.25
CA ASP C 974 -26.80 -55.41 15.19
C ASP C 974 -25.71 -55.21 16.24
N PRO C 975 -26.07 -55.37 17.53
CA PRO C 975 -25.14 -55.20 18.65
C PRO C 975 -24.00 -56.24 18.73
N GLU C 976 -24.16 -57.38 18.07
CA GLU C 976 -23.13 -58.42 18.11
C GLU C 976 -22.26 -58.47 16.86
N THR C 977 -22.89 -58.35 15.69
CA THR C 977 -22.17 -58.42 14.43
C THR C 977 -21.83 -57.06 13.83
N HIS C 978 -22.44 -56.01 14.36
CA HIS C 978 -22.21 -54.66 13.83
C HIS C 978 -22.59 -54.64 12.34
N LEU C 979 -23.60 -55.41 11.97
CA LEU C 979 -24.08 -55.43 10.59
C LEU C 979 -25.37 -54.63 10.54
N PRO C 980 -25.49 -53.71 9.56
CA PRO C 980 -26.67 -52.87 9.41
C PRO C 980 -27.71 -53.49 8.46
N THR C 981 -28.99 -53.29 8.79
CA THR C 981 -30.10 -53.78 7.99
C THR C 981 -31.08 -52.64 7.73
N VAL C 982 -31.33 -52.33 6.46
CA VAL C 982 -32.27 -51.27 6.13
C VAL C 982 -33.68 -51.85 6.25
N THR C 983 -34.55 -51.18 6.99
CA THR C 983 -35.91 -51.67 7.17
C THR C 983 -36.91 -50.97 6.25
N ASP C 984 -38.16 -51.38 6.36
CA ASP C 984 -39.27 -50.85 5.58
C ASP C 984 -39.53 -49.36 5.71
N THR C 985 -39.07 -48.75 6.80
CA THR C 985 -39.31 -47.32 7.02
C THR C 985 -38.39 -46.40 6.20
N CYS C 986 -37.50 -46.99 5.42
CA CYS C 986 -36.60 -46.22 4.58
C CYS C 986 -37.42 -45.36 3.61
N THR C 987 -36.96 -44.13 3.34
CA THR C 987 -37.64 -43.22 2.42
C THR C 987 -36.79 -42.95 1.18
N GLY C 988 -35.63 -43.60 1.11
CA GLY C 988 -34.75 -43.43 -0.04
C GLY C 988 -34.04 -42.08 -0.13
N CYS C 989 -33.93 -41.36 0.98
CA CYS C 989 -33.28 -40.05 0.94
C CYS C 989 -31.87 -40.15 0.35
N THR C 990 -31.24 -41.31 0.55
CA THR C 990 -29.89 -41.61 0.02
C THR C 990 -28.69 -41.10 0.83
N LEU C 991 -28.94 -40.58 2.03
CA LEU C 991 -27.84 -40.09 2.85
C LEU C 991 -26.88 -41.20 3.29
N CYS C 992 -27.41 -42.38 3.66
CA CYS C 992 -26.54 -43.47 4.11
C CYS C 992 -25.56 -43.84 3.01
N LEU C 993 -26.06 -44.03 1.80
CA LEU C 993 -25.18 -44.38 0.68
C LEU C 993 -24.11 -43.31 0.51
N SER C 994 -24.51 -42.06 0.72
CA SER C 994 -23.61 -40.91 0.57
C SER C 994 -22.48 -40.83 1.59
N VAL C 995 -22.66 -41.44 2.77
CA VAL C 995 -21.61 -41.38 3.78
C VAL C 995 -20.86 -42.70 3.98
N CYS C 996 -21.29 -43.74 3.28
CA CYS C 996 -20.62 -45.04 3.41
C CYS C 996 -19.21 -45.01 2.85
N PRO C 997 -18.22 -45.49 3.62
CA PRO C 997 -16.83 -45.49 3.14
C PRO C 997 -16.52 -46.49 2.03
N ILE C 998 -17.37 -47.48 1.83
CA ILE C 998 -17.15 -48.49 0.81
C ILE C 998 -17.96 -48.22 -0.44
N ILE C 999 -17.27 -48.01 -1.56
CA ILE C 999 -17.93 -47.73 -2.83
C ILE C 999 -18.84 -48.87 -3.22
N ASP C 1000 -20.11 -48.55 -3.45
CA ASP C 1000 -21.14 -49.50 -3.88
C ASP C 1000 -21.55 -50.57 -2.86
N CYS C 1001 -21.23 -50.36 -1.59
CA CYS C 1001 -21.63 -51.31 -0.56
C CYS C 1001 -23.14 -51.13 -0.46
N ILE C 1002 -23.56 -49.87 -0.46
CA ILE C 1002 -24.98 -49.52 -0.40
C ILE C 1002 -25.40 -49.11 -1.82
N ARG C 1003 -26.58 -49.55 -2.24
CA ARG C 1003 -27.12 -49.21 -3.55
C ARG C 1003 -28.58 -48.85 -3.38
N MET C 1004 -29.08 -47.94 -4.21
CA MET C 1004 -30.49 -47.58 -4.14
C MET C 1004 -31.21 -48.47 -5.15
N VAL C 1005 -32.28 -49.12 -4.73
CA VAL C 1005 -33.03 -49.99 -5.63
C VAL C 1005 -34.50 -49.62 -5.62
N SER C 1006 -35.18 -49.90 -6.72
CA SER C 1006 -36.60 -49.60 -6.86
C SER C 1006 -37.38 -50.18 -5.70
N ARG C 1007 -38.21 -49.34 -5.08
CA ARG C 1007 -39.01 -49.76 -3.93
C ARG C 1007 -40.04 -50.76 -4.43
N THR C 1008 -40.15 -51.88 -3.72
CA THR C 1008 -41.08 -52.93 -4.10
C THR C 1008 -42.22 -52.99 -3.10
N THR C 1009 -42.08 -52.27 -2.00
CA THR C 1009 -43.10 -52.26 -0.96
C THR C 1009 -43.73 -50.87 -0.87
N PRO C 1010 -45.04 -50.82 -0.60
CA PRO C 1010 -45.79 -49.58 -0.49
C PRO C 1010 -45.07 -48.41 0.15
N TYR C 1011 -45.24 -47.24 -0.46
CA TYR C 1011 -44.64 -46.02 0.04
C TYR C 1011 -45.76 -45.04 0.34
N GLU C 1012 -45.64 -44.40 1.49
CA GLU C 1012 -46.61 -43.41 1.92
C GLU C 1012 -45.82 -42.37 2.71
N PRO C 1013 -45.78 -41.13 2.21
CA PRO C 1013 -45.05 -40.07 2.92
C PRO C 1013 -45.49 -39.95 4.37
N LYS C 1014 -44.53 -39.76 5.27
CA LYS C 1014 -44.88 -39.62 6.67
C LYS C 1014 -45.29 -38.18 6.92
N ARG C 1015 -46.56 -38.00 7.24
CA ARG C 1015 -47.10 -36.69 7.50
C ARG C 1015 -47.01 -36.35 9.00
N GLY C 1016 -46.50 -37.31 9.78
CA GLY C 1016 -46.33 -37.18 11.23
C GLY C 1016 -47.69 -37.23 11.88
N LEU C 1017 -48.63 -37.33 10.96
CA LEU C 1017 -50.05 -37.32 11.14
C LEU C 1017 -50.83 -37.53 12.30
N ALA D 2 14.08 -7.07 -31.04
CA ALA D 2 14.10 -7.45 -29.60
C ALA D 2 13.90 -8.95 -29.41
N PRO D 3 14.42 -9.50 -28.28
CA PRO D 3 14.37 -10.92 -27.89
C PRO D 3 13.06 -11.62 -28.22
N VAL D 4 13.08 -12.95 -28.23
CA VAL D 4 11.86 -13.73 -28.46
C VAL D 4 11.24 -13.75 -27.06
N LEU D 5 10.20 -12.94 -26.86
CA LEU D 5 9.55 -12.84 -25.56
C LEU D 5 8.96 -14.12 -25.00
N SER D 6 8.38 -14.94 -25.88
CA SER D 6 7.74 -16.18 -25.46
C SER D 6 8.66 -17.37 -25.28
N LYS D 7 9.95 -17.10 -25.12
CA LYS D 7 10.92 -18.17 -24.94
C LYS D 7 11.75 -17.93 -23.70
N ASP D 8 12.05 -19.02 -22.99
CA ASP D 8 12.85 -18.93 -21.79
C ASP D 8 14.32 -18.70 -22.15
N VAL D 9 14.96 -17.75 -21.48
CA VAL D 9 16.38 -17.49 -21.74
C VAL D 9 17.16 -18.62 -21.10
N ALA D 10 18.45 -18.71 -21.41
CA ALA D 10 19.32 -19.77 -20.89
C ALA D 10 19.21 -20.03 -19.39
N ASP D 11 19.29 -18.98 -18.57
CA ASP D 11 19.22 -19.22 -17.13
C ASP D 11 17.88 -19.78 -16.64
N ILE D 12 16.78 -19.46 -17.32
CA ILE D 12 15.48 -19.99 -16.92
C ILE D 12 15.39 -21.43 -17.40
N GLU D 13 15.95 -21.72 -18.57
CA GLU D 13 15.93 -23.09 -19.06
C GLU D 13 16.66 -23.95 -18.05
N SER D 14 17.76 -23.41 -17.52
CA SER D 14 18.56 -24.12 -16.52
C SER D 14 17.74 -24.38 -15.26
N ILE D 15 17.05 -23.35 -14.79
CA ILE D 15 16.25 -23.49 -13.59
C ILE D 15 15.15 -24.54 -13.78
N LEU D 16 14.64 -24.64 -15.01
CA LEU D 16 13.57 -25.60 -15.33
C LEU D 16 14.07 -27.01 -15.67
N ALA D 17 15.37 -27.24 -15.51
CA ALA D 17 15.94 -28.55 -15.85
C ALA D 17 15.21 -29.78 -15.31
N LEU D 18 14.80 -29.73 -14.05
CA LEU D 18 14.11 -30.86 -13.44
C LEU D 18 12.59 -30.77 -13.45
N ASN D 19 12.06 -29.81 -14.20
CA ASN D 19 10.62 -29.63 -14.30
C ASN D 19 10.05 -30.80 -15.11
N PRO D 20 8.93 -31.37 -14.65
CA PRO D 20 8.34 -32.50 -15.38
C PRO D 20 7.96 -32.22 -16.84
N ARG D 21 8.31 -33.17 -17.70
CA ARG D 21 8.02 -33.11 -19.12
C ARG D 21 7.76 -34.55 -19.56
N THR D 22 6.63 -34.78 -20.23
CA THR D 22 6.30 -36.12 -20.68
C THR D 22 7.30 -36.59 -21.75
N GLN D 23 7.78 -37.82 -21.60
CA GLN D 23 8.74 -38.38 -22.55
C GLN D 23 8.04 -39.03 -23.73
N SER D 24 8.66 -38.91 -24.90
CA SER D 24 8.08 -39.47 -26.13
C SER D 24 8.60 -40.87 -26.42
N HIS D 25 9.53 -41.34 -25.61
CA HIS D 25 10.08 -42.68 -25.78
C HIS D 25 10.33 -43.34 -24.44
N ALA D 26 10.58 -44.64 -24.46
CA ALA D 26 10.86 -45.38 -23.23
C ALA D 26 12.28 -44.98 -22.84
N ALA D 27 12.58 -45.06 -21.54
CA ALA D 27 13.90 -44.68 -21.03
C ALA D 27 14.90 -45.84 -21.11
N LEU D 28 16.18 -45.49 -21.24
CA LEU D 28 17.23 -46.50 -21.31
C LEU D 28 18.23 -46.25 -20.17
N HIS D 29 18.27 -47.18 -19.22
CA HIS D 29 19.19 -47.10 -18.08
C HIS D 29 19.57 -48.55 -17.76
N SER D 30 20.86 -48.87 -17.82
CA SER D 30 21.29 -50.24 -17.55
C SER D 30 21.01 -50.66 -16.12
N THR D 31 20.89 -51.97 -15.90
CA THR D 31 20.63 -52.50 -14.57
C THR D 31 21.77 -52.14 -13.63
N LEU D 32 22.99 -52.17 -14.14
CA LEU D 32 24.16 -51.82 -13.33
C LEU D 32 24.06 -50.35 -12.91
N ALA D 33 23.73 -49.47 -13.85
CA ALA D 33 23.62 -48.05 -13.56
C ALA D 33 22.53 -47.80 -12.50
N LYS D 34 21.43 -48.54 -12.61
CA LYS D 34 20.32 -48.41 -11.67
C LYS D 34 20.72 -48.86 -10.26
N LYS D 35 21.43 -49.99 -10.16
CA LYS D 35 21.86 -50.48 -8.84
C LYS D 35 22.67 -49.41 -8.14
N LEU D 36 23.49 -48.72 -8.90
CA LEU D 36 24.35 -47.67 -8.37
C LEU D 36 23.53 -46.47 -7.89
N ASP D 37 22.66 -45.96 -8.76
CA ASP D 37 21.84 -44.79 -8.45
C ASP D 37 20.89 -44.95 -7.28
N LYS D 38 20.40 -46.17 -7.09
CA LYS D 38 19.44 -46.48 -6.04
C LYS D 38 19.87 -46.00 -4.66
N LYS D 39 21.14 -46.20 -4.34
CA LYS D 39 21.67 -45.81 -3.05
C LYS D 39 21.57 -44.32 -2.74
N HIS D 40 21.63 -43.50 -3.77
CA HIS D 40 21.58 -42.05 -3.58
C HIS D 40 20.24 -41.55 -3.01
N TRP D 41 19.16 -42.22 -3.36
CA TRP D 41 17.82 -41.79 -2.94
C TRP D 41 17.18 -42.57 -1.79
N LYS D 42 17.88 -43.59 -1.30
CA LYS D 42 17.39 -44.46 -0.23
C LYS D 42 16.83 -43.75 1.01
N ARG D 43 15.57 -44.03 1.33
CA ARG D 43 14.90 -43.44 2.49
C ARG D 43 14.77 -44.40 3.67
N ASN D 44 14.32 -45.62 3.36
CA ASN D 44 14.10 -46.64 4.39
C ASN D 44 15.33 -47.49 4.70
N PRO D 45 15.20 -48.41 5.67
CA PRO D 45 16.34 -49.25 6.01
C PRO D 45 16.81 -50.11 4.83
N ASP D 46 18.11 -50.31 4.73
CA ASP D 46 18.70 -51.13 3.67
C ASP D 46 18.72 -52.59 4.15
N LYS D 47 18.00 -53.46 3.45
CA LYS D 47 17.94 -54.86 3.85
C LYS D 47 19.33 -55.51 3.86
N ASN D 48 20.31 -54.86 3.25
CA ASN D 48 21.66 -55.42 3.21
C ASN D 48 22.58 -54.91 4.34
N CYS D 49 22.09 -54.01 5.18
CA CYS D 49 22.88 -53.50 6.28
C CYS D 49 22.73 -54.40 7.49
N PHE D 50 23.79 -55.14 7.81
CA PHE D 50 23.78 -56.07 8.93
C PHE D 50 23.74 -55.44 10.32
N HIS D 51 24.19 -54.19 10.40
CA HIS D 51 24.17 -53.45 11.67
C HIS D 51 24.15 -51.97 11.36
N CYS D 52 23.06 -51.32 11.72
CA CYS D 52 22.92 -49.90 11.47
C CYS D 52 23.58 -48.98 12.47
N GLU D 53 23.35 -47.68 12.26
CA GLU D 53 23.95 -46.64 13.10
C GLU D 53 24.02 -46.80 14.65
N LYS D 54 25.01 -46.15 15.30
CA LYS D 54 25.28 -46.16 16.74
C LYS D 54 24.15 -45.46 17.48
N LEU D 55 23.94 -45.96 18.69
CA LEU D 55 22.92 -45.45 19.55
C LEU D 55 23.42 -45.18 20.96
N GLU D 56 24.74 -45.17 21.19
CA GLU D 56 25.24 -44.91 22.54
C GLU D 56 24.80 -43.54 23.03
N ASN D 57 24.21 -43.53 24.23
CA ASN D 57 23.71 -42.31 24.86
C ASN D 57 22.66 -41.59 24.03
N ASN D 58 21.99 -42.31 23.14
CA ASN D 58 20.96 -41.71 22.29
C ASN D 58 19.58 -42.10 22.79
N PHE D 59 18.89 -41.16 23.45
CA PHE D 59 17.56 -41.45 23.96
C PHE D 59 16.44 -40.73 23.23
N ASP D 60 16.69 -40.38 21.98
CA ASP D 60 15.68 -39.73 21.15
C ASP D 60 14.52 -40.70 20.96
N ASP D 61 13.32 -40.14 20.81
CA ASP D 61 12.11 -40.92 20.64
C ASP D 61 12.18 -41.89 19.44
N ILE D 62 11.98 -43.18 19.70
CA ILE D 62 12.01 -44.16 18.61
C ILE D 62 10.64 -44.73 18.26
N LYS D 63 9.59 -44.23 18.91
CA LYS D 63 8.25 -44.74 18.63
C LYS D 63 7.84 -44.44 17.18
N HIS D 64 7.27 -45.44 16.51
CA HIS D 64 6.81 -45.27 15.13
C HIS D 64 5.43 -44.59 15.11
N THR D 65 4.78 -44.54 16.26
CA THR D 65 3.44 -43.97 16.34
C THR D 65 3.35 -42.49 16.65
N THR D 66 4.47 -41.86 17.02
CA THR D 66 4.45 -40.44 17.32
C THR D 66 3.94 -39.63 16.14
N LEU D 67 3.06 -38.69 16.41
CA LEU D 67 2.48 -37.84 15.37
C LEU D 67 2.64 -36.35 15.66
N GLY D 68 2.83 -35.58 14.60
CA GLY D 68 2.92 -34.14 14.70
C GLY D 68 1.54 -33.65 14.31
N GLU D 69 1.28 -32.34 14.34
CA GLU D 69 -0.06 -31.87 14.00
C GLU D 69 -0.52 -32.21 12.57
N ARG D 70 0.35 -32.03 11.59
CA ARG D 70 0.02 -32.34 10.20
C ARG D 70 -0.43 -33.80 10.09
N GLY D 71 0.38 -34.70 10.63
CA GLY D 71 0.07 -36.13 10.57
C GLY D 71 -1.14 -36.52 11.39
N ALA D 72 -1.32 -35.87 12.55
CA ALA D 72 -2.46 -36.17 13.42
C ALA D 72 -3.78 -35.75 12.77
N LEU D 73 -3.79 -34.59 12.12
CA LEU D 73 -5.02 -34.14 11.47
C LEU D 73 -5.42 -35.08 10.35
N ARG D 74 -4.43 -35.54 9.60
CA ARG D 74 -4.68 -36.44 8.50
C ARG D 74 -5.26 -37.77 8.99
N GLU D 75 -4.65 -38.32 10.04
CA GLU D 75 -5.10 -39.60 10.59
C GLU D 75 -6.46 -39.45 11.28
N ALA D 76 -6.69 -38.34 11.96
CA ALA D 76 -7.96 -38.11 12.64
C ALA D 76 -9.10 -37.99 11.64
N MET D 77 -8.82 -37.37 10.50
CA MET D 77 -9.83 -37.21 9.45
C MET D 77 -10.16 -38.55 8.79
N ARG D 78 -9.19 -39.47 8.81
CA ARG D 78 -9.34 -40.79 8.20
C ARG D 78 -10.25 -41.71 9.03
N CYS D 79 -10.22 -41.51 10.35
CA CYS D 79 -11.04 -42.32 11.24
C CYS D 79 -12.53 -42.22 10.86
N LEU D 80 -13.21 -43.37 10.82
CA LEU D 80 -14.63 -43.41 10.46
C LEU D 80 -15.54 -42.87 11.57
N LYS D 81 -14.99 -42.74 12.78
CA LYS D 81 -15.73 -42.25 13.94
C LYS D 81 -17.02 -43.08 14.08
N CYS D 82 -16.79 -44.39 14.17
CA CYS D 82 -17.82 -45.44 14.27
C CYS D 82 -18.76 -45.45 15.46
N ALA D 83 -19.95 -45.97 15.21
CA ALA D 83 -20.99 -46.11 16.23
C ALA D 83 -20.62 -47.33 17.05
N ASP D 84 -20.92 -47.31 18.35
CA ASP D 84 -20.64 -48.43 19.25
C ASP D 84 -19.27 -49.00 18.88
N ALA D 85 -18.31 -48.11 18.68
CA ALA D 85 -16.96 -48.46 18.24
C ALA D 85 -16.25 -49.63 18.92
N PRO D 86 -15.78 -50.58 18.11
CA PRO D 86 -15.07 -51.77 18.63
C PRO D 86 -13.72 -51.41 19.25
N CYS D 87 -13.13 -50.30 18.82
CA CYS D 87 -11.84 -49.89 19.38
C CYS D 87 -12.05 -49.53 20.86
N GLN D 88 -13.13 -48.82 21.16
CA GLN D 88 -13.45 -48.44 22.54
C GLN D 88 -13.77 -49.70 23.35
N LYS D 89 -14.50 -50.64 22.74
CA LYS D 89 -14.84 -51.89 23.41
C LYS D 89 -13.54 -52.62 23.77
N SER D 90 -12.54 -52.46 22.91
CA SER D 90 -11.24 -53.12 23.07
C SER D 90 -10.22 -52.36 23.93
N CYS D 91 -10.62 -51.19 24.43
CA CYS D 91 -9.75 -50.38 25.30
C CYS D 91 -10.09 -50.70 26.75
N PRO D 92 -9.10 -51.10 27.56
CA PRO D 92 -9.37 -51.42 28.97
C PRO D 92 -9.99 -50.30 29.81
N THR D 93 -9.76 -49.04 29.45
CA THR D 93 -10.37 -47.94 30.20
C THR D 93 -11.61 -47.39 29.49
N HIS D 94 -12.04 -48.08 28.46
CA HIS D 94 -13.24 -47.70 27.69
C HIS D 94 -13.21 -46.26 27.17
N LEU D 95 -12.07 -45.81 26.68
CA LEU D 95 -11.95 -44.45 26.15
C LEU D 95 -12.91 -44.22 24.98
N ASP D 96 -13.58 -43.07 24.95
CA ASP D 96 -14.49 -42.75 23.85
C ASP D 96 -13.59 -42.26 22.71
N ILE D 97 -12.99 -43.21 22.03
CA ILE D 97 -12.09 -42.94 20.92
C ILE D 97 -12.77 -42.16 19.80
N LYS D 98 -14.00 -42.55 19.47
CA LYS D 98 -14.76 -41.88 18.42
C LYS D 98 -14.80 -40.39 18.71
N SER D 99 -15.19 -40.04 19.94
CA SER D 99 -15.31 -38.64 20.32
C SER D 99 -13.99 -37.89 20.36
N PHE D 100 -12.95 -38.48 20.97
CA PHE D 100 -11.69 -37.75 21.04
C PHE D 100 -11.02 -37.59 19.68
N ILE D 101 -11.15 -38.58 18.81
CA ILE D 101 -10.56 -38.45 17.48
C ILE D 101 -11.37 -37.42 16.66
N THR D 102 -12.68 -37.39 16.85
CA THR D 102 -13.51 -36.41 16.14
C THR D 102 -13.01 -35.02 16.54
N SER D 103 -12.76 -34.83 17.83
CA SER D 103 -12.28 -33.54 18.32
C SER D 103 -10.96 -33.17 17.66
N ILE D 104 -10.03 -34.12 17.57
CA ILE D 104 -8.75 -33.83 16.94
C ILE D 104 -8.99 -33.40 15.48
N SER D 105 -9.85 -34.12 14.78
CA SER D 105 -10.13 -33.79 13.39
C SER D 105 -10.70 -32.37 13.25
N ASN D 106 -11.36 -31.90 14.31
CA ASN D 106 -11.93 -30.55 14.31
C ASN D 106 -10.99 -29.53 14.93
N LYS D 107 -9.74 -29.94 15.15
CA LYS D 107 -8.69 -29.10 15.74
C LYS D 107 -8.96 -28.71 17.19
N ASN D 108 -9.88 -29.43 17.85
CA ASN D 108 -10.22 -29.16 19.24
C ASN D 108 -9.40 -30.11 20.12
N TYR D 109 -8.12 -29.79 20.28
CA TYR D 109 -7.22 -30.64 21.05
C TYR D 109 -7.59 -30.67 22.53
N TYR D 110 -8.10 -29.57 23.06
CA TYR D 110 -8.50 -29.56 24.47
C TYR D 110 -9.64 -30.56 24.68
N GLY D 111 -10.66 -30.48 23.85
CA GLY D 111 -11.79 -31.40 23.97
C GLY D 111 -11.36 -32.84 23.89
N ALA D 112 -10.40 -33.12 23.00
CA ALA D 112 -9.90 -34.48 22.85
C ALA D 112 -9.19 -34.92 24.14
N ALA D 113 -8.30 -34.07 24.64
CA ALA D 113 -7.57 -34.38 25.87
C ALA D 113 -8.52 -34.59 27.05
N LYS D 114 -9.51 -33.72 27.17
CA LYS D 114 -10.49 -33.82 28.26
C LYS D 114 -11.20 -35.17 28.21
N MET D 115 -11.56 -35.60 27.01
CA MET D 115 -12.24 -36.89 26.83
C MET D 115 -11.32 -38.04 27.23
N ILE D 116 -10.07 -37.96 26.79
CA ILE D 116 -9.07 -38.98 27.10
C ILE D 116 -8.83 -39.07 28.61
N PHE D 117 -8.53 -37.94 29.25
CA PHE D 117 -8.27 -37.96 30.67
C PHE D 117 -9.49 -38.25 31.55
N SER D 118 -10.70 -38.02 31.01
CA SER D 118 -11.91 -38.32 31.78
C SER D 118 -11.94 -39.81 32.11
N ASP D 119 -11.55 -40.65 31.16
CA ASP D 119 -11.56 -42.10 31.40
C ASP D 119 -10.19 -42.70 31.71
N ASN D 120 -9.11 -41.96 31.47
CA ASN D 120 -7.76 -42.47 31.74
C ASN D 120 -6.84 -41.33 32.24
N PRO D 121 -6.63 -41.25 33.57
CA PRO D 121 -5.78 -40.24 34.21
C PRO D 121 -4.33 -40.24 33.72
N LEU D 122 -3.92 -41.35 33.11
CA LEU D 122 -2.56 -41.45 32.56
C LEU D 122 -2.66 -41.53 31.04
N GLY D 123 -3.54 -40.71 30.48
CA GLY D 123 -3.77 -40.70 29.05
C GLY D 123 -2.55 -40.49 28.16
N LEU D 124 -1.62 -39.65 28.58
CA LEU D 124 -0.45 -39.40 27.75
C LEU D 124 0.48 -40.61 27.78
N THR D 125 0.74 -41.12 28.98
CA THR D 125 1.60 -42.30 29.10
C THR D 125 1.06 -43.44 28.24
N CYS D 126 -0.24 -43.72 28.38
CA CYS D 126 -0.84 -44.81 27.61
C CYS D 126 -0.79 -44.58 26.11
N GLY D 127 -1.04 -43.37 25.65
CA GLY D 127 -0.97 -43.11 24.22
C GLY D 127 0.41 -43.51 23.71
N MET D 128 1.42 -43.29 24.54
CA MET D 128 2.79 -43.62 24.17
C MET D 128 3.21 -45.07 24.31
N VAL D 129 2.71 -45.76 25.34
CA VAL D 129 3.12 -47.14 25.57
C VAL D 129 2.13 -48.27 25.41
N CYS D 130 0.84 -47.97 25.25
CA CYS D 130 -0.14 -49.03 25.09
C CYS D 130 0.18 -49.96 23.91
N PRO D 131 0.07 -51.29 24.12
CA PRO D 131 0.34 -52.25 23.05
C PRO D 131 -0.97 -52.32 22.27
N THR D 132 -1.28 -51.24 21.57
CA THR D 132 -2.53 -51.11 20.83
C THR D 132 -2.92 -52.25 19.89
N SER D 133 -1.96 -52.92 19.26
CA SER D 133 -2.31 -54.01 18.36
C SER D 133 -3.04 -55.13 19.10
N ASP D 134 -2.84 -55.20 20.42
CA ASP D 134 -3.49 -56.23 21.21
C ASP D 134 -4.63 -55.62 22.03
N LEU D 135 -4.92 -54.34 21.77
CA LEU D 135 -5.98 -53.63 22.48
C LEU D 135 -6.90 -52.89 21.51
N CYS D 136 -7.06 -51.58 21.70
CA CYS D 136 -7.96 -50.77 20.86
C CYS D 136 -7.80 -50.94 19.35
N VAL D 137 -6.58 -50.77 18.85
CA VAL D 137 -6.31 -50.90 17.41
C VAL D 137 -6.63 -52.30 16.88
N GLY D 138 -6.50 -53.30 17.73
CA GLY D 138 -6.80 -54.67 17.32
C GLY D 138 -8.26 -54.89 16.94
N GLY D 139 -9.12 -53.95 17.33
CA GLY D 139 -10.53 -54.08 17.00
C GLY D 139 -11.02 -53.05 16.00
N CYS D 140 -10.11 -52.23 15.49
CA CYS D 140 -10.45 -51.16 14.55
C CYS D 140 -11.06 -51.62 13.22
N ASN D 141 -12.23 -51.08 12.89
CA ASN D 141 -12.93 -51.44 11.66
C ASN D 141 -12.12 -51.15 10.40
N LEU D 142 -11.25 -50.15 10.44
CA LEU D 142 -10.46 -49.82 9.26
C LEU D 142 -9.39 -50.86 8.95
N TYR D 143 -9.27 -51.88 9.81
CA TYR D 143 -8.32 -52.95 9.53
C TYR D 143 -8.85 -53.64 8.27
N ALA D 144 -10.14 -53.45 8.02
CA ALA D 144 -10.81 -54.04 6.87
C ALA D 144 -10.57 -53.27 5.56
N THR D 145 -9.62 -52.34 5.58
CA THR D 145 -9.29 -51.58 4.38
C THR D 145 -7.81 -51.76 4.11
N GLU D 146 -7.40 -51.57 2.87
CA GLU D 146 -6.00 -51.74 2.51
C GLU D 146 -5.10 -50.80 3.30
N GLU D 147 -5.53 -49.55 3.48
CA GLU D 147 -4.72 -48.58 4.21
C GLU D 147 -4.54 -48.96 5.68
N GLY D 148 -5.44 -49.77 6.22
CA GLY D 148 -5.31 -50.23 7.59
C GLY D 148 -5.89 -49.44 8.75
N SER D 149 -5.77 -50.03 9.93
CA SER D 149 -6.29 -49.45 11.17
C SER D 149 -5.70 -48.09 11.52
N ILE D 150 -6.44 -47.35 12.34
CA ILE D 150 -6.05 -46.02 12.80
C ILE D 150 -4.97 -46.09 13.88
N ASN D 151 -4.08 -45.10 13.85
CA ASN D 151 -3.00 -44.99 14.84
C ASN D 151 -3.61 -44.30 16.05
N ILE D 152 -4.42 -45.04 16.81
CA ILE D 152 -5.10 -44.49 17.98
C ILE D 152 -4.13 -43.98 19.04
N GLY D 153 -3.12 -44.78 19.36
CA GLY D 153 -2.14 -44.39 20.36
C GLY D 153 -1.49 -43.07 20.03
N GLY D 154 -1.07 -42.91 18.78
CA GLY D 154 -0.42 -41.69 18.34
C GLY D 154 -1.31 -40.47 18.43
N LEU D 155 -2.60 -40.64 18.11
CA LEU D 155 -3.54 -39.54 18.18
C LEU D 155 -3.77 -39.16 19.63
N GLN D 156 -3.89 -40.17 20.49
CA GLN D 156 -4.11 -39.92 21.92
C GLN D 156 -2.91 -39.15 22.45
N GLN D 157 -1.72 -39.59 22.06
CA GLN D 157 -0.48 -38.95 22.47
C GLN D 157 -0.45 -37.50 22.02
N PHE D 158 -0.79 -37.27 20.75
CA PHE D 158 -0.77 -35.91 20.22
C PHE D 158 -1.68 -34.93 20.96
N ALA D 159 -2.95 -35.30 21.12
CA ALA D 159 -3.89 -34.42 21.81
C ALA D 159 -3.43 -34.15 23.25
N SER D 160 -2.95 -35.21 23.91
CA SER D 160 -2.50 -35.08 25.29
C SER D 160 -1.27 -34.19 25.38
N GLU D 161 -0.39 -34.28 24.39
CA GLU D 161 0.82 -33.46 24.37
C GLU D 161 0.48 -31.98 24.22
N VAL D 162 -0.51 -31.69 23.37
CA VAL D 162 -0.90 -30.30 23.17
C VAL D 162 -1.49 -29.76 24.47
N PHE D 163 -2.34 -30.56 25.11
CA PHE D 163 -2.94 -30.14 26.37
C PHE D 163 -1.85 -29.88 27.42
N LYS D 164 -0.84 -30.73 27.43
CA LYS D 164 0.27 -30.58 28.37
C LYS D 164 0.97 -29.24 28.11
N ALA D 165 1.16 -28.90 26.84
CA ALA D 165 1.81 -27.64 26.47
C ALA D 165 0.97 -26.43 26.89
N MET D 166 -0.36 -26.61 26.96
CA MET D 166 -1.25 -25.52 27.36
C MET D 166 -1.06 -25.12 28.82
N ASN D 167 -0.47 -26.02 29.61
CA ASN D 167 -0.24 -25.74 31.02
C ASN D 167 -1.50 -25.31 31.76
N ILE D 168 -2.55 -26.10 31.59
CA ILE D 168 -3.83 -25.85 32.25
C ILE D 168 -3.95 -26.89 33.35
N PRO D 169 -4.36 -26.47 34.56
CA PRO D 169 -4.50 -27.39 35.69
C PRO D 169 -5.84 -28.13 35.74
N GLN D 170 -5.88 -29.24 36.47
CA GLN D 170 -7.11 -29.97 36.63
C GLN D 170 -7.79 -29.28 37.81
N ILE D 171 -9.11 -29.25 37.82
CA ILE D 171 -9.82 -28.62 38.94
C ILE D 171 -10.83 -29.58 39.53
N ARG D 172 -11.24 -29.29 40.76
CA ARG D 172 -12.23 -30.08 41.48
C ARG D 172 -13.53 -30.04 40.67
N ASN D 173 -14.31 -31.10 40.73
CA ASN D 173 -15.57 -31.19 40.02
C ASN D 173 -16.42 -29.94 40.35
N PRO D 174 -16.80 -29.20 39.29
CA PRO D 174 -17.61 -27.98 39.34
C PRO D 174 -18.93 -28.00 40.13
N CYS D 175 -19.80 -28.96 39.79
CA CYS D 175 -21.09 -29.09 40.44
C CYS D 175 -20.99 -29.67 41.83
N LEU D 176 -19.78 -30.08 42.24
CA LEU D 176 -19.57 -30.65 43.58
C LEU D 176 -19.79 -29.61 44.68
N PRO D 177 -20.41 -30.02 45.80
CA PRO D 177 -20.63 -29.04 46.86
C PRO D 177 -19.30 -28.46 47.31
N SER D 178 -19.32 -27.28 47.90
CA SER D 178 -18.06 -26.68 48.37
C SER D 178 -17.40 -27.63 49.37
N GLN D 179 -16.07 -27.54 49.43
CA GLN D 179 -15.29 -28.37 50.34
C GLN D 179 -15.89 -28.45 51.74
N GLU D 180 -16.32 -27.29 52.24
CA GLU D 180 -16.89 -27.21 53.59
C GLU D 180 -18.28 -27.84 53.73
N LYS D 181 -19.02 -27.94 52.63
CA LYS D 181 -20.35 -28.52 52.68
C LYS D 181 -20.37 -30.02 52.41
N MET D 182 -19.20 -30.61 52.23
CA MET D 182 -19.11 -32.04 51.96
C MET D 182 -19.39 -32.87 53.21
N PRO D 183 -20.13 -33.97 53.06
CA PRO D 183 -20.44 -34.83 54.21
C PRO D 183 -19.13 -35.29 54.85
N GLU D 184 -19.19 -35.56 56.14
CA GLU D 184 -18.02 -36.00 56.89
C GLU D 184 -17.32 -37.24 56.31
N ALA D 185 -18.08 -38.09 55.65
CA ALA D 185 -17.54 -39.32 55.07
C ALA D 185 -16.41 -39.04 54.08
N TYR D 186 -16.46 -37.90 53.39
CA TYR D 186 -15.43 -37.58 52.42
C TYR D 186 -14.09 -37.15 53.00
N SER D 187 -14.04 -37.02 54.32
CA SER D 187 -12.81 -36.65 55.01
C SER D 187 -12.11 -37.91 55.53
N ALA D 188 -12.71 -39.06 55.23
CA ALA D 188 -12.16 -40.34 55.66
C ALA D 188 -10.71 -40.49 55.20
N LYS D 189 -9.82 -40.87 56.11
CA LYS D 189 -8.42 -41.05 55.78
C LYS D 189 -8.24 -42.25 54.85
N ILE D 190 -7.70 -42.00 53.68
CA ILE D 190 -7.48 -43.06 52.69
C ILE D 190 -6.01 -43.23 52.39
N ALA D 191 -5.56 -44.48 52.33
CA ALA D 191 -4.16 -44.75 52.05
C ALA D 191 -4.00 -45.65 50.84
N LEU D 192 -3.00 -45.34 50.02
CA LEU D 192 -2.69 -46.16 48.86
C LEU D 192 -1.20 -46.49 48.96
N LEU D 193 -0.84 -47.73 48.64
CA LEU D 193 0.54 -48.16 48.73
C LEU D 193 1.13 -48.30 47.33
N GLY D 194 2.22 -47.59 47.07
CA GLY D 194 2.87 -47.63 45.77
C GLY D 194 2.37 -46.51 44.87
N ALA D 195 3.28 -45.72 44.30
CA ALA D 195 2.90 -44.61 43.44
C ALA D 195 3.04 -44.96 41.96
N GLY D 196 2.42 -46.05 41.55
CA GLY D 196 2.47 -46.46 40.16
C GLY D 196 1.14 -46.14 39.49
N PRO D 197 0.95 -46.55 38.23
CA PRO D 197 -0.29 -46.30 37.48
C PRO D 197 -1.57 -46.68 38.23
N ALA D 198 -1.57 -47.83 38.88
CA ALA D 198 -2.76 -48.29 39.62
C ALA D 198 -3.18 -47.33 40.72
N SER D 199 -2.24 -46.96 41.59
CA SER D 199 -2.58 -46.06 42.69
C SER D 199 -2.85 -44.63 42.22
N ILE D 200 -2.11 -44.18 41.22
CA ILE D 200 -2.31 -42.83 40.70
C ILE D 200 -3.74 -42.72 40.17
N SER D 201 -4.18 -43.75 39.46
CA SER D 201 -5.52 -43.76 38.90
C SER D 201 -6.57 -43.81 40.01
N CYS D 202 -6.41 -44.75 40.93
CA CYS D 202 -7.35 -44.90 42.03
C CYS D 202 -7.47 -43.60 42.84
N ALA D 203 -6.32 -43.01 43.20
CA ALA D 203 -6.32 -41.78 43.96
C ALA D 203 -7.00 -40.64 43.19
N SER D 204 -6.75 -40.57 41.89
CA SER D 204 -7.34 -39.53 41.06
C SER D 204 -8.87 -39.60 41.05
N PHE D 205 -9.41 -40.79 40.83
CA PHE D 205 -10.85 -40.96 40.80
C PHE D 205 -11.49 -40.72 42.16
N LEU D 206 -10.81 -41.11 43.23
CA LEU D 206 -11.35 -40.88 44.57
C LEU D 206 -11.38 -39.38 44.83
N ALA D 207 -10.33 -38.68 44.40
CA ALA D 207 -10.28 -37.24 44.58
C ALA D 207 -11.39 -36.57 43.77
N ARG D 208 -11.68 -37.09 42.57
CA ARG D 208 -12.76 -36.53 41.75
C ARG D 208 -14.10 -36.64 42.46
N LEU D 209 -14.28 -37.73 43.19
CA LEU D 209 -15.51 -37.98 43.94
C LEU D 209 -15.67 -37.06 45.14
N GLY D 210 -14.60 -36.37 45.53
CA GLY D 210 -14.69 -35.46 46.65
C GLY D 210 -13.88 -35.79 47.90
N TYR D 211 -13.23 -36.95 47.93
CA TYR D 211 -12.44 -37.32 49.10
C TYR D 211 -11.26 -36.36 49.24
N SER D 212 -11.14 -35.78 50.44
CA SER D 212 -10.11 -34.79 50.72
C SER D 212 -8.87 -35.20 51.51
N ASP D 213 -8.77 -36.45 51.92
CA ASP D 213 -7.61 -36.89 52.68
C ASP D 213 -7.08 -38.19 52.08
N ILE D 214 -6.38 -38.07 50.96
CA ILE D 214 -5.82 -39.20 50.24
C ILE D 214 -4.31 -39.13 50.23
N THR D 215 -3.66 -40.19 50.69
CA THR D 215 -2.20 -40.24 50.75
C THR D 215 -1.65 -41.49 50.09
N ILE D 216 -0.69 -41.30 49.18
CA ILE D 216 -0.03 -42.42 48.53
C ILE D 216 1.33 -42.57 49.20
N PHE D 217 1.62 -43.76 49.71
CA PHE D 217 2.91 -44.00 50.34
C PHE D 217 3.75 -44.78 49.34
N GLU D 218 4.86 -44.18 48.94
CA GLU D 218 5.78 -44.76 47.96
C GLU D 218 7.11 -45.15 48.59
N LYS D 219 7.55 -46.37 48.33
CA LYS D 219 8.82 -46.88 48.86
C LYS D 219 10.04 -46.08 48.41
N GLN D 220 10.12 -45.84 47.11
CA GLN D 220 11.25 -45.12 46.53
C GLN D 220 11.19 -43.60 46.70
N GLU D 221 12.24 -42.93 46.24
CA GLU D 221 12.35 -41.48 46.31
C GLU D 221 11.68 -40.86 45.08
N TYR D 222 11.43 -41.68 44.07
CA TYR D 222 10.80 -41.20 42.85
C TYR D 222 9.38 -41.76 42.74
N VAL D 223 8.55 -41.14 41.90
CA VAL D 223 7.18 -41.60 41.73
C VAL D 223 6.92 -42.01 40.28
N GLY D 224 5.83 -42.75 40.07
CA GLY D 224 5.49 -43.17 38.72
C GLY D 224 5.58 -44.66 38.47
N GLY D 225 6.17 -45.39 39.41
CA GLY D 225 6.30 -46.82 39.25
C GLY D 225 7.18 -47.20 38.07
N LEU D 226 6.84 -48.28 37.39
CA LEU D 226 7.61 -48.75 36.25
C LEU D 226 7.73 -47.73 35.11
N SER D 227 6.71 -46.88 34.98
CA SER D 227 6.72 -45.85 33.93
C SER D 227 7.98 -45.00 34.11
N THR D 228 8.42 -44.88 35.35
CA THR D 228 9.59 -44.08 35.69
C THR D 228 10.86 -44.92 35.83
N SER D 229 10.78 -45.98 36.62
CA SER D 229 11.95 -46.82 36.87
C SER D 229 12.47 -47.75 35.79
N GLU D 230 11.61 -48.19 34.88
CA GLU D 230 12.06 -49.12 33.86
C GLU D 230 11.75 -48.84 32.39
N ILE D 231 10.56 -48.37 32.07
CA ILE D 231 10.25 -48.08 30.67
C ILE D 231 11.25 -47.03 30.19
N PRO D 232 11.97 -47.32 29.09
CA PRO D 232 12.98 -46.42 28.53
C PRO D 232 12.53 -45.01 28.15
N GLN D 233 13.42 -44.05 28.38
CA GLN D 233 13.19 -42.65 28.05
C GLN D 233 12.89 -42.50 26.55
N PHE D 234 13.46 -43.37 25.73
CA PHE D 234 13.24 -43.29 24.29
C PHE D 234 11.87 -43.80 23.84
N ARG D 235 11.06 -44.23 24.79
CA ARG D 235 9.70 -44.67 24.49
C ARG D 235 8.73 -43.82 25.32
N LEU D 236 9.11 -43.54 26.56
CA LEU D 236 8.28 -42.75 27.46
C LEU D 236 9.10 -41.69 28.21
N PRO D 237 9.08 -40.44 27.72
CA PRO D 237 9.82 -39.34 28.36
C PRO D 237 9.35 -39.15 29.78
N TYR D 238 10.30 -38.97 30.70
CA TYR D 238 9.95 -38.79 32.11
C TYR D 238 9.04 -37.58 32.35
N ASP D 239 9.18 -36.53 31.55
CA ASP D 239 8.33 -35.36 31.78
C ASP D 239 6.84 -35.67 31.61
N VAL D 240 6.54 -36.75 30.89
CA VAL D 240 5.15 -37.16 30.72
C VAL D 240 4.61 -37.63 32.07
N VAL D 241 5.39 -38.48 32.74
CA VAL D 241 5.01 -39.01 34.03
C VAL D 241 4.77 -37.87 35.02
N ASN D 242 5.71 -36.94 35.08
CA ASN D 242 5.60 -35.81 35.99
C ASN D 242 4.34 -34.98 35.71
N PHE D 243 4.01 -34.82 34.43
CA PHE D 243 2.82 -34.08 34.03
C PHE D 243 1.55 -34.69 34.61
N GLU D 244 1.42 -36.01 34.48
CA GLU D 244 0.24 -36.70 34.97
C GLU D 244 0.14 -36.69 36.50
N ILE D 245 1.29 -36.76 37.16
CA ILE D 245 1.34 -36.74 38.61
C ILE D 245 0.89 -35.36 39.12
N GLU D 246 1.37 -34.31 38.45
CA GLU D 246 0.99 -32.97 38.86
C GLU D 246 -0.50 -32.73 38.68
N LEU D 247 -1.08 -33.33 37.64
CA LEU D 247 -2.53 -33.19 37.41
C LEU D 247 -3.27 -33.79 38.59
N MET D 248 -2.79 -34.96 39.05
CA MET D 248 -3.41 -35.63 40.19
C MET D 248 -3.25 -34.78 41.46
N LYS D 249 -2.07 -34.21 41.65
CA LYS D 249 -1.83 -33.38 42.83
C LYS D 249 -2.73 -32.15 42.85
N ASP D 250 -3.19 -31.72 41.68
CA ASP D 250 -4.08 -30.56 41.60
C ASP D 250 -5.36 -30.85 42.38
N LEU D 251 -5.69 -32.13 42.51
CA LEU D 251 -6.91 -32.52 43.23
C LEU D 251 -6.68 -32.73 44.72
N GLY D 252 -5.48 -32.43 45.19
CA GLY D 252 -5.18 -32.55 46.61
C GLY D 252 -4.55 -33.84 47.07
N VAL D 253 -4.33 -34.79 46.17
CA VAL D 253 -3.73 -36.06 46.53
C VAL D 253 -2.32 -35.82 47.03
N LYS D 254 -1.98 -36.43 48.17
CA LYS D 254 -0.65 -36.29 48.75
C LYS D 254 0.21 -37.53 48.49
N ILE D 255 1.50 -37.32 48.28
CA ILE D 255 2.42 -38.44 48.05
C ILE D 255 3.58 -38.32 49.02
N ILE D 256 3.84 -39.40 49.76
CA ILE D 256 4.94 -39.42 50.71
C ILE D 256 5.90 -40.52 50.30
N CYS D 257 7.10 -40.14 49.89
CA CYS D 257 8.11 -41.09 49.46
C CYS D 257 8.96 -41.56 50.62
N GLY D 258 9.67 -42.67 50.42
CA GLY D 258 10.51 -43.20 51.46
C GLY D 258 9.72 -43.95 52.52
N LYS D 259 8.52 -44.40 52.14
CA LYS D 259 7.66 -45.14 53.06
C LYS D 259 7.26 -46.46 52.41
N SER D 260 7.58 -47.56 53.07
CA SER D 260 7.28 -48.88 52.54
C SER D 260 6.27 -49.68 53.32
N LEU D 261 5.49 -50.47 52.58
CA LEU D 261 4.52 -51.37 53.16
C LEU D 261 5.42 -52.56 53.48
N SER D 262 5.72 -52.76 54.75
CA SER D 262 6.59 -53.85 55.15
C SER D 262 6.50 -54.02 56.66
N GLU D 263 6.71 -55.23 57.13
CA GLU D 263 6.65 -55.48 58.56
C GLU D 263 7.68 -54.56 59.21
N ASN D 264 7.32 -53.95 60.33
CA ASN D 264 8.22 -53.05 61.05
C ASN D 264 8.12 -51.63 60.49
N GLU D 265 7.44 -51.49 59.37
CA GLU D 265 7.23 -50.18 58.75
C GLU D 265 5.72 -49.97 58.66
N ILE D 266 5.20 -49.74 57.45
CA ILE D 266 3.76 -49.55 57.30
C ILE D 266 3.12 -50.92 57.05
N THR D 267 2.07 -51.23 57.80
CA THR D 267 1.36 -52.50 57.61
C THR D 267 -0.12 -52.18 57.63
N LEU D 268 -0.95 -53.12 57.21
CA LEU D 268 -2.38 -52.88 57.23
C LEU D 268 -2.83 -52.63 58.68
N ASN D 269 -2.18 -53.30 59.63
CA ASN D 269 -2.52 -53.13 61.02
C ASN D 269 -2.18 -51.74 61.56
N THR D 270 -1.02 -51.21 61.18
CA THR D 270 -0.64 -49.88 61.64
C THR D 270 -1.56 -48.83 61.01
N LEU D 271 -1.96 -49.06 59.77
CA LEU D 271 -2.86 -48.13 59.09
C LEU D 271 -4.22 -48.10 59.78
N LYS D 272 -4.76 -49.27 60.07
CA LYS D 272 -6.06 -49.35 60.74
C LYS D 272 -5.96 -48.69 62.10
N GLU D 273 -4.85 -48.97 62.78
CA GLU D 273 -4.55 -48.44 64.09
C GLU D 273 -4.49 -46.90 64.06
N GLU D 274 -3.96 -46.35 62.96
CA GLU D 274 -3.83 -44.92 62.80
C GLU D 274 -5.08 -44.21 62.33
N GLY D 275 -6.15 -44.97 62.13
CA GLY D 275 -7.40 -44.35 61.72
C GLY D 275 -7.75 -44.36 60.24
N TYR D 276 -6.96 -45.04 59.41
CA TYR D 276 -7.27 -45.09 58.00
C TYR D 276 -8.52 -45.94 57.78
N LYS D 277 -9.43 -45.44 56.94
CA LYS D 277 -10.69 -46.13 56.68
C LYS D 277 -10.66 -47.08 55.49
N ALA D 278 -9.73 -46.86 54.57
CA ALA D 278 -9.61 -47.74 53.41
C ALA D 278 -8.19 -47.71 52.90
N ALA D 279 -7.77 -48.80 52.28
CA ALA D 279 -6.43 -48.89 51.73
C ALA D 279 -6.44 -49.57 50.38
N PHE D 280 -5.61 -49.07 49.46
CA PHE D 280 -5.49 -49.65 48.12
C PHE D 280 -4.05 -50.12 47.96
N ILE D 281 -3.89 -51.40 47.63
CA ILE D 281 -2.56 -51.97 47.44
C ILE D 281 -2.17 -51.92 45.97
N GLY D 282 -1.21 -51.06 45.63
CA GLY D 282 -0.76 -50.96 44.25
C GLY D 282 0.75 -50.98 44.17
N ILE D 283 1.37 -51.89 44.90
CA ILE D 283 2.83 -52.01 44.93
C ILE D 283 3.46 -52.80 43.79
N GLY D 284 2.65 -53.29 42.86
CA GLY D 284 3.18 -54.05 41.74
C GLY D 284 3.92 -55.33 42.15
N LEU D 285 4.89 -55.73 41.33
CA LEU D 285 5.68 -56.92 41.57
C LEU D 285 7.12 -56.41 41.67
N PRO D 286 7.55 -56.06 42.90
CA PRO D 286 8.87 -55.52 43.24
C PRO D 286 10.14 -56.33 43.03
N GLU D 287 10.03 -57.64 42.90
CA GLU D 287 11.24 -58.45 42.75
C GLU D 287 11.36 -59.15 41.40
N PRO D 288 12.61 -59.39 40.96
CA PRO D 288 12.85 -60.05 39.67
C PRO D 288 12.68 -61.56 39.77
N LYS D 289 12.23 -62.16 38.68
CA LYS D 289 12.08 -63.61 38.61
C LYS D 289 13.53 -64.08 38.43
N THR D 290 13.98 -64.96 39.32
CA THR D 290 15.36 -65.44 39.26
C THR D 290 15.53 -66.89 38.84
N ASP D 291 16.76 -67.23 38.45
CA ASP D 291 17.10 -68.58 38.04
C ASP D 291 18.30 -69.03 38.85
N ASP D 292 18.20 -70.23 39.41
CA ASP D 292 19.25 -70.83 40.23
C ASP D 292 20.66 -70.75 39.62
N ILE D 293 20.75 -70.90 38.31
CA ILE D 293 22.04 -70.87 37.61
C ILE D 293 22.80 -69.55 37.71
N PHE D 294 22.10 -68.47 38.03
CA PHE D 294 22.74 -67.17 38.12
C PHE D 294 23.08 -66.75 39.55
N GLN D 295 22.80 -67.60 40.53
CA GLN D 295 23.08 -67.21 41.91
C GLN D 295 24.55 -66.88 42.14
N GLY D 296 24.77 -65.81 42.90
CA GLY D 296 26.12 -65.39 43.20
C GLY D 296 26.75 -64.44 42.21
N LEU D 297 26.28 -64.45 40.97
CA LEU D 297 26.83 -63.58 39.94
C LEU D 297 26.59 -62.11 40.29
N THR D 298 27.62 -61.29 40.07
CA THR D 298 27.55 -59.86 40.38
C THR D 298 27.59 -58.99 39.14
N GLN D 299 27.25 -57.71 39.31
CA GLN D 299 27.27 -56.77 38.21
C GLN D 299 28.71 -56.57 37.74
N ASP D 300 29.66 -56.63 38.66
CA ASP D 300 31.06 -56.47 38.29
C ASP D 300 31.48 -57.60 37.35
N GLN D 301 30.88 -58.78 37.54
CA GLN D 301 31.18 -59.92 36.69
C GLN D 301 30.45 -59.78 35.36
N GLY D 302 29.43 -58.93 35.34
CA GLY D 302 28.67 -58.71 34.11
C GLY D 302 27.23 -59.20 34.15
N PHE D 303 26.74 -59.59 35.32
CA PHE D 303 25.37 -60.08 35.43
C PHE D 303 24.40 -59.07 36.04
N TYR D 304 23.24 -58.93 35.41
CA TYR D 304 22.18 -58.02 35.87
C TYR D 304 20.82 -58.68 35.72
N THR D 305 19.88 -58.29 36.58
CA THR D 305 18.52 -58.76 36.41
C THR D 305 17.93 -57.49 35.82
N SER D 306 16.78 -57.58 35.18
CA SER D 306 16.16 -56.39 34.60
C SER D 306 15.91 -55.34 35.68
N LYS D 307 15.61 -55.81 36.88
CA LYS D 307 15.33 -54.94 38.02
C LYS D 307 16.54 -54.13 38.46
N ASP D 308 17.74 -54.59 38.11
CA ASP D 308 18.97 -53.88 38.44
C ASP D 308 19.32 -52.94 37.30
N PHE D 309 19.35 -53.51 36.09
CA PHE D 309 19.72 -52.79 34.88
C PHE D 309 18.86 -51.61 34.43
N LEU D 310 17.58 -51.84 34.17
CA LEU D 310 16.73 -50.77 33.70
C LEU D 310 16.69 -49.53 34.59
N PRO D 311 16.59 -49.70 35.91
CA PRO D 311 16.57 -48.50 36.77
C PRO D 311 17.87 -47.72 36.69
N LEU D 312 18.99 -48.42 36.46
CA LEU D 312 20.28 -47.74 36.35
C LEU D 312 20.28 -46.84 35.13
N VAL D 313 19.78 -47.37 34.01
CA VAL D 313 19.73 -46.58 32.78
C VAL D 313 18.74 -45.43 32.93
N ALA D 314 17.60 -45.71 33.56
CA ALA D 314 16.57 -44.69 33.76
C ALA D 314 17.06 -43.52 34.61
N LYS D 315 17.71 -43.83 35.73
CA LYS D 315 18.20 -42.78 36.60
C LYS D 315 19.23 -41.90 35.91
N SER D 316 19.94 -42.48 34.95
CA SER D 316 20.96 -41.75 34.21
C SER D 316 20.39 -40.91 33.07
N SER D 317 19.36 -41.42 32.41
CA SER D 317 18.77 -40.75 31.26
C SER D 317 17.53 -39.90 31.51
N LYS D 318 16.94 -40.02 32.70
CA LYS D 318 15.73 -39.26 33.00
C LYS D 318 15.98 -38.11 33.98
N ALA D 319 16.15 -36.91 33.42
CA ALA D 319 16.39 -35.73 34.23
C ALA D 319 15.22 -35.47 35.17
N GLY D 320 15.51 -35.40 36.47
CA GLY D 320 14.47 -35.15 37.44
C GLY D 320 13.90 -36.37 38.13
N MET D 321 14.46 -37.54 37.84
CA MET D 321 13.98 -38.78 38.44
C MET D 321 14.68 -39.05 39.77
N CYS D 322 16.00 -39.12 39.72
CA CYS D 322 16.81 -39.42 40.88
C CYS D 322 17.47 -38.14 41.42
N ALA D 323 17.62 -38.07 42.74
CA ALA D 323 18.24 -36.92 43.37
C ALA D 323 19.72 -36.87 42.97
N CYS D 324 20.25 -38.04 42.59
CA CYS D 324 21.64 -38.14 42.18
C CYS D 324 21.75 -38.34 40.68
N HIS D 325 22.61 -37.54 40.05
CA HIS D 325 22.84 -37.66 38.62
C HIS D 325 23.80 -38.83 38.47
N SER D 326 23.80 -39.47 37.31
CA SER D 326 24.70 -40.60 37.09
C SER D 326 24.90 -40.88 35.61
N PRO D 327 26.09 -41.36 35.25
CA PRO D 327 26.39 -41.69 33.85
C PRO D 327 25.74 -43.04 33.59
N LEU D 328 25.73 -43.47 32.34
CA LEU D 328 25.14 -44.75 31.98
C LEU D 328 25.99 -45.95 32.37
N PRO D 329 25.35 -47.09 32.64
CA PRO D 329 26.11 -48.28 33.00
C PRO D 329 27.05 -48.55 31.83
N SER D 330 28.27 -48.95 32.12
CA SER D 330 29.25 -49.22 31.07
C SER D 330 29.08 -50.64 30.56
N ILE D 331 28.28 -50.79 29.50
CA ILE D 331 28.05 -52.10 28.91
C ILE D 331 28.89 -52.23 27.65
N ARG D 332 29.91 -53.07 27.70
CA ARG D 332 30.82 -53.26 26.57
C ARG D 332 30.85 -54.70 26.10
N GLY D 333 30.94 -54.88 24.77
CA GLY D 333 31.00 -56.22 24.23
C GLY D 333 29.67 -56.82 23.82
N ALA D 334 29.58 -58.15 23.89
CA ALA D 334 28.36 -58.87 23.53
C ALA D 334 27.45 -59.01 24.73
N VAL D 335 26.17 -58.71 24.53
CA VAL D 335 25.19 -58.79 25.61
C VAL D 335 24.14 -59.86 25.32
N ILE D 336 23.84 -60.67 26.34
CA ILE D 336 22.82 -61.70 26.22
C ILE D 336 21.66 -61.29 27.11
N VAL D 337 20.48 -61.15 26.50
CA VAL D 337 19.27 -60.81 27.24
C VAL D 337 18.36 -62.02 27.20
N LEU D 338 17.97 -62.50 28.38
CA LEU D 338 17.10 -63.67 28.50
C LEU D 338 15.66 -63.28 28.75
N GLY D 339 14.77 -63.61 27.82
CA GLY D 339 13.37 -63.26 27.99
C GLY D 339 12.70 -62.99 26.67
N ALA D 340 11.37 -62.97 26.66
CA ALA D 340 10.62 -62.74 25.43
C ALA D 340 9.48 -61.74 25.59
N GLY D 341 9.48 -61.01 26.71
CA GLY D 341 8.43 -60.03 26.94
C GLY D 341 8.95 -58.61 26.79
N ASP D 342 8.14 -57.62 27.13
CA ASP D 342 8.55 -56.23 27.02
C ASP D 342 9.84 -55.94 27.78
N THR D 343 9.99 -56.57 28.94
CA THR D 343 11.18 -56.37 29.76
C THR D 343 12.44 -56.71 28.98
N ALA D 344 12.44 -57.86 28.32
CA ALA D 344 13.59 -58.29 27.55
C ALA D 344 13.91 -57.33 26.41
N PHE D 345 12.89 -56.93 25.66
CA PHE D 345 13.14 -56.02 24.54
C PHE D 345 13.64 -54.65 24.98
N ASP D 346 13.17 -54.14 26.11
CA ASP D 346 13.64 -52.84 26.59
C ASP D 346 15.07 -52.96 27.11
N CYS D 347 15.42 -54.13 27.65
CA CYS D 347 16.78 -54.35 28.14
C CYS D 347 17.73 -54.37 26.93
N ALA D 348 17.30 -55.02 25.87
CA ALA D 348 18.10 -55.14 24.65
C ALA D 348 18.36 -53.77 24.01
N THR D 349 17.30 -52.99 23.81
CA THR D 349 17.46 -51.67 23.21
C THR D 349 18.24 -50.74 24.13
N SER D 350 18.00 -50.85 25.44
CA SER D 350 18.72 -50.00 26.40
C SER D 350 20.20 -50.36 26.45
N ALA D 351 20.53 -51.64 26.27
CA ALA D 351 21.92 -52.07 26.30
C ALA D 351 22.73 -51.36 25.21
N LEU D 352 22.10 -51.12 24.07
CA LEU D 352 22.76 -50.43 22.97
C LEU D 352 23.10 -49.00 23.35
N ARG D 353 22.25 -48.36 24.14
CA ARG D 353 22.50 -46.99 24.57
C ARG D 353 23.67 -46.94 25.54
N CYS D 354 23.94 -48.07 26.19
CA CYS D 354 25.03 -48.14 27.14
C CYS D 354 26.36 -48.51 26.50
N GLY D 355 26.35 -48.65 25.17
CA GLY D 355 27.58 -48.95 24.46
C GLY D 355 27.81 -50.38 24.01
N ALA D 356 26.79 -51.23 24.15
CA ALA D 356 26.94 -52.62 23.74
C ALA D 356 27.29 -52.75 22.25
N ARG D 357 28.23 -53.64 21.96
CA ARG D 357 28.66 -53.87 20.59
C ARG D 357 27.66 -54.74 19.87
N ARG D 358 27.11 -55.72 20.59
CA ARG D 358 26.15 -56.64 20.02
C ARG D 358 25.18 -57.15 21.08
N VAL D 359 23.92 -57.36 20.69
CA VAL D 359 22.93 -57.85 21.63
C VAL D 359 22.18 -59.07 21.10
N PHE D 360 22.10 -60.10 21.94
CA PHE D 360 21.40 -61.33 21.59
C PHE D 360 20.19 -61.48 22.50
N LEU D 361 19.02 -61.71 21.91
CA LEU D 361 17.79 -61.94 22.67
C LEU D 361 17.60 -63.45 22.58
N VAL D 362 17.69 -64.12 23.73
CA VAL D 362 17.55 -65.57 23.78
C VAL D 362 16.22 -65.98 24.37
N PHE D 363 15.47 -66.77 23.60
CA PHE D 363 14.15 -67.24 24.01
C PHE D 363 14.18 -68.73 24.29
N ARG D 364 13.41 -69.14 25.29
CA ARG D 364 13.30 -70.54 25.64
C ARG D 364 12.43 -71.25 24.61
N LYS D 365 11.50 -70.48 24.03
CA LYS D 365 10.59 -71.02 23.03
C LYS D 365 10.90 -70.47 21.64
N GLY D 366 9.95 -70.57 20.73
CA GLY D 366 10.17 -70.11 19.38
C GLY D 366 9.78 -68.68 19.11
N PHE D 367 10.07 -68.25 17.89
CA PHE D 367 9.77 -66.91 17.44
C PHE D 367 8.28 -66.63 17.56
N VAL D 368 7.47 -67.63 17.23
CA VAL D 368 6.03 -67.46 17.31
C VAL D 368 5.53 -67.30 18.73
N ASN D 369 6.33 -67.73 19.70
CA ASN D 369 5.93 -67.64 21.10
C ASN D 369 6.34 -66.34 21.79
N ILE D 370 6.91 -65.40 21.05
CA ILE D 370 7.31 -64.13 21.64
C ILE D 370 6.09 -63.52 22.33
N ARG D 371 6.29 -63.02 23.54
CA ARG D 371 5.23 -62.44 24.34
C ARG D 371 4.90 -60.98 24.02
N ALA D 372 5.92 -60.18 23.74
CA ALA D 372 5.74 -58.78 23.42
C ALA D 372 5.01 -58.61 22.09
N VAL D 373 4.24 -57.54 21.94
CA VAL D 373 3.52 -57.28 20.70
C VAL D 373 4.52 -56.99 19.58
N PRO D 374 4.12 -57.20 18.32
CA PRO D 374 4.98 -56.95 17.16
C PRO D 374 5.63 -55.56 17.14
N GLU D 375 4.91 -54.54 17.60
CA GLU D 375 5.43 -53.18 17.62
C GLU D 375 6.65 -53.06 18.53
N GLU D 376 6.62 -53.76 19.66
CA GLU D 376 7.75 -53.72 20.59
C GLU D 376 8.91 -54.51 19.99
N VAL D 377 8.61 -55.70 19.48
CA VAL D 377 9.62 -56.54 18.86
C VAL D 377 10.33 -55.79 17.73
N GLU D 378 9.56 -55.03 16.96
CA GLU D 378 10.08 -54.26 15.84
C GLU D 378 11.21 -53.32 16.21
N LEU D 379 11.12 -52.70 17.39
CA LEU D 379 12.13 -51.76 17.84
C LEU D 379 13.50 -52.41 18.00
N ALA D 380 13.52 -53.61 18.58
CA ALA D 380 14.78 -54.33 18.79
C ALA D 380 15.29 -54.86 17.45
N LYS D 381 14.34 -55.29 16.62
CA LYS D 381 14.67 -55.83 15.31
C LYS D 381 15.33 -54.79 14.41
N GLU D 382 14.77 -53.59 14.37
CA GLU D 382 15.31 -52.53 13.53
C GLU D 382 16.67 -52.05 14.01
N GLU D 383 16.97 -52.29 15.29
CA GLU D 383 18.27 -51.88 15.82
C GLU D 383 19.27 -53.02 15.73
N LYS D 384 18.92 -54.02 14.92
CA LYS D 384 19.79 -55.17 14.66
C LYS D 384 20.08 -56.13 15.82
N CYS D 385 19.16 -56.28 16.76
CA CYS D 385 19.38 -57.24 17.83
C CYS D 385 19.20 -58.61 17.20
N GLU D 386 19.98 -59.59 17.65
CA GLU D 386 19.89 -60.94 17.09
C GLU D 386 18.98 -61.77 17.98
N PHE D 387 18.09 -62.55 17.35
CA PHE D 387 17.16 -63.40 18.08
C PHE D 387 17.56 -64.87 18.02
N LEU D 388 17.70 -65.49 19.18
CA LEU D 388 18.07 -66.90 19.25
C LEU D 388 16.98 -67.70 19.97
N PRO D 389 16.15 -68.43 19.21
CA PRO D 389 15.07 -69.24 19.79
C PRO D 389 15.47 -70.62 20.27
N PHE D 390 14.54 -71.25 21.00
CA PHE D 390 14.69 -72.59 21.54
C PHE D 390 15.98 -72.88 22.31
N LEU D 391 16.30 -72.01 23.26
CA LEU D 391 17.49 -72.18 24.07
C LEU D 391 17.17 -71.94 25.54
N SER D 392 17.69 -72.81 26.39
CA SER D 392 17.50 -72.71 27.83
C SER D 392 18.87 -72.64 28.51
N PRO D 393 19.10 -71.59 29.32
CA PRO D 393 20.38 -71.42 30.01
C PRO D 393 20.70 -72.56 30.96
N ARG D 394 21.96 -72.97 30.96
CA ARG D 394 22.37 -74.05 31.84
C ARG D 394 23.59 -73.66 32.67
N LYS D 395 24.46 -72.84 32.11
CA LYS D 395 25.66 -72.47 32.84
C LYS D 395 26.28 -71.16 32.37
N VAL D 396 26.84 -70.42 33.32
CA VAL D 396 27.49 -69.16 33.02
C VAL D 396 28.97 -69.40 33.26
N ILE D 397 29.75 -69.32 32.20
CA ILE D 397 31.17 -69.54 32.31
C ILE D 397 31.83 -68.25 32.75
N VAL D 398 32.48 -68.31 33.91
CA VAL D 398 33.17 -67.16 34.46
C VAL D 398 34.66 -67.45 34.56
N LYS D 399 35.46 -66.58 33.95
CA LYS D 399 36.90 -66.71 33.96
C LYS D 399 37.51 -65.37 34.35
N GLY D 400 38.46 -65.40 35.27
CA GLY D 400 39.11 -64.19 35.71
C GLY D 400 38.14 -63.17 36.30
N GLY D 401 37.11 -63.66 36.98
CA GLY D 401 36.14 -62.77 37.60
C GLY D 401 35.14 -62.14 36.65
N ARG D 402 35.13 -62.59 35.40
CA ARG D 402 34.21 -62.04 34.41
C ARG D 402 33.50 -63.14 33.62
N ILE D 403 32.24 -62.88 33.27
CA ILE D 403 31.47 -63.83 32.48
C ILE D 403 32.11 -63.81 31.10
N VAL D 404 32.27 -64.98 30.48
CA VAL D 404 32.87 -65.03 29.15
C VAL D 404 31.94 -65.76 28.19
N ALA D 405 30.96 -66.44 28.75
CA ALA D 405 30.03 -67.18 27.92
C ALA D 405 28.93 -67.78 28.75
N VAL D 406 27.86 -68.17 28.05
CA VAL D 406 26.74 -68.83 28.70
C VAL D 406 26.46 -70.07 27.89
N GLN D 407 26.34 -71.20 28.57
CA GLN D 407 26.05 -72.46 27.90
C GLN D 407 24.57 -72.78 27.99
N PHE D 408 23.97 -73.08 26.84
CA PHE D 408 22.55 -73.41 26.78
C PHE D 408 22.32 -74.83 26.25
N VAL D 409 21.09 -75.28 26.37
CA VAL D 409 20.66 -76.58 25.85
C VAL D 409 19.44 -76.30 24.99
N ARG D 410 19.29 -77.10 23.97
CA ARG D 410 18.18 -76.94 23.07
C ARG D 410 16.82 -77.30 23.68
N THR D 411 15.75 -76.67 23.19
CA THR D 411 14.41 -76.95 23.69
C THR D 411 13.49 -77.30 22.52
N GLU D 412 12.38 -77.98 22.81
CA GLU D 412 11.41 -78.38 21.78
C GLU D 412 10.04 -78.77 22.37
N GLN D 413 9.08 -79.01 21.48
CA GLN D 413 7.72 -79.37 21.91
C GLN D 413 7.27 -80.74 21.41
N ASP D 414 6.58 -81.51 22.26
CA ASP D 414 6.10 -82.81 21.82
C ASP D 414 4.66 -82.66 21.33
N GLU D 415 4.29 -83.45 20.33
CA GLU D 415 2.96 -83.41 19.71
C GLU D 415 1.74 -83.06 20.57
N THR D 416 1.93 -82.98 21.88
CA THR D 416 0.84 -82.62 22.78
C THR D 416 0.96 -81.16 23.22
N GLY D 417 2.17 -80.63 23.16
CA GLY D 417 2.43 -79.26 23.53
C GLY D 417 3.39 -79.00 24.70
N LYS D 418 3.93 -80.05 25.30
CA LYS D 418 4.84 -79.92 26.43
C LYS D 418 6.30 -79.70 25.99
N TRP D 419 6.96 -78.68 26.56
CA TRP D 419 8.34 -78.34 26.23
C TRP D 419 9.43 -79.13 26.94
N ASN D 420 10.37 -79.65 26.15
CA ASN D 420 11.46 -80.45 26.71
C ASN D 420 12.82 -79.86 26.37
N GLU D 421 13.85 -80.29 27.11
CA GLU D 421 15.19 -79.81 26.89
C GLU D 421 16.12 -80.95 26.48
N ASP D 422 16.79 -80.76 25.34
CA ASP D 422 17.69 -81.76 24.80
C ASP D 422 19.12 -81.54 25.31
N GLU D 423 19.54 -82.38 26.25
CA GLU D 423 20.86 -82.31 26.89
C GLU D 423 22.08 -82.51 25.99
N ASP D 424 21.96 -83.39 25.00
CA ASP D 424 23.07 -83.67 24.10
C ASP D 424 23.27 -82.59 23.05
N GLN D 425 22.36 -81.63 23.04
CA GLN D 425 22.40 -80.55 22.07
C GLN D 425 22.61 -79.23 22.79
N ILE D 426 23.87 -78.80 22.83
CA ILE D 426 24.26 -77.58 23.53
C ILE D 426 24.79 -76.44 22.68
N VAL D 427 24.83 -75.25 23.31
CA VAL D 427 25.31 -74.03 22.68
C VAL D 427 26.24 -73.30 23.63
N HIS D 428 27.40 -72.89 23.12
CA HIS D 428 28.38 -72.14 23.91
C HIS D 428 28.39 -70.74 23.31
N LEU D 429 27.54 -69.87 23.84
CA LEU D 429 27.45 -68.50 23.34
C LEU D 429 28.34 -67.51 24.09
N LYS D 430 29.28 -66.92 23.37
CA LYS D 430 30.20 -65.93 23.93
C LYS D 430 29.44 -64.68 24.33
N ALA D 431 29.76 -64.15 25.50
CA ALA D 431 29.10 -62.95 25.98
C ALA D 431 29.89 -62.31 27.10
N ASP D 432 29.78 -61.00 27.23
CA ASP D 432 30.48 -60.28 28.28
C ASP D 432 29.51 -59.81 29.35
N VAL D 433 28.24 -59.68 28.96
CA VAL D 433 27.20 -59.24 29.87
C VAL D 433 25.95 -60.09 29.71
N VAL D 434 25.31 -60.42 30.82
CA VAL D 434 24.08 -61.22 30.80
C VAL D 434 23.02 -60.48 31.61
N ILE D 435 21.85 -60.30 31.02
CA ILE D 435 20.74 -59.62 31.68
C ILE D 435 19.53 -60.53 31.69
N SER D 436 19.10 -60.96 32.87
CA SER D 436 17.92 -61.82 32.95
C SER D 436 16.68 -60.93 32.95
N ALA D 437 15.76 -61.22 32.04
CA ALA D 437 14.53 -60.44 31.92
C ALA D 437 13.35 -61.38 31.83
N PHE D 438 13.28 -62.31 32.77
CA PHE D 438 12.22 -63.31 32.83
C PHE D 438 10.89 -62.76 33.33
N GLY D 439 10.95 -61.65 34.06
CA GLY D 439 9.74 -61.07 34.61
C GLY D 439 9.90 -60.66 36.06
N SER D 440 8.78 -60.44 36.73
CA SER D 440 8.82 -60.03 38.14
C SER D 440 7.84 -60.80 39.01
N VAL D 441 8.04 -60.73 40.32
CA VAL D 441 7.20 -61.43 41.28
C VAL D 441 7.17 -60.69 42.62
N LEU D 442 6.34 -61.18 43.54
CA LEU D 442 6.24 -60.64 44.89
C LEU D 442 6.76 -61.77 45.76
N ARG D 443 7.86 -61.51 46.44
CA ARG D 443 8.48 -62.54 47.23
C ARG D 443 9.06 -62.14 48.60
N ASP D 444 8.99 -60.86 48.88
CA ASP D 444 9.52 -60.35 50.14
C ASP D 444 8.58 -60.80 51.27
N PRO D 445 9.06 -61.70 52.15
CA PRO D 445 8.20 -62.15 53.25
C PRO D 445 7.74 -61.02 54.18
N LYS D 446 8.57 -59.99 54.30
CA LYS D 446 8.23 -58.86 55.16
C LYS D 446 7.10 -58.03 54.55
N VAL D 447 7.03 -58.01 53.23
CA VAL D 447 5.97 -57.26 52.54
C VAL D 447 4.67 -58.06 52.64
N LYS D 448 4.77 -59.36 52.43
CA LYS D 448 3.59 -60.23 52.50
C LYS D 448 3.01 -60.22 53.91
N GLU D 449 3.88 -60.20 54.91
CA GLU D 449 3.43 -60.20 56.30
C GLU D 449 2.71 -58.89 56.61
N ALA D 450 3.13 -57.80 55.99
CA ALA D 450 2.51 -56.51 56.21
C ALA D 450 1.07 -56.48 55.67
N LEU D 451 0.74 -57.43 54.81
CA LEU D 451 -0.60 -57.51 54.23
C LEU D 451 -1.55 -58.40 55.04
N SER D 452 -1.07 -58.90 56.18
CA SER D 452 -1.89 -59.75 57.02
C SER D 452 -3.13 -58.96 57.44
N PRO D 453 -4.31 -59.61 57.50
CA PRO D 453 -4.54 -61.03 57.23
C PRO D 453 -5.26 -61.32 55.92
N ILE D 454 -5.07 -60.51 54.90
CA ILE D 454 -5.78 -60.76 53.64
C ILE D 454 -5.38 -62.09 53.02
N LYS D 455 -6.32 -62.72 52.31
CA LYS D 455 -6.09 -63.99 51.66
C LYS D 455 -5.22 -63.89 50.41
N PHE D 456 -4.35 -64.86 50.22
CA PHE D 456 -3.49 -64.93 49.04
C PHE D 456 -3.92 -66.17 48.26
N ASN D 457 -3.96 -66.07 46.94
CA ASN D 457 -4.37 -67.20 46.12
C ASN D 457 -3.24 -68.18 45.85
N ARG D 458 -3.52 -69.13 44.95
CA ARG D 458 -2.56 -70.16 44.56
C ARG D 458 -1.30 -69.59 43.93
N TRP D 459 -1.40 -68.42 43.34
CA TRP D 459 -0.25 -67.77 42.71
C TRP D 459 0.52 -66.96 43.73
N ASP D 460 0.10 -67.07 44.98
CA ASP D 460 0.74 -66.37 46.08
C ASP D 460 0.66 -64.86 45.90
N LEU D 461 -0.47 -64.40 45.39
CA LEU D 461 -0.73 -62.98 45.20
C LEU D 461 -2.02 -62.64 45.93
N PRO D 462 -2.19 -61.37 46.32
CA PRO D 462 -3.41 -60.97 47.05
C PRO D 462 -4.64 -61.32 46.22
N GLU D 463 -5.58 -62.03 46.84
CA GLU D 463 -6.81 -62.42 46.14
C GLU D 463 -7.81 -61.28 46.18
N VAL D 464 -8.39 -60.96 45.03
CA VAL D 464 -9.38 -59.89 44.97
C VAL D 464 -10.60 -60.29 44.12
N ASP D 465 -11.73 -59.67 44.41
CA ASP D 465 -12.94 -59.93 43.62
C ASP D 465 -12.63 -59.18 42.32
N PRO D 466 -12.73 -59.86 41.17
CA PRO D 466 -12.45 -59.21 39.89
C PRO D 466 -13.35 -58.05 39.49
N GLU D 467 -14.50 -57.91 40.15
CA GLU D 467 -15.41 -56.81 39.82
C GLU D 467 -15.23 -55.62 40.76
N THR D 468 -15.01 -55.88 42.04
CA THR D 468 -14.88 -54.81 43.03
C THR D 468 -13.45 -54.48 43.43
N MET D 469 -12.51 -55.36 43.09
CA MET D 469 -11.09 -55.19 43.43
C MET D 469 -10.86 -55.27 44.95
N GLN D 470 -11.87 -55.76 45.66
CA GLN D 470 -11.81 -55.89 47.12
C GLN D 470 -11.13 -57.19 47.55
N THR D 471 -10.27 -57.10 48.57
CA THR D 471 -9.58 -58.28 49.08
C THR D 471 -10.50 -58.94 50.09
N SER D 472 -9.98 -59.94 50.82
CA SER D 472 -10.76 -60.64 51.83
C SER D 472 -11.13 -59.71 52.99
N GLU D 473 -10.39 -58.61 53.12
CA GLU D 473 -10.68 -57.61 54.16
C GLU D 473 -11.45 -56.50 53.44
N PRO D 474 -12.69 -56.23 53.87
CA PRO D 474 -13.60 -55.21 53.30
C PRO D 474 -13.00 -53.84 53.04
N TRP D 475 -12.12 -53.39 53.93
CA TRP D 475 -11.53 -52.06 53.79
C TRP D 475 -10.27 -52.03 52.95
N VAL D 476 -9.81 -53.18 52.47
CA VAL D 476 -8.60 -53.22 51.67
C VAL D 476 -8.86 -53.69 50.25
N PHE D 477 -8.37 -52.90 49.29
CA PHE D 477 -8.53 -53.20 47.87
C PHE D 477 -7.15 -53.31 47.23
N ALA D 478 -7.08 -53.86 46.03
CA ALA D 478 -5.80 -54.00 45.34
C ALA D 478 -6.00 -53.96 43.83
N GLY D 479 -4.95 -53.55 43.12
CA GLY D 479 -5.06 -53.49 41.66
C GLY D 479 -3.69 -53.33 41.02
N GLY D 480 -3.63 -53.55 39.72
CA GLY D 480 -2.37 -53.42 39.02
C GLY D 480 -1.63 -54.73 38.95
N ASP D 481 -0.34 -54.67 38.67
CA ASP D 481 0.49 -55.86 38.57
C ASP D 481 0.39 -56.81 39.75
N ILE D 482 0.23 -56.27 40.96
CA ILE D 482 0.14 -57.08 42.17
C ILE D 482 -0.98 -58.13 42.13
N VAL D 483 -2.06 -57.83 41.43
CA VAL D 483 -3.19 -58.75 41.31
C VAL D 483 -2.86 -59.91 40.38
N GLY D 484 -1.87 -59.69 39.51
CA GLY D 484 -1.44 -60.73 38.59
C GLY D 484 -2.35 -61.09 37.43
N MET D 485 -3.31 -60.21 37.09
CA MET D 485 -4.21 -60.51 35.99
C MET D 485 -3.76 -59.91 34.68
N ALA D 486 -3.28 -58.68 34.74
CA ALA D 486 -2.82 -57.98 33.55
C ALA D 486 -1.41 -57.47 33.71
N ASN D 487 -0.81 -57.05 32.60
CA ASN D 487 0.56 -56.56 32.60
C ASN D 487 0.72 -55.36 31.67
N THR D 488 -0.20 -54.40 31.76
CA THR D 488 -0.11 -53.20 30.93
C THR D 488 -0.47 -51.99 31.77
N THR D 489 0.03 -50.83 31.36
CA THR D 489 -0.25 -49.61 32.10
C THR D 489 -1.76 -49.32 32.12
N VAL D 490 -2.41 -49.43 30.96
CA VAL D 490 -3.84 -49.13 30.89
C VAL D 490 -4.71 -50.05 31.74
N GLU D 491 -4.34 -51.33 31.84
CA GLU D 491 -5.13 -52.24 32.65
C GLU D 491 -4.91 -51.94 34.13
N SER D 492 -3.71 -51.49 34.49
CA SER D 492 -3.40 -51.15 35.87
C SER D 492 -4.20 -49.89 36.21
N VAL D 493 -4.26 -48.96 35.27
CA VAL D 493 -5.03 -47.74 35.45
C VAL D 493 -6.49 -48.12 35.65
N ASN D 494 -6.97 -49.07 34.84
CA ASN D 494 -8.36 -49.49 34.95
C ASN D 494 -8.66 -50.16 36.28
N ASP D 495 -7.71 -50.91 36.81
CA ASP D 495 -7.90 -51.57 38.10
C ASP D 495 -8.12 -50.52 39.18
N GLY D 496 -7.33 -49.44 39.13
CA GLY D 496 -7.46 -48.39 40.12
C GLY D 496 -8.79 -47.69 39.98
N LYS D 497 -9.21 -47.49 38.72
CA LYS D 497 -10.48 -46.84 38.40
C LYS D 497 -11.64 -47.67 38.95
N GLN D 498 -11.62 -48.96 38.64
CA GLN D 498 -12.63 -49.91 39.10
C GLN D 498 -12.69 -49.89 40.63
N ALA D 499 -11.52 -49.98 41.27
CA ALA D 499 -11.43 -49.99 42.72
C ALA D 499 -11.99 -48.74 43.37
N SER D 500 -11.75 -47.58 42.75
CA SER D 500 -12.21 -46.31 43.31
C SER D 500 -13.71 -46.28 43.58
N TRP D 501 -14.51 -46.83 42.66
CA TRP D 501 -15.95 -46.81 42.87
C TRP D 501 -16.36 -47.66 44.08
N TYR D 502 -15.79 -48.84 44.21
CA TYR D 502 -16.15 -49.70 45.32
C TYR D 502 -15.55 -49.27 46.65
N ILE D 503 -14.44 -48.52 46.60
CA ILE D 503 -13.84 -48.00 47.82
C ILE D 503 -14.82 -46.93 48.30
N HIS D 504 -15.32 -46.15 47.34
CA HIS D 504 -16.29 -45.08 47.60
C HIS D 504 -17.56 -45.68 48.23
N LYS D 505 -18.06 -46.76 47.63
CA LYS D 505 -19.25 -47.42 48.14
C LYS D 505 -19.00 -47.89 49.58
N TYR D 506 -17.85 -48.50 49.80
CA TYR D 506 -17.49 -49.02 51.12
C TYR D 506 -17.43 -47.93 52.19
N ILE D 507 -16.67 -46.86 51.91
CA ILE D 507 -16.52 -45.78 52.86
C ILE D 507 -17.85 -45.12 53.19
N GLN D 508 -18.65 -44.85 52.16
CA GLN D 508 -19.95 -44.22 52.37
C GLN D 508 -20.81 -45.08 53.28
N ALA D 509 -20.80 -46.39 53.04
CA ALA D 509 -21.57 -47.33 53.86
C ALA D 509 -21.10 -47.31 55.31
N GLN D 510 -19.79 -47.17 55.49
CA GLN D 510 -19.22 -47.13 56.84
C GLN D 510 -19.75 -45.92 57.59
N TYR D 511 -20.06 -44.85 56.86
CA TYR D 511 -20.60 -43.64 57.47
C TYR D 511 -22.14 -43.61 57.39
N GLY D 512 -22.73 -44.76 57.09
CA GLY D 512 -24.18 -44.86 57.01
C GLY D 512 -24.85 -44.17 55.84
N ALA D 513 -24.13 -44.07 54.72
CA ALA D 513 -24.67 -43.43 53.52
C ALA D 513 -24.69 -44.42 52.36
N SER D 514 -25.71 -44.30 51.51
CA SER D 514 -25.84 -45.18 50.36
C SER D 514 -25.28 -44.49 49.12
N VAL D 515 -25.02 -45.28 48.09
CA VAL D 515 -24.51 -44.74 46.83
C VAL D 515 -25.41 -45.21 45.70
N SER D 516 -25.36 -44.51 44.57
CA SER D 516 -26.18 -44.88 43.43
C SER D 516 -25.90 -46.32 43.01
N ALA D 517 -26.95 -47.02 42.60
CA ALA D 517 -26.79 -48.42 42.18
C ALA D 517 -25.91 -48.42 40.93
N LYS D 518 -26.09 -47.40 40.10
CA LYS D 518 -25.34 -47.24 38.87
C LYS D 518 -24.05 -46.45 39.11
N PRO D 519 -22.89 -47.04 38.79
CA PRO D 519 -21.60 -46.36 38.99
C PRO D 519 -21.56 -44.97 38.36
N GLU D 520 -21.05 -44.00 39.09
CA GLU D 520 -20.97 -42.63 38.60
C GLU D 520 -19.63 -41.95 38.83
N LEU D 521 -18.56 -42.44 38.21
CA LEU D 521 -17.27 -41.81 38.36
C LEU D 521 -17.29 -40.50 37.58
N PRO D 522 -16.81 -39.41 38.19
CA PRO D 522 -16.78 -38.09 37.54
C PRO D 522 -15.82 -38.00 36.35
N LEU D 523 -16.09 -37.04 35.47
CA LEU D 523 -15.27 -36.80 34.30
C LEU D 523 -14.08 -35.94 34.76
N PHE D 524 -13.23 -35.57 33.81
CA PHE D 524 -12.04 -34.75 34.06
C PHE D 524 -12.40 -33.30 33.74
N TYR D 525 -12.10 -32.38 34.66
CA TYR D 525 -12.40 -30.96 34.45
C TYR D 525 -11.20 -30.02 34.63
N THR D 526 -11.29 -28.86 33.99
CA THR D 526 -10.25 -27.83 34.08
C THR D 526 -10.98 -26.49 34.06
N PRO D 527 -10.26 -25.37 34.30
CA PRO D 527 -10.89 -24.05 34.29
C PRO D 527 -11.58 -23.71 32.96
N VAL D 528 -11.15 -24.36 31.89
CA VAL D 528 -11.73 -24.10 30.58
C VAL D 528 -13.22 -24.42 30.59
N ASP D 529 -13.60 -25.44 31.35
CA ASP D 529 -14.99 -25.85 31.43
C ASP D 529 -15.91 -24.83 32.06
N LEU D 530 -15.33 -23.84 32.74
CA LEU D 530 -16.14 -22.80 33.40
C LEU D 530 -16.40 -21.62 32.48
N VAL D 531 -15.79 -21.61 31.29
CA VAL D 531 -15.96 -20.51 30.36
C VAL D 531 -17.41 -20.41 29.89
N ASP D 532 -17.94 -19.20 29.93
CA ASP D 532 -19.32 -18.93 29.52
C ASP D 532 -19.41 -18.71 28.02
N ILE D 533 -20.16 -19.56 27.32
CA ILE D 533 -20.31 -19.39 25.88
C ILE D 533 -21.74 -19.04 25.49
N SER D 534 -22.48 -18.43 26.40
CA SER D 534 -23.86 -18.04 26.09
C SER D 534 -23.79 -16.74 25.28
N VAL D 535 -24.88 -16.43 24.60
CA VAL D 535 -24.93 -15.21 23.78
C VAL D 535 -26.38 -14.75 23.66
N GLU D 536 -26.56 -13.43 23.59
CA GLU D 536 -27.88 -12.85 23.45
C GLU D 536 -28.01 -12.25 22.05
N MET D 537 -29.14 -12.52 21.40
CA MET D 537 -29.37 -12.00 20.06
C MET D 537 -30.86 -11.76 19.81
N ALA D 538 -31.18 -10.56 19.34
CA ALA D 538 -32.56 -10.18 19.04
C ALA D 538 -33.47 -10.42 20.25
N GLY D 539 -32.95 -10.17 21.44
CA GLY D 539 -33.74 -10.35 22.65
C GLY D 539 -33.87 -11.79 23.11
N LEU D 540 -33.19 -12.71 22.43
CA LEU D 540 -33.25 -14.12 22.79
C LEU D 540 -31.95 -14.54 23.47
N LYS D 541 -32.06 -15.43 24.45
CA LYS D 541 -30.89 -15.91 25.17
C LYS D 541 -30.54 -17.32 24.75
N PHE D 542 -29.33 -17.50 24.22
CA PHE D 542 -28.86 -18.82 23.79
C PHE D 542 -27.84 -19.34 24.79
N ILE D 543 -28.03 -20.56 25.27
CA ILE D 543 -27.10 -21.12 26.24
C ILE D 543 -25.72 -21.35 25.61
N ASN D 544 -25.72 -21.57 24.30
CA ASN D 544 -24.49 -21.71 23.52
C ASN D 544 -24.91 -21.29 22.11
N PRO D 545 -23.96 -20.84 21.28
CA PRO D 545 -24.29 -20.40 19.92
C PRO D 545 -24.53 -21.42 18.81
N PHE D 546 -24.52 -22.71 19.16
CA PHE D 546 -24.70 -23.75 18.15
C PHE D 546 -26.12 -24.27 18.05
N GLY D 547 -26.61 -24.40 16.81
CA GLY D 547 -27.96 -24.89 16.60
C GLY D 547 -28.11 -25.67 15.31
N LEU D 548 -29.20 -26.42 15.21
CA LEU D 548 -29.48 -27.21 14.02
C LEU D 548 -30.22 -26.35 13.01
N ALA D 549 -29.73 -26.32 11.78
CA ALA D 549 -30.38 -25.55 10.72
C ALA D 549 -31.65 -26.29 10.32
N SER D 550 -32.51 -25.61 9.57
CA SER D 550 -33.75 -26.23 9.09
C SER D 550 -33.26 -27.18 8.00
N ALA D 551 -33.23 -28.47 8.29
CA ALA D 551 -32.73 -29.44 7.31
C ALA D 551 -33.00 -30.89 7.70
N ALA D 552 -32.28 -31.82 7.06
CA ALA D 552 -32.46 -33.24 7.33
C ALA D 552 -32.35 -33.59 8.82
N PRO D 553 -31.37 -33.00 9.53
CA PRO D 553 -31.25 -33.32 10.96
C PRO D 553 -32.46 -32.88 11.78
N THR D 554 -33.33 -32.05 11.20
CA THR D 554 -34.54 -31.62 11.92
C THR D 554 -35.80 -32.12 11.22
N THR D 555 -35.67 -33.27 10.57
CA THR D 555 -36.77 -33.92 9.85
C THR D 555 -37.96 -34.21 10.76
N SER D 556 -37.67 -34.63 11.99
CA SER D 556 -38.72 -34.95 12.96
C SER D 556 -38.41 -34.25 14.27
N SER D 557 -39.45 -33.82 14.99
CA SER D 557 -39.27 -33.13 16.26
C SER D 557 -38.61 -34.04 17.30
N SER D 558 -38.75 -35.35 17.14
CA SER D 558 -38.14 -36.31 18.06
C SER D 558 -36.62 -36.19 17.97
N MET D 559 -36.14 -35.79 16.79
CA MET D 559 -34.73 -35.61 16.55
C MET D 559 -34.26 -34.34 17.26
N ILE D 560 -35.06 -33.30 17.19
CA ILE D 560 -34.72 -32.04 17.86
C ILE D 560 -34.65 -32.30 19.36
N ARG D 561 -35.56 -33.12 19.88
CA ARG D 561 -35.57 -33.45 21.30
C ARG D 561 -34.23 -34.09 21.70
N ARG D 562 -33.78 -35.05 20.90
CA ARG D 562 -32.51 -35.70 21.22
C ARG D 562 -31.33 -34.75 21.08
N ALA D 563 -31.42 -33.79 20.17
CA ALA D 563 -30.36 -32.80 19.98
C ALA D 563 -30.27 -31.92 21.23
N PHE D 564 -31.42 -31.50 21.74
CA PHE D 564 -31.43 -30.67 22.96
C PHE D 564 -30.89 -31.46 24.13
N GLU D 565 -31.22 -32.76 24.18
CA GLU D 565 -30.72 -33.60 25.25
C GLU D 565 -29.21 -33.71 25.14
N ALA D 566 -28.69 -33.67 23.92
CA ALA D 566 -27.25 -33.75 23.69
C ALA D 566 -26.57 -32.44 24.08
N GLY D 567 -27.31 -31.34 24.06
CA GLY D 567 -26.72 -30.07 24.43
C GLY D 567 -26.78 -28.93 23.43
N TRP D 568 -27.41 -29.15 22.28
CA TRP D 568 -27.50 -28.09 21.27
C TRP D 568 -28.23 -26.88 21.83
N GLY D 569 -27.69 -25.70 21.57
CA GLY D 569 -28.29 -24.47 22.07
C GLY D 569 -29.65 -24.13 21.47
N PHE D 570 -29.84 -24.40 20.19
CA PHE D 570 -31.11 -24.10 19.56
C PHE D 570 -31.33 -24.98 18.35
N ALA D 571 -32.52 -24.89 17.76
CA ALA D 571 -32.83 -25.70 16.60
C ALA D 571 -33.96 -25.08 15.79
N LEU D 572 -33.88 -25.28 14.48
CA LEU D 572 -34.90 -24.82 13.55
C LEU D 572 -35.74 -26.02 13.21
N THR D 573 -37.03 -25.83 13.01
CA THR D 573 -37.86 -26.94 12.59
C THR D 573 -37.58 -27.03 11.09
N LYS D 574 -37.88 -28.18 10.50
CA LYS D 574 -37.73 -28.32 9.06
C LYS D 574 -38.80 -27.32 8.59
N THR D 575 -38.56 -26.65 7.47
CA THR D 575 -39.53 -25.68 6.97
C THR D 575 -40.90 -26.32 6.76
N PHE D 576 -41.96 -25.72 7.30
CA PHE D 576 -43.30 -26.27 7.09
C PHE D 576 -44.22 -25.19 6.52
N SER D 577 -45.39 -25.60 6.04
CA SER D 577 -46.31 -24.66 5.43
C SER D 577 -47.76 -25.02 5.69
N LEU D 578 -48.66 -24.23 5.11
CA LEU D 578 -50.09 -24.47 5.27
C LEU D 578 -50.44 -25.77 4.53
N ASP D 579 -51.55 -26.40 4.93
CA ASP D 579 -51.98 -27.66 4.33
C ASP D 579 -52.09 -27.62 2.80
N LYS D 580 -52.61 -26.51 2.26
CA LYS D 580 -52.76 -26.39 0.82
C LYS D 580 -51.44 -26.43 0.05
N ASP D 581 -50.33 -26.20 0.74
CA ASP D 581 -49.02 -26.21 0.10
C ASP D 581 -48.24 -27.50 0.37
N ILE D 582 -48.95 -28.55 0.75
CA ILE D 582 -48.33 -29.85 1.04
C ILE D 582 -47.45 -30.33 -0.13
N VAL D 583 -46.30 -30.92 0.20
CA VAL D 583 -45.38 -31.42 -0.81
C VAL D 583 -45.07 -32.90 -0.63
N THR D 584 -44.47 -33.49 -1.66
CA THR D 584 -44.09 -34.90 -1.65
C THR D 584 -42.68 -35.00 -2.22
N ASN D 585 -41.77 -35.58 -1.46
CA ASN D 585 -40.39 -35.71 -1.89
C ASN D 585 -40.21 -36.84 -2.89
N VAL D 586 -39.10 -36.78 -3.63
CA VAL D 586 -38.75 -37.82 -4.59
C VAL D 586 -37.53 -38.49 -3.97
N SER D 587 -37.08 -39.58 -4.57
CA SER D 587 -35.88 -40.28 -4.11
C SER D 587 -35.21 -40.90 -5.33
N PRO D 588 -33.87 -40.91 -5.37
CA PRO D 588 -32.93 -40.38 -4.37
C PRO D 588 -32.97 -38.84 -4.35
N ARG D 589 -32.58 -38.23 -3.23
CA ARG D 589 -32.62 -36.78 -3.15
C ARG D 589 -31.45 -36.09 -2.45
N ILE D 590 -30.57 -36.85 -1.81
CA ILE D 590 -29.42 -36.25 -1.14
C ILE D 590 -28.20 -37.06 -1.53
N VAL D 591 -27.21 -36.42 -2.14
CA VAL D 591 -26.00 -37.13 -2.57
C VAL D 591 -24.72 -36.48 -2.04
N ARG D 592 -23.65 -37.27 -2.02
CA ARG D 592 -22.38 -36.77 -1.52
C ARG D 592 -21.77 -35.82 -2.56
N GLY D 593 -20.95 -34.90 -2.07
CA GLY D 593 -20.32 -33.96 -2.97
C GLY D 593 -19.11 -34.58 -3.65
N THR D 594 -18.79 -34.06 -4.83
CA THR D 594 -17.66 -34.53 -5.61
C THR D 594 -16.61 -33.42 -5.57
N THR D 595 -16.85 -32.45 -4.70
CA THR D 595 -15.98 -31.28 -4.54
C THR D 595 -14.56 -31.51 -4.03
N SER D 596 -14.26 -32.71 -3.54
CA SER D 596 -12.90 -33.00 -3.09
C SER D 596 -12.40 -34.36 -3.58
N GLY D 597 -12.90 -34.77 -4.74
CA GLY D 597 -12.47 -36.02 -5.32
C GLY D 597 -13.13 -37.29 -4.81
N PRO D 598 -12.67 -38.46 -5.31
CA PRO D 598 -13.19 -39.76 -4.92
C PRO D 598 -12.79 -40.27 -3.54
N MET D 599 -13.14 -39.50 -2.51
CA MET D 599 -12.85 -39.94 -1.16
C MET D 599 -14.19 -40.11 -0.47
N TYR D 600 -14.43 -41.33 -0.03
CA TYR D 600 -15.70 -41.66 0.59
C TYR D 600 -15.58 -41.83 2.10
N GLY D 601 -16.72 -41.81 2.76
CA GLY D 601 -16.72 -41.99 4.19
C GLY D 601 -16.83 -40.69 4.96
N PRO D 602 -16.11 -40.56 6.08
CA PRO D 602 -16.16 -39.35 6.90
C PRO D 602 -15.72 -38.07 6.23
N GLY D 603 -16.24 -36.96 6.72
CA GLY D 603 -15.87 -35.65 6.22
C GLY D 603 -16.13 -35.31 4.76
N GLN D 604 -17.31 -35.64 4.25
CA GLN D 604 -17.62 -35.28 2.87
C GLN D 604 -17.56 -33.75 2.81
N SER D 605 -16.91 -33.21 1.78
CA SER D 605 -16.74 -31.77 1.65
C SER D 605 -18.01 -31.00 1.28
N SER D 606 -19.06 -31.72 0.92
CA SER D 606 -20.34 -31.11 0.57
C SER D 606 -21.37 -32.17 0.28
N PHE D 607 -22.62 -31.73 0.15
CA PHE D 607 -23.73 -32.60 -0.21
C PHE D 607 -24.57 -31.76 -1.17
N LEU D 608 -25.38 -32.42 -1.97
CA LEU D 608 -26.29 -31.73 -2.87
C LEU D 608 -27.62 -32.39 -2.60
N ASN D 609 -28.68 -31.60 -2.47
CA ASN D 609 -29.98 -32.16 -2.21
C ASN D 609 -31.04 -31.51 -3.10
N ILE D 610 -32.09 -32.27 -3.39
CA ILE D 610 -33.22 -31.78 -4.16
C ILE D 610 -34.45 -32.04 -3.30
N GLU D 611 -34.27 -31.90 -1.99
CA GLU D 611 -35.35 -32.11 -1.04
C GLU D 611 -36.24 -30.87 -0.98
N LEU D 612 -37.52 -31.08 -0.68
CA LEU D 612 -38.47 -29.98 -0.58
C LEU D 612 -38.63 -29.63 0.89
N ILE D 613 -39.62 -28.80 1.22
CA ILE D 613 -39.84 -28.47 2.61
C ILE D 613 -40.39 -29.71 3.30
N SER D 614 -40.71 -29.58 4.59
CA SER D 614 -41.22 -30.71 5.37
C SER D 614 -42.45 -31.37 4.76
N GLU D 615 -42.49 -32.69 4.85
CA GLU D 615 -43.64 -33.44 4.35
C GLU D 615 -44.63 -33.57 5.52
N LYS D 616 -44.21 -33.14 6.71
CA LYS D 616 -45.07 -33.21 7.89
C LYS D 616 -45.90 -31.94 7.98
N THR D 617 -47.12 -32.07 8.49
CA THR D 617 -48.06 -30.94 8.59
C THR D 617 -47.73 -29.84 9.59
N ALA D 618 -48.32 -28.68 9.36
CA ALA D 618 -48.15 -27.53 10.25
C ALA D 618 -48.69 -27.92 11.63
N ALA D 619 -49.74 -28.75 11.65
CA ALA D 619 -50.33 -29.19 12.91
C ALA D 619 -49.30 -29.97 13.72
N TYR D 620 -48.59 -30.88 13.04
CA TYR D 620 -47.55 -31.68 13.67
C TYR D 620 -46.45 -30.80 14.23
N TRP D 621 -45.96 -29.87 13.43
CA TRP D 621 -44.89 -28.99 13.87
C TRP D 621 -45.27 -28.04 14.99
N CYS D 622 -46.48 -27.48 14.92
CA CYS D 622 -46.90 -26.56 15.98
C CYS D 622 -47.10 -27.30 17.30
N GLN D 623 -47.66 -28.51 17.26
CA GLN D 623 -47.82 -29.25 18.50
C GLN D 623 -46.44 -29.64 19.01
N SER D 624 -45.53 -29.97 18.09
CA SER D 624 -44.18 -30.35 18.45
C SER D 624 -43.43 -29.20 19.11
N VAL D 625 -43.62 -27.99 18.61
CA VAL D 625 -42.98 -26.81 19.17
C VAL D 625 -43.47 -26.57 20.58
N THR D 626 -44.77 -26.73 20.79
CA THR D 626 -45.34 -26.54 22.12
C THR D 626 -44.69 -27.55 23.08
N GLU D 627 -44.61 -28.80 22.65
CA GLU D 627 -44.02 -29.87 23.45
C GLU D 627 -42.54 -29.60 23.77
N LEU D 628 -41.78 -29.28 22.73
CA LEU D 628 -40.36 -28.99 22.91
C LEU D 628 -40.09 -27.83 23.84
N LYS D 629 -40.84 -26.74 23.69
CA LYS D 629 -40.64 -25.57 24.55
C LYS D 629 -41.08 -25.84 25.99
N ALA D 630 -42.02 -26.75 26.16
CA ALA D 630 -42.48 -27.09 27.51
C ALA D 630 -41.42 -27.91 28.22
N ASP D 631 -40.75 -28.79 27.48
CA ASP D 631 -39.72 -29.65 28.06
C ASP D 631 -38.31 -29.06 28.09
N PHE D 632 -38.03 -28.12 27.18
CA PHE D 632 -36.72 -27.48 27.12
C PHE D 632 -36.89 -25.97 27.02
N PRO D 633 -37.37 -25.35 28.09
CA PRO D 633 -37.59 -23.91 28.12
C PRO D 633 -36.37 -23.02 27.85
N ASP D 634 -35.17 -23.54 28.12
CA ASP D 634 -33.96 -22.76 27.90
C ASP D 634 -33.34 -22.95 26.52
N ASN D 635 -33.81 -23.93 25.77
CA ASN D 635 -33.30 -24.16 24.43
C ASN D 635 -34.20 -23.41 23.44
N ILE D 636 -33.59 -22.62 22.58
CA ILE D 636 -34.36 -21.84 21.62
C ILE D 636 -34.89 -22.65 20.45
N VAL D 637 -36.18 -22.50 20.18
CA VAL D 637 -36.80 -23.20 19.07
C VAL D 637 -37.32 -22.16 18.08
N ILE D 638 -36.83 -22.24 16.85
CA ILE D 638 -37.23 -21.30 15.81
C ILE D 638 -38.02 -22.06 14.75
N ALA D 639 -39.22 -21.58 14.48
CA ALA D 639 -40.07 -22.24 13.49
C ALA D 639 -39.77 -21.71 12.09
N SER D 640 -39.34 -22.59 11.19
CA SER D 640 -39.07 -22.19 9.81
C SER D 640 -40.36 -22.40 9.03
N ILE D 641 -40.82 -21.36 8.34
CA ILE D 641 -42.06 -21.43 7.59
C ILE D 641 -41.94 -20.88 6.18
N MET D 642 -42.83 -21.34 5.31
CA MET D 642 -42.84 -20.90 3.92
C MET D 642 -44.25 -20.79 3.35
N CYS D 643 -44.50 -19.72 2.61
CA CYS D 643 -45.79 -19.48 1.96
C CYS D 643 -45.50 -18.95 0.57
N SER D 644 -46.52 -18.97 -0.30
CA SER D 644 -46.36 -18.42 -1.64
C SER D 644 -46.44 -16.92 -1.39
N TYR D 645 -46.27 -16.12 -2.43
CA TYR D 645 -46.33 -14.67 -2.26
C TYR D 645 -47.77 -14.21 -2.05
N ASN D 646 -48.27 -14.40 -0.83
CA ASN D 646 -49.64 -14.05 -0.48
C ASN D 646 -49.69 -13.52 0.96
N LYS D 647 -50.20 -12.31 1.14
CA LYS D 647 -50.27 -11.70 2.46
C LYS D 647 -51.04 -12.50 3.50
N ASN D 648 -52.26 -12.92 3.18
CA ASN D 648 -53.05 -13.67 4.14
C ASN D 648 -52.38 -14.98 4.56
N ASP D 649 -51.72 -15.64 3.62
CA ASP D 649 -51.04 -16.90 3.92
C ASP D 649 -49.90 -16.70 4.92
N TRP D 650 -49.01 -15.75 4.61
CA TRP D 650 -47.88 -15.50 5.51
C TRP D 650 -48.34 -15.09 6.91
N MET D 651 -49.38 -14.27 6.98
CA MET D 651 -49.87 -13.84 8.28
C MET D 651 -50.51 -15.00 9.04
N GLU D 652 -51.24 -15.86 8.34
CA GLU D 652 -51.91 -17.00 8.95
C GLU D 652 -50.90 -18.00 9.51
N LEU D 653 -49.93 -18.37 8.68
CA LEU D 653 -48.90 -19.34 9.08
C LEU D 653 -47.97 -18.79 10.17
N SER D 654 -47.57 -17.53 10.05
CA SER D 654 -46.69 -16.96 11.06
C SER D 654 -47.40 -16.90 12.41
N ARG D 655 -48.68 -16.57 12.40
CA ARG D 655 -49.44 -16.49 13.65
C ARG D 655 -49.63 -17.87 14.27
N LYS D 656 -49.81 -18.88 13.43
CA LYS D 656 -50.00 -20.24 13.90
C LYS D 656 -48.72 -20.70 14.61
N ALA D 657 -47.58 -20.41 13.98
CA ALA D 657 -46.29 -20.80 14.55
C ALA D 657 -46.02 -20.06 15.86
N GLU D 658 -46.36 -18.77 15.90
CA GLU D 658 -46.15 -17.98 17.10
C GLU D 658 -47.01 -18.51 18.26
N ALA D 659 -48.25 -18.83 17.95
CA ALA D 659 -49.18 -19.33 18.95
C ALA D 659 -48.72 -20.65 19.56
N SER D 660 -47.91 -21.40 18.81
CA SER D 660 -47.42 -22.70 19.29
C SER D 660 -46.34 -22.53 20.36
N GLY D 661 -45.82 -21.32 20.50
CA GLY D 661 -44.80 -21.07 21.50
C GLY D 661 -43.40 -20.93 20.96
N ALA D 662 -43.25 -20.82 19.64
CA ALA D 662 -41.91 -20.68 19.06
C ALA D 662 -41.25 -19.41 19.59
N ASP D 663 -39.94 -19.47 19.84
CA ASP D 663 -39.21 -18.31 20.33
C ASP D 663 -39.07 -17.27 19.23
N ALA D 664 -38.98 -17.74 18.00
CA ALA D 664 -38.84 -16.87 16.85
C ALA D 664 -39.22 -17.64 15.60
N LEU D 665 -39.25 -16.93 14.48
CA LEU D 665 -39.60 -17.54 13.21
C LEU D 665 -38.46 -17.31 12.22
N GLU D 666 -38.33 -18.22 11.25
CA GLU D 666 -37.33 -18.08 10.22
C GLU D 666 -38.14 -18.20 8.93
N LEU D 667 -38.08 -17.17 8.09
CA LEU D 667 -38.83 -17.17 6.86
C LEU D 667 -38.02 -17.77 5.72
N ASN D 668 -38.50 -18.89 5.19
CA ASN D 668 -37.85 -19.55 4.07
C ASN D 668 -38.39 -18.87 2.82
N LEU D 669 -37.51 -18.20 2.08
CA LEU D 669 -37.90 -17.46 0.89
C LEU D 669 -37.59 -18.14 -0.43
N SER D 670 -37.73 -19.47 -0.49
CA SER D 670 -37.42 -20.17 -1.72
C SER D 670 -38.60 -20.42 -2.65
N CYS D 671 -39.80 -19.99 -2.26
CA CYS D 671 -40.97 -20.20 -3.09
C CYS D 671 -40.97 -19.29 -4.33
N PRO D 672 -41.15 -19.88 -5.52
CA PRO D 672 -41.17 -19.09 -6.76
C PRO D 672 -42.28 -18.05 -6.69
N HIS D 673 -42.01 -16.85 -7.19
CA HIS D 673 -43.02 -15.81 -7.18
C HIS D 673 -43.97 -15.95 -8.35
N GLY D 674 -43.47 -16.65 -9.38
CA GLY D 674 -44.25 -16.91 -10.60
C GLY D 674 -44.56 -15.71 -11.45
N MET D 675 -43.71 -14.70 -11.38
CA MET D 675 -43.91 -13.48 -12.18
C MET D 675 -42.86 -13.22 -13.30
N GLY D 676 -43.30 -13.51 -14.52
CA GLY D 676 -42.48 -13.34 -15.73
C GLY D 676 -41.08 -12.92 -15.36
N GLU D 677 -40.69 -11.69 -15.70
CA GLU D 677 -39.35 -11.13 -15.32
C GLU D 677 -39.72 -9.85 -14.59
N ARG D 678 -40.91 -9.93 -14.00
CA ARG D 678 -41.45 -8.84 -13.23
C ARG D 678 -40.92 -8.97 -11.82
N GLY D 679 -40.11 -10.01 -11.60
CA GLY D 679 -39.52 -10.26 -10.30
C GLY D 679 -38.19 -10.94 -10.53
N MET D 680 -37.13 -10.27 -10.09
CA MET D 680 -35.76 -10.73 -10.23
C MET D 680 -35.57 -12.20 -9.86
N GLY D 681 -35.19 -13.01 -10.85
CA GLY D 681 -34.97 -14.42 -10.60
C GLY D 681 -36.28 -15.20 -10.63
N LEU D 682 -36.35 -16.28 -9.85
CA LEU D 682 -37.56 -17.07 -9.80
C LEU D 682 -38.15 -17.12 -8.38
N ALA D 683 -37.25 -17.11 -7.39
CA ALA D 683 -37.67 -17.19 -6.00
C ALA D 683 -37.88 -15.83 -5.35
N CYS D 684 -38.81 -15.77 -4.41
CA CYS D 684 -39.10 -14.53 -3.70
C CYS D 684 -37.82 -13.99 -3.05
N GLY D 685 -37.01 -14.90 -2.53
CA GLY D 685 -35.77 -14.51 -1.87
C GLY D 685 -34.71 -13.86 -2.75
N GLN D 686 -34.95 -13.83 -4.06
CA GLN D 686 -34.00 -13.23 -4.99
C GLN D 686 -34.42 -11.82 -5.42
N ASP D 687 -35.56 -11.37 -4.90
CA ASP D 687 -36.10 -10.04 -5.24
C ASP D 687 -36.27 -9.20 -3.98
N PRO D 688 -35.50 -8.10 -3.86
CA PRO D 688 -35.58 -7.21 -2.69
C PRO D 688 -37.00 -6.73 -2.39
N GLU D 689 -37.74 -6.37 -3.43
CA GLU D 689 -39.12 -5.89 -3.25
C GLU D 689 -40.03 -6.93 -2.63
N LEU D 690 -39.95 -8.16 -3.10
CA LEU D 690 -40.78 -9.24 -2.55
C LEU D 690 -40.38 -9.54 -1.11
N VAL D 691 -39.07 -9.59 -0.84
CA VAL D 691 -38.59 -9.86 0.50
C VAL D 691 -39.09 -8.80 1.49
N ARG D 692 -39.03 -7.54 1.06
CA ARG D 692 -39.48 -6.45 1.93
C ARG D 692 -40.94 -6.63 2.30
N ASN D 693 -41.79 -6.84 1.30
CA ASN D 693 -43.21 -7.01 1.54
C ASN D 693 -43.51 -8.19 2.47
N ILE D 694 -42.92 -9.34 2.19
CA ILE D 694 -43.14 -10.52 3.03
C ILE D 694 -42.78 -10.22 4.49
N CYS D 695 -41.63 -9.58 4.71
CA CYS D 695 -41.24 -9.25 6.08
C CYS D 695 -42.25 -8.30 6.69
N ARG D 696 -42.80 -7.41 5.88
CA ARG D 696 -43.79 -6.46 6.37
C ARG D 696 -45.06 -7.16 6.82
N TRP D 697 -45.46 -8.18 6.06
CA TRP D 697 -46.66 -8.93 6.38
C TRP D 697 -46.47 -9.69 7.69
N VAL D 698 -45.32 -10.34 7.84
CA VAL D 698 -45.04 -11.09 9.06
C VAL D 698 -44.88 -10.18 10.27
N ARG D 699 -44.18 -9.06 10.09
CA ARG D 699 -43.97 -8.12 11.20
C ARG D 699 -45.31 -7.64 11.74
N GLN D 700 -46.25 -7.44 10.83
CA GLN D 700 -47.58 -6.97 11.17
C GLN D 700 -48.46 -8.07 11.78
N ALA D 701 -48.07 -9.33 11.57
CA ALA D 701 -48.83 -10.46 12.09
C ALA D 701 -48.40 -10.99 13.45
N VAL D 702 -47.10 -10.94 13.74
CA VAL D 702 -46.60 -11.46 15.01
C VAL D 702 -45.75 -10.48 15.80
N GLN D 703 -45.55 -10.78 17.08
CA GLN D 703 -44.77 -9.92 17.94
C GLN D 703 -43.41 -10.51 18.28
N ILE D 704 -43.25 -11.82 18.09
CA ILE D 704 -41.97 -12.46 18.38
C ILE D 704 -40.98 -12.11 17.26
N PRO D 705 -39.68 -12.26 17.52
CA PRO D 705 -38.70 -11.94 16.48
C PRO D 705 -38.73 -12.94 15.33
N PHE D 706 -38.37 -12.48 14.14
CA PHE D 706 -38.33 -13.38 13.00
C PHE D 706 -37.13 -12.98 12.15
N PHE D 707 -36.57 -13.98 11.47
CA PHE D 707 -35.41 -13.78 10.63
C PHE D 707 -35.67 -14.26 9.22
N ALA D 708 -35.20 -13.51 8.23
CA ALA D 708 -35.39 -13.88 6.84
C ALA D 708 -34.18 -14.73 6.43
N LYS D 709 -34.43 -15.93 5.90
CA LYS D 709 -33.31 -16.76 5.46
C LYS D 709 -32.99 -16.42 4.03
N LEU D 710 -31.78 -15.89 3.82
CA LEU D 710 -31.35 -15.46 2.51
C LEU D 710 -30.67 -16.52 1.66
N THR D 711 -30.83 -16.39 0.35
CA THR D 711 -30.19 -17.31 -0.59
C THR D 711 -28.94 -16.61 -1.10
N PRO D 712 -27.85 -17.37 -1.29
CA PRO D 712 -26.59 -16.79 -1.78
C PRO D 712 -26.62 -16.71 -3.30
N ASN D 713 -27.69 -17.24 -3.90
CA ASN D 713 -27.85 -17.25 -5.35
C ASN D 713 -28.41 -15.93 -5.87
N VAL D 714 -27.72 -14.84 -5.56
CA VAL D 714 -28.13 -13.50 -5.98
C VAL D 714 -26.89 -12.66 -6.26
N THR D 715 -27.06 -11.63 -7.08
CA THR D 715 -25.96 -10.74 -7.43
C THR D 715 -25.49 -9.93 -6.21
N ASP D 716 -26.46 -9.40 -5.46
CA ASP D 716 -26.16 -8.56 -4.32
C ASP D 716 -26.97 -8.97 -3.09
N ILE D 717 -26.42 -9.87 -2.28
CA ILE D 717 -27.14 -10.34 -1.10
C ILE D 717 -27.41 -9.21 -0.09
N VAL D 718 -26.58 -8.18 -0.08
CA VAL D 718 -26.79 -7.06 0.85
C VAL D 718 -28.12 -6.37 0.56
N SER D 719 -28.47 -6.28 -0.72
CA SER D 719 -29.72 -5.62 -1.11
C SER D 719 -30.92 -6.38 -0.54
N ILE D 720 -30.80 -7.70 -0.44
CA ILE D 720 -31.88 -8.52 0.09
C ILE D 720 -31.92 -8.39 1.61
N ALA D 721 -30.75 -8.40 2.23
CA ALA D 721 -30.68 -8.27 3.69
C ALA D 721 -31.26 -6.92 4.08
N ARG D 722 -30.89 -5.86 3.36
CA ARG D 722 -31.39 -4.53 3.66
C ARG D 722 -32.91 -4.47 3.49
N ALA D 723 -33.43 -5.15 2.48
CA ALA D 723 -34.87 -5.16 2.23
C ALA D 723 -35.60 -5.85 3.38
N ALA D 724 -35.01 -6.90 3.92
CA ALA D 724 -35.61 -7.64 5.02
C ALA D 724 -35.64 -6.74 6.25
N LYS D 725 -34.54 -6.02 6.49
CA LYS D 725 -34.45 -5.11 7.63
C LYS D 725 -35.49 -4.00 7.49
N GLU D 726 -35.61 -3.43 6.28
CA GLU D 726 -36.58 -2.37 6.05
C GLU D 726 -38.01 -2.90 6.24
N GLY D 727 -38.20 -4.18 5.95
CA GLY D 727 -39.51 -4.78 6.09
C GLY D 727 -39.88 -5.07 7.54
N GLY D 728 -38.89 -5.04 8.42
CA GLY D 728 -39.15 -5.28 9.83
C GLY D 728 -38.53 -6.52 10.43
N ALA D 729 -37.73 -7.25 9.64
CA ALA D 729 -37.10 -8.46 10.16
C ALA D 729 -36.16 -8.09 11.29
N ASP D 730 -36.03 -8.99 12.26
CA ASP D 730 -35.16 -8.77 13.41
C ASP D 730 -33.73 -9.23 13.13
N GLY D 731 -33.54 -9.87 11.98
CA GLY D 731 -32.23 -10.34 11.60
C GLY D 731 -32.32 -11.18 10.34
N VAL D 732 -31.19 -11.73 9.91
CA VAL D 732 -31.19 -12.57 8.73
C VAL D 732 -30.32 -13.81 8.92
N THR D 733 -30.70 -14.89 8.25
CA THR D 733 -29.94 -16.12 8.30
C THR D 733 -29.19 -16.17 6.98
N ALA D 734 -27.87 -16.26 7.05
CA ALA D 734 -27.03 -16.29 5.87
C ALA D 734 -26.06 -17.45 5.94
N THR D 735 -26.14 -18.38 5.00
CA THR D 735 -27.12 -18.35 3.90
C THR D 735 -27.68 -19.73 3.64
N ASN D 736 -28.62 -19.83 2.71
CA ASN D 736 -29.18 -21.12 2.36
C ASN D 736 -28.18 -21.79 1.40
N THR D 737 -28.59 -22.86 0.73
CA THR D 737 -27.70 -23.57 -0.19
C THR D 737 -27.38 -22.84 -1.49
N VAL D 738 -26.30 -23.27 -2.13
CA VAL D 738 -25.85 -22.71 -3.41
C VAL D 738 -26.38 -23.62 -4.51
N SER D 739 -27.00 -23.04 -5.52
CA SER D 739 -27.54 -23.84 -6.62
C SER D 739 -26.43 -24.48 -7.44
N GLY D 740 -26.60 -25.77 -7.76
CA GLY D 740 -25.60 -26.44 -8.54
C GLY D 740 -26.00 -27.81 -9.06
N LEU D 741 -25.07 -28.44 -9.77
CA LEU D 741 -25.25 -29.77 -10.31
C LEU D 741 -23.98 -30.48 -9.84
N MET D 742 -24.13 -31.52 -9.03
CA MET D 742 -22.96 -32.20 -8.48
C MET D 742 -22.13 -33.00 -9.48
N GLY D 743 -22.76 -33.47 -10.55
CA GLY D 743 -21.99 -34.22 -11.53
C GLY D 743 -22.79 -35.21 -12.35
N LEU D 744 -22.12 -35.81 -13.33
CA LEU D 744 -22.74 -36.77 -14.21
C LEU D 744 -21.86 -38.01 -14.30
N LYS D 745 -22.48 -39.15 -14.58
CA LYS D 745 -21.72 -40.39 -14.74
C LYS D 745 -21.13 -40.31 -16.14
N ALA D 746 -20.21 -41.22 -16.46
CA ALA D 746 -19.57 -41.25 -17.76
C ALA D 746 -20.55 -41.40 -18.92
N ASP D 747 -21.71 -42.00 -18.65
CA ASP D 747 -22.69 -42.17 -19.71
C ASP D 747 -23.61 -40.96 -19.88
N GLY D 748 -23.35 -39.92 -19.09
CA GLY D 748 -24.14 -38.71 -19.19
C GLY D 748 -25.31 -38.60 -18.23
N THR D 749 -25.62 -39.68 -17.51
CA THR D 749 -26.74 -39.63 -16.57
C THR D 749 -26.33 -38.91 -15.30
N PRO D 750 -27.28 -38.17 -14.69
CA PRO D 750 -27.01 -37.42 -13.47
C PRO D 750 -27.10 -38.21 -12.18
N TRP D 751 -26.68 -37.58 -11.10
CA TRP D 751 -26.77 -38.15 -9.77
C TRP D 751 -27.00 -36.96 -8.86
N PRO D 752 -28.14 -36.92 -8.16
CA PRO D 752 -29.21 -37.93 -8.17
C PRO D 752 -29.93 -38.11 -9.50
N ALA D 753 -30.36 -39.35 -9.76
CA ALA D 753 -31.10 -39.70 -10.97
C ALA D 753 -32.43 -40.25 -10.44
N VAL D 754 -33.53 -39.63 -10.86
CA VAL D 754 -34.85 -40.02 -10.39
C VAL D 754 -35.75 -40.66 -11.44
N GLY D 755 -36.45 -41.72 -11.03
CA GLY D 755 -37.36 -42.41 -11.91
C GLY D 755 -36.74 -43.19 -13.05
N ALA D 756 -37.59 -43.78 -13.87
CA ALA D 756 -37.14 -44.57 -15.00
C ALA D 756 -36.36 -43.72 -15.99
N GLY D 757 -36.71 -42.44 -16.09
CA GLY D 757 -36.02 -41.57 -17.02
C GLY D 757 -34.66 -41.08 -16.56
N LYS D 758 -34.28 -41.42 -15.33
CA LYS D 758 -33.00 -41.01 -14.77
C LYS D 758 -32.86 -39.49 -14.84
N ARG D 759 -33.92 -38.80 -14.44
CA ARG D 759 -33.96 -37.35 -14.47
C ARG D 759 -33.45 -36.69 -13.20
N THR D 760 -33.19 -35.40 -13.30
CA THR D 760 -32.75 -34.64 -12.14
C THR D 760 -33.08 -33.18 -12.38
N THR D 761 -32.79 -32.35 -11.39
CA THR D 761 -33.02 -30.92 -11.49
C THR D 761 -31.93 -30.29 -10.66
N TYR D 762 -31.72 -28.99 -10.80
CA TYR D 762 -30.68 -28.31 -10.03
C TYR D 762 -30.96 -28.47 -8.54
N GLY D 763 -29.90 -28.76 -7.78
CA GLY D 763 -30.05 -28.93 -6.35
C GLY D 763 -29.29 -27.88 -5.55
N GLY D 764 -29.32 -28.02 -4.24
CA GLY D 764 -28.63 -27.08 -3.38
C GLY D 764 -27.37 -27.70 -2.79
N VAL D 765 -26.25 -27.01 -2.91
CA VAL D 765 -25.00 -27.49 -2.38
C VAL D 765 -24.81 -26.94 -0.97
N SER D 766 -24.42 -27.82 -0.06
CA SER D 766 -24.19 -27.46 1.34
C SER D 766 -22.83 -28.02 1.77
N GLY D 767 -22.39 -27.66 2.96
CA GLY D 767 -21.13 -28.18 3.43
C GLY D 767 -19.95 -27.23 3.38
N THR D 768 -18.77 -27.76 3.71
CA THR D 768 -17.57 -26.95 3.74
C THR D 768 -17.22 -26.32 2.39
N ALA D 769 -17.66 -26.94 1.30
CA ALA D 769 -17.38 -26.40 -0.04
C ALA D 769 -18.00 -25.01 -0.27
N ILE D 770 -19.07 -24.70 0.44
CA ILE D 770 -19.72 -23.39 0.26
C ILE D 770 -19.37 -22.41 1.37
N ARG D 771 -18.50 -22.81 2.30
CA ARG D 771 -18.15 -21.92 3.40
C ARG D 771 -17.57 -20.57 2.94
N PRO D 772 -16.74 -20.57 1.88
CA PRO D 772 -16.19 -19.27 1.44
C PRO D 772 -17.30 -18.32 0.99
N ILE D 773 -18.35 -18.89 0.41
CA ILE D 773 -19.49 -18.11 -0.08
C ILE D 773 -20.29 -17.58 1.10
N ALA D 774 -20.52 -18.43 2.08
CA ALA D 774 -21.28 -18.02 3.26
C ALA D 774 -20.49 -17.01 4.09
N LEU D 775 -19.17 -17.21 4.22
CA LEU D 775 -18.36 -16.27 4.98
C LEU D 775 -18.38 -14.91 4.31
N ARG D 776 -18.33 -14.88 2.99
CA ARG D 776 -18.37 -13.62 2.26
C ARG D 776 -19.71 -12.92 2.54
N ALA D 777 -20.79 -13.69 2.45
CA ALA D 777 -22.12 -13.17 2.67
C ALA D 777 -22.27 -12.59 4.08
N VAL D 778 -21.86 -13.35 5.09
CA VAL D 778 -21.97 -12.87 6.47
C VAL D 778 -21.17 -11.58 6.69
N THR D 779 -19.92 -11.56 6.21
CA THR D 779 -19.09 -10.36 6.40
C THR D 779 -19.60 -9.14 5.64
N THR D 780 -20.08 -9.33 4.42
CA THR D 780 -20.56 -8.19 3.64
C THR D 780 -21.84 -7.60 4.27
N ILE D 781 -22.72 -8.46 4.78
CA ILE D 781 -23.94 -7.98 5.42
C ILE D 781 -23.60 -7.28 6.74
N ALA D 782 -22.69 -7.87 7.50
CA ALA D 782 -22.29 -7.31 8.80
C ALA D 782 -21.65 -5.93 8.63
N ARG D 783 -20.92 -5.74 7.54
CA ARG D 783 -20.28 -4.46 7.29
C ARG D 783 -21.28 -3.42 6.77
N ALA D 784 -22.24 -3.86 5.98
CA ALA D 784 -23.24 -2.96 5.41
C ALA D 784 -24.34 -2.58 6.41
N LEU D 785 -24.69 -3.53 7.27
CA LEU D 785 -25.74 -3.30 8.27
C LEU D 785 -25.18 -3.58 9.66
N PRO D 786 -24.33 -2.69 10.17
CA PRO D 786 -23.72 -2.85 11.49
C PRO D 786 -24.74 -3.11 12.59
N GLY D 787 -24.49 -4.15 13.38
CA GLY D 787 -25.38 -4.49 14.48
C GLY D 787 -26.60 -5.34 14.14
N PHE D 788 -26.94 -5.46 12.86
CA PHE D 788 -28.09 -6.26 12.46
C PHE D 788 -27.79 -7.75 12.71
N PRO D 789 -28.59 -8.41 13.57
CA PRO D 789 -28.38 -9.82 13.89
C PRO D 789 -28.28 -10.75 12.68
N ILE D 790 -27.26 -11.61 12.73
CA ILE D 790 -27.03 -12.57 11.65
C ILE D 790 -26.86 -13.98 12.22
N LEU D 791 -27.62 -14.92 11.69
CA LEU D 791 -27.50 -16.31 12.09
C LEU D 791 -26.73 -16.92 10.92
N ALA D 792 -25.53 -17.44 11.19
CA ALA D 792 -24.68 -18.01 10.14
C ALA D 792 -24.99 -19.45 9.80
N THR D 793 -24.86 -19.78 8.52
CA THR D 793 -25.11 -21.12 8.02
C THR D 793 -24.26 -21.33 6.77
N GLY D 794 -23.57 -22.47 6.70
CA GLY D 794 -22.76 -22.74 5.53
C GLY D 794 -21.38 -23.29 5.83
N GLY D 795 -21.28 -24.60 6.01
CA GLY D 795 -20.00 -25.24 6.26
C GLY D 795 -19.43 -25.15 7.66
N ILE D 796 -20.25 -24.88 8.66
CA ILE D 796 -19.76 -24.81 10.03
C ILE D 796 -19.65 -26.25 10.54
N ASP D 797 -18.43 -26.67 10.90
CA ASP D 797 -18.22 -28.04 11.33
C ASP D 797 -17.24 -28.20 12.49
N SER D 798 -17.02 -27.12 13.23
CA SER D 798 -16.09 -27.14 14.35
C SER D 798 -16.23 -25.84 15.12
N ALA D 799 -15.64 -25.77 16.30
CA ALA D 799 -15.68 -24.55 17.10
C ALA D 799 -14.85 -23.51 16.36
N GLU D 800 -13.74 -23.97 15.77
CA GLU D 800 -12.84 -23.08 15.04
C GLU D 800 -13.53 -22.40 13.86
N SER D 801 -14.25 -23.17 13.05
CA SER D 801 -14.95 -22.58 11.91
C SER D 801 -16.10 -21.72 12.44
N GLY D 802 -16.71 -22.16 13.54
CA GLY D 802 -17.78 -21.38 14.13
C GLY D 802 -17.26 -20.01 14.56
N LEU D 803 -16.08 -19.98 15.16
CA LEU D 803 -15.48 -18.72 15.63
C LEU D 803 -15.18 -17.80 14.45
N GLN D 804 -14.87 -18.36 13.28
CA GLN D 804 -14.61 -17.54 12.11
C GLN D 804 -15.89 -16.78 11.76
N PHE D 805 -17.03 -17.44 11.84
CA PHE D 805 -18.31 -16.78 11.54
C PHE D 805 -18.67 -15.74 12.60
N LEU D 806 -18.37 -16.02 13.87
CA LEU D 806 -18.66 -15.05 14.93
C LEU D 806 -17.79 -13.81 14.67
N HIS D 807 -16.53 -14.03 14.37
CA HIS D 807 -15.60 -12.95 14.08
C HIS D 807 -16.07 -12.15 12.87
N SER D 808 -16.81 -12.81 11.99
CA SER D 808 -17.32 -12.18 10.77
C SER D 808 -18.61 -11.39 10.97
N GLY D 809 -19.17 -11.44 12.17
CA GLY D 809 -20.39 -10.69 12.43
C GLY D 809 -21.63 -11.47 12.84
N ALA D 810 -21.55 -12.79 12.81
CA ALA D 810 -22.71 -13.60 13.17
C ALA D 810 -22.77 -13.76 14.69
N SER D 811 -23.97 -13.94 15.23
CA SER D 811 -24.15 -14.12 16.67
C SER D 811 -24.36 -15.58 17.03
N VAL D 812 -25.06 -16.32 16.15
CA VAL D 812 -25.31 -17.74 16.38
C VAL D 812 -24.92 -18.51 15.13
N LEU D 813 -24.74 -19.82 15.29
CA LEU D 813 -24.27 -20.69 14.22
C LEU D 813 -25.16 -21.90 13.95
N GLN D 814 -25.68 -22.00 12.74
CA GLN D 814 -26.53 -23.13 12.37
C GLN D 814 -25.70 -24.19 11.68
N VAL D 815 -26.04 -25.45 11.93
CA VAL D 815 -25.30 -26.56 11.35
C VAL D 815 -26.20 -27.65 10.76
N CYS D 816 -25.81 -28.16 9.60
CA CYS D 816 -26.55 -29.25 8.97
C CYS D 816 -25.58 -30.33 8.50
N SER D 817 -24.81 -30.03 7.45
CA SER D 817 -23.88 -30.99 6.88
C SER D 817 -22.93 -31.70 7.85
N ALA D 818 -22.41 -30.98 8.85
CA ALA D 818 -21.50 -31.60 9.80
C ALA D 818 -22.18 -32.70 10.61
N VAL D 819 -23.50 -32.58 10.80
CA VAL D 819 -24.26 -33.58 11.51
C VAL D 819 -24.56 -34.74 10.57
N GLN D 820 -24.83 -34.42 9.31
CA GLN D 820 -25.10 -35.46 8.32
C GLN D 820 -23.85 -36.32 8.17
N ASN D 821 -22.69 -35.69 8.33
CA ASN D 821 -21.39 -36.38 8.25
C ASN D 821 -21.08 -37.14 9.53
N GLN D 822 -21.83 -36.90 10.59
CA GLN D 822 -21.56 -37.56 11.85
C GLN D 822 -22.83 -37.86 12.65
N ASP D 823 -23.06 -37.10 13.71
CA ASP D 823 -24.24 -37.29 14.55
C ASP D 823 -24.36 -36.10 15.50
N PHE D 824 -25.41 -36.09 16.32
CA PHE D 824 -25.66 -34.99 17.24
C PHE D 824 -24.59 -34.75 18.31
N THR D 825 -23.81 -35.77 18.65
CA THR D 825 -22.80 -35.61 19.69
C THR D 825 -21.69 -34.61 19.35
N VAL D 826 -21.63 -34.13 18.12
CA VAL D 826 -20.58 -33.16 17.80
C VAL D 826 -20.75 -31.88 18.62
N ILE D 827 -21.96 -31.64 19.14
CA ILE D 827 -22.20 -30.46 19.95
C ILE D 827 -21.23 -30.42 21.12
N GLN D 828 -20.89 -31.58 21.66
CA GLN D 828 -19.95 -31.64 22.78
C GLN D 828 -18.58 -31.11 22.34
N ASP D 829 -18.19 -31.48 21.13
CA ASP D 829 -16.91 -31.02 20.60
C ASP D 829 -16.91 -29.52 20.36
N TYR D 830 -18.02 -29.02 19.81
CA TYR D 830 -18.16 -27.60 19.50
C TYR D 830 -18.11 -26.73 20.77
N CYS D 831 -18.80 -27.17 21.81
CA CYS D 831 -18.81 -26.40 23.06
C CYS D 831 -17.47 -26.39 23.79
N THR D 832 -16.84 -27.56 23.96
CA THR D 832 -15.55 -27.58 24.64
C THR D 832 -14.51 -26.84 23.79
N GLY D 833 -14.65 -26.96 22.48
CA GLY D 833 -13.73 -26.29 21.59
C GLY D 833 -13.82 -24.78 21.67
N LEU D 834 -15.05 -24.26 21.72
CA LEU D 834 -15.23 -22.82 21.78
C LEU D 834 -14.74 -22.28 23.11
N LYS D 835 -15.02 -23.01 24.20
CA LYS D 835 -14.57 -22.60 25.52
C LYS D 835 -13.04 -22.52 25.52
N ALA D 836 -12.38 -23.51 24.94
CA ALA D 836 -10.92 -23.53 24.88
C ALA D 836 -10.35 -22.36 24.08
N LEU D 837 -10.93 -22.09 22.92
CA LEU D 837 -10.46 -20.98 22.09
C LEU D 837 -10.56 -19.64 22.82
N LEU D 838 -11.65 -19.44 23.53
CA LEU D 838 -11.84 -18.19 24.27
C LEU D 838 -10.89 -18.14 25.47
N TYR D 839 -10.77 -19.25 26.18
CA TYR D 839 -9.88 -19.31 27.34
C TYR D 839 -8.44 -18.99 26.95
N LEU D 840 -7.96 -19.61 25.88
CA LEU D 840 -6.59 -19.41 25.43
C LEU D 840 -6.26 -17.94 25.09
N LYS D 841 -7.27 -17.16 24.74
CA LYS D 841 -7.03 -15.75 24.41
C LYS D 841 -6.60 -14.94 25.64
N SER D 842 -6.78 -15.50 26.83
CA SER D 842 -6.40 -14.81 28.07
C SER D 842 -5.02 -15.21 28.56
N ILE D 843 -4.42 -16.21 27.91
CA ILE D 843 -3.10 -16.72 28.31
C ILE D 843 -1.97 -16.03 27.56
N GLU D 844 -1.29 -15.13 28.25
CA GLU D 844 -0.22 -14.37 27.64
C GLU D 844 0.92 -15.19 27.05
N GLU D 845 1.33 -16.23 27.75
CA GLU D 845 2.44 -17.04 27.24
C GLU D 845 2.12 -17.93 26.05
N LEU D 846 0.88 -17.94 25.61
CA LEU D 846 0.48 -18.76 24.46
C LEU D 846 0.05 -17.91 23.27
N GLN D 847 0.46 -16.64 23.24
CA GLN D 847 0.09 -15.75 22.16
C GLN D 847 0.61 -16.19 20.78
N GLY D 848 1.67 -16.98 20.77
CA GLY D 848 2.24 -17.44 19.51
C GLY D 848 1.45 -18.54 18.84
N TRP D 849 0.49 -19.12 19.56
CA TRP D 849 -0.33 -20.20 19.05
C TRP D 849 -1.43 -19.65 18.13
N ASP D 850 -1.94 -20.50 17.24
CA ASP D 850 -3.06 -20.10 16.39
C ASP D 850 -4.21 -20.94 16.93
N GLY D 851 -5.01 -20.32 17.80
CA GLY D 851 -6.10 -21.05 18.41
C GLY D 851 -5.47 -22.12 19.29
N GLN D 852 -5.86 -23.37 19.08
CA GLN D 852 -5.32 -24.47 19.89
C GLN D 852 -4.09 -25.12 19.27
N SER D 853 -3.59 -24.56 18.17
CA SER D 853 -2.40 -25.11 17.51
C SER D 853 -1.13 -24.42 17.97
N PRO D 854 -0.19 -25.16 18.58
CA PRO D 854 1.07 -24.55 19.02
C PRO D 854 1.84 -24.11 17.78
N GLY D 855 2.77 -23.19 17.96
CA GLY D 855 3.57 -22.73 16.84
C GLY D 855 4.31 -23.93 16.27
N THR D 856 4.27 -24.09 14.95
CA THR D 856 4.93 -25.23 14.29
C THR D 856 6.45 -25.17 14.40
N GLU D 857 7.01 -26.16 15.08
CA GLU D 857 8.45 -26.27 15.30
C GLU D 857 9.11 -27.15 14.24
N SER D 858 10.30 -26.77 13.78
CA SER D 858 10.99 -27.58 12.77
C SER D 858 10.95 -29.05 13.20
N HIS D 859 10.45 -29.89 12.30
CA HIS D 859 10.30 -31.31 12.55
C HIS D 859 10.40 -32.16 11.29
N GLN D 860 10.54 -33.46 11.50
CA GLN D 860 10.58 -34.45 10.42
C GLN D 860 9.80 -35.62 11.01
N LYS D 861 8.71 -36.00 10.36
CA LYS D 861 7.89 -37.11 10.86
C LYS D 861 7.28 -36.79 12.23
N GLY D 862 7.11 -35.51 12.53
CA GLY D 862 6.54 -35.11 13.79
C GLY D 862 7.52 -35.08 14.96
N LYS D 863 8.76 -35.47 14.71
CA LYS D 863 9.77 -35.47 15.76
C LYS D 863 10.70 -34.27 15.58
N PRO D 864 11.13 -33.67 16.70
CA PRO D 864 12.02 -32.50 16.74
C PRO D 864 13.31 -32.70 15.93
N VAL D 865 13.70 -31.68 15.16
CA VAL D 865 14.94 -31.75 14.37
C VAL D 865 16.13 -31.50 15.28
N PRO D 866 17.20 -32.30 15.13
CA PRO D 866 18.46 -32.26 15.87
C PRO D 866 19.22 -30.94 15.92
N ARG D 867 18.49 -29.88 16.22
CA ARG D 867 19.06 -28.54 16.32
C ARG D 867 20.50 -28.56 16.87
N ILE D 868 21.46 -28.78 15.97
CA ILE D 868 22.89 -28.81 16.32
C ILE D 868 23.64 -28.00 15.26
N ALA D 869 24.70 -27.32 15.68
CA ALA D 869 25.49 -26.50 14.77
C ALA D 869 26.03 -27.30 13.59
N GLU D 870 26.49 -28.51 13.86
CA GLU D 870 27.03 -29.36 12.82
C GLU D 870 26.02 -29.84 11.77
N LEU D 871 24.75 -29.46 11.92
CA LEU D 871 23.72 -29.89 10.96
C LEU D 871 22.99 -28.75 10.25
N MET D 872 22.78 -27.65 10.96
CA MET D 872 22.09 -26.51 10.39
C MET D 872 22.81 -25.91 9.19
N GLY D 873 22.06 -25.68 8.12
CA GLY D 873 22.64 -25.10 6.92
C GLY D 873 23.71 -25.96 6.27
N LYS D 874 23.62 -27.27 6.44
CA LYS D 874 24.59 -28.18 5.86
C LYS D 874 24.03 -28.91 4.64
N LYS D 875 22.80 -28.55 4.28
CA LYS D 875 22.12 -29.14 3.13
C LYS D 875 22.22 -30.64 3.13
N LEU D 876 21.76 -31.24 4.24
CA LEU D 876 21.77 -32.69 4.38
C LEU D 876 20.34 -33.19 4.48
N PRO D 877 19.75 -33.57 3.34
CA PRO D 877 18.37 -34.08 3.35
C PRO D 877 18.33 -35.43 4.06
N ASN D 878 17.12 -35.89 4.37
CA ASN D 878 16.93 -37.15 5.07
C ASN D 878 16.90 -38.41 4.21
N PHE D 879 17.86 -38.56 3.32
CA PHE D 879 17.93 -39.73 2.47
C PHE D 879 19.34 -39.98 1.95
N GLY D 880 19.56 -41.18 1.41
CA GLY D 880 20.84 -41.55 0.85
C GLY D 880 22.06 -41.27 1.70
N PRO D 881 23.19 -40.91 1.07
CA PRO D 881 24.43 -40.63 1.81
C PRO D 881 24.30 -39.46 2.79
N TYR D 882 23.37 -38.55 2.50
CA TYR D 882 23.16 -37.40 3.37
C TYR D 882 22.64 -37.87 4.73
N LEU D 883 21.71 -38.82 4.70
CA LEU D 883 21.13 -39.38 5.91
C LEU D 883 22.23 -40.06 6.74
N GLU D 884 23.11 -40.79 6.05
CA GLU D 884 24.23 -41.47 6.72
C GLU D 884 25.04 -40.45 7.49
N GLN D 885 25.28 -39.33 6.83
CA GLN D 885 26.04 -38.23 7.38
C GLN D 885 25.35 -37.63 8.61
N ARG D 886 24.06 -37.42 8.52
CA ARG D 886 23.29 -36.87 9.63
C ARG D 886 23.40 -37.78 10.84
N LYS D 887 23.24 -39.08 10.60
CA LYS D 887 23.32 -40.07 11.68
C LYS D 887 24.67 -40.03 12.38
N LYS D 888 25.74 -39.86 11.59
CA LYS D 888 27.08 -39.80 12.15
C LYS D 888 27.22 -38.56 13.04
N ILE D 889 26.72 -37.43 12.54
CA ILE D 889 26.77 -36.17 13.27
C ILE D 889 25.98 -36.26 14.57
N ILE D 890 24.78 -36.83 14.48
CA ILE D 890 23.92 -36.98 15.66
C ILE D 890 24.58 -37.89 16.70
N ALA D 891 25.15 -39.00 16.24
CA ALA D 891 25.81 -39.94 17.14
C ALA D 891 26.97 -39.25 17.88
N GLU D 892 27.71 -38.42 17.15
CA GLU D 892 28.83 -37.70 17.73
C GLU D 892 28.36 -36.70 18.79
N GLU D 893 27.22 -36.07 18.53
CA GLU D 893 26.66 -35.11 19.47
C GLU D 893 26.28 -35.82 20.78
N LYS D 894 25.67 -36.99 20.65
CA LYS D 894 25.26 -37.75 21.82
C LYS D 894 26.46 -38.08 22.70
N MET D 895 27.56 -38.44 22.07
CA MET D 895 28.78 -38.79 22.80
C MET D 895 29.37 -37.55 23.47
N ARG D 896 29.19 -36.40 22.83
CA ARG D 896 29.70 -35.17 23.38
C ARG D 896 28.87 -34.83 24.62
N LEU D 897 27.55 -34.96 24.48
CA LEU D 897 26.64 -34.68 25.59
C LEU D 897 26.98 -35.59 26.77
N LYS D 898 27.42 -36.80 26.46
CA LYS D 898 27.80 -37.77 27.48
C LYS D 898 28.95 -37.18 28.27
N GLU D 899 29.80 -36.43 27.59
CA GLU D 899 30.93 -35.79 28.23
C GLU D 899 30.58 -34.37 28.63
N GLN D 900 29.44 -33.86 28.18
CA GLN D 900 29.05 -32.51 28.52
C GLN D 900 28.45 -32.46 29.93
N ASN D 901 28.24 -31.25 30.42
CA ASN D 901 27.75 -30.99 31.77
C ASN D 901 26.25 -31.16 32.08
N ALA D 902 25.58 -32.10 31.43
CA ALA D 902 24.14 -32.32 31.67
C ALA D 902 23.78 -32.38 33.15
N ALA D 903 22.55 -31.94 33.48
CA ALA D 903 22.02 -31.94 34.85
C ALA D 903 21.02 -30.83 35.14
N PHE D 904 20.14 -30.55 34.19
CA PHE D 904 19.16 -29.50 34.38
C PHE D 904 17.72 -30.01 34.37
N PRO D 905 17.33 -30.78 35.40
CA PRO D 905 15.96 -31.27 35.43
C PRO D 905 15.03 -30.11 35.11
N PRO D 906 13.89 -30.39 34.45
CA PRO D 906 12.91 -29.37 34.08
C PRO D 906 12.68 -28.25 35.09
N LEU D 907 11.93 -27.24 34.65
CA LEU D 907 11.60 -26.08 35.47
C LEU D 907 10.27 -26.31 36.17
N GLU D 908 10.33 -26.47 37.49
CA GLU D 908 9.13 -26.71 38.30
C GLU D 908 7.85 -26.31 37.59
N ARG D 909 6.96 -27.28 37.37
CA ARG D 909 5.70 -27.02 36.68
C ARG D 909 5.00 -25.79 37.28
N LYS D 910 4.32 -25.03 36.42
CA LYS D 910 3.60 -23.84 36.85
C LYS D 910 2.44 -23.55 35.90
N PRO D 911 1.20 -23.85 36.31
CA PRO D 911 0.06 -23.58 35.42
C PRO D 911 0.04 -22.11 34.99
N PHE D 912 -0.36 -21.86 33.74
CA PHE D 912 -0.44 -20.49 33.25
C PHE D 912 -1.74 -19.92 33.83
N ILE D 913 -1.72 -18.64 34.13
CA ILE D 913 -2.89 -18.01 34.70
C ILE D 913 -3.40 -16.87 33.81
N PRO D 914 -4.70 -16.82 33.56
CA PRO D 914 -5.26 -15.75 32.72
C PRO D 914 -4.82 -14.36 33.20
N LYS D 915 -4.35 -13.54 32.26
CA LYS D 915 -3.89 -12.21 32.61
C LYS D 915 -4.85 -11.11 32.17
N LYS D 916 -5.98 -11.54 31.65
CA LYS D 916 -7.00 -10.61 31.22
C LYS D 916 -8.36 -11.33 31.25
N PRO D 917 -9.45 -10.59 31.27
CA PRO D 917 -10.74 -11.28 31.29
C PRO D 917 -10.87 -12.24 30.10
N ILE D 918 -11.55 -13.37 30.33
CA ILE D 918 -11.77 -14.33 29.27
C ILE D 918 -12.87 -13.69 28.42
N PRO D 919 -12.62 -13.51 27.13
CA PRO D 919 -13.63 -12.91 26.27
C PRO D 919 -14.97 -13.68 26.21
N ALA D 920 -16.05 -12.92 26.14
CA ALA D 920 -17.38 -13.51 26.08
C ALA D 920 -17.71 -13.51 24.58
N ILE D 921 -18.73 -14.27 24.17
CA ILE D 921 -19.07 -14.30 22.75
C ILE D 921 -19.29 -12.88 22.21
N LYS D 922 -20.01 -12.06 22.96
CA LYS D 922 -20.29 -10.70 22.54
C LYS D 922 -19.00 -9.90 22.30
N ASP D 923 -17.91 -10.31 22.96
CA ASP D 923 -16.65 -9.59 22.80
C ASP D 923 -15.86 -9.94 21.54
N VAL D 924 -16.21 -11.04 20.88
CA VAL D 924 -15.49 -11.44 19.67
C VAL D 924 -16.28 -11.18 18.39
N ILE D 925 -17.60 -11.01 18.50
CA ILE D 925 -18.42 -10.80 17.32
C ILE D 925 -17.99 -9.59 16.49
N GLY D 926 -17.76 -9.84 15.20
CA GLY D 926 -17.37 -8.79 14.26
C GLY D 926 -15.94 -8.28 14.33
N LYS D 927 -15.10 -8.89 15.17
CA LYS D 927 -13.71 -8.45 15.32
C LYS D 927 -12.85 -8.55 14.06
N ALA D 928 -13.25 -9.41 13.12
CA ALA D 928 -12.47 -9.58 11.90
C ALA D 928 -12.76 -8.53 10.84
N LEU D 929 -13.91 -7.86 10.96
CA LEU D 929 -14.32 -6.87 9.98
C LEU D 929 -13.33 -5.73 9.77
N GLN D 930 -12.57 -5.39 10.80
CA GLN D 930 -11.59 -4.32 10.71
C GLN D 930 -10.52 -4.57 9.63
N TYR D 931 -10.29 -5.85 9.32
CA TYR D 931 -9.28 -6.20 8.33
C TYR D 931 -9.79 -6.26 6.90
N LEU D 932 -11.11 -6.23 6.73
CA LEU D 932 -11.72 -6.30 5.41
C LEU D 932 -11.92 -4.94 4.77
N GLY D 933 -11.66 -4.87 3.47
CA GLY D 933 -11.84 -3.61 2.76
C GLY D 933 -11.72 -3.79 1.26
N THR D 934 -11.45 -2.71 0.56
CA THR D 934 -11.31 -2.75 -0.89
C THR D 934 -9.91 -3.20 -1.26
N PHE D 935 -9.70 -3.52 -2.52
CA PHE D 935 -8.38 -3.94 -2.98
C PHE D 935 -7.43 -2.75 -2.85
N GLY D 936 -7.95 -1.55 -3.10
CA GLY D 936 -7.14 -0.35 -3.03
C GLY D 936 -6.54 -0.08 -1.66
N GLU D 937 -7.19 -0.58 -0.62
CA GLU D 937 -6.71 -0.38 0.75
C GLU D 937 -5.55 -1.31 1.07
N LEU D 938 -5.28 -2.24 0.17
CA LEU D 938 -4.18 -3.19 0.36
C LEU D 938 -2.89 -2.54 -0.13
N SER D 939 -1.83 -2.66 0.66
CA SER D 939 -0.56 -2.07 0.28
C SER D 939 0.18 -2.90 -0.76
N ASN D 940 0.59 -2.27 -1.86
CA ASN D 940 1.34 -2.98 -2.87
C ASN D 940 2.83 -2.68 -2.70
N ILE D 941 3.16 -2.01 -1.60
CA ILE D 941 4.55 -1.69 -1.28
C ILE D 941 5.06 -2.73 -0.30
N GLU D 942 4.18 -3.18 0.59
CA GLU D 942 4.51 -4.19 1.59
C GLU D 942 4.42 -5.58 0.95
N GLN D 943 5.42 -5.91 0.14
CA GLN D 943 5.46 -7.20 -0.56
C GLN D 943 6.17 -8.26 0.28
N VAL D 944 5.92 -9.52 -0.03
CA VAL D 944 6.55 -10.64 0.66
C VAL D 944 7.17 -11.61 -0.34
N VAL D 945 8.01 -12.51 0.17
CA VAL D 945 8.64 -13.54 -0.63
C VAL D 945 8.57 -14.82 0.19
N ALA D 946 8.64 -15.96 -0.49
CA ALA D 946 8.59 -17.24 0.19
C ALA D 946 9.97 -17.61 0.71
N VAL D 947 9.99 -18.27 1.87
CA VAL D 947 11.23 -18.73 2.49
C VAL D 947 10.99 -20.15 2.96
N ILE D 948 11.86 -21.06 2.56
CA ILE D 948 11.72 -22.47 2.91
C ILE D 948 12.64 -22.95 4.03
N ASP D 949 12.05 -23.68 4.98
CA ASP D 949 12.81 -24.24 6.09
C ASP D 949 13.31 -25.61 5.63
N GLU D 950 14.59 -25.65 5.27
CA GLU D 950 15.21 -26.86 4.77
C GLU D 950 15.07 -28.10 5.68
N GLU D 951 15.03 -27.89 6.98
CA GLU D 951 14.91 -28.98 7.94
C GLU D 951 13.55 -29.68 7.94
N MET D 952 12.52 -28.99 7.45
CA MET D 952 11.15 -29.52 7.42
C MET D 952 10.76 -30.09 6.06
N CYS D 953 11.54 -29.76 5.05
CA CYS D 953 11.28 -30.19 3.67
C CYS D 953 11.36 -31.71 3.45
N ILE D 954 10.41 -32.25 2.68
CA ILE D 954 10.45 -33.67 2.38
C ILE D 954 10.78 -33.93 0.91
N ASN D 955 11.38 -32.92 0.30
CA ASN D 955 11.91 -32.95 -1.06
C ASN D 955 11.07 -33.38 -2.26
N CYS D 956 9.77 -33.10 -2.21
CA CYS D 956 8.85 -33.48 -3.28
C CYS D 956 8.91 -32.60 -4.52
N GLY D 957 9.35 -31.35 -4.34
CA GLY D 957 9.43 -30.45 -5.47
C GLY D 957 8.12 -29.85 -5.95
N LYS D 958 7.07 -29.95 -5.14
CA LYS D 958 5.78 -29.38 -5.55
C LYS D 958 5.85 -27.84 -5.63
N CYS D 959 6.62 -27.23 -4.73
CA CYS D 959 6.78 -25.78 -4.75
C CYS D 959 7.41 -25.39 -6.09
N TYR D 960 8.43 -26.16 -6.48
CA TYR D 960 9.17 -25.98 -7.72
C TYR D 960 8.25 -26.10 -8.94
N MET D 961 7.45 -27.16 -8.99
CA MET D 961 6.54 -27.39 -10.11
C MET D 961 5.44 -26.33 -10.20
N THR D 962 4.91 -25.91 -9.05
CA THR D 962 3.85 -24.89 -9.07
C THR D 962 4.41 -23.54 -9.52
N CYS D 963 5.64 -23.21 -9.10
CA CYS D 963 6.21 -21.94 -9.52
C CYS D 963 6.58 -22.01 -11.00
N ASN D 964 6.98 -23.19 -11.46
CA ASN D 964 7.37 -23.36 -12.85
C ASN D 964 6.23 -23.25 -13.86
N ASP D 965 5.14 -23.95 -13.59
CA ASP D 965 4.02 -23.95 -14.51
C ASP D 965 2.82 -23.08 -14.09
N SER D 966 2.93 -22.41 -12.95
CA SER D 966 1.86 -21.55 -12.47
C SER D 966 2.43 -20.31 -11.79
N GLY D 967 3.74 -20.10 -11.95
CA GLY D 967 4.35 -18.96 -11.30
C GLY D 967 5.40 -18.17 -12.06
N TYR D 968 6.52 -17.93 -11.40
CA TYR D 968 7.60 -17.13 -11.95
C TYR D 968 8.95 -17.81 -12.09
N GLN D 969 8.94 -19.15 -12.13
CA GLN D 969 10.17 -19.93 -12.28
C GLN D 969 11.26 -19.36 -11.36
N ALA D 970 10.92 -19.13 -10.10
CA ALA D 970 11.85 -18.54 -9.14
C ALA D 970 12.50 -19.48 -8.14
N ILE D 971 12.20 -20.77 -8.24
CA ILE D 971 12.76 -21.74 -7.31
C ILE D 971 13.80 -22.65 -7.96
N GLN D 972 14.93 -22.83 -7.30
CA GLN D 972 15.95 -23.74 -7.81
C GLN D 972 15.73 -25.03 -7.04
N PHE D 973 15.72 -26.16 -7.74
CA PHE D 973 15.54 -27.47 -7.12
C PHE D 973 16.84 -28.23 -7.35
N ASP D 974 17.59 -28.46 -6.29
CA ASP D 974 18.86 -29.17 -6.43
C ASP D 974 18.73 -30.58 -6.96
N PRO D 975 19.49 -30.92 -8.03
CA PRO D 975 19.42 -32.26 -8.61
C PRO D 975 19.99 -33.39 -7.76
N GLU D 976 20.77 -33.07 -6.73
CA GLU D 976 21.36 -34.08 -5.87
C GLU D 976 20.67 -34.22 -4.53
N THR D 977 20.37 -33.10 -3.89
CA THR D 977 19.71 -33.11 -2.58
C THR D 977 18.19 -32.96 -2.65
N HIS D 978 17.68 -32.56 -3.80
CA HIS D 978 16.24 -32.33 -3.97
C HIS D 978 15.76 -31.32 -2.94
N LEU D 979 16.60 -30.32 -2.67
CA LEU D 979 16.26 -29.24 -1.76
C LEU D 979 15.95 -28.00 -2.59
N PRO D 980 14.83 -27.34 -2.29
CA PRO D 980 14.43 -26.14 -3.02
C PRO D 980 14.96 -24.87 -2.39
N THR D 981 15.28 -23.88 -3.22
CA THR D 981 15.77 -22.60 -2.75
C THR D 981 15.01 -21.50 -3.49
N VAL D 982 14.35 -20.62 -2.76
CA VAL D 982 13.61 -19.53 -3.40
C VAL D 982 14.61 -18.44 -3.76
N THR D 983 14.61 -18.01 -5.03
CA THR D 983 15.53 -16.98 -5.46
C THR D 983 14.90 -15.60 -5.42
N ASP D 984 15.69 -14.60 -5.80
CA ASP D 984 15.27 -13.20 -5.78
C ASP D 984 14.14 -12.85 -6.75
N THR D 985 13.85 -13.72 -7.72
CA THR D 985 12.78 -13.41 -8.67
C THR D 985 11.38 -13.72 -8.14
N CYS D 986 11.31 -14.19 -6.90
CA CYS D 986 10.02 -14.50 -6.28
C CYS D 986 9.18 -13.23 -6.22
N THR D 987 7.87 -13.36 -6.45
CA THR D 987 6.96 -12.22 -6.42
C THR D 987 5.98 -12.34 -5.24
N GLY D 988 6.14 -13.38 -4.43
CA GLY D 988 5.26 -13.57 -3.28
C GLY D 988 3.83 -13.98 -3.59
N CYS D 989 3.59 -14.57 -4.76
CA CYS D 989 2.24 -14.96 -5.14
C CYS D 989 1.65 -15.91 -4.09
N THR D 990 2.52 -16.68 -3.45
CA THR D 990 2.16 -17.61 -2.37
C THR D 990 1.63 -18.99 -2.79
N LEU D 991 1.71 -19.30 -4.08
CA LEU D 991 1.24 -20.60 -4.55
C LEU D 991 2.07 -21.77 -4.00
N CYS D 992 3.39 -21.59 -3.90
CA CYS D 992 4.22 -22.68 -3.40
C CYS D 992 3.83 -23.04 -1.97
N LEU D 993 3.67 -22.04 -1.11
CA LEU D 993 3.29 -22.31 0.27
C LEU D 993 1.94 -23.03 0.29
N SER D 994 1.05 -22.65 -0.64
CA SER D 994 -0.28 -23.24 -0.71
C SER D 994 -0.33 -24.71 -1.14
N VAL D 995 0.69 -25.18 -1.84
CA VAL D 995 0.69 -26.57 -2.29
C VAL D 995 1.66 -27.47 -1.51
N CYS D 996 2.44 -26.86 -0.63
CA CYS D 996 3.41 -27.63 0.17
C CYS D 996 2.71 -28.59 1.14
N PRO D 997 3.10 -29.88 1.14
CA PRO D 997 2.48 -30.86 2.04
C PRO D 997 2.83 -30.71 3.52
N ILE D 998 3.91 -29.98 3.81
CA ILE D 998 4.33 -29.79 5.19
C ILE D 998 3.88 -28.43 5.76
N ILE D 999 3.05 -28.48 6.79
CA ILE D 999 2.56 -27.26 7.42
C ILE D 999 3.69 -26.39 7.92
N ASP D 1000 3.68 -25.13 7.47
CA ASP D 1000 4.67 -24.13 7.86
C ASP D 1000 6.12 -24.38 7.44
N CYS D 1001 6.33 -25.25 6.45
CA CYS D 1001 7.68 -25.50 5.94
C CYS D 1001 8.06 -24.23 5.18
N ILE D 1002 7.09 -23.71 4.42
CA ILE D 1002 7.28 -22.48 3.67
C ILE D 1002 6.52 -21.39 4.41
N ARG D 1003 7.13 -20.21 4.53
CA ARG D 1003 6.50 -19.07 5.18
C ARG D 1003 6.75 -17.84 4.33
N MET D 1004 5.81 -16.89 4.37
CA MET D 1004 5.99 -15.66 3.61
C MET D 1004 6.59 -14.62 4.55
N VAL D 1005 7.67 -13.98 4.11
CA VAL D 1005 8.32 -12.96 4.93
C VAL D 1005 8.47 -11.65 4.18
N SER D 1006 8.58 -10.57 4.93
CA SER D 1006 8.74 -9.24 4.34
C SER D 1006 9.91 -9.24 3.36
N ARG D 1007 9.69 -8.68 2.19
CA ARG D 1007 10.72 -8.61 1.18
C ARG D 1007 11.78 -7.60 1.60
N THR D 1008 13.02 -7.90 1.29
CA THR D 1008 14.14 -7.02 1.64
C THR D 1008 14.69 -6.34 0.40
N THR D 1009 15.07 -7.15 -0.59
CA THR D 1009 15.60 -6.64 -1.84
C THR D 1009 14.52 -5.90 -2.62
N PRO D 1010 14.93 -4.96 -3.49
CA PRO D 1010 14.01 -4.17 -4.30
C PRO D 1010 12.92 -4.99 -5.00
N TYR D 1011 11.74 -4.39 -5.17
CA TYR D 1011 10.65 -5.07 -5.84
C TYR D 1011 10.16 -4.27 -7.03
N GLU D 1012 10.26 -4.87 -8.20
CA GLU D 1012 9.82 -4.22 -9.42
C GLU D 1012 8.94 -5.20 -10.20
N PRO D 1013 7.68 -4.81 -10.46
CA PRO D 1013 6.77 -5.67 -11.20
C PRO D 1013 7.38 -6.02 -12.57
N LYS D 1014 7.20 -7.27 -13.00
CA LYS D 1014 7.71 -7.70 -14.29
C LYS D 1014 6.74 -7.25 -15.37
N ARG D 1015 7.17 -6.29 -16.18
CA ARG D 1015 6.31 -5.77 -17.24
C ARG D 1015 6.53 -6.54 -18.55
N GLY D 1016 7.54 -7.42 -18.56
CA GLY D 1016 7.83 -8.22 -19.74
C GLY D 1016 8.58 -7.43 -20.82
N LEU D 1017 8.50 -6.10 -20.76
CA LEU D 1017 9.15 -5.21 -21.77
C LEU D 1017 8.89 -3.82 -21.26
N PRO D 1018 8.71 -2.74 -22.07
CA PRO D 1018 8.44 -1.42 -21.45
C PRO D 1018 7.08 -0.75 -21.80
N LEU D 1019 6.67 0.20 -20.95
CA LEU D 1019 5.43 0.96 -21.12
C LEU D 1019 5.63 2.09 -22.13
#